data_2LUH
#
_entry.id   2LUH
#
loop_
_entity.id
_entity.type
_entity.pdbx_description
1 polymer 'Vacuolar protein sorting-associated protein VTA1'
2 polymer 'Vacuolar protein-sorting-associated protein 60'
#
loop_
_entity_poly.entity_id
_entity_poly.type
_entity_poly.pdbx_seq_one_letter_code
_entity_poly.pdbx_strand_id
1 'polypeptide(L)'
;MASNAARVVATAKDFDKVGLGIIGYYLQLYAVELILSEEDRSQEMTALATELLDTIEAFKKEIGGESEAEDSDKSLHVMN
TLIHDQEKAKIYMLNFTMSLYNEKLKQLKDGPWDVMLKRSLWCCIDLFSCILHLWKENISETSTNSLQKRIKYCKIYLSK
LAKGEIG
;
A
2 'polypeptide(L)' INIDKLQDMQDEMLDLIEQGDELQEVLAMNNNSGELDDISDAELDAELDALAQEDFTLP B
#
# COMPACT_ATOMS: atom_id res chain seq x y z
N MET A 1 -2.78 6.43 14.79
CA MET A 1 -1.30 6.36 14.95
C MET A 1 -0.89 4.92 15.25
N ALA A 2 -0.87 4.55 16.51
CA ALA A 2 -0.47 3.16 16.87
C ALA A 2 -1.44 2.17 16.22
N SER A 3 -2.70 2.52 16.13
CA SER A 3 -3.68 1.59 15.50
C SER A 3 -3.28 1.33 14.05
N ASN A 4 -2.69 2.29 13.40
CA ASN A 4 -2.26 2.09 11.99
C ASN A 4 -1.27 0.94 11.93
N ALA A 5 -0.40 0.83 12.90
CA ALA A 5 0.60 -0.27 12.90
C ALA A 5 -0.13 -1.61 12.96
N ALA A 6 -1.16 -1.70 13.75
CA ALA A 6 -1.92 -2.98 13.86
C ALA A 6 -2.57 -3.29 12.51
N ARG A 7 -3.17 -2.31 11.89
CA ARG A 7 -3.82 -2.54 10.57
C ARG A 7 -2.79 -3.03 9.58
N VAL A 8 -1.64 -2.40 9.58
CA VAL A 8 -0.57 -2.81 8.63
C VAL A 8 -0.17 -4.26 8.93
N VAL A 9 -0.03 -4.60 10.18
CA VAL A 9 0.35 -5.99 10.54
C VAL A 9 -0.75 -6.95 10.12
N ALA A 10 -1.98 -6.62 10.42
CA ALA A 10 -3.11 -7.52 10.04
C ALA A 10 -3.23 -7.52 8.51
N THR A 11 -3.06 -6.38 7.90
CA THR A 11 -3.16 -6.31 6.42
C THR A 11 -2.08 -7.18 5.80
N ALA A 12 -0.90 -7.19 6.37
CA ALA A 12 0.20 -8.03 5.82
C ALA A 12 -0.23 -9.50 5.86
N LYS A 13 -0.89 -9.89 6.91
CA LYS A 13 -1.36 -11.30 7.02
C LYS A 13 -2.31 -11.62 5.87
N ASP A 14 -3.08 -10.66 5.45
CA ASP A 14 -4.04 -10.90 4.34
C ASP A 14 -3.28 -11.31 3.08
N PHE A 15 -2.19 -10.67 2.79
CA PHE A 15 -1.42 -11.03 1.57
C PHE A 15 -0.88 -12.45 1.71
N ASP A 16 -0.47 -12.84 2.89
CA ASP A 16 0.05 -14.22 3.08
C ASP A 16 -1.05 -15.21 2.72
N LYS A 17 -2.25 -14.94 3.15
CA LYS A 17 -3.38 -15.86 2.83
C LYS A 17 -3.56 -15.92 1.32
N VAL A 18 -3.23 -14.86 0.64
CA VAL A 18 -3.39 -14.83 -0.84
C VAL A 18 -2.12 -15.40 -1.51
N GLY A 19 -1.07 -15.59 -0.74
CA GLY A 19 0.18 -16.15 -1.32
C GLY A 19 1.13 -15.02 -1.73
N LEU A 20 0.79 -13.80 -1.46
CA LEU A 20 1.68 -12.67 -1.83
C LEU A 20 2.53 -12.29 -0.62
N GLY A 21 3.35 -13.19 -0.15
CA GLY A 21 4.21 -12.90 1.03
C GLY A 21 5.14 -11.72 0.74
N ILE A 22 5.57 -11.57 -0.48
CA ILE A 22 6.49 -10.44 -0.80
C ILE A 22 5.84 -9.12 -0.42
N ILE A 23 4.57 -8.95 -0.73
CA ILE A 23 3.90 -7.67 -0.35
C ILE A 23 3.80 -7.60 1.16
N GLY A 24 3.33 -8.64 1.79
CA GLY A 24 3.21 -8.64 3.27
C GLY A 24 4.60 -8.46 3.89
N TYR A 25 5.61 -8.96 3.24
CA TYR A 25 7.00 -8.82 3.79
C TYR A 25 7.34 -7.35 3.96
N TYR A 26 7.11 -6.55 2.97
CA TYR A 26 7.42 -5.10 3.09
C TYR A 26 6.50 -4.44 4.11
N LEU A 27 5.26 -4.85 4.17
CA LEU A 27 4.32 -4.23 5.15
C LEU A 27 4.80 -4.50 6.57
N GLN A 28 5.27 -5.68 6.85
CA GLN A 28 5.76 -5.98 8.22
C GLN A 28 6.94 -5.08 8.54
N LEU A 29 7.80 -4.86 7.58
CA LEU A 29 8.98 -3.98 7.81
C LEU A 29 8.52 -2.55 8.08
N TYR A 30 7.51 -2.11 7.37
CA TYR A 30 6.99 -0.72 7.57
C TYR A 30 6.44 -0.57 8.98
N ALA A 31 5.66 -1.52 9.43
CA ALA A 31 5.07 -1.42 10.79
C ALA A 31 6.19 -1.51 11.85
N VAL A 32 7.21 -2.29 11.59
CA VAL A 32 8.31 -2.41 12.59
C VAL A 32 8.96 -1.05 12.83
N GLU A 33 9.32 -0.37 11.79
CA GLU A 33 9.93 0.97 11.96
C GLU A 33 8.87 1.91 12.52
N LEU A 34 7.64 1.66 12.18
CA LEU A 34 6.52 2.51 12.64
C LEU A 34 6.47 2.49 14.18
N ILE A 35 6.60 1.33 14.76
CA ILE A 35 6.56 1.25 16.25
C ILE A 35 7.79 1.96 16.83
N LEU A 36 8.93 1.73 16.26
CA LEU A 36 10.17 2.39 16.76
C LEU A 36 10.07 3.90 16.58
N SER A 37 9.47 4.32 15.50
CA SER A 37 9.33 5.78 15.25
C SER A 37 8.21 6.33 16.12
N GLU A 38 7.59 5.50 16.91
CA GLU A 38 6.49 5.99 17.78
C GLU A 38 7.05 6.37 19.15
N GLU A 39 6.80 7.58 19.60
CA GLU A 39 7.32 8.01 20.93
C GLU A 39 6.65 7.20 22.04
N ASP A 40 5.40 6.89 21.89
CA ASP A 40 4.69 6.12 22.94
C ASP A 40 4.74 4.62 22.62
N ARG A 41 5.21 3.83 23.54
CA ARG A 41 5.28 2.37 23.31
C ARG A 41 4.82 1.63 24.57
N SER A 42 4.12 0.55 24.40
CA SER A 42 3.65 -0.25 25.56
C SER A 42 4.35 -1.61 25.53
N GLN A 43 4.37 -2.32 26.62
CA GLN A 43 5.05 -3.64 26.61
C GLN A 43 4.49 -4.48 25.46
N GLU A 44 3.22 -4.33 25.18
CA GLU A 44 2.62 -5.11 24.07
C GLU A 44 3.15 -4.60 22.72
N MET A 45 3.25 -3.31 22.55
CA MET A 45 3.75 -2.77 21.26
C MET A 45 5.25 -3.06 21.13
N THR A 46 5.98 -2.90 22.19
CA THR A 46 7.44 -3.16 22.13
C THR A 46 7.69 -4.63 21.81
N ALA A 47 6.96 -5.51 22.44
CA ALA A 47 7.15 -6.96 22.17
C ALA A 47 6.63 -7.29 20.76
N LEU A 48 5.61 -6.62 20.33
CA LEU A 48 5.07 -6.89 18.97
C LEU A 48 6.13 -6.59 17.91
N ALA A 49 6.88 -5.55 18.09
CA ALA A 49 7.93 -5.21 17.09
C ALA A 49 8.99 -6.31 17.06
N THR A 50 9.35 -6.83 18.21
CA THR A 50 10.37 -7.91 18.26
C THR A 50 9.90 -9.13 17.48
N GLU A 51 8.67 -9.54 17.68
CA GLU A 51 8.15 -10.73 16.95
C GLU A 51 8.23 -10.48 15.43
N LEU A 52 7.97 -9.27 15.02
CA LEU A 52 8.03 -8.97 13.56
C LEU A 52 9.46 -9.16 13.05
N LEU A 53 10.44 -8.81 13.82
CA LEU A 53 11.85 -8.98 13.35
C LEU A 53 12.10 -10.45 13.04
N ASP A 54 11.58 -11.34 13.84
CA ASP A 54 11.78 -12.78 13.58
C ASP A 54 11.14 -13.16 12.23
N THR A 55 9.99 -12.64 11.95
CA THR A 55 9.31 -12.95 10.66
C THR A 55 10.14 -12.40 9.50
N ILE A 56 10.57 -11.17 9.59
CA ILE A 56 11.38 -10.58 8.49
C ILE A 56 12.59 -11.47 8.22
N GLU A 57 13.34 -11.79 9.23
CA GLU A 57 14.54 -12.66 9.03
C GLU A 57 14.09 -14.03 8.51
N ALA A 58 13.00 -14.54 9.03
CA ALA A 58 12.52 -15.87 8.56
C ALA A 58 12.08 -15.75 7.11
N PHE A 59 11.41 -14.69 6.76
CA PHE A 59 10.95 -14.51 5.35
C PHE A 59 12.16 -14.30 4.46
N LYS A 60 13.04 -13.41 4.83
CA LYS A 60 14.24 -13.15 3.99
C LYS A 60 15.09 -14.41 3.91
N LYS A 61 15.21 -15.12 5.01
CA LYS A 61 16.01 -16.37 5.01
C LYS A 61 15.36 -17.36 4.05
N GLU A 62 14.05 -17.33 3.97
CA GLU A 62 13.33 -18.26 3.05
C GLU A 62 13.80 -18.02 1.62
N ILE A 63 14.17 -16.81 1.31
CA ILE A 63 14.64 -16.50 -0.08
C ILE A 63 16.04 -15.88 -0.02
N GLY A 64 16.67 -15.90 1.12
CA GLY A 64 18.04 -15.31 1.23
C GLY A 64 18.96 -15.96 0.19
N GLY A 65 18.80 -17.23 -0.04
CA GLY A 65 19.65 -17.91 -1.05
C GLY A 65 20.87 -18.55 -0.37
N GLU A 66 20.96 -18.45 0.93
CA GLU A 66 22.13 -19.07 1.64
C GLU A 66 22.16 -20.57 1.33
N SER A 67 21.01 -21.18 1.27
CA SER A 67 20.93 -22.64 0.96
C SER A 67 19.84 -22.87 -0.07
N GLU A 68 18.84 -22.03 -0.08
CA GLU A 68 17.74 -22.19 -1.07
C GLU A 68 18.33 -22.00 -2.47
N ALA A 69 19.35 -21.19 -2.59
CA ALA A 69 19.96 -20.96 -3.92
C ALA A 69 20.48 -22.28 -4.47
N GLU A 70 21.02 -23.12 -3.63
CA GLU A 70 21.53 -24.43 -4.12
C GLU A 70 20.38 -25.16 -4.82
N ASP A 71 19.22 -25.14 -4.23
CA ASP A 71 18.05 -25.82 -4.86
C ASP A 71 17.72 -25.08 -6.16
N SER A 72 17.82 -23.78 -6.14
CA SER A 72 17.52 -22.97 -7.36
C SER A 72 18.15 -21.60 -7.17
N ASP A 73 19.32 -21.39 -7.72
CA ASP A 73 19.99 -20.06 -7.56
C ASP A 73 19.70 -19.20 -8.79
N LYS A 74 18.86 -19.67 -9.67
CA LYS A 74 18.55 -18.88 -10.89
C LYS A 74 17.30 -18.04 -10.65
N SER A 75 16.15 -18.65 -10.67
CA SER A 75 14.88 -17.89 -10.47
C SER A 75 14.79 -17.33 -9.04
N LEU A 76 15.23 -18.06 -8.06
CA LEU A 76 15.15 -17.53 -6.67
C LEU A 76 16.10 -16.35 -6.51
N HIS A 77 17.23 -16.39 -7.15
CA HIS A 77 18.20 -15.28 -7.03
C HIS A 77 17.55 -13.98 -7.51
N VAL A 78 16.88 -14.03 -8.62
CA VAL A 78 16.21 -12.78 -9.12
C VAL A 78 15.14 -12.38 -8.10
N MET A 79 14.39 -13.33 -7.62
CA MET A 79 13.34 -12.99 -6.63
C MET A 79 14.01 -12.33 -5.43
N ASN A 80 15.19 -12.77 -5.08
CA ASN A 80 15.90 -12.14 -3.94
C ASN A 80 16.13 -10.67 -4.29
N THR A 81 16.32 -10.37 -5.54
CA THR A 81 16.53 -8.95 -5.93
C THR A 81 15.32 -8.16 -5.44
N LEU A 82 14.16 -8.74 -5.52
CA LEU A 82 12.93 -8.03 -5.05
C LEU A 82 13.06 -7.71 -3.56
N ILE A 83 13.59 -8.63 -2.79
CA ILE A 83 13.72 -8.37 -1.32
C ILE A 83 15.02 -7.63 -0.99
N HIS A 84 16.11 -8.05 -1.58
CA HIS A 84 17.42 -7.40 -1.28
C HIS A 84 17.51 -6.01 -1.94
N ASP A 85 17.14 -5.89 -3.18
CA ASP A 85 17.23 -4.55 -3.84
C ASP A 85 16.00 -3.73 -3.47
N GLN A 86 16.15 -2.83 -2.54
CA GLN A 86 15.00 -1.98 -2.12
C GLN A 86 14.53 -1.10 -3.28
N GLU A 87 15.44 -0.61 -4.07
CA GLU A 87 15.05 0.28 -5.20
C GLU A 87 14.18 -0.49 -6.19
N LYS A 88 14.56 -1.67 -6.57
CA LYS A 88 13.74 -2.45 -7.53
C LYS A 88 12.41 -2.82 -6.88
N ALA A 89 12.44 -3.21 -5.64
CA ALA A 89 11.17 -3.56 -4.94
C ALA A 89 10.28 -2.32 -4.86
N LYS A 90 10.88 -1.19 -4.64
CA LYS A 90 10.07 0.06 -4.55
C LYS A 90 9.19 0.21 -5.78
N ILE A 91 9.74 -0.04 -6.95
CA ILE A 91 8.92 0.09 -8.18
C ILE A 91 7.81 -0.95 -8.17
N TYR A 92 8.12 -2.18 -7.84
CA TYR A 92 7.06 -3.23 -7.84
C TYR A 92 6.02 -2.89 -6.78
N MET A 93 6.45 -2.48 -5.62
CA MET A 93 5.48 -2.15 -4.54
C MET A 93 4.63 -0.97 -5.02
N LEU A 94 5.24 -0.01 -5.65
CA LEU A 94 4.46 1.15 -6.15
C LEU A 94 3.51 0.68 -7.25
N ASN A 95 3.97 -0.18 -8.11
CA ASN A 95 3.09 -0.69 -9.19
C ASN A 95 1.93 -1.46 -8.59
N PHE A 96 2.20 -2.24 -7.58
CA PHE A 96 1.10 -3.01 -6.94
C PHE A 96 0.13 -2.05 -6.28
N THR A 97 0.65 -1.13 -5.49
CA THR A 97 -0.24 -0.15 -4.82
C THR A 97 -0.94 0.71 -5.88
N MET A 98 -0.22 1.16 -6.86
CA MET A 98 -0.86 1.98 -7.93
C MET A 98 -1.88 1.14 -8.68
N SER A 99 -1.60 -0.11 -8.90
CA SER A 99 -2.57 -0.98 -9.63
C SER A 99 -3.86 -1.07 -8.83
N LEU A 100 -3.75 -1.31 -7.55
CA LEU A 100 -4.99 -1.39 -6.72
C LEU A 100 -5.63 -0.01 -6.67
N TYR A 101 -4.83 1.00 -6.42
CA TYR A 101 -5.37 2.38 -6.36
C TYR A 101 -6.00 2.76 -7.71
N ASN A 102 -5.36 2.41 -8.79
CA ASN A 102 -5.93 2.74 -10.12
C ASN A 102 -7.30 2.09 -10.29
N GLU A 103 -7.45 0.88 -9.82
CA GLU A 103 -8.76 0.18 -9.96
C GLU A 103 -9.84 0.94 -9.19
N LYS A 104 -9.52 1.43 -8.02
CA LYS A 104 -10.55 2.16 -7.22
C LYS A 104 -11.00 3.41 -7.97
N LEU A 105 -10.09 4.15 -8.53
CA LEU A 105 -10.49 5.37 -9.28
C LEU A 105 -11.25 4.94 -10.54
N LYS A 106 -10.84 3.87 -11.15
CA LYS A 106 -11.55 3.38 -12.36
C LYS A 106 -12.99 3.08 -11.98
N GLN A 107 -13.17 2.41 -10.87
CA GLN A 107 -14.55 2.09 -10.41
C GLN A 107 -15.29 3.40 -10.14
N LEU A 108 -14.59 4.37 -9.62
CA LEU A 108 -15.22 5.68 -9.34
C LEU A 108 -15.81 6.22 -10.65
N LYS A 109 -15.16 5.92 -11.75
CA LYS A 109 -15.64 6.41 -13.07
C LYS A 109 -17.07 5.90 -13.32
N ASP A 110 -17.34 4.67 -13.00
CA ASP A 110 -18.72 4.13 -13.23
C ASP A 110 -18.92 2.79 -12.51
N GLY A 111 -17.90 2.24 -11.91
CA GLY A 111 -18.06 0.94 -11.21
C GLY A 111 -19.02 1.10 -10.02
N PRO A 112 -19.62 0.02 -9.60
CA PRO A 112 -20.58 0.04 -8.45
C PRO A 112 -19.89 0.45 -7.13
N TRP A 113 -20.55 1.27 -6.36
CA TRP A 113 -19.95 1.71 -5.06
C TRP A 113 -20.68 1.00 -3.91
N ASP A 114 -19.96 0.49 -2.96
CA ASP A 114 -20.61 -0.20 -1.82
C ASP A 114 -19.71 -0.19 -0.58
N VAL A 115 -20.23 -0.63 0.52
CA VAL A 115 -19.43 -0.67 1.77
C VAL A 115 -18.14 -1.46 1.53
N MET A 116 -18.22 -2.53 0.78
CA MET A 116 -16.99 -3.33 0.52
C MET A 116 -15.92 -2.41 -0.06
N LEU A 117 -16.30 -1.56 -0.97
CA LEU A 117 -15.32 -0.63 -1.57
C LEU A 117 -14.76 0.28 -0.48
N LYS A 118 -15.59 0.66 0.46
CA LYS A 118 -15.13 1.56 1.56
C LYS A 118 -13.95 0.93 2.29
N ARG A 119 -14.07 -0.32 2.64
CA ARG A 119 -12.96 -1.00 3.37
C ARG A 119 -11.73 -1.13 2.46
N SER A 120 -11.94 -1.43 1.20
CA SER A 120 -10.79 -1.58 0.26
C SER A 120 -10.05 -0.25 0.13
N LEU A 121 -10.76 0.85 0.08
CA LEU A 121 -10.09 2.16 -0.03
C LEU A 121 -9.19 2.39 1.18
N TRP A 122 -9.66 2.05 2.34
CA TRP A 122 -8.82 2.22 3.56
C TRP A 122 -7.56 1.36 3.45
N CYS A 123 -7.69 0.20 2.86
CA CYS A 123 -6.50 -0.69 2.71
C CYS A 123 -5.50 -0.04 1.75
N CYS A 124 -5.97 0.54 0.69
CA CYS A 124 -5.04 1.19 -0.28
C CYS A 124 -4.30 2.33 0.41
N ILE A 125 -4.97 3.09 1.22
CA ILE A 125 -4.31 4.23 1.92
C ILE A 125 -3.12 3.71 2.72
N ASP A 126 -3.28 2.61 3.39
CA ASP A 126 -2.15 2.05 4.21
C ASP A 126 -0.97 1.71 3.30
N LEU A 127 -1.25 1.15 2.15
CA LEU A 127 -0.14 0.76 1.22
C LEU A 127 0.66 2.01 0.80
N PHE A 128 0.00 3.10 0.54
CA PHE A 128 0.74 4.32 0.13
C PHE A 128 1.65 4.80 1.27
N SER A 129 1.15 4.82 2.46
CA SER A 129 1.99 5.29 3.60
C SER A 129 3.20 4.38 3.75
N CYS A 130 3.03 3.10 3.52
CA CYS A 130 4.17 2.16 3.66
C CYS A 130 5.22 2.45 2.59
N ILE A 131 4.79 2.68 1.39
CA ILE A 131 5.78 2.96 0.30
C ILE A 131 6.62 4.19 0.65
N LEU A 132 6.00 5.21 1.17
CA LEU A 132 6.79 6.43 1.52
C LEU A 132 7.72 6.14 2.70
N HIS A 133 7.23 5.49 3.71
CA HIS A 133 8.08 5.19 4.89
C HIS A 133 9.20 4.20 4.54
N LEU A 134 8.88 3.18 3.78
CA LEU A 134 9.90 2.16 3.42
C LEU A 134 11.06 2.78 2.63
N TRP A 135 10.81 3.80 1.84
CA TRP A 135 11.94 4.38 1.05
C TRP A 135 11.83 5.91 1.00
N LYS A 136 11.80 6.56 2.13
CA LYS A 136 11.74 8.06 2.11
C LYS A 136 12.98 8.61 1.41
N GLU A 137 14.11 7.98 1.63
CA GLU A 137 15.38 8.47 1.00
C GLU A 137 15.34 8.28 -0.52
N ASN A 138 14.62 7.31 -1.01
CA ASN A 138 14.59 7.10 -2.49
C ASN A 138 13.44 7.87 -3.11
N ILE A 139 12.67 8.58 -2.32
CA ILE A 139 11.54 9.37 -2.88
C ILE A 139 11.77 10.85 -2.59
N SER A 140 11.74 11.68 -3.58
CA SER A 140 11.97 13.14 -3.37
C SER A 140 10.76 13.73 -2.64
N GLU A 141 10.93 14.86 -2.01
CA GLU A 141 9.78 15.49 -1.29
C GLU A 141 8.69 15.84 -2.30
N THR A 142 9.06 16.33 -3.44
CA THR A 142 8.04 16.69 -4.47
C THR A 142 7.32 15.44 -4.94
N SER A 143 8.06 14.39 -5.20
CA SER A 143 7.42 13.13 -5.66
C SER A 143 6.49 12.60 -4.56
N THR A 144 6.90 12.72 -3.32
CA THR A 144 6.04 12.24 -2.21
C THR A 144 4.73 13.00 -2.20
N ASN A 145 4.77 14.28 -2.47
CA ASN A 145 3.52 15.08 -2.48
C ASN A 145 2.54 14.50 -3.49
N SER A 146 3.03 14.05 -4.62
CA SER A 146 2.12 13.47 -5.63
C SER A 146 1.42 12.24 -5.04
N LEU A 147 2.14 11.43 -4.33
CA LEU A 147 1.52 10.22 -3.72
C LEU A 147 0.52 10.64 -2.65
N GLN A 148 0.85 11.63 -1.87
CA GLN A 148 -0.07 12.10 -0.81
C GLN A 148 -1.38 12.58 -1.45
N LYS A 149 -1.29 13.21 -2.59
CA LYS A 149 -2.53 13.69 -3.27
C LYS A 149 -3.42 12.50 -3.59
N ARG A 150 -2.86 11.42 -4.06
CA ARG A 150 -3.68 10.23 -4.38
C ARG A 150 -4.35 9.73 -3.10
N ILE A 151 -3.63 9.72 -2.01
CA ILE A 151 -4.22 9.26 -0.73
C ILE A 151 -5.32 10.24 -0.32
N LYS A 152 -5.06 11.51 -0.46
CA LYS A 152 -6.06 12.54 -0.10
C LYS A 152 -7.31 12.37 -0.95
N TYR A 153 -7.14 12.08 -2.21
CA TYR A 153 -8.32 11.90 -3.11
C TYR A 153 -9.21 10.81 -2.53
N CYS A 154 -8.61 9.73 -2.09
CA CYS A 154 -9.44 8.63 -1.50
C CYS A 154 -10.09 9.14 -0.22
N LYS A 155 -9.37 9.88 0.57
CA LYS A 155 -9.96 10.41 1.83
C LYS A 155 -11.19 11.25 1.51
N ILE A 156 -11.09 12.09 0.51
CA ILE A 156 -12.27 12.93 0.15
C ILE A 156 -13.39 12.08 -0.45
N TYR A 157 -13.06 11.26 -1.42
CA TYR A 157 -14.11 10.41 -2.04
C TYR A 157 -14.62 9.38 -1.05
N LEU A 158 -13.77 8.88 -0.20
CA LEU A 158 -14.23 7.86 0.78
C LEU A 158 -15.34 8.49 1.63
N SER A 159 -15.17 9.73 1.98
CA SER A 159 -16.22 10.42 2.79
C SER A 159 -17.50 10.55 1.97
N LYS A 160 -17.36 10.95 0.73
CA LYS A 160 -18.56 11.11 -0.14
C LYS A 160 -19.26 9.76 -0.30
N LEU A 161 -18.51 8.70 -0.40
CA LEU A 161 -19.13 7.35 -0.54
C LEU A 161 -19.91 7.01 0.73
N ALA A 162 -19.35 7.30 1.86
CA ALA A 162 -20.06 6.99 3.14
C ALA A 162 -21.25 7.94 3.32
N LYS A 163 -21.19 9.10 2.71
CA LYS A 163 -22.30 10.06 2.85
C LYS A 163 -23.41 9.73 1.85
N GLY A 164 -23.19 8.75 1.03
CA GLY A 164 -24.24 8.36 0.03
C GLY A 164 -24.24 9.37 -1.12
N GLU A 165 -23.22 10.19 -1.20
CA GLU A 165 -23.15 11.19 -2.29
C GLU A 165 -22.79 10.50 -3.61
N ILE A 166 -22.05 9.42 -3.55
CA ILE A 166 -21.66 8.70 -4.80
C ILE A 166 -22.46 7.40 -4.91
N GLY A 167 -23.02 7.12 -6.06
CA GLY A 167 -23.80 5.87 -6.21
C GLY A 167 -24.98 6.12 -7.15
N ILE B 1 15.08 -11.96 -14.70
CA ILE B 1 14.60 -12.83 -15.81
C ILE B 1 13.12 -13.11 -15.63
N ASN B 2 12.79 -14.27 -15.14
CA ASN B 2 11.35 -14.59 -14.92
C ASN B 2 10.90 -13.84 -13.69
N ILE B 3 11.61 -12.81 -13.32
CA ILE B 3 11.21 -12.00 -12.14
C ILE B 3 9.88 -11.33 -12.45
N ASP B 4 9.75 -10.81 -13.64
CA ASP B 4 8.47 -10.16 -14.01
C ASP B 4 7.41 -11.23 -14.26
N LYS B 5 7.79 -12.29 -14.91
CA LYS B 5 6.85 -13.39 -15.20
C LYS B 5 6.42 -14.09 -13.91
N LEU B 6 7.36 -14.27 -13.01
CA LEU B 6 7.04 -14.96 -11.72
C LEU B 6 6.01 -14.17 -10.93
N GLN B 7 6.23 -12.90 -10.79
CA GLN B 7 5.28 -12.06 -10.03
C GLN B 7 4.02 -11.80 -10.85
N ASP B 8 4.17 -11.54 -12.13
CA ASP B 8 2.97 -11.28 -12.98
C ASP B 8 3.14 -11.96 -14.35
N MET B 9 3.12 -11.17 -15.39
CA MET B 9 3.28 -11.75 -16.76
C MET B 9 4.50 -11.14 -17.44
N GLN B 10 4.71 -11.45 -18.70
CA GLN B 10 5.89 -10.91 -19.42
C GLN B 10 5.91 -9.38 -19.29
N ASP B 11 4.79 -8.77 -19.09
CA ASP B 11 4.75 -7.28 -18.96
C ASP B 11 5.82 -6.84 -17.95
N GLU B 12 6.38 -5.67 -18.15
CA GLU B 12 7.42 -5.17 -17.23
C GLU B 12 6.76 -4.39 -16.08
N MET B 13 7.41 -4.29 -14.95
CA MET B 13 6.81 -3.55 -13.81
C MET B 13 6.49 -2.13 -14.26
N LEU B 14 7.35 -1.54 -15.05
CA LEU B 14 7.10 -0.17 -15.53
C LEU B 14 5.82 -0.16 -16.36
N ASP B 15 5.56 -1.22 -17.08
CA ASP B 15 4.31 -1.27 -17.89
C ASP B 15 3.12 -1.14 -16.95
N LEU B 16 3.21 -1.73 -15.79
CA LEU B 16 2.07 -1.62 -14.83
C LEU B 16 1.82 -0.14 -14.57
N ILE B 17 2.85 0.66 -14.58
CA ILE B 17 2.65 2.11 -14.35
C ILE B 17 1.88 2.69 -15.54
N GLU B 18 2.06 2.12 -16.71
CA GLU B 18 1.30 2.62 -17.89
C GLU B 18 -0.18 2.53 -17.56
N GLN B 19 -0.57 1.49 -16.88
CA GLN B 19 -2.01 1.36 -16.49
C GLN B 19 -2.34 2.57 -15.64
N GLY B 20 -1.41 3.00 -14.84
CA GLY B 20 -1.65 4.20 -13.98
C GLY B 20 -1.93 5.39 -14.90
N ASP B 21 -1.31 5.42 -16.05
CA ASP B 21 -1.57 6.56 -16.98
C ASP B 21 -3.07 6.60 -17.27
N GLU B 22 -3.68 5.45 -17.40
CA GLU B 22 -5.14 5.41 -17.65
C GLU B 22 -5.87 6.09 -16.49
N LEU B 23 -5.35 5.94 -15.29
CA LEU B 23 -6.01 6.57 -14.12
C LEU B 23 -6.15 8.07 -14.39
N GLN B 24 -5.13 8.68 -14.91
CA GLN B 24 -5.21 10.13 -15.22
C GLN B 24 -6.37 10.36 -16.18
N GLU B 25 -6.50 9.49 -17.13
CA GLU B 25 -7.61 9.62 -18.13
C GLU B 25 -8.95 9.50 -17.41
N VAL B 26 -9.04 8.65 -16.43
CA VAL B 26 -10.32 8.50 -15.70
C VAL B 26 -10.66 9.78 -14.95
N LEU B 27 -9.74 10.30 -14.18
CA LEU B 27 -10.03 11.55 -13.45
C LEU B 27 -10.18 12.70 -14.44
N ALA B 28 -9.47 12.65 -15.53
CA ALA B 28 -9.57 13.73 -16.54
C ALA B 28 -11.01 13.80 -17.07
N MET B 29 -11.62 12.67 -17.33
CA MET B 29 -13.02 12.69 -17.83
C MET B 29 -13.94 13.27 -16.76
N ASN B 30 -13.72 12.92 -15.53
CA ASN B 30 -14.58 13.45 -14.43
C ASN B 30 -14.47 14.97 -14.39
N ASN B 31 -13.28 15.48 -14.58
CA ASN B 31 -13.08 16.95 -14.56
C ASN B 31 -11.59 17.26 -14.58
N ASN B 32 -11.09 17.73 -15.69
CA ASN B 32 -9.63 18.05 -15.76
C ASN B 32 -9.28 19.07 -14.68
N SER B 33 -10.18 19.97 -14.41
CA SER B 33 -9.91 20.98 -13.35
C SER B 33 -10.29 20.38 -12.00
N GLY B 34 -10.64 19.13 -11.98
CA GLY B 34 -11.03 18.47 -10.70
C GLY B 34 -9.90 18.62 -9.69
N GLU B 35 -10.00 19.59 -8.81
CA GLU B 35 -8.93 19.80 -7.78
C GLU B 35 -9.55 19.63 -6.39
N LEU B 36 -8.76 19.24 -5.42
CA LEU B 36 -9.31 19.07 -4.05
C LEU B 36 -9.98 20.36 -3.60
N ASP B 37 -9.47 21.48 -4.02
CA ASP B 37 -10.07 22.78 -3.62
C ASP B 37 -11.53 22.84 -4.09
N ASP B 38 -11.82 22.21 -5.20
CA ASP B 38 -13.22 22.23 -5.72
C ASP B 38 -14.09 21.27 -4.89
N ILE B 39 -13.48 20.32 -4.24
CA ILE B 39 -14.27 19.36 -3.42
C ILE B 39 -14.13 19.75 -1.94
N SER B 40 -15.22 19.74 -1.22
CA SER B 40 -15.18 20.13 0.23
C SER B 40 -14.24 19.19 1.00
N ASP B 41 -12.96 19.29 0.76
CA ASP B 41 -11.99 18.40 1.46
C ASP B 41 -11.98 18.71 2.96
N ALA B 42 -12.09 19.95 3.33
CA ALA B 42 -12.03 20.30 4.79
C ALA B 42 -13.21 19.67 5.55
N GLU B 43 -14.40 19.81 5.07
CA GLU B 43 -15.57 19.22 5.80
C GLU B 43 -15.54 17.71 5.67
N LEU B 44 -15.26 17.22 4.49
CA LEU B 44 -15.22 15.75 4.29
C LEU B 44 -14.11 15.13 5.13
N ASP B 45 -13.00 15.78 5.25
CA ASP B 45 -11.89 15.21 6.07
C ASP B 45 -12.33 15.00 7.52
N ALA B 46 -13.01 15.95 8.08
CA ALA B 46 -13.45 15.79 9.50
C ALA B 46 -14.49 14.67 9.60
N GLU B 47 -15.41 14.63 8.69
CA GLU B 47 -16.45 13.56 8.74
C GLU B 47 -15.81 12.20 8.55
N LEU B 48 -14.82 12.10 7.70
CA LEU B 48 -14.19 10.76 7.47
C LEU B 48 -13.48 10.28 8.74
N ASP B 49 -12.89 11.15 9.48
CA ASP B 49 -12.19 10.70 10.70
C ASP B 49 -13.19 10.04 11.63
N ALA B 50 -14.38 10.57 11.70
CA ALA B 50 -15.42 9.93 12.55
C ALA B 50 -15.82 8.59 11.92
N LEU B 51 -15.99 8.59 10.62
CA LEU B 51 -16.37 7.33 9.91
C LEU B 51 -15.23 6.31 10.01
N ALA B 52 -14.00 6.76 9.98
CA ALA B 52 -12.88 5.80 10.07
C ALA B 52 -13.04 4.98 11.34
N GLN B 53 -13.44 5.62 12.41
CA GLN B 53 -13.64 4.88 13.69
C GLN B 53 -14.73 3.83 13.49
N GLU B 54 -15.71 4.14 12.68
CA GLU B 54 -16.82 3.16 12.45
C GLU B 54 -16.29 1.88 11.82
N ASP B 55 -15.38 1.99 10.89
CA ASP B 55 -14.84 0.77 10.23
C ASP B 55 -13.58 0.27 10.93
N PHE B 56 -12.95 1.09 11.72
CA PHE B 56 -11.72 0.66 12.41
C PHE B 56 -12.07 0.16 13.80
N THR B 57 -11.12 -0.44 14.49
CA THR B 57 -11.40 -0.95 15.85
C THR B 57 -10.68 -0.08 16.87
N LEU B 58 -11.40 0.55 17.75
CA LEU B 58 -10.74 1.38 18.77
C LEU B 58 -10.47 0.55 20.02
N PRO B 59 -9.36 0.77 20.67
CA PRO B 59 -8.99 0.01 21.91
C PRO B 59 -9.87 0.40 23.10
N MET A 1 -1.89 6.91 13.41
CA MET A 1 -1.82 6.68 14.88
C MET A 1 -1.26 5.27 15.15
N ALA A 2 -1.06 4.94 16.39
CA ALA A 2 -0.52 3.59 16.73
C ALA A 2 -1.50 2.52 16.24
N SER A 3 -2.77 2.78 16.32
CA SER A 3 -3.77 1.78 15.86
C SER A 3 -3.56 1.50 14.36
N ASN A 4 -3.13 2.48 13.63
CA ASN A 4 -2.90 2.26 12.16
C ASN A 4 -1.82 1.18 11.98
N ALA A 5 -0.83 1.19 12.82
CA ALA A 5 0.25 0.17 12.70
C ALA A 5 -0.35 -1.23 12.91
N ALA A 6 -1.26 -1.35 13.84
CA ALA A 6 -1.87 -2.70 14.10
C ALA A 6 -2.60 -3.17 12.83
N ARG A 7 -3.35 -2.31 12.21
CA ARG A 7 -4.08 -2.71 10.98
C ARG A 7 -3.07 -3.15 9.93
N VAL A 8 -1.97 -2.45 9.87
CA VAL A 8 -0.93 -2.81 8.86
C VAL A 8 -0.44 -4.23 9.13
N VAL A 9 -0.25 -4.59 10.36
CA VAL A 9 0.23 -5.96 10.68
C VAL A 9 -0.84 -6.96 10.27
N ALA A 10 -2.07 -6.72 10.62
CA ALA A 10 -3.17 -7.66 10.23
C ALA A 10 -3.34 -7.60 8.72
N THR A 11 -3.29 -6.43 8.16
CA THR A 11 -3.45 -6.30 6.68
C THR A 11 -2.30 -7.04 5.98
N ALA A 12 -1.12 -6.97 6.53
CA ALA A 12 0.03 -7.68 5.91
C ALA A 12 -0.26 -9.17 5.89
N LYS A 13 -0.84 -9.69 6.94
CA LYS A 13 -1.16 -11.14 6.99
C LYS A 13 -2.15 -11.49 5.87
N ASP A 14 -3.02 -10.58 5.53
CA ASP A 14 -4.01 -10.86 4.46
C ASP A 14 -3.28 -11.16 3.16
N PHE A 15 -2.23 -10.44 2.88
CA PHE A 15 -1.49 -10.71 1.62
C PHE A 15 -0.91 -12.11 1.68
N ASP A 16 -0.35 -12.50 2.80
CA ASP A 16 0.20 -13.88 2.90
C ASP A 16 -0.95 -14.86 2.69
N LYS A 17 -2.08 -14.57 3.26
CA LYS A 17 -3.27 -15.45 3.09
C LYS A 17 -3.66 -15.51 1.62
N VAL A 18 -3.41 -14.44 0.89
CA VAL A 18 -3.76 -14.42 -0.55
C VAL A 18 -2.61 -15.00 -1.37
N GLY A 19 -1.52 -15.32 -0.73
CA GLY A 19 -0.35 -15.90 -1.47
C GLY A 19 0.63 -14.80 -1.86
N LEU A 20 0.40 -13.59 -1.43
CA LEU A 20 1.34 -12.48 -1.77
C LEU A 20 2.24 -12.19 -0.57
N GLY A 21 3.04 -13.14 -0.18
CA GLY A 21 3.93 -12.93 0.99
C GLY A 21 4.91 -11.79 0.71
N ILE A 22 5.38 -11.66 -0.50
CA ILE A 22 6.35 -10.56 -0.81
C ILE A 22 5.72 -9.21 -0.47
N ILE A 23 4.47 -9.01 -0.81
CA ILE A 23 3.83 -7.71 -0.49
C ILE A 23 3.72 -7.57 1.03
N GLY A 24 3.24 -8.59 1.69
CA GLY A 24 3.12 -8.54 3.17
C GLY A 24 4.51 -8.36 3.80
N TYR A 25 5.52 -8.91 3.18
CA TYR A 25 6.90 -8.78 3.73
C TYR A 25 7.28 -7.31 3.84
N TYR A 26 7.04 -6.54 2.82
CA TYR A 26 7.38 -5.09 2.89
C TYR A 26 6.49 -4.39 3.94
N LEU A 27 5.27 -4.81 4.06
CA LEU A 27 4.36 -4.18 5.07
C LEU A 27 4.90 -4.45 6.48
N GLN A 28 5.44 -5.61 6.71
CA GLN A 28 5.97 -5.92 8.08
C GLN A 28 7.06 -4.91 8.45
N LEU A 29 7.92 -4.57 7.53
CA LEU A 29 8.99 -3.58 7.87
C LEU A 29 8.33 -2.22 8.15
N TYR A 30 7.34 -1.87 7.38
CA TYR A 30 6.66 -0.56 7.59
C TYR A 30 5.96 -0.53 8.96
N ALA A 31 5.29 -1.59 9.32
CA ALA A 31 4.58 -1.61 10.64
C ALA A 31 5.60 -1.56 11.78
N VAL A 32 6.72 -2.22 11.62
CA VAL A 32 7.75 -2.21 12.71
C VAL A 32 8.24 -0.79 12.97
N GLU A 33 8.54 -0.06 11.94
CA GLU A 33 9.06 1.32 12.14
C GLU A 33 7.97 2.18 12.80
N LEU A 34 6.73 1.91 12.52
CA LEU A 34 5.65 2.73 13.13
C LEU A 34 5.69 2.61 14.66
N ILE A 35 5.83 1.41 15.15
CA ILE A 35 5.88 1.22 16.62
C ILE A 35 7.12 1.93 17.19
N LEU A 36 8.25 1.77 16.55
CA LEU A 36 9.48 2.43 17.02
C LEU A 36 9.33 3.94 16.92
N SER A 37 8.68 4.39 15.90
CA SER A 37 8.47 5.86 15.72
C SER A 37 7.53 6.34 16.81
N GLU A 38 6.87 5.43 17.47
CA GLU A 38 5.93 5.83 18.54
C GLU A 38 6.68 5.99 19.86
N GLU A 39 6.59 7.14 20.47
CA GLU A 39 7.30 7.35 21.76
C GLU A 39 6.67 6.47 22.85
N ASP A 40 5.38 6.30 22.81
CA ASP A 40 4.71 5.46 23.85
C ASP A 40 4.72 4.00 23.43
N ARG A 41 5.23 3.13 24.27
CA ARG A 41 5.26 1.69 23.93
C ARG A 41 4.88 0.86 25.16
N SER A 42 4.18 -0.21 24.95
CA SER A 42 3.78 -1.09 26.09
C SER A 42 4.47 -2.43 25.91
N GLN A 43 4.61 -3.19 26.96
CA GLN A 43 5.30 -4.50 26.81
C GLN A 43 4.64 -5.27 25.67
N GLU A 44 3.35 -5.13 25.51
CA GLU A 44 2.65 -5.84 24.41
C GLU A 44 3.06 -5.24 23.06
N MET A 45 3.14 -3.94 22.97
CA MET A 45 3.52 -3.32 21.66
C MET A 45 4.99 -3.59 21.37
N THR A 46 5.83 -3.51 22.37
CA THR A 46 7.28 -3.76 22.15
C THR A 46 7.47 -5.20 21.68
N ALA A 47 6.77 -6.13 22.28
CA ALA A 47 6.92 -7.55 21.88
C ALA A 47 6.38 -7.74 20.46
N LEU A 48 5.37 -7.01 20.10
CA LEU A 48 4.79 -7.17 18.72
C LEU A 48 5.84 -6.79 17.68
N ALA A 49 6.59 -5.75 17.94
CA ALA A 49 7.63 -5.35 16.95
C ALA A 49 8.71 -6.42 16.89
N THR A 50 9.09 -6.96 18.02
CA THR A 50 10.14 -8.00 18.03
C THR A 50 9.69 -9.24 17.24
N GLU A 51 8.48 -9.67 17.45
CA GLU A 51 7.98 -10.87 16.73
C GLU A 51 8.07 -10.62 15.21
N LEU A 52 7.80 -9.44 14.77
CA LEU A 52 7.88 -9.14 13.31
C LEU A 52 9.31 -9.32 12.82
N LEU A 53 10.28 -8.90 13.60
CA LEU A 53 11.69 -9.06 13.15
C LEU A 53 11.99 -10.53 12.90
N ASP A 54 11.46 -11.40 13.71
CA ASP A 54 11.70 -12.85 13.50
C ASP A 54 11.12 -13.25 12.15
N THR A 55 9.96 -12.77 11.83
CA THR A 55 9.33 -13.12 10.53
C THR A 55 10.17 -12.55 9.38
N ILE A 56 10.58 -11.33 9.49
CA ILE A 56 11.39 -10.70 8.42
C ILE A 56 12.68 -11.50 8.21
N GLU A 57 13.36 -11.83 9.27
CA GLU A 57 14.62 -12.61 9.11
C GLU A 57 14.28 -13.99 8.55
N ALA A 58 13.18 -14.56 8.97
CA ALA A 58 12.79 -15.89 8.45
C ALA A 58 12.35 -15.74 6.99
N PHE A 59 11.61 -14.71 6.70
CA PHE A 59 11.16 -14.49 5.30
C PHE A 59 12.36 -14.20 4.40
N LYS A 60 13.21 -13.31 4.81
CA LYS A 60 14.40 -12.98 3.99
C LYS A 60 15.31 -14.19 3.92
N LYS A 61 15.49 -14.87 5.01
CA LYS A 61 16.35 -16.09 5.00
C LYS A 61 15.72 -17.13 4.08
N GLU A 62 14.42 -17.16 4.03
CA GLU A 62 13.72 -18.13 3.15
C GLU A 62 14.17 -17.90 1.70
N ILE A 63 14.49 -16.69 1.36
CA ILE A 63 14.92 -16.37 -0.03
C ILE A 63 16.30 -15.70 -0.01
N GLY A 64 16.93 -15.64 1.13
CA GLY A 64 18.28 -15.00 1.20
C GLY A 64 19.21 -15.62 0.17
N GLY A 65 19.11 -16.91 -0.04
CA GLY A 65 19.98 -17.58 -1.03
C GLY A 65 21.24 -18.14 -0.36
N GLU A 66 21.34 -18.00 0.94
CA GLU A 66 22.54 -18.55 1.64
C GLU A 66 22.63 -20.05 1.37
N SER A 67 21.52 -20.72 1.35
CA SER A 67 21.51 -22.18 1.09
C SER A 67 20.42 -22.49 0.07
N GLU A 68 19.39 -21.70 0.06
CA GLU A 68 18.29 -21.93 -0.91
C GLU A 68 18.84 -21.75 -2.33
N ALA A 69 19.82 -20.90 -2.48
CA ALA A 69 20.41 -20.69 -3.84
C ALA A 69 20.97 -22.02 -4.36
N GLU A 70 21.55 -22.80 -3.51
CA GLU A 70 22.10 -24.11 -3.98
C GLU A 70 20.97 -24.90 -4.62
N ASP A 71 19.82 -24.90 -4.00
CA ASP A 71 18.66 -25.63 -4.58
C ASP A 71 18.26 -24.96 -5.89
N SER A 72 18.30 -23.66 -5.91
CA SER A 72 17.94 -22.89 -7.13
C SER A 72 18.52 -21.49 -7.01
N ASP A 73 19.66 -21.26 -7.61
CA ASP A 73 20.28 -19.90 -7.53
C ASP A 73 19.94 -19.12 -8.78
N LYS A 74 19.09 -19.63 -9.62
CA LYS A 74 18.73 -18.91 -10.86
C LYS A 74 17.45 -18.10 -10.64
N SER A 75 16.31 -18.76 -10.64
CA SER A 75 15.03 -18.03 -10.45
C SER A 75 14.92 -17.43 -9.05
N LEU A 76 15.36 -18.13 -8.04
CA LEU A 76 15.27 -17.57 -6.66
C LEU A 76 16.20 -16.35 -6.53
N HIS A 77 17.32 -16.38 -7.18
CA HIS A 77 18.25 -15.23 -7.09
C HIS A 77 17.57 -13.97 -7.60
N VAL A 78 16.89 -14.04 -8.71
CA VAL A 78 16.19 -12.84 -9.22
C VAL A 78 15.10 -12.45 -8.22
N MET A 79 14.37 -13.42 -7.72
CA MET A 79 13.31 -13.10 -6.73
C MET A 79 13.96 -12.40 -5.55
N ASN A 80 15.15 -12.81 -5.19
CA ASN A 80 15.86 -12.17 -4.07
C ASN A 80 16.06 -10.69 -4.43
N THR A 81 16.24 -10.41 -5.69
CA THR A 81 16.43 -8.98 -6.10
C THR A 81 15.22 -8.20 -5.63
N LEU A 82 14.07 -8.80 -5.69
CA LEU A 82 12.83 -8.11 -5.23
C LEU A 82 12.97 -7.75 -3.76
N ILE A 83 13.49 -8.64 -2.96
CA ILE A 83 13.63 -8.36 -1.50
C ILE A 83 14.91 -7.57 -1.22
N HIS A 84 16.00 -7.97 -1.79
CA HIS A 84 17.30 -7.26 -1.52
C HIS A 84 17.34 -5.89 -2.19
N ASP A 85 16.95 -5.81 -3.44
CA ASP A 85 16.99 -4.49 -4.13
C ASP A 85 15.74 -3.69 -3.78
N GLN A 86 15.87 -2.76 -2.85
CA GLN A 86 14.69 -1.94 -2.46
C GLN A 86 14.24 -1.08 -3.64
N GLU A 87 15.16 -0.60 -4.43
CA GLU A 87 14.77 0.27 -5.58
C GLU A 87 13.92 -0.54 -6.57
N LYS A 88 14.32 -1.72 -6.91
CA LYS A 88 13.52 -2.53 -7.86
C LYS A 88 12.20 -2.90 -7.21
N ALA A 89 12.24 -3.30 -5.96
CA ALA A 89 10.99 -3.66 -5.25
C ALA A 89 10.09 -2.43 -5.16
N LYS A 90 10.67 -1.28 -4.96
CA LYS A 90 9.86 -0.04 -4.87
C LYS A 90 8.98 0.09 -6.12
N ILE A 91 9.55 -0.12 -7.28
CA ILE A 91 8.74 0.00 -8.52
C ILE A 91 7.66 -1.09 -8.52
N TYR A 92 8.02 -2.29 -8.19
CA TYR A 92 7.00 -3.38 -8.16
C TYR A 92 5.93 -3.05 -7.12
N MET A 93 6.35 -2.61 -5.97
CA MET A 93 5.36 -2.26 -4.91
C MET A 93 4.50 -1.11 -5.41
N LEU A 94 5.12 -0.15 -6.06
CA LEU A 94 4.36 1.00 -6.60
C LEU A 94 3.37 0.48 -7.63
N ASN A 95 3.78 -0.46 -8.44
CA ASN A 95 2.85 -1.02 -9.46
C ASN A 95 1.66 -1.66 -8.78
N PHE A 96 1.90 -2.44 -7.77
CA PHE A 96 0.77 -3.10 -7.05
C PHE A 96 -0.10 -2.02 -6.42
N THR A 97 0.49 -1.09 -5.73
CA THR A 97 -0.30 -0.01 -5.09
C THR A 97 -1.00 0.80 -6.17
N MET A 98 -0.30 1.16 -7.21
CA MET A 98 -0.95 1.94 -8.30
C MET A 98 -2.03 1.09 -8.97
N SER A 99 -1.76 -0.18 -9.15
CA SER A 99 -2.78 -1.06 -9.80
C SER A 99 -4.04 -1.09 -8.92
N LEU A 100 -3.87 -1.29 -7.65
CA LEU A 100 -5.07 -1.32 -6.74
C LEU A 100 -5.68 0.08 -6.73
N TYR A 101 -4.87 1.09 -6.60
CA TYR A 101 -5.39 2.48 -6.57
C TYR A 101 -6.10 2.78 -7.90
N ASN A 102 -5.53 2.36 -9.00
CA ASN A 102 -6.16 2.64 -10.32
C ASN A 102 -7.54 1.97 -10.39
N GLU A 103 -7.67 0.79 -9.88
CA GLU A 103 -9.00 0.10 -9.94
C GLU A 103 -10.03 0.88 -9.11
N LYS A 104 -9.65 1.37 -7.97
CA LYS A 104 -10.63 2.14 -7.14
C LYS A 104 -11.05 3.40 -7.90
N LEU A 105 -10.12 4.11 -8.46
CA LEU A 105 -10.50 5.34 -9.21
C LEU A 105 -11.28 4.92 -10.46
N LYS A 106 -10.89 3.83 -11.05
CA LYS A 106 -11.61 3.35 -12.26
C LYS A 106 -13.06 3.06 -11.88
N GLN A 107 -13.25 2.39 -10.77
CA GLN A 107 -14.64 2.11 -10.32
C GLN A 107 -15.35 3.43 -10.04
N LEU A 108 -14.63 4.39 -9.52
CA LEU A 108 -15.24 5.72 -9.24
C LEU A 108 -15.81 6.26 -10.55
N LYS A 109 -15.17 5.95 -11.65
CA LYS A 109 -15.63 6.45 -12.97
C LYS A 109 -17.06 5.96 -13.24
N ASP A 110 -17.36 4.73 -12.90
CA ASP A 110 -18.74 4.20 -13.14
C ASP A 110 -18.97 2.86 -12.42
N GLY A 111 -17.96 2.31 -11.80
CA GLY A 111 -18.15 1.01 -11.10
C GLY A 111 -19.09 1.19 -9.90
N PRO A 112 -19.70 0.12 -9.47
CA PRO A 112 -20.65 0.15 -8.31
C PRO A 112 -19.96 0.55 -7.01
N TRP A 113 -20.60 1.38 -6.22
CA TRP A 113 -19.99 1.82 -4.94
C TRP A 113 -20.71 1.13 -3.78
N ASP A 114 -19.99 0.64 -2.81
CA ASP A 114 -20.65 -0.04 -1.66
C ASP A 114 -19.73 -0.03 -0.44
N VAL A 115 -20.24 -0.44 0.68
CA VAL A 115 -19.42 -0.47 1.92
C VAL A 115 -18.16 -1.30 1.68
N MET A 116 -18.27 -2.37 0.95
CA MET A 116 -17.06 -3.20 0.69
C MET A 116 -15.98 -2.31 0.08
N LEU A 117 -16.35 -1.45 -0.83
CA LEU A 117 -15.35 -0.55 -1.44
C LEU A 117 -14.76 0.35 -0.35
N LYS A 118 -15.57 0.75 0.59
CA LYS A 118 -15.08 1.63 1.70
C LYS A 118 -13.91 0.98 2.41
N ARG A 119 -14.05 -0.27 2.76
CA ARG A 119 -12.94 -0.96 3.49
C ARG A 119 -11.73 -1.13 2.56
N SER A 120 -11.96 -1.43 1.32
CA SER A 120 -10.82 -1.61 0.37
C SER A 120 -10.07 -0.28 0.21
N LEU A 121 -10.78 0.82 0.17
CA LEU A 121 -10.10 2.13 0.02
C LEU A 121 -9.18 2.36 1.21
N TRP A 122 -9.63 2.03 2.39
CA TRP A 122 -8.77 2.21 3.58
C TRP A 122 -7.54 1.33 3.45
N CYS A 123 -7.71 0.16 2.89
CA CYS A 123 -6.55 -0.76 2.71
C CYS A 123 -5.57 -0.16 1.72
N CYS A 124 -6.07 0.44 0.68
CA CYS A 124 -5.17 1.06 -0.34
C CYS A 124 -4.37 2.19 0.30
N ILE A 125 -4.99 2.96 1.15
CA ILE A 125 -4.27 4.08 1.81
C ILE A 125 -3.06 3.55 2.57
N ASP A 126 -3.21 2.46 3.27
CA ASP A 126 -2.06 1.89 4.03
C ASP A 126 -0.92 1.55 3.08
N LEU A 127 -1.24 1.02 1.93
CA LEU A 127 -0.16 0.65 0.96
C LEU A 127 0.62 1.90 0.52
N PHE A 128 -0.05 2.99 0.29
CA PHE A 128 0.67 4.22 -0.14
C PHE A 128 1.62 4.69 0.97
N SER A 129 1.16 4.69 2.20
CA SER A 129 2.04 5.14 3.31
C SER A 129 3.27 4.23 3.42
N CYS A 130 3.10 2.97 3.18
CA CYS A 130 4.26 2.03 3.28
C CYS A 130 5.29 2.36 2.20
N ILE A 131 4.84 2.63 1.01
CA ILE A 131 5.81 2.95 -0.09
C ILE A 131 6.63 4.18 0.29
N LEU A 132 6.01 5.20 0.81
CA LEU A 132 6.77 6.42 1.18
C LEU A 132 7.62 6.16 2.42
N HIS A 133 7.07 5.53 3.41
CA HIS A 133 7.82 5.25 4.67
C HIS A 133 8.95 4.24 4.42
N LEU A 134 8.66 3.18 3.73
CA LEU A 134 9.71 2.14 3.48
C LEU A 134 10.86 2.69 2.64
N TRP A 135 10.58 3.62 1.75
CA TRP A 135 11.70 4.16 0.89
C TRP A 135 11.71 5.69 0.91
N LYS A 136 11.72 6.29 2.07
CA LYS A 136 11.75 7.78 2.12
C LYS A 136 13.03 8.29 1.47
N GLU A 137 14.12 7.60 1.67
CA GLU A 137 15.43 8.03 1.10
C GLU A 137 15.46 7.89 -0.43
N ASN A 138 14.73 6.96 -0.98
CA ASN A 138 14.76 6.78 -2.46
C ASN A 138 13.65 7.60 -3.13
N ILE A 139 12.87 8.33 -2.35
CA ILE A 139 11.79 9.15 -2.95
C ILE A 139 12.05 10.63 -2.65
N SER A 140 12.03 11.47 -3.65
CA SER A 140 12.28 12.91 -3.41
C SER A 140 11.08 13.52 -2.69
N GLU A 141 11.27 14.64 -2.05
CA GLU A 141 10.13 15.28 -1.32
C GLU A 141 9.03 15.67 -2.32
N THR A 142 9.42 16.17 -3.46
CA THR A 142 8.41 16.57 -4.48
C THR A 142 7.64 15.33 -4.96
N SER A 143 8.35 14.27 -5.24
CA SER A 143 7.67 13.03 -5.71
C SER A 143 6.74 12.51 -4.62
N THR A 144 7.16 12.60 -3.39
CA THR A 144 6.29 12.11 -2.27
C THR A 144 5.00 12.92 -2.24
N ASN A 145 5.07 14.20 -2.46
CA ASN A 145 3.85 15.04 -2.44
C ASN A 145 2.84 14.51 -3.46
N SER A 146 3.30 14.09 -4.61
CA SER A 146 2.36 13.57 -5.64
C SER A 146 1.63 12.34 -5.10
N LEU A 147 2.34 11.48 -4.44
CA LEU A 147 1.69 10.25 -3.88
C LEU A 147 0.72 10.65 -2.76
N GLN A 148 1.10 11.58 -1.94
CA GLN A 148 0.20 12.00 -0.82
C GLN A 148 -1.10 12.55 -1.40
N LYS A 149 -1.03 13.24 -2.51
CA LYS A 149 -2.28 13.79 -3.11
C LYS A 149 -3.20 12.63 -3.49
N ARG A 150 -2.64 11.57 -4.01
CA ARG A 150 -3.48 10.40 -4.40
C ARG A 150 -4.18 9.86 -3.15
N ILE A 151 -3.48 9.78 -2.05
CA ILE A 151 -4.11 9.27 -0.80
C ILE A 151 -5.20 10.25 -0.38
N LYS A 152 -4.94 11.52 -0.51
CA LYS A 152 -5.95 12.55 -0.12
C LYS A 152 -7.21 12.37 -0.97
N TYR A 153 -7.05 12.09 -2.23
CA TYR A 153 -8.24 11.92 -3.10
C TYR A 153 -9.13 10.83 -2.51
N CYS A 154 -8.55 9.74 -2.07
CA CYS A 154 -9.36 8.65 -1.47
C CYS A 154 -10.01 9.17 -0.19
N LYS A 155 -9.29 9.92 0.58
CA LYS A 155 -9.86 10.46 1.84
C LYS A 155 -11.10 11.29 1.53
N ILE A 156 -11.03 12.12 0.53
CA ILE A 156 -12.21 12.96 0.17
C ILE A 156 -13.33 12.10 -0.41
N TYR A 157 -13.02 11.29 -1.37
CA TYR A 157 -14.07 10.42 -1.99
C TYR A 157 -14.58 9.40 -0.98
N LEU A 158 -13.72 8.91 -0.14
CA LEU A 158 -14.18 7.90 0.86
C LEU A 158 -15.25 8.54 1.73
N SER A 159 -15.10 9.79 2.05
CA SER A 159 -16.13 10.47 2.88
C SER A 159 -17.43 10.60 2.07
N LYS A 160 -17.32 11.00 0.84
CA LYS A 160 -18.53 11.15 -0.01
C LYS A 160 -19.23 9.80 -0.15
N LEU A 161 -18.47 8.74 -0.27
CA LEU A 161 -19.10 7.39 -0.40
C LEU A 161 -19.87 7.04 0.88
N ALA A 162 -19.30 7.34 2.01
CA ALA A 162 -19.99 7.03 3.29
C ALA A 162 -21.17 7.98 3.49
N LYS A 163 -21.13 9.13 2.87
CA LYS A 163 -22.23 10.10 3.03
C LYS A 163 -23.36 9.77 2.04
N GLY A 164 -23.15 8.79 1.20
CA GLY A 164 -24.21 8.42 0.23
C GLY A 164 -24.22 9.41 -0.94
N GLU A 165 -23.21 10.23 -1.03
CA GLU A 165 -23.17 11.23 -2.14
C GLU A 165 -22.82 10.53 -3.46
N ILE A 166 -22.05 9.45 -3.40
CA ILE A 166 -21.68 8.74 -4.65
C ILE A 166 -22.46 7.43 -4.73
N GLY A 167 -23.06 7.14 -5.84
CA GLY A 167 -23.83 5.88 -5.98
C GLY A 167 -25.02 6.10 -6.93
N ILE B 1 14.86 -12.15 -14.86
CA ILE B 1 14.33 -12.96 -16.00
C ILE B 1 12.85 -13.26 -15.75
N ASN B 2 12.54 -14.43 -15.27
CA ASN B 2 11.13 -14.75 -15.00
C ASN B 2 10.72 -14.02 -13.74
N ILE B 3 11.45 -13.00 -13.38
CA ILE B 3 11.11 -12.23 -12.17
C ILE B 3 9.76 -11.57 -12.38
N ASP B 4 9.55 -11.03 -13.54
CA ASP B 4 8.23 -10.39 -13.82
C ASP B 4 7.18 -11.47 -14.04
N LYS B 5 7.54 -12.48 -14.79
CA LYS B 5 6.59 -13.59 -15.09
C LYS B 5 6.26 -14.35 -13.81
N LEU B 6 7.23 -14.55 -12.96
CA LEU B 6 6.99 -15.31 -11.69
C LEU B 6 5.91 -14.61 -10.88
N GLN B 7 6.04 -13.33 -10.70
CA GLN B 7 5.04 -12.57 -9.91
C GLN B 7 3.73 -12.46 -10.69
N ASP B 8 3.81 -12.25 -11.98
CA ASP B 8 2.57 -12.13 -12.79
C ASP B 8 2.94 -12.06 -14.27
N MET B 9 1.98 -12.25 -15.14
CA MET B 9 2.29 -12.18 -16.60
C MET B 9 2.42 -10.72 -17.03
N GLN B 10 3.62 -10.18 -17.01
CA GLN B 10 3.81 -8.77 -17.40
C GLN B 10 5.03 -8.64 -18.30
N ASP B 11 5.12 -7.57 -19.05
CA ASP B 11 6.29 -7.39 -19.95
C ASP B 11 7.39 -6.62 -19.21
N GLU B 12 7.22 -5.34 -19.03
CA GLU B 12 8.25 -4.53 -18.32
C GLU B 12 7.62 -3.83 -17.12
N MET B 13 8.38 -3.60 -16.08
CA MET B 13 7.83 -2.92 -14.88
C MET B 13 7.32 -1.54 -15.27
N LEU B 14 8.01 -0.88 -16.15
CA LEU B 14 7.57 0.46 -16.59
C LEU B 14 6.17 0.33 -17.21
N ASP B 15 5.92 -0.77 -17.85
CA ASP B 15 4.57 -0.98 -18.47
C ASP B 15 3.51 -0.88 -17.38
N LEU B 16 3.79 -1.36 -16.20
CA LEU B 16 2.78 -1.28 -15.11
C LEU B 16 2.45 0.19 -14.86
N ILE B 17 3.44 1.05 -14.94
CA ILE B 17 3.17 2.49 -14.70
C ILE B 17 2.33 3.03 -15.86
N GLU B 18 2.48 2.48 -17.04
CA GLU B 18 1.65 2.97 -18.18
C GLU B 18 0.18 2.78 -17.80
N GLN B 19 -0.11 1.70 -17.13
CA GLN B 19 -1.52 1.48 -16.70
C GLN B 19 -1.90 2.64 -15.80
N GLY B 20 -0.96 3.12 -15.03
CA GLY B 20 -1.24 4.28 -14.14
C GLY B 20 -1.61 5.47 -15.03
N ASP B 21 -1.05 5.55 -16.21
CA ASP B 21 -1.40 6.67 -17.11
C ASP B 21 -2.91 6.66 -17.30
N GLU B 22 -3.48 5.49 -17.44
CA GLU B 22 -4.96 5.40 -17.61
C GLU B 22 -5.63 6.01 -16.38
N LEU B 23 -5.02 5.87 -15.23
CA LEU B 23 -5.63 6.44 -13.99
C LEU B 23 -5.88 7.92 -14.22
N GLN B 24 -4.93 8.61 -14.78
CA GLN B 24 -5.10 10.06 -15.05
C GLN B 24 -6.28 10.25 -16.01
N GLU B 25 -6.40 9.39 -16.98
CA GLU B 25 -7.51 9.53 -17.96
C GLU B 25 -8.86 9.41 -17.24
N VAL B 26 -8.95 8.54 -16.28
CA VAL B 26 -10.24 8.39 -15.54
C VAL B 26 -10.60 9.69 -14.83
N LEU B 27 -9.68 10.24 -14.08
CA LEU B 27 -9.98 11.51 -13.36
C LEU B 27 -10.17 12.62 -14.39
N ALA B 28 -9.46 12.57 -15.48
CA ALA B 28 -9.61 13.62 -16.51
C ALA B 28 -11.04 13.64 -17.04
N MET B 29 -11.61 12.50 -17.29
CA MET B 29 -13.02 12.48 -17.80
C MET B 29 -13.96 12.99 -16.72
N ASN B 30 -13.72 12.64 -15.49
CA ASN B 30 -14.60 13.12 -14.39
C ASN B 30 -14.57 14.65 -14.34
N ASN B 31 -13.42 15.22 -14.55
CA ASN B 31 -13.31 16.71 -14.53
C ASN B 31 -11.84 17.09 -14.58
N ASN B 32 -11.38 17.60 -15.70
CA ASN B 32 -9.95 17.99 -15.81
C ASN B 32 -9.63 19.01 -14.72
N SER B 33 -10.57 19.87 -14.42
CA SER B 33 -10.34 20.90 -13.37
C SER B 33 -10.64 20.27 -12.01
N GLY B 34 -10.97 19.00 -12.00
CA GLY B 34 -11.29 18.33 -10.71
C GLY B 34 -10.12 18.46 -9.75
N GLU B 35 -10.18 19.41 -8.86
CA GLU B 35 -9.09 19.61 -7.87
C GLU B 35 -9.66 19.50 -6.45
N LEU B 36 -8.85 19.10 -5.50
CA LEU B 36 -9.35 18.98 -4.10
C LEU B 36 -9.98 20.29 -3.67
N ASP B 37 -9.46 21.40 -4.12
CA ASP B 37 -10.03 22.71 -3.74
C ASP B 37 -11.49 22.79 -4.17
N ASP B 38 -11.83 22.15 -5.25
CA ASP B 38 -13.24 22.19 -5.73
C ASP B 38 -14.12 21.30 -4.86
N ILE B 39 -13.52 20.32 -4.21
CA ILE B 39 -14.32 19.41 -3.34
C ILE B 39 -14.11 19.81 -1.88
N SER B 40 -15.18 19.89 -1.12
CA SER B 40 -15.06 20.29 0.32
C SER B 40 -14.13 19.33 1.06
N ASP B 41 -12.86 19.39 0.80
CA ASP B 41 -11.91 18.48 1.49
C ASP B 41 -11.87 18.76 3.00
N ALA B 42 -11.93 20.01 3.38
CA ALA B 42 -11.86 20.35 4.83
C ALA B 42 -13.04 19.75 5.61
N GLU B 43 -14.24 19.91 5.13
CA GLU B 43 -15.41 19.35 5.85
C GLU B 43 -15.42 17.83 5.72
N LEU B 44 -15.15 17.34 4.55
CA LEU B 44 -15.15 15.87 4.34
C LEU B 44 -14.05 15.22 5.18
N ASP B 45 -12.92 15.86 5.29
CA ASP B 45 -11.81 15.27 6.09
C ASP B 45 -12.24 15.06 7.54
N ALA B 46 -12.92 16.01 8.12
CA ALA B 46 -13.34 15.85 9.54
C ALA B 46 -14.37 14.71 9.65
N GLU B 47 -15.31 14.67 8.76
CA GLU B 47 -16.34 13.60 8.83
C GLU B 47 -15.69 12.23 8.62
N LEU B 48 -14.70 12.14 7.76
CA LEU B 48 -14.06 10.82 7.52
C LEU B 48 -13.34 10.33 8.77
N ASP B 49 -12.75 11.22 9.52
CA ASP B 49 -12.02 10.77 10.72
C ASP B 49 -13.01 10.09 11.66
N ALA B 50 -14.21 10.59 11.74
CA ALA B 50 -15.22 9.94 12.60
C ALA B 50 -15.61 8.60 11.95
N LEU B 51 -15.80 8.60 10.66
CA LEU B 51 -16.18 7.34 9.95
C LEU B 51 -15.02 6.35 10.03
N ALA B 52 -13.81 6.82 9.97
CA ALA B 52 -12.67 5.87 10.05
C ALA B 52 -12.81 5.03 11.31
N GLN B 53 -13.21 5.64 12.39
CA GLN B 53 -13.39 4.88 13.65
C GLN B 53 -14.49 3.83 13.45
N GLU B 54 -15.46 4.14 12.64
CA GLU B 54 -16.57 3.16 12.39
C GLU B 54 -16.02 1.88 11.77
N ASP B 55 -15.10 1.99 10.86
CA ASP B 55 -14.53 0.78 10.20
C ASP B 55 -13.28 0.31 10.92
N PHE B 56 -12.68 1.15 11.72
CA PHE B 56 -11.45 0.75 12.43
C PHE B 56 -11.81 0.28 13.84
N THR B 57 -10.86 -0.28 14.55
CA THR B 57 -11.15 -0.76 15.93
C THR B 57 -10.46 0.15 16.93
N LEU B 58 -11.21 0.76 17.80
CA LEU B 58 -10.59 1.64 18.80
C LEU B 58 -10.29 0.83 20.07
N PRO B 59 -9.18 1.09 20.71
CA PRO B 59 -8.79 0.37 21.96
C PRO B 59 -9.71 0.69 23.13
N MET A 1 -3.07 6.32 14.77
CA MET A 1 -1.67 6.11 14.32
C MET A 1 -1.20 4.72 14.74
N ALA A 2 -1.16 4.45 16.01
CA ALA A 2 -0.71 3.11 16.48
C ALA A 2 -1.65 2.03 15.93
N SER A 3 -2.92 2.34 15.83
CA SER A 3 -3.88 1.33 15.30
C SER A 3 -3.48 0.96 13.87
N ASN A 4 -2.99 1.91 13.12
CA ASN A 4 -2.58 1.60 11.72
C ASN A 4 -1.47 0.54 11.74
N ALA A 5 -0.60 0.61 12.71
CA ALA A 5 0.50 -0.40 12.77
C ALA A 5 -0.10 -1.80 12.94
N ALA A 6 -1.11 -1.94 13.75
CA ALA A 6 -1.73 -3.28 13.94
C ALA A 6 -2.45 -3.71 12.67
N ARG A 7 -3.26 -2.85 12.11
CA ARG A 7 -3.99 -3.22 10.87
C ARG A 7 -3.00 -3.58 9.77
N VAL A 8 -1.95 -2.81 9.66
CA VAL A 8 -0.94 -3.09 8.61
C VAL A 8 -0.34 -4.48 8.83
N VAL A 9 -0.07 -4.83 10.06
CA VAL A 9 0.51 -6.17 10.34
C VAL A 9 -0.53 -7.25 9.99
N ALA A 10 -1.74 -7.07 10.43
CA ALA A 10 -2.79 -8.08 10.11
C ALA A 10 -3.08 -8.05 8.61
N THR A 11 -3.13 -6.87 8.05
CA THR A 11 -3.40 -6.77 6.59
C THR A 11 -2.26 -7.45 5.83
N ALA A 12 -1.05 -7.29 6.29
CA ALA A 12 0.10 -7.94 5.60
C ALA A 12 -0.11 -9.45 5.59
N LYS A 13 -0.60 -10.00 6.68
CA LYS A 13 -0.84 -11.46 6.74
C LYS A 13 -1.86 -11.86 5.67
N ASP A 14 -2.78 -10.99 5.38
CA ASP A 14 -3.81 -11.31 4.35
C ASP A 14 -3.15 -11.58 3.01
N PHE A 15 -2.17 -10.80 2.66
CA PHE A 15 -1.48 -11.01 1.35
C PHE A 15 -0.77 -12.37 1.35
N ASP A 16 -0.19 -12.76 2.45
CA ASP A 16 0.51 -14.08 2.49
C ASP A 16 -0.50 -15.19 2.21
N LYS A 17 -1.69 -15.06 2.75
CA LYS A 17 -2.73 -16.11 2.52
C LYS A 17 -3.06 -16.20 1.03
N VAL A 18 -2.98 -15.10 0.32
CA VAL A 18 -3.31 -15.13 -1.14
C VAL A 18 -2.06 -15.49 -1.95
N GLY A 19 -0.95 -15.70 -1.30
CA GLY A 19 0.29 -16.07 -2.03
C GLY A 19 1.12 -14.82 -2.35
N LEU A 20 0.70 -13.68 -1.87
CA LEU A 20 1.48 -12.43 -2.13
C LEU A 20 2.29 -12.08 -0.89
N GLY A 21 2.87 -13.07 -0.25
CA GLY A 21 3.67 -12.80 0.98
C GLY A 21 4.71 -11.71 0.71
N ILE A 22 5.22 -11.64 -0.50
CA ILE A 22 6.24 -10.59 -0.80
C ILE A 22 5.65 -9.21 -0.49
N ILE A 23 4.41 -8.99 -0.84
CA ILE A 23 3.80 -7.67 -0.53
C ILE A 23 3.67 -7.53 0.99
N GLY A 24 3.16 -8.54 1.63
CA GLY A 24 3.02 -8.49 3.11
C GLY A 24 4.40 -8.35 3.76
N TYR A 25 5.40 -8.91 3.15
CA TYR A 25 6.77 -8.83 3.72
C TYR A 25 7.18 -7.36 3.86
N TYR A 26 6.96 -6.57 2.86
CA TYR A 26 7.32 -5.13 2.95
C TYR A 26 6.42 -4.44 3.97
N LEU A 27 5.17 -4.81 4.04
CA LEU A 27 4.25 -4.17 5.02
C LEU A 27 4.72 -4.45 6.44
N GLN A 28 5.17 -5.65 6.71
CA GLN A 28 5.64 -5.97 8.09
C GLN A 28 6.85 -5.08 8.41
N LEU A 29 7.71 -4.89 7.45
CA LEU A 29 8.91 -4.03 7.67
C LEU A 29 8.44 -2.60 7.95
N TYR A 30 7.44 -2.16 7.23
CA TYR A 30 6.92 -0.78 7.43
C TYR A 30 6.34 -0.63 8.83
N ALA A 31 5.52 -1.58 9.24
CA ALA A 31 4.91 -1.50 10.59
C ALA A 31 6.00 -1.61 11.67
N VAL A 32 7.01 -2.41 11.42
CA VAL A 32 8.10 -2.57 12.44
C VAL A 32 8.76 -1.22 12.69
N GLU A 33 9.16 -0.55 11.65
CA GLU A 33 9.80 0.78 11.82
C GLU A 33 8.76 1.75 12.37
N LEU A 34 7.53 1.52 12.01
CA LEU A 34 6.43 2.40 12.47
C LEU A 34 6.37 2.38 14.01
N ILE A 35 6.46 1.22 14.60
CA ILE A 35 6.42 1.15 16.09
C ILE A 35 7.66 1.81 16.66
N LEU A 36 8.81 1.55 16.08
CA LEU A 36 10.06 2.16 16.57
C LEU A 36 10.01 3.68 16.40
N SER A 37 9.43 4.12 15.32
CA SER A 37 9.34 5.59 15.08
C SER A 37 8.23 6.18 15.96
N GLU A 38 7.59 5.36 16.75
CA GLU A 38 6.51 5.89 17.62
C GLU A 38 7.10 6.25 19.00
N GLU A 39 6.90 7.47 19.43
CA GLU A 39 7.44 7.88 20.75
C GLU A 39 6.76 7.10 21.88
N ASP A 40 5.49 6.85 21.74
CA ASP A 40 4.77 6.10 22.80
C ASP A 40 4.77 4.60 22.48
N ARG A 41 5.23 3.79 23.40
CA ARG A 41 5.24 2.32 23.17
C ARG A 41 4.75 1.60 24.41
N SER A 42 4.03 0.53 24.23
CA SER A 42 3.52 -0.25 25.38
C SER A 42 4.20 -1.62 25.35
N GLN A 43 4.22 -2.31 26.46
CA GLN A 43 4.87 -3.64 26.45
C GLN A 43 4.27 -4.48 25.32
N GLU A 44 3.01 -4.30 25.06
CA GLU A 44 2.37 -5.07 23.95
C GLU A 44 2.90 -4.58 22.60
N MET A 45 3.02 -3.29 22.41
CA MET A 45 3.52 -2.78 21.11
C MET A 45 5.00 -3.13 20.95
N THR A 46 5.76 -3.01 22.01
CA THR A 46 7.22 -3.32 21.92
C THR A 46 7.38 -4.80 21.58
N ALA A 47 6.63 -5.66 22.22
CA ALA A 47 6.74 -7.12 21.93
C ALA A 47 6.19 -7.42 20.54
N LEU A 48 5.19 -6.70 20.12
CA LEU A 48 4.61 -6.95 18.78
C LEU A 48 5.66 -6.70 17.69
N ALA A 49 6.46 -5.68 17.86
CA ALA A 49 7.50 -5.39 16.84
C ALA A 49 8.52 -6.52 16.82
N THR A 50 8.87 -7.04 17.96
CA THR A 50 9.87 -8.15 18.02
C THR A 50 9.36 -9.36 17.24
N GLU A 51 8.12 -9.73 17.43
CA GLU A 51 7.57 -10.91 16.71
C GLU A 51 7.69 -10.68 15.20
N LEU A 52 7.47 -9.47 14.76
CA LEU A 52 7.57 -9.18 13.30
C LEU A 52 9.00 -9.42 12.81
N LEU A 53 9.98 -9.09 13.62
CA LEU A 53 11.39 -9.31 13.18
C LEU A 53 11.60 -10.79 12.88
N ASP A 54 11.01 -11.65 13.66
CA ASP A 54 11.18 -13.11 13.40
C ASP A 54 10.60 -13.46 12.03
N THR A 55 9.44 -12.94 11.71
CA THR A 55 8.83 -13.26 10.39
C THR A 55 9.65 -12.60 9.28
N ILE A 56 9.97 -11.36 9.42
CA ILE A 56 10.78 -10.66 8.38
C ILE A 56 12.12 -11.35 8.23
N GLU A 57 12.79 -11.62 9.32
CA GLU A 57 14.10 -12.31 9.22
C GLU A 57 13.89 -13.72 8.67
N ALA A 58 12.89 -14.39 9.12
CA ALA A 58 12.63 -15.77 8.61
C ALA A 58 12.23 -15.69 7.13
N PHE A 59 11.42 -14.72 6.80
CA PHE A 59 10.99 -14.58 5.38
C PHE A 59 12.20 -14.29 4.49
N LYS A 60 13.02 -13.36 4.89
CA LYS A 60 14.21 -13.02 4.05
C LYS A 60 15.15 -14.23 3.97
N LYS A 61 15.37 -14.91 5.07
CA LYS A 61 16.26 -16.11 5.03
C LYS A 61 15.61 -17.15 4.12
N GLU A 62 14.30 -17.21 4.11
CA GLU A 62 13.60 -18.20 3.26
C GLU A 62 14.02 -17.97 1.80
N ILE A 63 14.32 -16.76 1.45
CA ILE A 63 14.73 -16.44 0.06
C ILE A 63 16.10 -15.75 0.06
N GLY A 64 16.74 -15.69 1.19
CA GLY A 64 18.07 -15.02 1.26
C GLY A 64 19.03 -15.67 0.25
N GLY A 65 18.95 -16.97 0.09
CA GLY A 65 19.85 -17.65 -0.89
C GLY A 65 21.09 -18.18 -0.17
N GLU A 66 21.17 -18.02 1.12
CA GLU A 66 22.37 -18.52 1.85
C GLU A 66 22.47 -20.04 1.65
N SER A 67 21.35 -20.69 1.62
CA SER A 67 21.36 -22.17 1.42
C SER A 67 20.30 -22.50 0.35
N GLU A 68 19.25 -21.73 0.29
CA GLU A 68 18.20 -21.98 -0.72
C GLU A 68 18.81 -21.78 -2.11
N ALA A 69 19.77 -20.91 -2.22
CA ALA A 69 20.41 -20.68 -3.54
C ALA A 69 21.02 -21.99 -4.05
N GLU A 70 21.59 -22.77 -3.19
CA GLU A 70 22.18 -24.06 -3.64
C GLU A 70 21.08 -24.87 -4.33
N ASP A 71 19.91 -24.89 -3.76
CA ASP A 71 18.78 -25.62 -4.39
C ASP A 71 18.43 -24.92 -5.71
N SER A 72 18.46 -23.63 -5.71
CA SER A 72 18.15 -22.84 -6.92
C SER A 72 18.76 -21.45 -6.78
N ASP A 73 19.92 -21.24 -7.33
CA ASP A 73 20.57 -19.91 -7.21
C ASP A 73 20.28 -19.09 -8.47
N LYS A 74 19.43 -19.57 -9.32
CA LYS A 74 19.12 -18.82 -10.56
C LYS A 74 17.83 -18.03 -10.39
N SER A 75 16.70 -18.69 -10.43
CA SER A 75 15.40 -17.98 -10.30
C SER A 75 15.23 -17.39 -8.89
N LEU A 76 15.62 -18.10 -7.87
CA LEU A 76 15.44 -17.54 -6.49
C LEU A 76 16.35 -16.33 -6.31
N HIS A 77 17.51 -16.35 -6.91
CA HIS A 77 18.43 -15.18 -6.76
C HIS A 77 17.74 -13.94 -7.30
N VAL A 78 17.10 -14.03 -8.44
CA VAL A 78 16.41 -12.84 -8.98
C VAL A 78 15.29 -12.46 -8.03
N MET A 79 14.54 -13.41 -7.55
CA MET A 79 13.44 -13.10 -6.60
C MET A 79 14.07 -12.41 -5.39
N ASN A 80 15.24 -12.84 -5.02
CA ASN A 80 15.93 -12.21 -3.86
C ASN A 80 16.15 -10.74 -4.20
N THR A 81 16.36 -10.43 -5.45
CA THR A 81 16.56 -9.00 -5.84
C THR A 81 15.33 -8.21 -5.38
N LEU A 82 14.18 -8.80 -5.52
CA LEU A 82 12.94 -8.10 -5.10
C LEU A 82 13.00 -7.78 -3.60
N ILE A 83 13.51 -8.68 -2.80
CA ILE A 83 13.59 -8.43 -1.34
C ILE A 83 14.84 -7.59 -0.98
N HIS A 84 15.96 -7.94 -1.53
CA HIS A 84 17.21 -7.19 -1.19
C HIS A 84 17.28 -5.84 -1.91
N ASP A 85 16.98 -5.81 -3.18
CA ASP A 85 17.06 -4.51 -3.91
C ASP A 85 15.83 -3.67 -3.56
N GLN A 86 15.97 -2.76 -2.64
CA GLN A 86 14.82 -1.90 -2.23
C GLN A 86 14.37 -1.04 -3.41
N GLU A 87 15.29 -0.56 -4.19
CA GLU A 87 14.90 0.31 -5.35
C GLU A 87 14.03 -0.48 -6.33
N LYS A 88 14.44 -1.67 -6.68
CA LYS A 88 13.64 -2.48 -7.63
C LYS A 88 12.32 -2.85 -6.97
N ALA A 89 12.36 -3.26 -5.74
CA ALA A 89 11.11 -3.63 -5.04
C ALA A 89 10.20 -2.40 -4.94
N LYS A 90 10.80 -1.25 -4.71
CA LYS A 90 9.99 -0.01 -4.59
C LYS A 90 9.11 0.16 -5.84
N ILE A 91 9.66 -0.05 -7.00
CA ILE A 91 8.85 0.11 -8.24
C ILE A 91 7.74 -0.94 -8.25
N TYR A 92 8.06 -2.15 -7.90
CA TYR A 92 7.00 -3.21 -7.90
C TYR A 92 5.95 -2.88 -6.85
N MET A 93 6.37 -2.48 -5.68
CA MET A 93 5.39 -2.13 -4.62
C MET A 93 4.54 -0.96 -5.10
N LEU A 94 5.17 0.01 -5.70
CA LEU A 94 4.40 1.17 -6.22
C LEU A 94 3.47 0.70 -7.32
N ASN A 95 3.93 -0.18 -8.16
CA ASN A 95 3.07 -0.70 -9.26
C ASN A 95 1.88 -1.45 -8.65
N PHE A 96 2.13 -2.23 -7.63
CA PHE A 96 1.02 -2.98 -7.00
C PHE A 96 0.06 -2.00 -6.35
N THR A 97 0.56 -1.08 -5.58
CA THR A 97 -0.32 -0.07 -4.93
C THR A 97 -1.00 0.78 -6.01
N MET A 98 -0.25 1.20 -6.99
CA MET A 98 -0.87 2.02 -8.07
C MET A 98 -1.92 1.19 -8.81
N SER A 99 -1.65 -0.08 -9.02
CA SER A 99 -2.63 -0.93 -9.73
C SER A 99 -3.92 -0.99 -8.92
N LEU A 100 -3.81 -1.21 -7.64
CA LEU A 100 -5.03 -1.26 -6.79
C LEU A 100 -5.66 0.13 -6.76
N TYR A 101 -4.86 1.15 -6.63
CA TYR A 101 -5.40 2.53 -6.60
C TYR A 101 -6.11 2.84 -7.92
N ASN A 102 -5.53 2.42 -9.02
CA ASN A 102 -6.16 2.69 -10.34
C ASN A 102 -7.53 2.00 -10.40
N GLU A 103 -7.63 0.81 -9.89
CA GLU A 103 -8.93 0.10 -9.92
C GLU A 103 -9.95 0.85 -9.07
N LYS A 104 -9.54 1.35 -7.93
CA LYS A 104 -10.49 2.09 -7.06
C LYS A 104 -10.99 3.34 -7.78
N LEU A 105 -10.11 4.08 -8.39
CA LEU A 105 -10.55 5.29 -9.12
C LEU A 105 -11.35 4.86 -10.34
N LYS A 106 -10.96 3.78 -10.96
CA LYS A 106 -11.69 3.30 -12.15
C LYS A 106 -13.14 3.02 -11.75
N GLN A 107 -13.32 2.38 -10.62
CA GLN A 107 -14.71 2.11 -10.15
C GLN A 107 -15.39 3.45 -9.86
N LEU A 108 -14.65 4.38 -9.34
CA LEU A 108 -15.22 5.73 -9.03
C LEU A 108 -15.75 6.35 -10.32
N LYS A 109 -15.11 6.04 -11.43
CA LYS A 109 -15.53 6.62 -12.73
C LYS A 109 -16.99 6.24 -13.03
N ASP A 110 -17.38 5.03 -12.72
CA ASP A 110 -18.79 4.61 -12.99
C ASP A 110 -19.09 3.27 -12.30
N GLY A 111 -18.08 2.48 -12.04
CA GLY A 111 -18.33 1.17 -11.39
C GLY A 111 -19.21 1.37 -10.15
N PRO A 112 -19.89 0.32 -9.74
CA PRO A 112 -20.80 0.38 -8.55
C PRO A 112 -20.08 0.72 -7.24
N TRP A 113 -20.69 1.50 -6.41
CA TRP A 113 -20.06 1.88 -5.12
C TRP A 113 -20.76 1.12 -3.98
N ASP A 114 -20.01 0.62 -3.04
CA ASP A 114 -20.65 -0.13 -1.92
C ASP A 114 -19.74 -0.12 -0.69
N VAL A 115 -20.25 -0.62 0.41
CA VAL A 115 -19.43 -0.65 1.66
C VAL A 115 -18.12 -1.38 1.38
N MET A 116 -18.16 -2.43 0.61
CA MET A 116 -16.91 -3.16 0.31
C MET A 116 -15.90 -2.17 -0.24
N LEU A 117 -16.33 -1.29 -1.10
CA LEU A 117 -15.41 -0.26 -1.66
C LEU A 117 -14.88 0.60 -0.51
N LYS A 118 -15.71 0.89 0.45
CA LYS A 118 -15.27 1.74 1.59
C LYS A 118 -14.06 1.11 2.27
N ARG A 119 -14.13 -0.15 2.55
CA ARG A 119 -12.99 -0.85 3.23
C ARG A 119 -11.79 -0.93 2.27
N SER A 120 -12.03 -1.15 1.01
CA SER A 120 -10.89 -1.27 0.04
C SER A 120 -10.11 0.05 -0.02
N LEU A 121 -10.78 1.16 0.03
CA LEU A 121 -10.05 2.46 -0.01
C LEU A 121 -9.16 2.58 1.23
N TRP A 122 -9.66 2.18 2.35
CA TRP A 122 -8.84 2.25 3.60
C TRP A 122 -7.61 1.36 3.43
N CYS A 123 -7.76 0.23 2.80
CA CYS A 123 -6.61 -0.69 2.61
C CYS A 123 -5.60 -0.03 1.66
N CYS A 124 -6.08 0.61 0.63
CA CYS A 124 -5.16 1.27 -0.34
C CYS A 124 -4.35 2.36 0.38
N ILE A 125 -4.99 3.10 1.24
CA ILE A 125 -4.27 4.18 1.96
C ILE A 125 -3.09 3.59 2.75
N ASP A 126 -3.29 2.47 3.38
CA ASP A 126 -2.18 1.84 4.16
C ASP A 126 -1.02 1.50 3.22
N LEU A 127 -1.31 0.99 2.06
CA LEU A 127 -0.22 0.63 1.11
C LEU A 127 0.57 1.87 0.71
N PHE A 128 -0.09 2.97 0.49
CA PHE A 128 0.64 4.21 0.10
C PHE A 128 1.56 4.66 1.24
N SER A 129 1.06 4.65 2.45
CA SER A 129 1.90 5.09 3.59
C SER A 129 3.13 4.19 3.71
N CYS A 130 2.97 2.93 3.44
CA CYS A 130 4.14 2.00 3.54
C CYS A 130 5.17 2.36 2.47
N ILE A 131 4.74 2.61 1.27
CA ILE A 131 5.70 2.95 0.19
C ILE A 131 6.50 4.20 0.57
N LEU A 132 5.86 5.18 1.12
CA LEU A 132 6.61 6.43 1.51
C LEU A 132 7.57 6.12 2.65
N HIS A 133 7.13 5.42 3.64
CA HIS A 133 8.00 5.10 4.81
C HIS A 133 9.11 4.12 4.42
N LEU A 134 8.79 3.11 3.68
CA LEU A 134 9.83 2.10 3.30
C LEU A 134 10.98 2.74 2.53
N TRP A 135 10.73 3.76 1.75
CA TRP A 135 11.84 4.38 0.99
C TRP A 135 11.70 5.90 0.93
N LYS A 136 11.69 6.56 2.06
CA LYS A 136 11.57 8.05 2.05
C LYS A 136 12.78 8.64 1.31
N GLU A 137 13.93 8.05 1.51
CA GLU A 137 15.17 8.56 0.86
C GLU A 137 15.13 8.34 -0.66
N ASN A 138 14.41 7.35 -1.12
CA ASN A 138 14.38 7.10 -2.59
C ASN A 138 13.22 7.85 -3.25
N ILE A 139 12.44 8.55 -2.47
CA ILE A 139 11.29 9.32 -3.05
C ILE A 139 11.53 10.81 -2.80
N SER A 140 11.48 11.61 -3.83
CA SER A 140 11.70 13.07 -3.67
C SER A 140 10.50 13.68 -2.95
N GLU A 141 10.68 14.84 -2.35
CA GLU A 141 9.54 15.48 -1.65
C GLU A 141 8.46 15.84 -2.65
N THR A 142 8.83 16.32 -3.80
CA THR A 142 7.81 16.69 -4.83
C THR A 142 7.05 15.43 -5.25
N SER A 143 7.76 14.37 -5.52
CA SER A 143 7.07 13.11 -5.93
C SER A 143 6.19 12.62 -4.79
N THR A 144 6.65 12.76 -3.58
CA THR A 144 5.83 12.31 -2.41
C THR A 144 4.53 13.10 -2.37
N ASN A 145 4.58 14.37 -2.66
CA ASN A 145 3.34 15.19 -2.63
C ASN A 145 2.30 14.60 -3.59
N SER A 146 2.73 14.15 -4.73
CA SER A 146 1.77 13.57 -5.70
C SER A 146 1.11 12.33 -5.07
N LEU A 147 1.88 11.55 -4.39
CA LEU A 147 1.33 10.33 -3.73
C LEU A 147 0.31 10.75 -2.67
N GLN A 148 0.60 11.78 -1.93
CA GLN A 148 -0.34 12.24 -0.87
C GLN A 148 -1.67 12.61 -1.49
N LYS A 149 -1.64 13.21 -2.66
CA LYS A 149 -2.92 13.59 -3.32
C LYS A 149 -3.73 12.32 -3.60
N ARG A 150 -3.06 11.28 -4.03
CA ARG A 150 -3.78 10.01 -4.30
C ARG A 150 -4.39 9.50 -3.00
N ILE A 151 -3.65 9.56 -1.93
CA ILE A 151 -4.18 9.11 -0.62
C ILE A 151 -5.30 10.05 -0.19
N LYS A 152 -5.05 11.33 -0.29
CA LYS A 152 -6.09 12.32 0.08
C LYS A 152 -7.32 12.14 -0.80
N TYR A 153 -7.12 11.83 -2.04
CA TYR A 153 -8.28 11.65 -2.96
C TYR A 153 -9.20 10.58 -2.37
N CYS A 154 -8.63 9.51 -1.88
CA CYS A 154 -9.49 8.45 -1.27
C CYS A 154 -10.13 9.01 -0.01
N LYS A 155 -9.39 9.73 0.77
CA LYS A 155 -9.94 10.31 2.02
C LYS A 155 -11.13 11.21 1.67
N ILE A 156 -11.00 12.02 0.66
CA ILE A 156 -12.12 12.92 0.28
C ILE A 156 -13.29 12.11 -0.31
N TYR A 157 -13.00 11.26 -1.25
CA TYR A 157 -14.09 10.45 -1.86
C TYR A 157 -14.67 9.47 -0.84
N LEU A 158 -13.85 8.92 0.00
CA LEU A 158 -14.36 7.96 1.01
C LEU A 158 -15.38 8.69 1.87
N SER A 159 -15.13 9.94 2.16
CA SER A 159 -16.07 10.72 2.99
C SER A 159 -17.39 10.93 2.23
N LYS A 160 -17.29 11.29 0.98
CA LYS A 160 -18.54 11.53 0.18
C LYS A 160 -19.36 10.24 0.14
N LEU A 161 -18.73 9.11 0.04
CA LEU A 161 -19.49 7.84 0.01
C LEU A 161 -20.31 7.72 1.28
N ALA A 162 -19.78 8.19 2.37
CA ALA A 162 -20.53 8.13 3.66
C ALA A 162 -21.77 9.03 3.58
N LYS A 163 -21.71 10.08 2.82
CA LYS A 163 -22.89 10.99 2.70
C LYS A 163 -23.91 10.35 1.76
N GLY A 164 -23.48 9.38 0.99
CA GLY A 164 -24.42 8.74 0.03
C GLY A 164 -24.44 9.57 -1.25
N GLU A 165 -23.54 10.51 -1.37
CA GLU A 165 -23.50 11.36 -2.59
C GLU A 165 -22.94 10.57 -3.77
N ILE A 166 -22.09 9.61 -3.52
CA ILE A 166 -21.52 8.81 -4.64
C ILE A 166 -22.24 7.46 -4.71
N GLY A 167 -22.69 7.07 -5.88
CA GLY A 167 -23.40 5.77 -6.00
C GLY A 167 -24.12 5.71 -7.35
N ILE B 1 15.52 -11.98 -14.73
CA ILE B 1 15.13 -12.90 -15.84
C ILE B 1 13.65 -13.23 -15.75
N ASN B 2 13.32 -14.40 -15.30
CA ASN B 2 11.89 -14.75 -15.17
C ASN B 2 11.34 -14.03 -13.95
N ILE B 3 12.01 -12.99 -13.53
CA ILE B 3 11.54 -12.22 -12.35
C ILE B 3 10.24 -11.54 -12.73
N ASP B 4 10.17 -11.00 -13.91
CA ASP B 4 8.91 -10.32 -14.33
C ASP B 4 7.84 -11.39 -14.55
N LYS B 5 8.21 -12.48 -15.16
CA LYS B 5 7.24 -13.58 -15.42
C LYS B 5 6.82 -14.19 -14.08
N LEU B 6 7.77 -14.45 -13.22
CA LEU B 6 7.46 -15.05 -11.90
C LEU B 6 6.62 -14.07 -11.08
N GLN B 7 7.03 -12.84 -11.07
CA GLN B 7 6.28 -11.81 -10.28
C GLN B 7 4.87 -11.64 -10.84
N ASP B 8 4.71 -11.74 -12.14
CA ASP B 8 3.35 -11.57 -12.73
C ASP B 8 3.31 -12.18 -14.13
N MET B 9 2.84 -11.45 -15.09
CA MET B 9 2.77 -11.97 -16.48
C MET B 9 3.89 -11.39 -17.32
N GLN B 10 3.86 -11.59 -18.61
CA GLN B 10 4.94 -11.05 -19.49
C GLN B 10 5.08 -9.54 -19.26
N ASP B 11 4.01 -8.89 -18.87
CA ASP B 11 4.09 -7.42 -18.64
C ASP B 11 5.28 -7.12 -17.73
N GLU B 12 5.88 -5.96 -17.89
CA GLU B 12 7.05 -5.60 -17.04
C GLU B 12 6.60 -4.72 -15.88
N MET B 13 7.44 -4.55 -14.90
CA MET B 13 7.06 -3.70 -13.74
C MET B 13 6.70 -2.30 -14.23
N LEU B 14 7.50 -1.76 -15.10
CA LEU B 14 7.20 -0.40 -15.64
C LEU B 14 5.92 -0.46 -16.45
N ASP B 15 5.68 -1.55 -17.13
CA ASP B 15 4.43 -1.68 -17.92
C ASP B 15 3.24 -1.53 -16.97
N LEU B 16 3.36 -2.07 -15.78
CA LEU B 16 2.25 -1.96 -14.80
C LEU B 16 1.97 -0.47 -14.58
N ILE B 17 3.00 0.34 -14.63
CA ILE B 17 2.77 1.80 -14.42
C ILE B 17 1.98 2.33 -15.60
N GLU B 18 2.15 1.74 -16.77
CA GLU B 18 1.37 2.22 -17.94
C GLU B 18 -0.11 2.14 -17.55
N GLN B 19 -0.48 1.12 -16.84
CA GLN B 19 -1.88 0.99 -16.39
C GLN B 19 -2.20 2.22 -15.55
N GLY B 20 -1.23 2.67 -14.80
CA GLY B 20 -1.45 3.88 -13.97
C GLY B 20 -1.75 5.05 -14.90
N ASP B 21 -1.19 5.05 -16.08
CA ASP B 21 -1.48 6.15 -17.04
C ASP B 21 -2.99 6.22 -17.23
N GLU B 22 -3.62 5.09 -17.31
CA GLU B 22 -5.11 5.07 -17.48
C GLU B 22 -5.74 5.77 -16.28
N LEU B 23 -5.14 5.63 -15.12
CA LEU B 23 -5.70 6.29 -13.90
C LEU B 23 -5.85 7.78 -14.18
N GLN B 24 -4.85 8.38 -14.77
CA GLN B 24 -4.94 9.83 -15.09
C GLN B 24 -6.10 10.07 -16.04
N GLU B 25 -6.25 9.20 -16.99
CA GLU B 25 -7.36 9.34 -17.98
C GLU B 25 -8.70 9.27 -17.25
N VAL B 26 -8.81 8.41 -16.27
CA VAL B 26 -10.09 8.29 -15.53
C VAL B 26 -10.40 9.59 -14.79
N LEU B 27 -9.47 10.10 -14.04
CA LEU B 27 -9.72 11.36 -13.30
C LEU B 27 -9.87 12.50 -14.31
N ALA B 28 -9.17 12.43 -15.40
CA ALA B 28 -9.26 13.52 -16.42
C ALA B 28 -10.70 13.60 -16.94
N MET B 29 -11.33 12.49 -17.20
CA MET B 29 -12.73 12.53 -17.70
C MET B 29 -13.65 13.14 -16.64
N ASN B 30 -13.39 12.84 -15.39
CA ASN B 30 -14.26 13.40 -14.31
C ASN B 30 -14.18 14.93 -14.35
N ASN B 31 -13.02 15.46 -14.60
CA ASN B 31 -12.87 16.94 -14.65
C ASN B 31 -11.38 17.30 -14.59
N ASN B 32 -10.81 17.72 -15.68
CA ASN B 32 -9.37 18.09 -15.66
C ASN B 32 -9.13 19.19 -14.63
N SER B 33 -10.07 20.08 -14.49
CA SER B 33 -9.92 21.17 -13.48
C SER B 33 -10.32 20.63 -12.11
N GLY B 34 -10.70 19.38 -12.05
CA GLY B 34 -11.11 18.80 -10.74
C GLY B 34 -9.93 18.86 -9.76
N GLU B 35 -9.94 19.83 -8.89
CA GLU B 35 -8.83 19.96 -7.90
C GLU B 35 -9.39 19.74 -6.49
N LEU B 36 -8.58 19.27 -5.58
CA LEU B 36 -9.06 19.03 -4.20
C LEU B 36 -9.67 20.32 -3.64
N ASP B 37 -9.15 21.45 -4.03
CA ASP B 37 -9.70 22.74 -3.53
C ASP B 37 -11.18 22.84 -3.90
N ASP B 38 -11.56 22.25 -4.99
CA ASP B 38 -12.99 22.32 -5.42
C ASP B 38 -13.83 21.38 -4.54
N ILE B 39 -13.21 20.42 -3.92
CA ILE B 39 -13.97 19.47 -3.07
C ILE B 39 -13.76 19.85 -1.59
N SER B 40 -14.83 19.94 -0.84
CA SER B 40 -14.72 20.34 0.59
C SER B 40 -13.79 19.37 1.35
N ASP B 41 -12.52 19.44 1.10
CA ASP B 41 -11.56 18.53 1.79
C ASP B 41 -11.56 18.79 3.30
N ALA B 42 -11.69 20.02 3.71
CA ALA B 42 -11.64 20.34 5.17
C ALA B 42 -12.81 19.72 5.93
N GLU B 43 -14.01 19.88 5.47
CA GLU B 43 -15.18 19.30 6.21
C GLU B 43 -15.17 17.78 6.05
N LEU B 44 -14.91 17.32 4.87
CA LEU B 44 -14.90 15.86 4.62
C LEU B 44 -13.82 15.18 5.45
N ASP B 45 -12.68 15.80 5.59
CA ASP B 45 -11.59 15.18 6.38
C ASP B 45 -12.02 14.98 7.83
N ALA B 46 -12.67 15.95 8.41
CA ALA B 46 -13.10 15.81 9.83
C ALA B 46 -14.17 14.72 9.95
N GLU B 47 -15.09 14.68 9.02
CA GLU B 47 -16.16 13.66 9.08
C GLU B 47 -15.58 12.26 8.88
N LEU B 48 -14.60 12.12 8.02
CA LEU B 48 -14.02 10.77 7.80
C LEU B 48 -13.27 10.30 9.04
N ASP B 49 -12.64 11.18 9.75
CA ASP B 49 -11.90 10.76 10.95
C ASP B 49 -12.88 10.14 11.94
N ALA B 50 -14.06 10.67 12.03
CA ALA B 50 -15.06 10.07 12.96
C ALA B 50 -15.51 8.73 12.36
N LEU B 51 -15.72 8.68 11.07
CA LEU B 51 -16.16 7.41 10.42
C LEU B 51 -15.03 6.38 10.49
N ALA B 52 -13.81 6.81 10.35
CA ALA B 52 -12.68 5.85 10.40
C ALA B 52 -12.71 5.08 11.72
N GLN B 53 -12.94 5.77 12.80
CA GLN B 53 -12.98 5.08 14.12
C GLN B 53 -14.11 4.04 14.12
N GLU B 54 -15.20 4.36 13.47
CA GLU B 54 -16.34 3.39 13.43
C GLU B 54 -16.00 2.20 12.55
N ASP B 55 -15.44 2.46 11.40
CA ASP B 55 -15.08 1.34 10.47
C ASP B 55 -13.91 0.54 11.04
N PHE B 56 -12.99 1.20 11.67
CA PHE B 56 -11.82 0.51 12.25
C PHE B 56 -12.18 -0.06 13.62
N THR B 57 -11.31 -0.81 14.22
CA THR B 57 -11.61 -1.38 15.56
C THR B 57 -10.74 -0.69 16.60
N LEU B 58 -11.34 -0.07 17.57
CA LEU B 58 -10.55 0.60 18.61
C LEU B 58 -10.29 -0.39 19.75
N PRO B 59 -9.14 -0.35 20.36
CA PRO B 59 -8.79 -1.27 21.48
C PRO B 59 -9.96 -1.48 22.44
N MET A 1 -3.08 6.39 14.41
CA MET A 1 -1.59 6.37 14.26
C MET A 1 -1.07 4.96 14.57
N ALA A 2 -0.86 4.65 15.81
CA ALA A 2 -0.36 3.30 16.17
C ALA A 2 -1.37 2.24 15.74
N SER A 3 -2.63 2.55 15.84
CA SER A 3 -3.68 1.55 15.43
C SER A 3 -3.50 1.21 13.96
N ASN A 4 -3.13 2.18 13.15
CA ASN A 4 -2.93 1.90 11.70
C ASN A 4 -1.84 0.86 11.52
N ALA A 5 -0.82 0.90 12.35
CA ALA A 5 0.28 -0.09 12.24
C ALA A 5 -0.27 -1.49 12.47
N ALA A 6 -1.17 -1.65 13.40
CA ALA A 6 -1.73 -3.00 13.68
C ALA A 6 -2.53 -3.50 12.47
N ARG A 7 -3.34 -2.66 11.89
CA ARG A 7 -4.13 -3.09 10.70
C ARG A 7 -3.19 -3.53 9.60
N VAL A 8 -2.13 -2.79 9.41
CA VAL A 8 -1.16 -3.16 8.33
C VAL A 8 -0.60 -4.55 8.61
N VAL A 9 -0.31 -4.85 9.85
CA VAL A 9 0.22 -6.19 10.18
C VAL A 9 -0.82 -7.25 9.83
N ALA A 10 -2.04 -7.05 10.24
CA ALA A 10 -3.10 -8.04 9.92
C ALA A 10 -3.34 -8.04 8.42
N THR A 11 -3.41 -6.88 7.84
CA THR A 11 -3.62 -6.80 6.37
C THR A 11 -2.44 -7.50 5.67
N ALA A 12 -1.26 -7.32 6.20
CA ALA A 12 -0.07 -7.98 5.58
C ALA A 12 -0.29 -9.50 5.58
N LYS A 13 -0.86 -10.01 6.64
CA LYS A 13 -1.12 -11.48 6.70
C LYS A 13 -2.05 -11.88 5.56
N ASP A 14 -2.94 -11.00 5.18
CA ASP A 14 -3.88 -11.32 4.07
C ASP A 14 -3.08 -11.58 2.80
N PHE A 15 -2.03 -10.83 2.57
CA PHE A 15 -1.22 -11.06 1.36
C PHE A 15 -0.60 -12.46 1.42
N ASP A 16 -0.10 -12.86 2.56
CA ASP A 16 0.48 -14.22 2.67
C ASP A 16 -0.64 -15.22 2.38
N LYS A 17 -1.81 -14.95 2.91
CA LYS A 17 -2.98 -15.84 2.66
C LYS A 17 -3.29 -15.83 1.17
N VAL A 18 -2.99 -14.75 0.51
CA VAL A 18 -3.27 -14.65 -0.95
C VAL A 18 -2.08 -15.22 -1.74
N GLY A 19 -1.00 -15.50 -1.06
CA GLY A 19 0.19 -16.06 -1.77
C GLY A 19 1.16 -14.95 -2.17
N LEU A 20 0.89 -13.74 -1.77
CA LEU A 20 1.80 -12.61 -2.11
C LEU A 20 2.61 -12.23 -0.87
N GLY A 21 3.35 -13.17 -0.34
CA GLY A 21 4.17 -12.88 0.88
C GLY A 21 5.13 -11.73 0.61
N ILE A 22 5.59 -11.57 -0.60
CA ILE A 22 6.53 -10.47 -0.90
C ILE A 22 5.90 -9.13 -0.51
N ILE A 23 4.65 -8.93 -0.83
CA ILE A 23 3.99 -7.64 -0.45
C ILE A 23 3.85 -7.59 1.06
N GLY A 24 3.38 -8.65 1.65
CA GLY A 24 3.23 -8.68 3.14
C GLY A 24 4.60 -8.56 3.80
N TYR A 25 5.61 -9.08 3.16
CA TYR A 25 6.98 -9.00 3.74
C TYR A 25 7.38 -7.55 3.96
N TYR A 26 7.18 -6.71 2.98
CA TYR A 26 7.53 -5.28 3.17
C TYR A 26 6.63 -4.64 4.22
N LEU A 27 5.38 -5.06 4.28
CA LEU A 27 4.46 -4.47 5.29
C LEU A 27 4.97 -4.81 6.69
N GLN A 28 5.50 -5.98 6.88
CA GLN A 28 6.01 -6.36 8.24
C GLN A 28 7.07 -5.35 8.66
N LEU A 29 7.93 -4.97 7.76
CA LEU A 29 8.98 -3.97 8.12
C LEU A 29 8.31 -2.63 8.40
N TYR A 30 7.29 -2.31 7.66
CA TYR A 30 6.57 -1.02 7.86
C TYR A 30 5.98 -0.95 9.28
N ALA A 31 5.34 -2.00 9.72
CA ALA A 31 4.74 -1.97 11.09
C ALA A 31 5.84 -1.87 12.15
N VAL A 32 6.95 -2.51 11.93
CA VAL A 32 8.06 -2.45 12.94
C VAL A 32 8.53 -1.01 13.10
N GLU A 33 8.77 -0.33 12.03
CA GLU A 33 9.25 1.08 12.13
C GLU A 33 8.16 1.95 12.75
N LEU A 34 6.92 1.65 12.51
CA LEU A 34 5.83 2.48 13.09
C LEU A 34 5.89 2.42 14.62
N ILE A 35 6.07 1.24 15.16
CA ILE A 35 6.14 1.11 16.64
C ILE A 35 7.39 1.84 17.15
N LEU A 36 8.50 1.64 16.51
CA LEU A 36 9.75 2.32 16.94
C LEU A 36 9.60 3.83 16.77
N SER A 37 8.93 4.24 15.74
CA SER A 37 8.74 5.70 15.50
C SER A 37 7.84 6.25 16.58
N GLU A 38 7.18 5.38 17.30
CA GLU A 38 6.27 5.86 18.38
C GLU A 38 7.05 5.95 19.70
N GLU A 39 7.06 7.10 20.31
CA GLU A 39 7.79 7.25 21.60
C GLU A 39 7.11 6.43 22.69
N ASP A 40 5.81 6.34 22.67
CA ASP A 40 5.10 5.55 23.71
C ASP A 40 5.06 4.08 23.30
N ARG A 41 5.52 3.22 24.17
CA ARG A 41 5.50 1.76 23.85
C ARG A 41 5.10 0.97 25.09
N SER A 42 4.37 -0.09 24.91
CA SER A 42 3.95 -0.93 26.06
C SER A 42 4.61 -2.30 25.93
N GLN A 43 4.70 -3.04 27.00
CA GLN A 43 5.35 -4.37 26.90
C GLN A 43 4.70 -5.15 25.76
N GLU A 44 3.42 -4.96 25.57
CA GLU A 44 2.72 -5.70 24.47
C GLU A 44 3.17 -5.14 23.12
N MET A 45 3.25 -3.83 22.98
CA MET A 45 3.67 -3.25 21.67
C MET A 45 5.16 -3.53 21.44
N THR A 46 5.96 -3.41 22.46
CA THR A 46 7.42 -3.67 22.29
C THR A 46 7.64 -5.13 21.88
N ALA A 47 6.95 -6.03 22.50
CA ALA A 47 7.12 -7.47 22.16
C ALA A 47 6.59 -7.74 20.75
N LEU A 48 5.56 -7.05 20.35
CA LEU A 48 5.00 -7.27 18.98
C LEU A 48 6.06 -6.91 17.93
N ALA A 49 6.79 -5.85 18.14
CA ALA A 49 7.83 -5.47 17.15
C ALA A 49 8.92 -6.53 17.10
N THR A 50 9.28 -7.08 18.23
CA THR A 50 10.33 -8.13 18.25
C THR A 50 9.89 -9.35 17.44
N GLU A 51 8.68 -9.79 17.62
CA GLU A 51 8.20 -10.98 16.87
C GLU A 51 8.29 -10.72 15.36
N LEU A 52 7.99 -9.53 14.93
CA LEU A 52 8.06 -9.21 13.48
C LEU A 52 9.51 -9.34 12.99
N LEU A 53 10.47 -8.93 13.77
CA LEU A 53 11.89 -9.05 13.33
C LEU A 53 12.21 -10.51 13.03
N ASP A 54 11.73 -11.41 13.85
CA ASP A 54 12.00 -12.84 13.61
C ASP A 54 11.38 -13.27 12.28
N THR A 55 10.18 -12.82 12.01
CA THR A 55 9.52 -13.20 10.73
C THR A 55 10.31 -12.64 9.55
N ILE A 56 10.74 -11.40 9.63
CA ILE A 56 11.51 -10.82 8.49
C ILE A 56 12.71 -11.71 8.19
N GLU A 57 13.48 -12.03 9.18
CA GLU A 57 14.67 -12.90 8.95
C GLU A 57 14.23 -14.26 8.42
N ALA A 58 13.14 -14.78 8.93
CA ALA A 58 12.65 -16.10 8.45
C ALA A 58 12.21 -15.97 6.99
N PHE A 59 11.54 -14.90 6.66
CA PHE A 59 11.09 -14.70 5.25
C PHE A 59 12.29 -14.44 4.36
N LYS A 60 13.14 -13.54 4.76
CA LYS A 60 14.34 -13.22 3.93
C LYS A 60 15.24 -14.46 3.85
N LYS A 61 15.38 -15.17 4.94
CA LYS A 61 16.22 -16.39 4.92
C LYS A 61 15.60 -17.40 3.95
N GLU A 62 14.30 -17.41 3.86
CA GLU A 62 13.62 -18.35 2.92
C GLU A 62 14.11 -18.08 1.50
N ILE A 63 14.44 -16.86 1.21
CA ILE A 63 14.90 -16.50 -0.17
C ILE A 63 16.28 -15.84 -0.09
N GLY A 64 16.91 -15.86 1.06
CA GLY A 64 18.24 -15.24 1.18
C GLY A 64 19.18 -15.80 0.11
N GLY A 65 19.08 -17.06 -0.19
CA GLY A 65 19.95 -17.67 -1.23
C GLY A 65 21.20 -18.27 -0.59
N GLU A 66 21.30 -18.25 0.71
CA GLU A 66 22.50 -18.84 1.37
C GLU A 66 22.57 -20.33 1.04
N SER A 67 21.44 -20.98 0.98
CA SER A 67 21.42 -22.44 0.67
C SER A 67 20.31 -22.69 -0.36
N GLU A 68 19.28 -21.89 -0.33
CA GLU A 68 18.17 -22.06 -1.29
C GLU A 68 18.70 -21.83 -2.70
N ALA A 69 19.67 -20.96 -2.83
CA ALA A 69 20.24 -20.67 -4.17
C ALA A 69 20.85 -21.95 -4.76
N GLU A 70 21.44 -22.76 -3.93
CA GLU A 70 22.04 -24.03 -4.46
C GLU A 70 20.94 -24.82 -5.17
N ASP A 71 19.79 -24.91 -4.58
CA ASP A 71 18.66 -25.64 -5.22
C ASP A 71 18.28 -24.91 -6.51
N SER A 72 18.28 -23.61 -6.46
CA SER A 72 17.92 -22.80 -7.65
C SER A 72 18.51 -21.40 -7.47
N ASP A 73 19.68 -21.15 -8.00
CA ASP A 73 20.30 -19.82 -7.85
C ASP A 73 19.94 -18.94 -9.04
N LYS A 74 19.08 -19.41 -9.89
CA LYS A 74 18.69 -18.60 -11.07
C LYS A 74 17.40 -17.82 -10.78
N SER A 75 16.29 -18.50 -10.77
CA SER A 75 14.98 -17.81 -10.52
C SER A 75 14.91 -17.29 -9.08
N LEU A 76 15.41 -18.01 -8.12
CA LEU A 76 15.32 -17.52 -6.71
C LEU A 76 16.27 -16.33 -6.52
N HIS A 77 17.40 -16.37 -7.16
CA HIS A 77 18.37 -15.24 -7.01
C HIS A 77 17.71 -13.95 -7.49
N VAL A 78 17.06 -13.97 -8.61
CA VAL A 78 16.40 -12.74 -9.10
C VAL A 78 15.31 -12.35 -8.10
N MET A 79 14.57 -13.30 -7.61
CA MET A 79 13.51 -12.99 -6.64
C MET A 79 14.15 -12.31 -5.44
N ASN A 80 15.33 -12.73 -5.08
CA ASN A 80 16.03 -12.09 -3.94
C ASN A 80 16.23 -10.62 -4.28
N THR A 81 16.43 -10.30 -5.53
CA THR A 81 16.60 -8.87 -5.91
C THR A 81 15.37 -8.12 -5.43
N LEU A 82 14.22 -8.72 -5.53
CA LEU A 82 12.97 -8.05 -5.07
C LEU A 82 13.09 -7.73 -3.58
N ILE A 83 13.63 -8.64 -2.79
CA ILE A 83 13.76 -8.38 -1.33
C ILE A 83 15.03 -7.60 -0.99
N HIS A 84 16.14 -7.99 -1.56
CA HIS A 84 17.42 -7.29 -1.26
C HIS A 84 17.47 -5.92 -1.91
N ASP A 85 17.12 -5.80 -3.16
CA ASP A 85 17.18 -4.47 -3.83
C ASP A 85 15.92 -3.67 -3.47
N GLN A 86 16.05 -2.75 -2.55
CA GLN A 86 14.87 -1.93 -2.13
C GLN A 86 14.40 -1.06 -3.30
N GLU A 87 15.31 -0.55 -4.08
CA GLU A 87 14.92 0.32 -5.22
C GLU A 87 14.05 -0.46 -6.22
N LYS A 88 14.48 -1.63 -6.60
CA LYS A 88 13.68 -2.43 -7.57
C LYS A 88 12.36 -2.83 -6.93
N ALA A 89 12.38 -3.23 -5.68
CA ALA A 89 11.12 -3.62 -5.00
C ALA A 89 10.21 -2.39 -4.91
N LYS A 90 10.78 -1.24 -4.69
CA LYS A 90 9.96 0.00 -4.59
C LYS A 90 9.07 0.12 -5.83
N ILE A 91 9.63 -0.08 -6.99
CA ILE A 91 8.82 0.03 -8.23
C ILE A 91 7.70 -1.01 -8.22
N TYR A 92 8.02 -2.23 -7.89
CA TYR A 92 6.96 -3.28 -7.87
C TYR A 92 5.91 -2.93 -6.83
N MET A 93 6.33 -2.50 -5.67
CA MET A 93 5.34 -2.14 -4.61
C MET A 93 4.51 -0.96 -5.11
N LEU A 94 5.15 0.01 -5.71
CA LEU A 94 4.40 1.18 -6.22
C LEU A 94 3.43 0.72 -7.30
N ASN A 95 3.86 -0.16 -8.16
CA ASN A 95 2.97 -0.65 -9.23
C ASN A 95 1.77 -1.38 -8.61
N PHE A 96 2.01 -2.16 -7.58
CA PHE A 96 0.89 -2.88 -6.93
C PHE A 96 -0.04 -1.86 -6.30
N THR A 97 0.49 -0.94 -5.54
CA THR A 97 -0.37 0.09 -4.91
C THR A 97 -1.04 0.92 -6.00
N MET A 98 -0.29 1.34 -6.98
CA MET A 98 -0.89 2.13 -8.07
C MET A 98 -1.93 1.30 -8.81
N SER A 99 -1.67 0.04 -9.01
CA SER A 99 -2.65 -0.82 -9.72
C SER A 99 -3.93 -0.90 -8.89
N LEU A 100 -3.81 -1.11 -7.61
CA LEU A 100 -5.03 -1.17 -6.75
C LEU A 100 -5.65 0.22 -6.71
N TYR A 101 -4.85 1.23 -6.56
CA TYR A 101 -5.38 2.62 -6.52
C TYR A 101 -6.05 2.95 -7.84
N ASN A 102 -5.48 2.56 -8.94
CA ASN A 102 -6.08 2.85 -10.26
C ASN A 102 -7.46 2.18 -10.38
N GLU A 103 -7.59 0.99 -9.88
CA GLU A 103 -8.91 0.29 -9.98
C GLU A 103 -9.96 1.04 -9.17
N LYS A 104 -9.60 1.55 -8.03
CA LYS A 104 -10.60 2.30 -7.20
C LYS A 104 -11.06 3.54 -7.95
N LEU A 105 -10.14 4.29 -8.52
CA LEU A 105 -10.56 5.50 -9.26
C LEU A 105 -11.34 5.07 -10.50
N LYS A 106 -10.94 3.97 -11.10
CA LYS A 106 -11.66 3.47 -12.30
C LYS A 106 -13.10 3.17 -11.89
N GLN A 107 -13.27 2.51 -10.78
CA GLN A 107 -14.65 2.19 -10.31
C GLN A 107 -15.37 3.51 -10.03
N LEU A 108 -14.67 4.48 -9.52
CA LEU A 108 -15.30 5.79 -9.24
C LEU A 108 -15.88 6.34 -10.54
N LYS A 109 -15.23 6.04 -11.63
CA LYS A 109 -15.71 6.53 -12.95
C LYS A 109 -17.13 6.03 -13.22
N ASP A 110 -17.43 4.80 -12.86
CA ASP A 110 -18.80 4.27 -13.10
C ASP A 110 -19.01 2.95 -12.35
N GLY A 111 -17.96 2.26 -11.99
CA GLY A 111 -18.13 0.96 -11.26
C GLY A 111 -19.06 1.15 -10.06
N PRO A 112 -19.66 0.08 -9.61
CA PRO A 112 -20.60 0.10 -8.45
C PRO A 112 -19.93 0.54 -7.15
N TRP A 113 -20.60 1.35 -6.37
CA TRP A 113 -20.02 1.82 -5.08
C TRP A 113 -20.72 1.10 -3.94
N ASP A 114 -19.99 0.62 -2.95
CA ASP A 114 -20.66 -0.08 -1.82
C ASP A 114 -19.76 -0.05 -0.58
N VAL A 115 -20.28 -0.48 0.52
CA VAL A 115 -19.48 -0.51 1.77
C VAL A 115 -18.20 -1.30 1.55
N MET A 116 -18.28 -2.38 0.81
CA MET A 116 -17.04 -3.18 0.57
C MET A 116 -15.97 -2.27 -0.02
N LEU A 117 -16.34 -1.41 -0.93
CA LEU A 117 -15.35 -0.47 -1.52
C LEU A 117 -14.80 0.43 -0.42
N LYS A 118 -15.63 0.80 0.52
CA LYS A 118 -15.18 1.69 1.62
C LYS A 118 -14.01 1.05 2.37
N ARG A 119 -14.12 -0.20 2.70
CA ARG A 119 -13.00 -0.88 3.42
C ARG A 119 -11.78 -1.01 2.50
N SER A 120 -12.01 -1.31 1.26
CA SER A 120 -10.86 -1.47 0.31
C SER A 120 -10.12 -0.13 0.17
N LEU A 121 -10.84 0.96 0.12
CA LEU A 121 -10.16 2.27 -0.01
C LEU A 121 -9.27 2.51 1.21
N TRP A 122 -9.72 2.14 2.37
CA TRP A 122 -8.90 2.32 3.59
C TRP A 122 -7.64 1.44 3.47
N CYS A 123 -7.80 0.27 2.93
CA CYS A 123 -6.63 -0.64 2.78
C CYS A 123 -5.63 -0.03 1.79
N CYS A 124 -6.13 0.56 0.74
CA CYS A 124 -5.22 1.18 -0.26
C CYS A 124 -4.42 2.30 0.39
N ILE A 125 -5.06 3.08 1.22
CA ILE A 125 -4.34 4.20 1.88
C ILE A 125 -3.14 3.67 2.69
N ASP A 126 -3.32 2.58 3.38
CA ASP A 126 -2.19 2.03 4.18
C ASP A 126 -1.02 1.67 3.26
N LEU A 127 -1.32 1.13 2.10
CA LEU A 127 -0.22 0.76 1.16
C LEU A 127 0.55 2.00 0.72
N PHE A 128 -0.12 3.09 0.50
CA PHE A 128 0.61 4.32 0.05
C PHE A 128 1.54 4.81 1.16
N SER A 129 1.08 4.83 2.38
CA SER A 129 1.95 5.31 3.48
C SER A 129 3.16 4.38 3.62
N CYS A 130 2.98 3.11 3.41
CA CYS A 130 4.13 2.17 3.53
C CYS A 130 5.18 2.48 2.46
N ILE A 131 4.76 2.73 1.25
CA ILE A 131 5.75 3.03 0.18
C ILE A 131 6.58 4.25 0.55
N LEU A 132 5.97 5.29 1.03
CA LEU A 132 6.75 6.50 1.41
C LEU A 132 7.64 6.19 2.62
N HIS A 133 7.11 5.48 3.58
CA HIS A 133 7.90 5.15 4.80
C HIS A 133 9.00 4.13 4.47
N LEU A 134 8.69 3.12 3.72
CA LEU A 134 9.70 2.08 3.38
C LEU A 134 10.86 2.68 2.57
N TRP A 135 10.60 3.64 1.73
CA TRP A 135 11.72 4.21 0.92
C TRP A 135 11.57 5.73 0.80
N LYS A 136 11.48 6.43 1.91
CA LYS A 136 11.36 7.91 1.84
C LYS A 136 12.63 8.51 1.24
N GLU A 137 13.76 7.94 1.58
CA GLU A 137 15.06 8.46 1.05
C GLU A 137 15.16 8.23 -0.45
N ASN A 138 14.48 7.25 -0.98
CA ASN A 138 14.58 6.99 -2.45
C ASN A 138 13.49 7.76 -3.20
N ILE A 139 12.69 8.51 -2.49
CA ILE A 139 11.62 9.29 -3.17
C ILE A 139 11.86 10.79 -2.94
N SER A 140 11.82 11.57 -3.98
CA SER A 140 12.06 13.03 -3.81
C SER A 140 10.86 13.66 -3.08
N GLU A 141 11.04 14.81 -2.50
CA GLU A 141 9.92 15.47 -1.77
C GLU A 141 8.82 15.83 -2.77
N THR A 142 9.19 16.26 -3.95
CA THR A 142 8.16 16.63 -4.96
C THR A 142 7.37 15.38 -5.35
N SER A 143 8.03 14.28 -5.58
CA SER A 143 7.32 13.03 -5.96
C SER A 143 6.41 12.60 -4.81
N THR A 144 6.88 12.74 -3.61
CA THR A 144 6.06 12.33 -2.43
C THR A 144 4.77 13.16 -2.40
N ASN A 145 4.87 14.43 -2.71
CA ASN A 145 3.66 15.29 -2.68
C ASN A 145 2.60 14.72 -3.62
N SER A 146 3.00 14.25 -4.77
CA SER A 146 2.02 13.68 -5.73
C SER A 146 1.34 12.46 -5.10
N LEU A 147 2.10 11.65 -4.41
CA LEU A 147 1.52 10.45 -3.77
C LEU A 147 0.55 10.87 -2.66
N GLN A 148 0.92 11.86 -1.90
CA GLN A 148 0.02 12.32 -0.80
C GLN A 148 -1.29 12.82 -1.40
N LYS A 149 -1.24 13.48 -2.52
CA LYS A 149 -2.49 13.99 -3.15
C LYS A 149 -3.37 12.80 -3.51
N ARG A 150 -2.79 11.75 -4.02
CA ARG A 150 -3.61 10.55 -4.39
C ARG A 150 -4.30 10.01 -3.14
N ILE A 151 -3.59 9.95 -2.04
CA ILE A 151 -4.22 9.44 -0.79
C ILE A 151 -5.33 10.40 -0.37
N LYS A 152 -5.07 11.68 -0.50
CA LYS A 152 -6.10 12.69 -0.11
C LYS A 152 -7.35 12.51 -0.96
N TYR A 153 -7.18 12.22 -2.22
CA TYR A 153 -8.36 12.04 -3.11
C TYR A 153 -9.25 10.93 -2.54
N CYS A 154 -8.67 9.85 -2.11
CA CYS A 154 -9.48 8.75 -1.54
C CYS A 154 -10.14 9.23 -0.24
N LYS A 155 -9.41 9.97 0.55
CA LYS A 155 -10.00 10.49 1.81
C LYS A 155 -11.23 11.33 1.51
N ILE A 156 -11.15 12.18 0.52
CA ILE A 156 -12.32 13.03 0.17
C ILE A 156 -13.46 12.19 -0.42
N TYR A 157 -13.17 11.38 -1.39
CA TYR A 157 -14.23 10.55 -2.02
C TYR A 157 -14.75 9.52 -1.01
N LEU A 158 -13.90 9.00 -0.18
CA LEU A 158 -14.36 8.00 0.81
C LEU A 158 -15.43 8.64 1.69
N SER A 159 -15.27 9.91 1.99
CA SER A 159 -16.29 10.60 2.83
C SER A 159 -17.61 10.75 2.07
N LYS A 160 -17.53 11.15 0.82
CA LYS A 160 -18.78 11.32 0.02
C LYS A 160 -19.49 9.98 -0.12
N LEU A 161 -18.75 8.91 -0.29
CA LEU A 161 -19.39 7.58 -0.44
C LEU A 161 -20.22 7.27 0.81
N ALA A 162 -19.74 7.67 1.96
CA ALA A 162 -20.48 7.41 3.21
C ALA A 162 -21.77 8.25 3.25
N LYS A 163 -21.78 9.36 2.57
CA LYS A 163 -23.00 10.22 2.58
C LYS A 163 -24.03 9.63 1.63
N GLY A 164 -23.62 8.74 0.76
CA GLY A 164 -24.58 8.14 -0.20
C GLY A 164 -24.71 9.09 -1.39
N GLU A 165 -23.85 10.07 -1.47
CA GLU A 165 -23.91 11.03 -2.60
C GLU A 165 -23.36 10.38 -3.86
N ILE A 166 -22.48 9.42 -3.73
CA ILE A 166 -21.93 8.74 -4.93
C ILE A 166 -22.61 7.39 -5.10
N GLY A 167 -23.17 7.14 -6.25
CA GLY A 167 -23.87 5.84 -6.47
C GLY A 167 -25.03 6.04 -7.45
N ILE B 1 15.19 -11.82 -14.78
CA ILE B 1 14.68 -12.60 -15.94
C ILE B 1 13.18 -12.85 -15.75
N ASN B 2 12.81 -14.05 -15.40
CA ASN B 2 11.38 -14.32 -15.18
C ASN B 2 10.96 -13.66 -13.87
N ILE B 3 11.72 -12.70 -13.44
CA ILE B 3 11.36 -11.99 -12.19
C ILE B 3 10.05 -11.28 -12.40
N ASP B 4 9.87 -10.68 -13.55
CA ASP B 4 8.60 -9.99 -13.83
C ASP B 4 7.50 -11.02 -14.04
N LYS B 5 7.82 -12.07 -14.74
CA LYS B 5 6.84 -13.14 -15.02
C LYS B 5 6.46 -13.86 -13.72
N LEU B 6 7.43 -14.12 -12.89
CA LEU B 6 7.17 -14.84 -11.60
C LEU B 6 6.27 -14.00 -10.71
N GLN B 7 6.58 -12.75 -10.56
CA GLN B 7 5.74 -11.87 -9.70
C GLN B 7 4.38 -11.66 -10.34
N ASP B 8 4.32 -11.53 -11.64
CA ASP B 8 3.02 -11.32 -12.31
C ASP B 8 3.14 -11.61 -13.81
N MET B 9 2.04 -11.77 -14.48
CA MET B 9 2.08 -12.05 -15.95
C MET B 9 2.76 -10.89 -16.68
N GLN B 10 2.61 -9.69 -16.18
CA GLN B 10 3.23 -8.52 -16.87
C GLN B 10 4.73 -8.79 -17.09
N ASP B 11 5.18 -8.66 -18.31
CA ASP B 11 6.61 -8.90 -18.60
C ASP B 11 7.49 -7.85 -17.93
N GLU B 12 7.07 -6.61 -17.89
CA GLU B 12 7.90 -5.54 -17.26
C GLU B 12 7.09 -4.79 -16.20
N MET B 13 7.72 -4.48 -15.09
CA MET B 13 7.00 -3.74 -14.01
C MET B 13 6.59 -2.35 -14.53
N LEU B 14 7.42 -1.75 -15.33
CA LEU B 14 7.10 -0.40 -15.86
C LEU B 14 5.76 -0.47 -16.60
N ASP B 15 5.46 -1.58 -17.22
CA ASP B 15 4.17 -1.70 -17.94
C ASP B 15 3.03 -1.49 -16.94
N LEU B 16 3.18 -1.99 -15.74
CA LEU B 16 2.11 -1.80 -14.73
C LEU B 16 1.88 -0.30 -14.54
N ILE B 17 2.92 0.48 -14.65
CA ILE B 17 2.74 1.94 -14.48
C ILE B 17 1.93 2.47 -15.66
N GLU B 18 2.03 1.84 -16.80
CA GLU B 18 1.22 2.29 -17.96
C GLU B 18 -0.25 2.25 -17.55
N GLN B 19 -0.61 1.24 -16.80
CA GLN B 19 -2.01 1.14 -16.32
C GLN B 19 -2.30 2.40 -15.51
N GLY B 20 -1.31 2.87 -14.79
CA GLY B 20 -1.50 4.10 -13.98
C GLY B 20 -1.83 5.25 -14.94
N ASP B 21 -1.28 5.23 -16.13
CA ASP B 21 -1.60 6.31 -17.09
C ASP B 21 -3.11 6.35 -17.26
N GLU B 22 -3.74 5.20 -17.29
CA GLU B 22 -5.23 5.17 -17.42
C GLU B 22 -5.85 5.90 -16.23
N LEU B 23 -5.23 5.80 -15.08
CA LEU B 23 -5.80 6.48 -13.88
C LEU B 23 -5.98 7.97 -14.20
N GLN B 24 -5.01 8.57 -14.81
CA GLN B 24 -5.13 10.00 -15.18
C GLN B 24 -6.29 10.18 -16.15
N GLU B 25 -6.45 9.27 -17.06
CA GLU B 25 -7.56 9.38 -18.05
C GLU B 25 -8.91 9.33 -17.31
N VAL B 26 -9.01 8.51 -16.30
CA VAL B 26 -10.30 8.41 -15.56
C VAL B 26 -10.62 9.74 -14.87
N LEU B 27 -9.68 10.27 -14.14
CA LEU B 27 -9.95 11.55 -13.44
C LEU B 27 -10.09 12.67 -14.48
N ALA B 28 -9.37 12.58 -15.56
CA ALA B 28 -9.47 13.64 -16.61
C ALA B 28 -10.88 13.63 -17.20
N MET B 29 -11.42 12.47 -17.49
CA MET B 29 -12.78 12.41 -18.07
C MET B 29 -13.82 12.84 -17.02
N ASN B 30 -13.63 12.43 -15.79
CA ASN B 30 -14.61 12.80 -14.74
C ASN B 30 -14.64 14.33 -14.59
N ASN B 31 -13.50 14.95 -14.59
CA ASN B 31 -13.45 16.43 -14.46
C ASN B 31 -12.00 16.89 -14.59
N ASN B 32 -11.63 17.43 -15.72
CA ASN B 32 -10.22 17.89 -15.90
C ASN B 32 -9.90 18.92 -14.83
N SER B 33 -10.86 19.73 -14.48
CA SER B 33 -10.62 20.76 -13.43
C SER B 33 -10.85 20.12 -12.06
N GLY B 34 -11.09 18.84 -12.03
CA GLY B 34 -11.33 18.14 -10.74
C GLY B 34 -10.15 18.38 -9.80
N GLU B 35 -10.27 19.32 -8.92
CA GLU B 35 -9.17 19.61 -7.96
C GLU B 35 -9.72 19.55 -6.53
N LEU B 36 -8.90 19.20 -5.58
CA LEU B 36 -9.38 19.13 -4.16
C LEU B 36 -9.99 20.48 -3.76
N ASP B 37 -9.44 21.55 -4.26
CA ASP B 37 -9.98 22.90 -3.91
C ASP B 37 -11.44 22.99 -4.32
N ASP B 38 -11.79 22.32 -5.39
CA ASP B 38 -13.21 22.36 -5.87
C ASP B 38 -14.08 21.49 -4.97
N ILE B 39 -13.51 20.49 -4.37
CA ILE B 39 -14.30 19.59 -3.48
C ILE B 39 -14.07 20.00 -2.02
N SER B 40 -15.12 20.16 -1.27
CA SER B 40 -14.98 20.59 0.15
C SER B 40 -14.12 19.59 0.93
N ASP B 41 -12.84 19.59 0.68
CA ASP B 41 -11.93 18.65 1.39
C ASP B 41 -11.93 18.92 2.91
N ALA B 42 -12.00 20.16 3.30
CA ALA B 42 -11.95 20.48 4.76
C ALA B 42 -13.13 19.86 5.53
N GLU B 43 -14.33 20.04 5.07
CA GLU B 43 -15.48 19.44 5.82
C GLU B 43 -15.49 17.92 5.61
N LEU B 44 -15.15 17.49 4.44
CA LEU B 44 -15.15 16.03 4.16
C LEU B 44 -14.08 15.34 5.02
N ASP B 45 -12.95 15.97 5.19
CA ASP B 45 -11.88 15.34 6.01
C ASP B 45 -12.33 15.12 7.44
N ALA B 46 -12.99 16.09 8.03
CA ALA B 46 -13.44 15.93 9.44
C ALA B 46 -14.50 14.84 9.52
N GLU B 47 -15.40 14.78 8.59
CA GLU B 47 -16.46 13.75 8.63
C GLU B 47 -15.83 12.36 8.46
N LEU B 48 -14.83 12.24 7.64
CA LEU B 48 -14.22 10.90 7.43
C LEU B 48 -13.54 10.42 8.71
N ASP B 49 -12.95 11.30 9.45
CA ASP B 49 -12.27 10.85 10.69
C ASP B 49 -13.30 10.21 11.61
N ALA B 50 -14.49 10.74 11.65
CA ALA B 50 -15.54 10.11 12.49
C ALA B 50 -15.94 8.77 11.85
N LEU B 51 -16.11 8.77 10.55
CA LEU B 51 -16.50 7.51 9.84
C LEU B 51 -15.35 6.51 9.94
N ALA B 52 -14.13 6.96 9.91
CA ALA B 52 -12.99 6.01 9.99
C ALA B 52 -13.15 5.19 11.26
N GLN B 53 -13.57 5.81 12.33
CA GLN B 53 -13.77 5.07 13.60
C GLN B 53 -14.85 4.00 13.39
N GLU B 54 -15.81 4.29 12.55
CA GLU B 54 -16.91 3.31 12.31
C GLU B 54 -16.36 2.02 11.70
N ASP B 55 -15.42 2.12 10.81
CA ASP B 55 -14.86 0.88 10.17
C ASP B 55 -13.61 0.41 10.93
N PHE B 56 -13.04 1.26 11.72
CA PHE B 56 -11.82 0.86 12.47
C PHE B 56 -12.21 0.53 13.91
N THR B 57 -11.30 -0.01 14.68
CA THR B 57 -11.61 -0.36 16.08
C THR B 57 -10.90 0.59 17.03
N LEU B 58 -11.62 1.21 17.91
CA LEU B 58 -10.99 2.14 18.87
C LEU B 58 -10.60 1.36 20.13
N PRO B 59 -9.47 1.65 20.73
CA PRO B 59 -9.01 0.93 21.95
C PRO B 59 -10.16 0.66 22.92
N MET A 1 -3.02 6.07 13.82
CA MET A 1 -1.76 6.17 14.61
C MET A 1 -1.28 4.76 14.97
N ALA A 2 -1.24 4.44 16.24
CA ALA A 2 -0.80 3.08 16.65
C ALA A 2 -1.73 2.03 16.07
N SER A 3 -3.00 2.34 15.99
CA SER A 3 -3.97 1.35 15.43
C SER A 3 -3.58 1.02 13.99
N ASN A 4 -3.10 1.99 13.26
CA ASN A 4 -2.70 1.73 11.85
C ASN A 4 -1.60 0.66 11.82
N ALA A 5 -0.71 0.69 12.78
CA ALA A 5 0.38 -0.32 12.81
C ALA A 5 -0.21 -1.72 12.96
N ALA A 6 -1.24 -1.86 13.76
CA ALA A 6 -1.86 -3.20 13.94
C ALA A 6 -2.55 -3.64 12.64
N ARG A 7 -3.33 -2.77 12.06
CA ARG A 7 -4.03 -3.15 10.80
C ARG A 7 -3.00 -3.46 9.73
N VAL A 8 -1.95 -2.68 9.68
CA VAL A 8 -0.90 -2.92 8.65
C VAL A 8 -0.30 -4.32 8.85
N VAL A 9 -0.06 -4.69 10.08
CA VAL A 9 0.51 -6.03 10.35
C VAL A 9 -0.50 -7.11 9.96
N ALA A 10 -1.73 -6.96 10.38
CA ALA A 10 -2.76 -7.96 10.02
C ALA A 10 -3.02 -7.89 8.52
N THR A 11 -3.03 -6.70 7.98
CA THR A 11 -3.26 -6.55 6.51
C THR A 11 -2.15 -7.29 5.76
N ALA A 12 -0.93 -7.21 6.25
CA ALA A 12 0.19 -7.90 5.57
C ALA A 12 -0.12 -9.41 5.52
N LYS A 13 -0.68 -9.92 6.58
CA LYS A 13 -1.02 -11.37 6.61
C LYS A 13 -2.04 -11.68 5.51
N ASP A 14 -2.88 -10.74 5.20
CA ASP A 14 -3.91 -10.97 4.14
C ASP A 14 -3.22 -11.27 2.81
N PHE A 15 -2.17 -10.56 2.51
CA PHE A 15 -1.46 -10.81 1.23
C PHE A 15 -0.86 -12.21 1.24
N ASP A 16 -0.35 -12.66 2.35
CA ASP A 16 0.23 -14.03 2.40
C ASP A 16 -0.86 -15.05 2.05
N LYS A 17 -2.05 -14.84 2.52
CA LYS A 17 -3.17 -15.78 2.23
C LYS A 17 -3.39 -15.85 0.71
N VAL A 18 -3.17 -14.76 0.02
CA VAL A 18 -3.39 -14.75 -1.44
C VAL A 18 -2.11 -15.22 -2.16
N GLY A 19 -1.06 -15.45 -1.42
CA GLY A 19 0.21 -15.92 -2.07
C GLY A 19 1.12 -14.71 -2.36
N LEU A 20 0.74 -13.54 -1.94
CA LEU A 20 1.59 -12.35 -2.19
C LEU A 20 2.40 -12.03 -0.93
N GLY A 21 3.06 -13.01 -0.38
CA GLY A 21 3.85 -12.78 0.85
C GLY A 21 4.86 -11.65 0.62
N ILE A 22 5.36 -11.50 -0.58
CA ILE A 22 6.34 -10.42 -0.84
C ILE A 22 5.73 -9.07 -0.46
N ILE A 23 4.50 -8.84 -0.81
CA ILE A 23 3.86 -7.54 -0.45
C ILE A 23 3.74 -7.47 1.08
N GLY A 24 3.23 -8.51 1.68
CA GLY A 24 3.08 -8.52 3.17
C GLY A 24 4.47 -8.37 3.81
N TYR A 25 5.48 -8.90 3.19
CA TYR A 25 6.85 -8.79 3.76
C TYR A 25 7.23 -7.32 3.93
N TYR A 26 7.01 -6.52 2.93
CA TYR A 26 7.36 -5.07 3.05
C TYR A 26 6.42 -4.40 4.07
N LEU A 27 5.18 -4.79 4.11
CA LEU A 27 4.23 -4.17 5.07
C LEU A 27 4.71 -4.43 6.51
N GLN A 28 5.17 -5.62 6.78
CA GLN A 28 5.65 -5.93 8.16
C GLN A 28 6.83 -5.02 8.48
N LEU A 29 7.70 -4.82 7.53
CA LEU A 29 8.89 -3.95 7.75
C LEU A 29 8.41 -2.51 8.00
N TYR A 30 7.42 -2.08 7.28
CA TYR A 30 6.90 -0.69 7.46
C TYR A 30 6.26 -0.55 8.84
N ALA A 31 5.44 -1.49 9.23
CA ALA A 31 4.79 -1.40 10.58
C ALA A 31 5.84 -1.54 11.68
N VAL A 32 6.85 -2.34 11.46
CA VAL A 32 7.91 -2.50 12.50
C VAL A 32 8.57 -1.16 12.79
N GLU A 33 9.00 -0.50 11.76
CA GLU A 33 9.64 0.83 11.95
C GLU A 33 8.58 1.80 12.46
N LEU A 34 7.36 1.58 12.06
CA LEU A 34 6.25 2.47 12.49
C LEU A 34 6.13 2.45 14.01
N ILE A 35 6.19 1.29 14.60
CA ILE A 35 6.09 1.20 16.10
C ILE A 35 7.30 1.86 16.72
N LEU A 36 8.45 1.63 16.18
CA LEU A 36 9.69 2.25 16.73
C LEU A 36 9.62 3.77 16.61
N SER A 37 8.99 4.26 15.59
CA SER A 37 8.88 5.72 15.40
C SER A 37 8.00 6.27 16.51
N GLU A 38 7.25 5.42 17.15
CA GLU A 38 6.35 5.90 18.24
C GLU A 38 7.15 5.97 19.55
N GLU A 39 7.19 7.11 20.17
CA GLU A 39 7.94 7.24 21.45
C GLU A 39 7.23 6.42 22.54
N ASP A 40 5.93 6.39 22.52
CA ASP A 40 5.19 5.62 23.56
C ASP A 40 5.07 4.15 23.14
N ARG A 41 5.49 3.25 23.99
CA ARG A 41 5.40 1.81 23.66
C ARG A 41 4.91 1.03 24.88
N SER A 42 4.11 0.03 24.67
CA SER A 42 3.61 -0.78 25.80
C SER A 42 4.19 -2.19 25.67
N GLN A 43 4.15 -2.97 26.73
CA GLN A 43 4.72 -4.34 26.62
C GLN A 43 4.07 -5.05 25.43
N GLU A 44 2.82 -4.79 25.18
CA GLU A 44 2.15 -5.45 24.03
C GLU A 44 2.71 -4.89 22.71
N MET A 45 2.85 -3.60 22.61
CA MET A 45 3.38 -3.02 21.34
C MET A 45 4.86 -3.39 21.17
N THR A 46 5.61 -3.35 22.24
CA THR A 46 7.06 -3.71 22.14
C THR A 46 7.19 -5.17 21.70
N ALA A 47 6.41 -6.04 22.28
CA ALA A 47 6.50 -7.49 21.90
C ALA A 47 5.98 -7.67 20.47
N LEU A 48 5.01 -6.90 20.07
CA LEU A 48 4.46 -7.04 18.69
C LEU A 48 5.55 -6.73 17.67
N ALA A 49 6.35 -5.72 17.91
CA ALA A 49 7.43 -5.38 16.94
C ALA A 49 8.47 -6.51 16.91
N THR A 50 8.81 -7.04 18.06
CA THR A 50 9.82 -8.14 18.10
C THR A 50 9.33 -9.35 17.31
N GLU A 51 8.09 -9.74 17.51
CA GLU A 51 7.57 -10.93 16.77
C GLU A 51 7.67 -10.69 15.27
N LEU A 52 7.45 -9.48 14.83
CA LEU A 52 7.54 -9.19 13.37
C LEU A 52 8.99 -9.39 12.89
N LEU A 53 9.96 -9.04 13.69
CA LEU A 53 11.37 -9.23 13.26
C LEU A 53 11.61 -10.70 12.94
N ASP A 54 11.05 -11.59 13.72
CA ASP A 54 11.26 -13.03 13.46
C ASP A 54 10.67 -13.39 12.09
N THR A 55 9.51 -12.89 11.77
CA THR A 55 8.90 -13.21 10.45
C THR A 55 9.73 -12.59 9.34
N ILE A 56 10.11 -11.36 9.48
CA ILE A 56 10.92 -10.69 8.43
C ILE A 56 12.24 -11.43 8.25
N GLU A 57 12.93 -11.71 9.32
CA GLU A 57 14.21 -12.45 9.20
C GLU A 57 13.94 -13.84 8.64
N ALA A 58 12.89 -14.46 9.09
CA ALA A 58 12.57 -15.82 8.56
C ALA A 58 12.16 -15.71 7.11
N PHE A 59 11.37 -14.72 6.77
CA PHE A 59 10.94 -14.54 5.36
C PHE A 59 12.16 -14.27 4.48
N LYS A 60 12.99 -13.36 4.89
CA LYS A 60 14.20 -13.04 4.07
C LYS A 60 15.10 -14.27 4.00
N LYS A 61 15.26 -14.96 5.09
CA LYS A 61 16.11 -16.18 5.08
C LYS A 61 15.48 -17.21 4.13
N GLU A 62 14.18 -17.23 4.07
CA GLU A 62 13.49 -18.20 3.17
C GLU A 62 13.93 -17.93 1.73
N ILE A 63 14.22 -16.70 1.41
CA ILE A 63 14.64 -16.35 0.03
C ILE A 63 16.01 -15.67 0.06
N GLY A 64 16.68 -15.71 1.17
CA GLY A 64 18.03 -15.07 1.27
C GLY A 64 18.89 -15.54 0.09
N GLY A 65 18.72 -16.76 -0.33
CA GLY A 65 19.53 -17.26 -1.49
C GLY A 65 20.81 -17.94 -0.98
N GLU A 66 20.87 -18.29 0.28
CA GLU A 66 22.09 -18.97 0.79
C GLU A 66 21.93 -20.47 0.56
N SER A 67 21.34 -21.15 1.50
CA SER A 67 21.13 -22.61 1.33
C SER A 67 20.09 -22.84 0.24
N GLU A 68 19.13 -21.96 0.15
CA GLU A 68 18.08 -22.11 -0.89
C GLU A 68 18.71 -21.99 -2.27
N ALA A 69 19.77 -21.23 -2.40
CA ALA A 69 20.42 -21.07 -3.73
C ALA A 69 20.83 -22.45 -4.25
N GLU A 70 21.33 -23.31 -3.40
CA GLU A 70 21.73 -24.65 -3.87
C GLU A 70 20.50 -25.33 -4.47
N ASP A 71 19.37 -25.20 -3.82
CA ASP A 71 18.12 -25.81 -4.36
C ASP A 71 17.74 -25.07 -5.65
N SER A 72 17.91 -23.78 -5.67
CA SER A 72 17.57 -22.99 -6.88
C SER A 72 18.23 -21.61 -6.76
N ASP A 73 19.35 -21.43 -7.41
CA ASP A 73 20.05 -20.13 -7.32
C ASP A 73 19.73 -19.29 -8.58
N LYS A 74 18.87 -19.78 -9.41
CA LYS A 74 18.53 -19.02 -10.65
C LYS A 74 17.29 -18.16 -10.41
N SER A 75 16.13 -18.75 -10.40
CA SER A 75 14.89 -17.96 -10.21
C SER A 75 14.82 -17.36 -8.80
N LEU A 76 15.27 -18.07 -7.80
CA LEU A 76 15.21 -17.51 -6.42
C LEU A 76 16.18 -16.34 -6.30
N HIS A 77 17.31 -16.41 -6.95
CA HIS A 77 18.29 -15.29 -6.86
C HIS A 77 17.65 -14.00 -7.37
N VAL A 78 16.96 -14.06 -8.48
CA VAL A 78 16.31 -12.83 -9.00
C VAL A 78 15.22 -12.41 -8.01
N MET A 79 14.47 -13.35 -7.51
CA MET A 79 13.40 -13.00 -6.55
C MET A 79 14.05 -12.31 -5.36
N ASN A 80 15.21 -12.74 -4.99
CA ASN A 80 15.91 -12.09 -3.84
C ASN A 80 16.13 -10.63 -4.21
N THR A 81 16.33 -10.34 -5.46
CA THR A 81 16.53 -8.91 -5.86
C THR A 81 15.31 -8.13 -5.40
N LEU A 82 14.15 -8.73 -5.50
CA LEU A 82 12.92 -8.03 -5.05
C LEU A 82 13.02 -7.69 -3.56
N ILE A 83 13.54 -8.58 -2.77
CA ILE A 83 13.66 -8.31 -1.31
C ILE A 83 14.94 -7.55 -0.98
N HIS A 84 16.04 -7.96 -1.53
CA HIS A 84 17.33 -7.28 -1.22
C HIS A 84 17.41 -5.90 -1.89
N ASP A 85 17.07 -5.81 -3.14
CA ASP A 85 17.15 -4.47 -3.82
C ASP A 85 15.90 -3.65 -3.48
N GLN A 86 16.03 -2.74 -2.55
CA GLN A 86 14.86 -1.90 -2.17
C GLN A 86 14.42 -1.03 -3.35
N GLU A 87 15.36 -0.55 -4.13
CA GLU A 87 14.99 0.32 -5.28
C GLU A 87 14.13 -0.46 -6.28
N LYS A 88 14.54 -1.65 -6.63
CA LYS A 88 13.74 -2.45 -7.60
C LYS A 88 12.40 -2.80 -6.97
N ALA A 89 12.41 -3.19 -5.73
CA ALA A 89 11.12 -3.54 -5.05
C ALA A 89 10.25 -2.31 -4.97
N LYS A 90 10.84 -1.17 -4.75
CA LYS A 90 10.05 0.09 -4.65
C LYS A 90 9.20 0.26 -5.91
N ILE A 91 9.78 0.05 -7.07
CA ILE A 91 9.00 0.20 -8.32
C ILE A 91 7.88 -0.84 -8.36
N TYR A 92 8.18 -2.07 -8.02
CA TYR A 92 7.12 -3.11 -8.04
C TYR A 92 6.05 -2.78 -7.01
N MET A 93 6.44 -2.34 -5.85
CA MET A 93 5.44 -2.01 -4.80
C MET A 93 4.56 -0.87 -5.31
N LEU A 94 5.15 0.10 -5.96
CA LEU A 94 4.34 1.23 -6.49
C LEU A 94 3.39 0.69 -7.56
N ASN A 95 3.86 -0.20 -8.39
CA ASN A 95 2.98 -0.75 -9.45
C ASN A 95 1.79 -1.46 -8.80
N PHE A 96 2.04 -2.20 -7.76
CA PHE A 96 0.91 -2.91 -7.09
C PHE A 96 -0.03 -1.87 -6.46
N THR A 97 0.52 -0.94 -5.73
CA THR A 97 -0.33 0.10 -5.09
C THR A 97 -1.04 0.90 -6.19
N MET A 98 -0.34 1.29 -7.22
CA MET A 98 -0.98 2.06 -8.30
C MET A 98 -2.07 1.21 -8.95
N SER A 99 -1.82 -0.06 -9.12
CA SER A 99 -2.85 -0.94 -9.74
C SER A 99 -4.10 -0.95 -8.86
N LEU A 100 -3.92 -1.13 -7.57
CA LEU A 100 -5.09 -1.12 -6.65
C LEU A 100 -5.69 0.27 -6.63
N TYR A 101 -4.86 1.28 -6.57
CA TYR A 101 -5.36 2.68 -6.56
C TYR A 101 -6.13 2.94 -7.86
N ASN A 102 -5.60 2.50 -8.96
CA ASN A 102 -6.30 2.72 -10.26
C ASN A 102 -7.65 2.00 -10.25
N GLU A 103 -7.70 0.84 -9.68
CA GLU A 103 -8.99 0.08 -9.65
C GLU A 103 -10.04 0.88 -8.86
N LYS A 104 -9.66 1.45 -7.76
CA LYS A 104 -10.64 2.23 -6.95
C LYS A 104 -11.11 3.44 -7.75
N LEU A 105 -10.20 4.14 -8.36
CA LEU A 105 -10.61 5.32 -9.17
C LEU A 105 -11.40 4.84 -10.39
N LYS A 106 -11.00 3.72 -10.94
CA LYS A 106 -11.72 3.19 -12.13
C LYS A 106 -13.16 2.92 -11.72
N GLN A 107 -13.35 2.28 -10.59
CA GLN A 107 -14.73 2.00 -10.12
C GLN A 107 -15.44 3.33 -9.87
N LEU A 108 -14.72 4.30 -9.38
CA LEU A 108 -15.33 5.63 -9.12
C LEU A 108 -15.88 6.18 -10.44
N LYS A 109 -15.25 5.84 -11.53
CA LYS A 109 -15.70 6.33 -12.85
C LYS A 109 -17.13 5.89 -13.11
N ASP A 110 -17.50 4.73 -12.65
CA ASP A 110 -18.91 4.25 -12.88
C ASP A 110 -19.14 2.92 -12.16
N GLY A 111 -18.11 2.16 -11.93
CA GLY A 111 -18.29 0.85 -11.25
C GLY A 111 -19.15 1.04 -10.00
N PRO A 112 -19.75 -0.03 -9.54
CA PRO A 112 -20.64 -0.01 -8.34
C PRO A 112 -19.90 0.39 -7.06
N TRP A 113 -20.53 1.16 -6.22
CA TRP A 113 -19.89 1.59 -4.95
C TRP A 113 -20.52 0.81 -3.80
N ASP A 114 -19.73 0.31 -2.88
CA ASP A 114 -20.31 -0.46 -1.75
C ASP A 114 -19.41 -0.35 -0.52
N VAL A 115 -19.87 -0.90 0.59
CA VAL A 115 -19.06 -0.85 1.83
C VAL A 115 -17.68 -1.47 1.57
N MET A 116 -17.62 -2.52 0.82
CA MET A 116 -16.30 -3.14 0.53
C MET A 116 -15.41 -2.09 -0.11
N LEU A 117 -15.96 -1.29 -0.98
CA LEU A 117 -15.13 -0.23 -1.61
C LEU A 117 -14.64 0.69 -0.49
N LYS A 118 -15.49 0.97 0.45
CA LYS A 118 -15.09 1.84 1.60
C LYS A 118 -13.96 1.19 2.37
N ARG A 119 -14.11 -0.07 2.71
CA ARG A 119 -13.05 -0.77 3.48
C ARG A 119 -11.83 -0.96 2.58
N SER A 120 -12.03 -1.32 1.34
CA SER A 120 -10.89 -1.52 0.41
C SER A 120 -10.12 -0.20 0.25
N LEU A 121 -10.82 0.90 0.21
CA LEU A 121 -10.12 2.21 0.05
C LEU A 121 -9.20 2.44 1.24
N TRP A 122 -9.67 2.14 2.42
CA TRP A 122 -8.81 2.32 3.63
C TRP A 122 -7.56 1.44 3.49
N CYS A 123 -7.73 0.28 2.93
CA CYS A 123 -6.56 -0.63 2.75
C CYS A 123 -5.56 -0.01 1.78
N CYS A 124 -6.04 0.59 0.72
CA CYS A 124 -5.13 1.22 -0.27
C CYS A 124 -4.36 2.36 0.40
N ILE A 125 -5.01 3.12 1.24
CA ILE A 125 -4.30 4.24 1.92
C ILE A 125 -3.10 3.70 2.70
N ASP A 126 -3.25 2.60 3.39
CA ASP A 126 -2.12 2.05 4.16
C ASP A 126 -0.96 1.69 3.23
N LEU A 127 -1.27 1.14 2.09
CA LEU A 127 -0.19 0.75 1.14
C LEU A 127 0.61 1.98 0.70
N PHE A 128 -0.04 3.09 0.47
CA PHE A 128 0.71 4.29 0.03
C PHE A 128 1.64 4.77 1.15
N SER A 129 1.15 4.80 2.35
CA SER A 129 2.01 5.26 3.49
C SER A 129 3.22 4.35 3.63
N CYS A 130 3.04 3.07 3.39
CA CYS A 130 4.20 2.13 3.51
C CYS A 130 5.25 2.46 2.46
N ILE A 131 4.84 2.75 1.26
CA ILE A 131 5.82 3.07 0.19
C ILE A 131 6.68 4.27 0.59
N LEU A 132 6.08 5.30 1.11
CA LEU A 132 6.86 6.50 1.50
C LEU A 132 7.77 6.19 2.68
N HIS A 133 7.29 5.45 3.64
CA HIS A 133 8.11 5.11 4.83
C HIS A 133 9.23 4.13 4.46
N LEU A 134 8.91 3.10 3.73
CA LEU A 134 9.95 2.09 3.36
C LEU A 134 11.07 2.73 2.52
N TRP A 135 10.76 3.68 1.70
CA TRP A 135 11.84 4.30 0.86
C TRP A 135 11.65 5.81 0.77
N LYS A 136 11.54 6.48 1.87
CA LYS A 136 11.36 7.96 1.82
C LYS A 136 12.63 8.60 1.24
N GLU A 137 13.78 8.06 1.57
CA GLU A 137 15.06 8.61 1.05
C GLU A 137 15.17 8.38 -0.46
N ASN A 138 14.51 7.39 -0.98
CA ASN A 138 14.61 7.13 -2.45
C ASN A 138 13.52 7.87 -3.21
N ILE A 139 12.71 8.63 -2.51
CA ILE A 139 11.62 9.38 -3.19
C ILE A 139 11.85 10.88 -2.98
N SER A 140 11.82 11.66 -4.03
CA SER A 140 12.05 13.13 -3.89
C SER A 140 10.85 13.76 -3.18
N GLU A 141 11.03 14.92 -2.61
CA GLU A 141 9.89 15.58 -1.91
C GLU A 141 8.78 15.90 -2.91
N THR A 142 9.15 16.32 -4.10
CA THR A 142 8.11 16.65 -5.12
C THR A 142 7.33 15.38 -5.47
N SER A 143 8.02 14.29 -5.67
CA SER A 143 7.31 13.02 -6.01
C SER A 143 6.41 12.60 -4.84
N THR A 144 6.88 12.80 -3.64
CA THR A 144 6.05 12.42 -2.45
C THR A 144 4.76 13.23 -2.45
N ASN A 145 4.83 14.49 -2.79
CA ASN A 145 3.60 15.33 -2.79
C ASN A 145 2.56 14.71 -3.74
N SER A 146 3.00 14.21 -4.86
CA SER A 146 2.03 13.59 -5.82
C SER A 146 1.37 12.38 -5.16
N LEU A 147 2.13 11.61 -4.44
CA LEU A 147 1.56 10.41 -3.77
C LEU A 147 0.57 10.85 -2.70
N GLN A 148 0.91 11.87 -1.96
CA GLN A 148 0.00 12.34 -0.88
C GLN A 148 -1.32 12.81 -1.51
N LYS A 149 -1.26 13.44 -2.65
CA LYS A 149 -2.53 13.90 -3.30
C LYS A 149 -3.39 12.68 -3.63
N ARG A 150 -2.78 11.63 -4.10
CA ARG A 150 -3.58 10.41 -4.44
C ARG A 150 -4.24 9.88 -3.18
N ILE A 151 -3.53 9.86 -2.09
CA ILE A 151 -4.14 9.38 -0.81
C ILE A 151 -5.24 10.34 -0.39
N LYS A 152 -4.99 11.62 -0.53
CA LYS A 152 -6.02 12.63 -0.14
C LYS A 152 -7.28 12.43 -0.98
N TYR A 153 -7.11 12.13 -2.23
CA TYR A 153 -8.29 11.94 -3.11
C TYR A 153 -9.17 10.84 -2.53
N CYS A 154 -8.59 9.77 -2.07
CA CYS A 154 -9.39 8.67 -1.47
C CYS A 154 -10.05 9.20 -0.18
N LYS A 155 -9.31 9.95 0.58
CA LYS A 155 -9.89 10.50 1.84
C LYS A 155 -11.12 11.35 1.53
N ILE A 156 -11.03 12.16 0.52
CA ILE A 156 -12.21 13.02 0.15
C ILE A 156 -13.33 12.15 -0.41
N TYR A 157 -13.03 11.32 -1.37
CA TYR A 157 -14.09 10.47 -1.96
C TYR A 157 -14.60 9.46 -0.95
N LEU A 158 -13.74 8.95 -0.11
CA LEU A 158 -14.20 7.96 0.90
C LEU A 158 -15.27 8.63 1.76
N SER A 159 -15.10 9.89 2.05
CA SER A 159 -16.11 10.61 2.88
C SER A 159 -17.42 10.71 2.10
N LYS A 160 -17.33 11.09 0.84
CA LYS A 160 -18.56 11.22 0.01
C LYS A 160 -19.26 9.88 -0.10
N LEU A 161 -18.52 8.81 -0.21
CA LEU A 161 -19.15 7.46 -0.32
C LEU A 161 -19.92 7.15 0.98
N ALA A 162 -19.36 7.49 2.10
CA ALA A 162 -20.05 7.20 3.40
C ALA A 162 -21.22 8.17 3.57
N LYS A 163 -21.16 9.31 2.94
CA LYS A 163 -22.26 10.30 3.07
C LYS A 163 -23.39 9.96 2.10
N GLY A 164 -23.20 8.94 1.30
CA GLY A 164 -24.28 8.55 0.34
C GLY A 164 -24.28 9.52 -0.84
N GLU A 165 -23.27 10.32 -0.97
CA GLU A 165 -23.22 11.29 -2.09
C GLU A 165 -22.88 10.57 -3.40
N ILE A 166 -22.14 9.48 -3.32
CA ILE A 166 -21.78 8.73 -4.56
C ILE A 166 -22.59 7.44 -4.62
N GLY A 167 -23.15 7.14 -5.75
CA GLY A 167 -23.96 5.88 -5.87
C GLY A 167 -25.13 6.12 -6.82
N ILE B 1 15.22 -12.24 -14.58
CA ILE B 1 14.71 -13.06 -15.73
C ILE B 1 13.22 -13.33 -15.52
N ASN B 2 12.89 -14.48 -15.01
CA ASN B 2 11.46 -14.78 -14.79
C ASN B 2 10.99 -13.99 -13.57
N ILE B 3 11.71 -12.97 -13.23
CA ILE B 3 11.32 -12.14 -12.06
C ILE B 3 9.99 -11.46 -12.38
N ASP B 4 9.85 -10.97 -13.57
CA ASP B 4 8.57 -10.30 -13.96
C ASP B 4 7.50 -11.37 -14.11
N LYS B 5 7.86 -12.48 -14.70
CA LYS B 5 6.89 -13.59 -14.92
C LYS B 5 6.48 -14.19 -13.56
N LEU B 6 7.43 -14.37 -12.70
CA LEU B 6 7.13 -14.97 -11.36
C LEU B 6 6.20 -14.06 -10.57
N GLN B 7 6.52 -12.79 -10.52
CA GLN B 7 5.66 -11.84 -9.77
C GLN B 7 4.35 -11.62 -10.52
N ASP B 8 4.40 -11.60 -11.83
CA ASP B 8 3.15 -11.37 -12.62
C ASP B 8 3.41 -11.69 -14.09
N MET B 9 3.16 -10.75 -14.96
CA MET B 9 3.38 -11.00 -16.41
C MET B 9 4.80 -10.57 -16.81
N GLN B 10 5.31 -11.12 -17.87
CA GLN B 10 6.68 -10.76 -18.32
C GLN B 10 6.78 -9.24 -18.53
N ASP B 11 5.68 -8.60 -18.86
CA ASP B 11 5.73 -7.13 -19.09
C ASP B 11 6.59 -6.46 -18.02
N GLU B 12 7.40 -5.51 -18.42
CA GLU B 12 8.28 -4.82 -17.44
C GLU B 12 7.43 -4.16 -16.35
N MET B 13 7.96 -4.05 -15.16
CA MET B 13 7.19 -3.41 -14.06
C MET B 13 6.80 -2.00 -14.48
N LEU B 14 7.67 -1.32 -15.18
CA LEU B 14 7.36 0.04 -15.65
C LEU B 14 6.09 -0.02 -16.51
N ASP B 15 5.90 -1.10 -17.21
CA ASP B 15 4.66 -1.24 -18.04
C ASP B 15 3.45 -1.13 -17.11
N LEU B 16 3.55 -1.66 -15.92
CA LEU B 16 2.42 -1.57 -14.96
C LEU B 16 2.11 -0.10 -14.75
N ILE B 17 3.11 0.75 -14.81
CA ILE B 17 2.86 2.20 -14.63
C ILE B 17 2.03 2.70 -15.82
N GLU B 18 2.22 2.12 -16.97
CA GLU B 18 1.42 2.55 -18.15
C GLU B 18 -0.06 2.41 -17.77
N GLN B 19 -0.38 1.38 -17.05
CA GLN B 19 -1.78 1.20 -16.60
C GLN B 19 -2.15 2.42 -15.77
N GLY B 20 -1.20 2.93 -15.02
CA GLY B 20 -1.46 4.14 -14.20
C GLY B 20 -1.83 5.28 -15.15
N ASP B 21 -1.27 5.29 -16.32
CA ASP B 21 -1.62 6.38 -17.28
C ASP B 21 -3.14 6.37 -17.47
N GLU B 22 -3.72 5.20 -17.53
CA GLU B 22 -5.20 5.11 -17.68
C GLU B 22 -5.86 5.78 -16.47
N LEU B 23 -5.23 5.68 -15.32
CA LEU B 23 -5.82 6.31 -14.11
C LEU B 23 -6.06 7.79 -14.38
N GLN B 24 -5.12 8.44 -14.99
CA GLN B 24 -5.30 9.88 -15.31
C GLN B 24 -6.50 10.04 -16.23
N GLU B 25 -6.66 9.16 -17.17
CA GLU B 25 -7.81 9.25 -18.10
C GLU B 25 -9.12 9.13 -17.33
N VAL B 26 -9.15 8.31 -16.33
CA VAL B 26 -10.41 8.15 -15.54
C VAL B 26 -10.77 9.45 -14.82
N LEU B 27 -9.83 10.03 -14.12
CA LEU B 27 -10.13 11.29 -13.41
C LEU B 27 -10.41 12.39 -14.42
N ALA B 28 -9.76 12.35 -15.55
CA ALA B 28 -9.99 13.41 -16.58
C ALA B 28 -11.45 13.36 -17.02
N MET B 29 -12.00 12.20 -17.22
CA MET B 29 -13.43 12.12 -17.66
C MET B 29 -14.35 12.64 -16.55
N ASN B 30 -14.06 12.29 -15.32
CA ASN B 30 -14.93 12.76 -14.21
C ASN B 30 -14.90 14.29 -14.14
N ASN B 31 -13.74 14.87 -14.22
CA ASN B 31 -13.62 16.36 -14.17
C ASN B 31 -12.15 16.75 -14.34
N ASN B 32 -11.79 17.22 -15.51
CA ASN B 32 -10.37 17.62 -15.72
C ASN B 32 -9.98 18.68 -14.69
N SER B 33 -10.89 19.53 -14.34
CA SER B 33 -10.59 20.58 -13.33
C SER B 33 -10.84 20.00 -11.94
N GLY B 34 -11.13 18.73 -11.88
CA GLY B 34 -11.40 18.10 -10.55
C GLY B 34 -10.21 18.31 -9.62
N GLU B 35 -10.30 19.30 -8.76
CA GLU B 35 -9.19 19.58 -7.81
C GLU B 35 -9.73 19.50 -6.38
N LEU B 36 -8.89 19.19 -5.43
CA LEU B 36 -9.36 19.10 -4.02
C LEU B 36 -10.03 20.41 -3.61
N ASP B 37 -9.54 21.51 -4.11
CA ASP B 37 -10.14 22.82 -3.76
C ASP B 37 -11.61 22.85 -4.18
N ASP B 38 -11.94 22.19 -5.25
CA ASP B 38 -13.35 22.17 -5.72
C ASP B 38 -14.19 21.26 -4.83
N ILE B 39 -13.58 20.27 -4.24
CA ILE B 39 -14.34 19.33 -3.37
C ILE B 39 -14.15 19.76 -1.90
N SER B 40 -15.22 19.78 -1.15
CA SER B 40 -15.12 20.21 0.28
C SER B 40 -14.18 19.27 1.05
N ASP B 41 -12.91 19.33 0.75
CA ASP B 41 -11.94 18.44 1.45
C ASP B 41 -11.88 18.78 2.95
N ALA B 42 -11.96 20.04 3.29
CA ALA B 42 -11.86 20.42 4.74
C ALA B 42 -13.02 19.83 5.55
N GLU B 43 -14.23 19.97 5.07
CA GLU B 43 -15.39 19.41 5.83
C GLU B 43 -15.38 17.89 5.73
N LEU B 44 -15.12 17.38 4.58
CA LEU B 44 -15.11 15.90 4.39
C LEU B 44 -13.99 15.28 5.24
N ASP B 45 -12.87 15.92 5.33
CA ASP B 45 -11.75 15.35 6.14
C ASP B 45 -12.18 15.19 7.60
N ALA B 46 -12.85 16.16 8.14
CA ALA B 46 -13.27 16.05 9.57
C ALA B 46 -14.29 14.92 9.73
N GLU B 47 -15.20 14.80 8.81
CA GLU B 47 -16.23 13.73 8.92
C GLU B 47 -15.58 12.36 8.75
N LEU B 48 -14.63 12.25 7.86
CA LEU B 48 -13.99 10.92 7.65
C LEU B 48 -13.18 10.52 8.87
N ASP B 49 -12.52 11.45 9.51
CA ASP B 49 -11.71 11.09 10.69
C ASP B 49 -12.62 10.53 11.78
N ALA B 50 -13.78 11.10 11.95
CA ALA B 50 -14.73 10.55 12.97
C ALA B 50 -15.28 9.22 12.46
N LEU B 51 -15.63 9.17 11.20
CA LEU B 51 -16.17 7.92 10.62
C LEU B 51 -15.09 6.84 10.62
N ALA B 52 -13.86 7.21 10.35
CA ALA B 52 -12.76 6.20 10.34
C ALA B 52 -12.77 5.45 11.66
N GLN B 53 -12.95 6.15 12.75
CA GLN B 53 -12.96 5.47 14.07
C GLN B 53 -14.11 4.47 14.10
N GLU B 54 -15.21 4.80 13.50
CA GLU B 54 -16.38 3.87 13.47
C GLU B 54 -16.04 2.63 12.64
N ASP B 55 -15.46 2.83 11.49
CA ASP B 55 -15.09 1.66 10.63
C ASP B 55 -13.91 0.91 11.24
N PHE B 56 -13.01 1.61 11.84
CA PHE B 56 -11.83 0.96 12.45
C PHE B 56 -12.17 0.52 13.87
N THR B 57 -11.29 -0.20 14.51
CA THR B 57 -11.57 -0.66 15.90
C THR B 57 -10.66 0.10 16.87
N LEU B 58 -11.22 0.75 17.84
CA LEU B 58 -10.39 1.49 18.82
C LEU B 58 -10.07 0.56 20.00
N PRO B 59 -8.85 0.56 20.48
CA PRO B 59 -8.45 -0.31 21.63
C PRO B 59 -9.02 0.19 22.96
N MET A 1 -3.26 6.27 15.80
CA MET A 1 -2.37 5.84 14.69
C MET A 1 -1.78 4.47 15.02
N ALA A 2 -1.69 4.14 16.28
CA ALA A 2 -1.11 2.82 16.66
C ALA A 2 -1.95 1.70 16.07
N SER A 3 -3.25 1.89 16.00
CA SER A 3 -4.12 0.82 15.43
C SER A 3 -3.72 0.57 13.97
N ASN A 4 -3.27 1.58 13.28
CA ASN A 4 -2.85 1.40 11.87
C ASN A 4 -1.71 0.37 11.81
N ALA A 5 -0.83 0.41 12.77
CA ALA A 5 0.30 -0.56 12.76
C ALA A 5 -0.24 -1.98 12.89
N ALA A 6 -1.23 -2.17 13.72
CA ALA A 6 -1.81 -3.54 13.87
C ALA A 6 -2.52 -3.95 12.59
N ARG A 7 -3.33 -3.09 12.03
CA ARG A 7 -4.05 -3.44 10.78
C ARG A 7 -3.03 -3.75 9.69
N VAL A 8 -2.00 -2.97 9.61
CA VAL A 8 -0.97 -3.19 8.56
C VAL A 8 -0.34 -4.57 8.75
N VAL A 9 -0.06 -4.94 9.97
CA VAL A 9 0.55 -6.28 10.22
C VAL A 9 -0.45 -7.36 9.84
N ALA A 10 -1.68 -7.23 10.29
CA ALA A 10 -2.70 -8.26 9.94
C ALA A 10 -3.00 -8.18 8.44
N THR A 11 -3.08 -7.00 7.92
CA THR A 11 -3.36 -6.84 6.47
C THR A 11 -2.22 -7.47 5.68
N ALA A 12 -1.00 -7.31 6.15
CA ALA A 12 0.16 -7.91 5.43
C ALA A 12 -0.03 -9.42 5.37
N LYS A 13 -0.51 -10.01 6.42
CA LYS A 13 -0.73 -11.48 6.43
C LYS A 13 -1.75 -11.85 5.35
N ASP A 14 -2.70 -10.99 5.10
CA ASP A 14 -3.74 -11.30 4.07
C ASP A 14 -3.08 -11.49 2.71
N PHE A 15 -2.13 -10.67 2.38
CA PHE A 15 -1.45 -10.80 1.06
C PHE A 15 -0.70 -12.14 0.99
N ASP A 16 -0.09 -12.55 2.06
CA ASP A 16 0.65 -13.85 2.04
C ASP A 16 -0.34 -14.98 1.72
N LYS A 17 -1.52 -14.91 2.26
CA LYS A 17 -2.53 -15.97 2.01
C LYS A 17 -2.84 -16.04 0.50
N VAL A 18 -2.82 -14.92 -0.17
CA VAL A 18 -3.13 -14.92 -1.62
C VAL A 18 -1.86 -15.19 -2.44
N GLY A 19 -0.76 -15.39 -1.78
CA GLY A 19 0.52 -15.67 -2.53
C GLY A 19 1.28 -14.37 -2.76
N LEU A 20 0.80 -13.27 -2.24
CA LEU A 20 1.52 -11.97 -2.43
C LEU A 20 2.34 -11.66 -1.17
N GLY A 21 2.84 -12.68 -0.52
CA GLY A 21 3.64 -12.46 0.70
C GLY A 21 4.68 -11.37 0.47
N ILE A 22 5.17 -11.24 -0.74
CA ILE A 22 6.19 -10.18 -1.00
C ILE A 22 5.60 -8.83 -0.62
N ILE A 23 4.38 -8.57 -0.97
CA ILE A 23 3.76 -7.28 -0.61
C ILE A 23 3.63 -7.21 0.91
N GLY A 24 3.10 -8.25 1.50
CA GLY A 24 2.95 -8.27 2.98
C GLY A 24 4.32 -8.18 3.64
N TYR A 25 5.33 -8.73 3.01
CA TYR A 25 6.70 -8.68 3.59
C TYR A 25 7.11 -7.22 3.80
N TYR A 26 6.92 -6.39 2.81
CA TYR A 26 7.29 -4.96 2.98
C TYR A 26 6.39 -4.29 4.01
N LEU A 27 5.14 -4.66 4.05
CA LEU A 27 4.21 -4.02 5.05
C LEU A 27 4.66 -4.37 6.46
N GLN A 28 5.07 -5.60 6.69
CA GLN A 28 5.52 -5.98 8.07
C GLN A 28 6.73 -5.11 8.44
N LEU A 29 7.60 -4.89 7.51
CA LEU A 29 8.80 -4.05 7.79
C LEU A 29 8.36 -2.61 8.07
N TYR A 30 7.39 -2.13 7.33
CA TYR A 30 6.90 -0.73 7.53
C TYR A 30 6.26 -0.60 8.92
N ALA A 31 5.47 -1.56 9.32
CA ALA A 31 4.82 -1.50 10.66
C ALA A 31 5.88 -1.51 11.75
N VAL A 32 6.95 -2.25 11.55
CA VAL A 32 8.01 -2.31 12.60
C VAL A 32 8.60 -0.92 12.80
N GLU A 33 8.99 -0.27 11.75
CA GLU A 33 9.56 1.09 11.88
C GLU A 33 8.44 2.02 12.36
N LEU A 34 7.24 1.71 12.00
CA LEU A 34 6.08 2.55 12.40
C LEU A 34 5.99 2.59 13.93
N ILE A 35 6.16 1.47 14.57
CA ILE A 35 6.10 1.45 16.06
C ILE A 35 7.27 2.26 16.63
N LEU A 36 8.44 2.06 16.08
CA LEU A 36 9.64 2.81 16.56
C LEU A 36 9.45 4.30 16.30
N SER A 37 8.83 4.64 15.21
CA SER A 37 8.60 6.07 14.88
C SER A 37 7.62 6.64 15.90
N GLU A 38 6.95 5.79 16.62
CA GLU A 38 5.98 6.28 17.63
C GLU A 38 6.70 6.52 18.96
N GLU A 39 6.60 7.71 19.49
CA GLU A 39 7.28 8.02 20.78
C GLU A 39 6.64 7.21 21.91
N ASP A 40 5.35 7.03 21.85
CA ASP A 40 4.67 6.26 22.93
C ASP A 40 4.73 4.76 22.65
N ARG A 41 5.23 3.99 23.58
CA ARG A 41 5.31 2.52 23.37
C ARG A 41 4.94 1.80 24.66
N SER A 42 4.23 0.72 24.54
CA SER A 42 3.84 -0.07 25.75
C SER A 42 4.55 -1.42 25.69
N GLN A 43 4.62 -2.11 26.78
CA GLN A 43 5.31 -3.44 26.75
C GLN A 43 4.68 -4.29 25.63
N GLU A 44 3.40 -4.16 25.44
CA GLU A 44 2.74 -4.95 24.37
C GLU A 44 3.18 -4.45 22.98
N MET A 45 3.25 -3.15 22.79
CA MET A 45 3.66 -2.63 21.46
C MET A 45 5.15 -2.90 21.25
N THR A 46 5.95 -2.72 22.27
CA THR A 46 7.41 -2.97 22.12
C THR A 46 7.64 -4.44 21.75
N ALA A 47 6.95 -5.34 22.40
CA ALA A 47 7.12 -6.78 22.11
C ALA A 47 6.56 -7.09 20.71
N LEU A 48 5.53 -6.40 20.31
CA LEU A 48 4.94 -6.66 18.97
C LEU A 48 5.97 -6.36 17.88
N ALA A 49 6.73 -5.31 18.05
CA ALA A 49 7.76 -4.98 17.02
C ALA A 49 8.80 -6.08 16.96
N THR A 50 9.20 -6.60 18.10
CA THR A 50 10.22 -7.68 18.12
C THR A 50 9.71 -8.92 17.37
N GLU A 51 8.49 -9.31 17.63
CA GLU A 51 7.94 -10.52 16.94
C GLU A 51 7.97 -10.30 15.42
N LEU A 52 7.71 -9.11 14.98
CA LEU A 52 7.74 -8.85 13.50
C LEU A 52 9.15 -9.05 12.96
N LEU A 53 10.16 -8.68 13.72
CA LEU A 53 11.55 -8.86 13.23
C LEU A 53 11.80 -10.34 12.93
N ASP A 54 11.28 -11.21 13.76
CA ASP A 54 11.49 -12.66 13.51
C ASP A 54 10.85 -13.05 12.19
N THR A 55 9.68 -12.56 11.91
CA THR A 55 9.00 -12.90 10.62
C THR A 55 9.81 -12.37 9.44
N ILE A 56 10.25 -11.15 9.51
CA ILE A 56 11.05 -10.59 8.39
C ILE A 56 12.25 -11.49 8.11
N GLU A 57 13.00 -11.81 9.13
CA GLU A 57 14.18 -12.69 8.92
C GLU A 57 13.73 -14.05 8.41
N ALA A 58 12.63 -14.56 8.91
CA ALA A 58 12.14 -15.88 8.43
C ALA A 58 11.72 -15.76 6.97
N PHE A 59 11.07 -14.69 6.62
CA PHE A 59 10.64 -14.52 5.20
C PHE A 59 11.87 -14.27 4.33
N LYS A 60 12.72 -13.38 4.73
CA LYS A 60 13.94 -13.09 3.93
C LYS A 60 14.82 -14.34 3.87
N LYS A 61 14.94 -15.03 4.97
CA LYS A 61 15.77 -16.26 4.97
C LYS A 61 15.15 -17.27 4.00
N GLU A 62 13.85 -17.27 3.89
CA GLU A 62 13.17 -18.21 2.96
C GLU A 62 13.67 -17.96 1.54
N ILE A 63 14.01 -16.74 1.24
CA ILE A 63 14.50 -16.41 -0.13
C ILE A 63 15.88 -15.76 -0.05
N GLY A 64 16.50 -15.78 1.11
CA GLY A 64 17.85 -15.18 1.24
C GLY A 64 18.78 -15.75 0.18
N GLY A 65 18.66 -17.02 -0.12
CA GLY A 65 19.53 -17.62 -1.15
C GLY A 65 20.77 -18.25 -0.52
N GLU A 66 20.87 -18.21 0.79
CA GLU A 66 22.06 -18.80 1.46
C GLU A 66 22.12 -20.30 1.14
N SER A 67 20.99 -20.93 1.07
CA SER A 67 20.95 -22.38 0.76
C SER A 67 19.85 -22.63 -0.27
N GLU A 68 18.82 -21.82 -0.25
CA GLU A 68 17.72 -21.99 -1.23
C GLU A 68 18.28 -21.75 -2.64
N ALA A 69 19.25 -20.89 -2.75
CA ALA A 69 19.85 -20.62 -4.09
C ALA A 69 20.44 -21.91 -4.66
N GLU A 70 20.99 -22.75 -3.82
CA GLU A 70 21.56 -24.02 -4.33
C GLU A 70 20.47 -24.80 -5.04
N ASP A 71 19.31 -24.84 -4.45
CA ASP A 71 18.17 -25.57 -5.10
C ASP A 71 17.83 -24.85 -6.41
N SER A 72 17.89 -23.54 -6.38
CA SER A 72 17.59 -22.73 -7.59
C SER A 72 18.19 -21.34 -7.39
N ASP A 73 19.35 -21.11 -7.94
CA ASP A 73 19.98 -19.77 -7.78
C ASP A 73 19.66 -18.90 -8.99
N LYS A 74 18.80 -19.36 -9.86
CA LYS A 74 18.45 -18.55 -11.05
C LYS A 74 17.17 -17.76 -10.79
N SER A 75 16.06 -18.41 -10.82
CA SER A 75 14.76 -17.71 -10.60
C SER A 75 14.64 -17.19 -9.16
N LEU A 76 15.06 -17.95 -8.19
CA LEU A 76 14.94 -17.48 -6.79
C LEU A 76 15.93 -16.34 -6.53
N HIS A 77 17.10 -16.41 -7.12
CA HIS A 77 18.09 -15.32 -6.91
C HIS A 77 17.52 -14.01 -7.40
N VAL A 78 16.91 -13.99 -8.55
CA VAL A 78 16.32 -12.72 -9.05
C VAL A 78 15.21 -12.29 -8.10
N MET A 79 14.41 -13.23 -7.67
CA MET A 79 13.31 -12.88 -6.74
C MET A 79 13.92 -12.23 -5.51
N ASN A 80 15.07 -12.68 -5.11
CA ASN A 80 15.74 -12.07 -3.94
C ASN A 80 15.99 -10.61 -4.26
N THR A 81 16.23 -10.29 -5.51
CA THR A 81 16.46 -8.86 -5.87
C THR A 81 15.24 -8.07 -5.42
N LEU A 82 14.08 -8.65 -5.56
CA LEU A 82 12.84 -7.95 -5.13
C LEU A 82 12.92 -7.63 -3.63
N ILE A 83 13.43 -8.55 -2.84
CA ILE A 83 13.52 -8.29 -1.37
C ILE A 83 14.81 -7.55 -1.02
N HIS A 84 15.91 -7.96 -1.56
CA HIS A 84 17.21 -7.31 -1.24
C HIS A 84 17.29 -5.91 -1.87
N ASP A 85 16.96 -5.79 -3.14
CA ASP A 85 17.05 -4.45 -3.79
C ASP A 85 15.82 -3.62 -3.42
N GLN A 86 15.96 -2.73 -2.48
CA GLN A 86 14.82 -1.88 -2.06
C GLN A 86 14.36 -0.98 -3.22
N GLU A 87 15.29 -0.49 -3.99
CA GLU A 87 14.90 0.41 -5.12
C GLU A 87 14.05 -0.34 -6.14
N LYS A 88 14.45 -1.52 -6.52
CA LYS A 88 13.66 -2.29 -7.51
C LYS A 88 12.31 -2.68 -6.89
N ALA A 89 12.33 -3.09 -5.66
CA ALA A 89 11.06 -3.48 -4.99
C ALA A 89 10.16 -2.24 -4.89
N LYS A 90 10.74 -1.11 -4.64
CA LYS A 90 9.94 0.14 -4.54
C LYS A 90 9.06 0.29 -5.77
N ILE A 91 9.62 0.08 -6.93
CA ILE A 91 8.81 0.22 -8.17
C ILE A 91 7.68 -0.80 -8.17
N TYR A 92 7.97 -2.03 -7.85
CA TYR A 92 6.89 -3.05 -7.84
C TYR A 92 5.88 -2.70 -6.75
N MET A 93 6.33 -2.31 -5.60
CA MET A 93 5.38 -1.94 -4.52
C MET A 93 4.55 -0.74 -4.99
N LEU A 94 5.21 0.22 -5.58
CA LEU A 94 4.46 1.41 -6.08
C LEU A 94 3.54 0.98 -7.20
N ASN A 95 4.02 0.14 -8.07
CA ASN A 95 3.17 -0.34 -9.19
C ASN A 95 1.99 -1.13 -8.61
N PHE A 96 2.24 -1.92 -7.61
CA PHE A 96 1.12 -2.69 -7.00
C PHE A 96 0.14 -1.73 -6.34
N THR A 97 0.63 -0.84 -5.53
CA THR A 97 -0.27 0.13 -4.87
C THR A 97 -0.95 0.99 -5.93
N MET A 98 -0.20 1.45 -6.90
CA MET A 98 -0.81 2.28 -7.97
C MET A 98 -1.86 1.46 -8.71
N SER A 99 -1.58 0.20 -8.93
CA SER A 99 -2.57 -0.66 -9.64
C SER A 99 -3.86 -0.73 -8.84
N LEU A 100 -3.74 -0.96 -7.55
CA LEU A 100 -4.97 -1.01 -6.70
C LEU A 100 -5.61 0.36 -6.68
N TYR A 101 -4.82 1.39 -6.55
CA TYR A 101 -5.37 2.77 -6.53
C TYR A 101 -6.08 3.05 -7.85
N ASN A 102 -5.49 2.65 -8.95
CA ASN A 102 -6.14 2.88 -10.28
C ASN A 102 -7.48 2.16 -10.33
N GLU A 103 -7.56 0.98 -9.78
CA GLU A 103 -8.83 0.23 -9.82
C GLU A 103 -9.91 1.00 -9.06
N LYS A 104 -9.58 1.54 -7.91
CA LYS A 104 -10.60 2.31 -7.14
C LYS A 104 -11.03 3.53 -7.94
N LEU A 105 -10.10 4.24 -8.50
CA LEU A 105 -10.48 5.43 -9.30
C LEU A 105 -11.26 4.95 -10.53
N LYS A 106 -10.89 3.83 -11.07
CA LYS A 106 -11.61 3.30 -12.26
C LYS A 106 -13.05 3.03 -11.83
N GLN A 107 -13.22 2.41 -10.70
CA GLN A 107 -14.61 2.14 -10.21
C GLN A 107 -15.28 3.48 -9.93
N LEU A 108 -14.53 4.42 -9.43
CA LEU A 108 -15.10 5.76 -9.14
C LEU A 108 -15.69 6.34 -10.43
N LYS A 109 -15.08 5.99 -11.54
CA LYS A 109 -15.56 6.50 -12.85
C LYS A 109 -17.02 6.08 -13.08
N ASP A 110 -17.36 4.87 -12.74
CA ASP A 110 -18.76 4.41 -12.94
C ASP A 110 -19.01 3.08 -12.22
N GLY A 111 -17.96 2.32 -11.94
CA GLY A 111 -18.16 1.01 -11.25
C GLY A 111 -19.06 1.21 -10.03
N PRO A 112 -19.70 0.14 -9.60
CA PRO A 112 -20.61 0.18 -8.42
C PRO A 112 -19.89 0.52 -7.11
N TRP A 113 -20.49 1.33 -6.29
CA TRP A 113 -19.86 1.69 -4.99
C TRP A 113 -20.59 0.95 -3.86
N ASP A 114 -19.87 0.39 -2.93
CA ASP A 114 -20.55 -0.34 -1.83
C ASP A 114 -19.67 -0.36 -0.58
N VAL A 115 -20.20 -0.85 0.50
CA VAL A 115 -19.43 -0.92 1.76
C VAL A 115 -18.14 -1.69 1.52
N MET A 116 -18.18 -2.72 0.74
CA MET A 116 -16.94 -3.49 0.48
C MET A 116 -15.89 -2.55 -0.09
N LEU A 117 -16.29 -1.69 -0.99
CA LEU A 117 -15.32 -0.72 -1.56
C LEU A 117 -14.79 0.19 -0.44
N LYS A 118 -15.63 0.53 0.49
CA LYS A 118 -15.21 1.41 1.62
C LYS A 118 -14.01 0.78 2.35
N ARG A 119 -14.12 -0.47 2.66
CA ARG A 119 -13.00 -1.14 3.39
C ARG A 119 -11.76 -1.22 2.48
N SER A 120 -11.97 -1.49 1.22
CA SER A 120 -10.83 -1.60 0.28
C SER A 120 -10.09 -0.27 0.17
N LEU A 121 -10.80 0.83 0.17
CA LEU A 121 -10.13 2.15 0.08
C LEU A 121 -9.20 2.32 1.28
N TRP A 122 -9.63 1.89 2.44
CA TRP A 122 -8.78 2.00 3.64
C TRP A 122 -7.51 1.18 3.43
N CYS A 123 -7.62 0.06 2.78
CA CYS A 123 -6.43 -0.79 2.53
C CYS A 123 -5.44 -0.05 1.63
N CYS A 124 -5.93 0.59 0.60
CA CYS A 124 -5.03 1.32 -0.32
C CYS A 124 -4.30 2.42 0.45
N ILE A 125 -4.97 3.08 1.35
CA ILE A 125 -4.31 4.16 2.13
C ILE A 125 -3.10 3.60 2.90
N ASP A 126 -3.25 2.45 3.49
CA ASP A 126 -2.12 1.84 4.26
C ASP A 126 -0.95 1.56 3.32
N LEU A 127 -1.22 1.06 2.15
CA LEU A 127 -0.11 0.73 1.20
C LEU A 127 0.67 2.00 0.83
N PHE A 128 -0.01 3.10 0.64
CA PHE A 128 0.72 4.35 0.28
C PHE A 128 1.63 4.79 1.43
N SER A 129 1.14 4.73 2.64
CA SER A 129 1.99 5.16 3.78
C SER A 129 3.23 4.27 3.86
N CYS A 130 3.10 3.01 3.56
CA CYS A 130 4.27 2.09 3.62
C CYS A 130 5.28 2.49 2.54
N ILE A 131 4.82 2.75 1.35
CA ILE A 131 5.76 3.12 0.25
C ILE A 131 6.54 4.38 0.64
N LEU A 132 5.89 5.35 1.23
CA LEU A 132 6.60 6.60 1.61
C LEU A 132 7.59 6.31 2.74
N HIS A 133 7.17 5.58 3.74
CA HIS A 133 8.07 5.27 4.89
C HIS A 133 9.19 4.32 4.49
N LEU A 134 8.87 3.30 3.74
CA LEU A 134 9.92 2.30 3.34
C LEU A 134 11.06 2.96 2.56
N TRP A 135 10.79 3.96 1.78
CA TRP A 135 11.89 4.59 0.99
C TRP A 135 11.71 6.11 0.90
N LYS A 136 11.75 6.79 2.01
CA LYS A 136 11.60 8.28 1.98
C LYS A 136 12.76 8.89 1.20
N GLU A 137 13.94 8.34 1.35
CA GLU A 137 15.13 8.90 0.65
C GLU A 137 15.13 8.54 -0.85
N ASN A 138 14.38 7.54 -1.24
CA ASN A 138 14.37 7.15 -2.68
C ASN A 138 13.24 7.88 -3.41
N ILE A 139 12.49 8.68 -2.71
CA ILE A 139 11.37 9.42 -3.36
C ILE A 139 11.64 10.92 -3.27
N SER A 140 11.55 11.62 -4.37
CA SER A 140 11.82 13.08 -4.34
C SER A 140 10.68 13.80 -3.60
N GLU A 141 10.93 14.99 -3.13
CA GLU A 141 9.87 15.73 -2.39
C GLU A 141 8.71 16.03 -3.34
N THR A 142 9.01 16.40 -4.56
CA THR A 142 7.92 16.71 -5.52
C THR A 142 7.10 15.44 -5.79
N SER A 143 7.75 14.34 -5.99
CA SER A 143 7.01 13.07 -6.25
C SER A 143 6.17 12.72 -5.02
N THR A 144 6.69 12.96 -3.85
CA THR A 144 5.93 12.64 -2.62
C THR A 144 4.63 13.45 -2.59
N ASN A 145 4.70 14.69 -2.99
CA ASN A 145 3.46 15.53 -2.97
C ASN A 145 2.38 14.87 -3.83
N SER A 146 2.74 14.37 -4.98
CA SER A 146 1.73 13.71 -5.84
C SER A 146 1.14 12.49 -5.12
N LEU A 147 1.98 11.76 -4.42
CA LEU A 147 1.49 10.57 -3.69
C LEU A 147 0.50 11.01 -2.60
N GLN A 148 0.81 12.06 -1.92
CA GLN A 148 -0.10 12.54 -0.83
C GLN A 148 -1.47 12.88 -1.42
N LYS A 149 -1.51 13.46 -2.59
CA LYS A 149 -2.82 13.78 -3.20
C LYS A 149 -3.58 12.49 -3.44
N ARG A 150 -2.90 11.47 -3.89
CA ARG A 150 -3.59 10.17 -4.13
C ARG A 150 -4.15 9.65 -2.80
N ILE A 151 -3.37 9.74 -1.75
CA ILE A 151 -3.86 9.28 -0.42
C ILE A 151 -5.02 10.18 0.01
N LYS A 152 -4.83 11.46 -0.13
CA LYS A 152 -5.90 12.41 0.25
C LYS A 152 -7.14 12.13 -0.60
N TYR A 153 -6.94 11.80 -1.84
CA TYR A 153 -8.10 11.52 -2.72
C TYR A 153 -8.96 10.43 -2.08
N CYS A 154 -8.35 9.40 -1.58
CA CYS A 154 -9.14 8.33 -0.92
C CYS A 154 -9.78 8.88 0.35
N LYS A 155 -9.03 9.62 1.11
CA LYS A 155 -9.59 10.20 2.36
C LYS A 155 -10.78 11.10 2.02
N ILE A 156 -10.65 11.91 1.01
CA ILE A 156 -11.80 12.79 0.65
C ILE A 156 -12.94 11.98 0.06
N TYR A 157 -12.66 11.13 -0.89
CA TYR A 157 -13.75 10.32 -1.52
C TYR A 157 -14.34 9.34 -0.51
N LEU A 158 -13.55 8.80 0.36
CA LEU A 158 -14.11 7.84 1.35
C LEU A 158 -15.17 8.58 2.18
N SER A 159 -14.95 9.83 2.45
CA SER A 159 -15.95 10.61 3.23
C SER A 159 -17.20 10.84 2.38
N LYS A 160 -17.02 11.13 1.12
CA LYS A 160 -18.20 11.38 0.25
C LYS A 160 -19.07 10.14 0.21
N LEU A 161 -18.48 8.98 0.17
CA LEU A 161 -19.30 7.74 0.15
C LEU A 161 -20.16 7.70 1.41
N ALA A 162 -19.64 8.16 2.50
CA ALA A 162 -20.43 8.18 3.77
C ALA A 162 -21.63 9.12 3.60
N LYS A 163 -21.50 10.13 2.77
CA LYS A 163 -22.63 11.07 2.58
C LYS A 163 -23.64 10.46 1.60
N GLY A 164 -23.23 9.45 0.87
CA GLY A 164 -24.15 8.83 -0.11
C GLY A 164 -24.09 9.64 -1.40
N GLU A 165 -23.15 10.53 -1.50
CA GLU A 165 -23.03 11.37 -2.73
C GLU A 165 -22.47 10.53 -3.88
N ILE A 166 -21.67 9.55 -3.58
CA ILE A 166 -21.09 8.70 -4.67
C ILE A 166 -21.87 7.38 -4.72
N GLY A 167 -22.29 6.96 -5.87
CA GLY A 167 -23.05 5.68 -5.98
C GLY A 167 -23.61 5.53 -7.39
N ILE B 1 15.43 -11.92 -14.64
CA ILE B 1 14.94 -12.81 -15.74
C ILE B 1 13.46 -13.08 -15.53
N ASN B 2 13.13 -14.21 -14.98
CA ASN B 2 11.70 -14.52 -14.75
C ASN B 2 11.23 -13.70 -13.55
N ILE B 3 11.95 -12.66 -13.23
CA ILE B 3 11.55 -11.81 -12.09
C ILE B 3 10.21 -11.16 -12.42
N ASP B 4 10.05 -10.72 -13.64
CA ASP B 4 8.75 -10.11 -14.03
C ASP B 4 7.72 -11.22 -14.21
N LYS B 5 8.14 -12.31 -14.80
CA LYS B 5 7.21 -13.45 -15.04
C LYS B 5 6.78 -14.06 -13.71
N LEU B 6 7.70 -14.18 -12.78
CA LEU B 6 7.36 -14.79 -11.46
C LEU B 6 6.34 -13.94 -10.72
N GLN B 7 6.58 -12.66 -10.67
CA GLN B 7 5.64 -11.76 -9.95
C GLN B 7 4.31 -11.67 -10.71
N ASP B 8 4.35 -11.71 -12.01
CA ASP B 8 3.07 -11.63 -12.79
C ASP B 8 3.25 -12.29 -14.16
N MET B 9 2.84 -11.62 -15.20
CA MET B 9 2.98 -12.20 -16.56
C MET B 9 4.24 -11.68 -17.24
N GLN B 10 4.39 -11.91 -18.52
CA GLN B 10 5.59 -11.43 -19.25
C GLN B 10 5.73 -9.92 -19.06
N ASP B 11 4.63 -9.24 -18.84
CA ASP B 11 4.70 -7.77 -18.65
C ASP B 11 5.77 -7.42 -17.61
N GLU B 12 6.40 -6.28 -17.74
CA GLU B 12 7.45 -5.88 -16.76
C GLU B 12 6.83 -5.01 -15.66
N MET B 13 7.54 -4.80 -14.60
CA MET B 13 6.98 -3.97 -13.49
C MET B 13 6.61 -2.58 -14.02
N LEU B 14 7.41 -2.04 -14.88
CA LEU B 14 7.11 -0.71 -15.44
C LEU B 14 5.80 -0.78 -16.24
N ASP B 15 5.54 -1.90 -16.86
CA ASP B 15 4.27 -2.03 -17.63
C ASP B 15 3.09 -1.84 -16.68
N LEU B 16 3.19 -2.35 -15.48
CA LEU B 16 2.08 -2.17 -14.50
C LEU B 16 1.84 -0.67 -14.34
N ILE B 17 2.89 0.11 -14.41
CA ILE B 17 2.69 1.58 -14.27
C ILE B 17 1.93 2.09 -15.49
N GLU B 18 2.09 1.46 -16.62
CA GLU B 18 1.35 1.89 -17.83
C GLU B 18 -0.14 1.86 -17.48
N GLN B 19 -0.55 0.86 -16.74
CA GLN B 19 -1.97 0.79 -16.33
C GLN B 19 -2.27 2.05 -15.54
N GLY B 20 -1.32 2.51 -14.80
CA GLY B 20 -1.52 3.76 -14.02
C GLY B 20 -1.79 4.89 -15.01
N ASP B 21 -1.19 4.83 -16.17
CA ASP B 21 -1.45 5.91 -17.17
C ASP B 21 -2.96 5.97 -17.40
N GLU B 22 -3.61 4.84 -17.41
CA GLU B 22 -5.09 4.82 -17.58
C GLU B 22 -5.71 5.59 -16.42
N LEU B 23 -5.10 5.53 -15.27
CA LEU B 23 -5.66 6.26 -14.09
C LEU B 23 -5.83 7.73 -14.48
N GLN B 24 -4.86 8.28 -15.14
CA GLN B 24 -4.97 9.70 -15.57
C GLN B 24 -6.17 9.85 -16.51
N GLU B 25 -6.37 8.90 -17.38
CA GLU B 25 -7.52 8.99 -18.32
C GLU B 25 -8.83 8.99 -17.54
N VAL B 26 -8.93 8.20 -16.50
CA VAL B 26 -10.18 8.18 -15.71
C VAL B 26 -10.41 9.52 -15.03
N LEU B 27 -9.42 9.99 -14.33
CA LEU B 27 -9.58 11.30 -13.65
C LEU B 27 -9.68 12.41 -14.70
N ALA B 28 -9.01 12.24 -15.81
CA ALA B 28 -9.08 13.27 -16.88
C ALA B 28 -10.53 13.45 -17.31
N MET B 29 -11.26 12.37 -17.45
CA MET B 29 -12.69 12.51 -17.84
C MET B 29 -13.43 13.27 -16.73
N ASN B 30 -12.99 13.10 -15.51
CA ASN B 30 -13.65 13.80 -14.37
C ASN B 30 -13.18 15.25 -14.35
N ASN B 31 -12.38 15.65 -15.31
CA ASN B 31 -11.87 17.05 -15.37
C ASN B 31 -10.61 17.18 -14.52
N ASN B 32 -9.46 17.17 -15.15
CA ASN B 32 -8.18 17.31 -14.39
C ASN B 32 -8.19 18.61 -13.61
N SER B 33 -8.81 19.63 -14.15
CA SER B 33 -8.86 20.92 -13.43
C SER B 33 -9.53 20.69 -12.08
N GLY B 34 -10.26 19.60 -11.95
CA GLY B 34 -10.91 19.30 -10.66
C GLY B 34 -9.86 19.27 -9.55
N GLU B 35 -9.76 20.31 -8.78
CA GLU B 35 -8.74 20.34 -7.69
C GLU B 35 -9.40 20.03 -6.35
N LEU B 36 -8.64 19.50 -5.43
CA LEU B 36 -9.21 19.16 -4.10
C LEU B 36 -9.91 20.38 -3.51
N ASP B 37 -9.43 21.55 -3.82
CA ASP B 37 -10.06 22.80 -3.30
C ASP B 37 -11.52 22.88 -3.75
N ASP B 38 -11.85 22.22 -4.83
CA ASP B 38 -13.25 22.28 -5.34
C ASP B 38 -14.16 21.43 -4.45
N ILE B 39 -13.61 20.48 -3.75
CA ILE B 39 -14.44 19.62 -2.86
C ILE B 39 -14.17 19.98 -1.40
N SER B 40 -15.20 20.03 -0.60
CA SER B 40 -15.02 20.39 0.84
C SER B 40 -14.04 19.43 1.52
N ASP B 41 -12.78 19.58 1.27
CA ASP B 41 -11.77 18.68 1.88
C ASP B 41 -11.81 18.80 3.41
N ALA B 42 -12.04 20.00 3.92
CA ALA B 42 -12.06 20.19 5.39
C ALA B 42 -13.18 19.36 6.06
N GLU B 43 -14.36 19.42 5.54
CA GLU B 43 -15.47 18.63 6.17
C GLU B 43 -15.25 17.15 5.91
N LEU B 44 -14.90 16.82 4.71
CA LEU B 44 -14.68 15.39 4.34
C LEU B 44 -13.54 14.82 5.18
N ASP B 45 -12.52 15.58 5.42
CA ASP B 45 -11.37 15.08 6.23
C ASP B 45 -11.81 14.83 7.68
N ALA B 46 -12.56 15.72 8.24
CA ALA B 46 -13.00 15.55 9.66
C ALA B 46 -13.98 14.38 9.76
N GLU B 47 -14.87 14.24 8.82
CA GLU B 47 -15.85 13.12 8.89
C GLU B 47 -15.12 11.79 8.74
N LEU B 48 -14.03 11.76 8.02
CA LEU B 48 -13.30 10.48 7.83
C LEU B 48 -12.71 10.00 9.15
N ASP B 49 -12.12 10.88 9.91
CA ASP B 49 -11.52 10.44 11.19
C ASP B 49 -12.61 9.90 12.11
N ALA B 50 -13.74 10.55 12.16
CA ALA B 50 -14.85 10.04 13.02
C ALA B 50 -15.46 8.81 12.36
N LEU B 51 -15.64 8.84 11.08
CA LEU B 51 -16.24 7.68 10.36
C LEU B 51 -15.31 6.47 10.47
N ALA B 52 -14.02 6.69 10.39
CA ALA B 52 -13.08 5.54 10.48
C ALA B 52 -13.26 4.82 11.82
N GLN B 53 -13.45 5.55 12.88
CA GLN B 53 -13.63 4.90 14.20
C GLN B 53 -14.86 3.99 14.15
N GLU B 54 -15.88 4.41 13.44
CA GLU B 54 -17.11 3.57 13.34
C GLU B 54 -16.80 2.29 12.56
N ASP B 55 -16.10 2.42 11.47
CA ASP B 55 -15.77 1.22 10.65
C ASP B 55 -14.66 0.42 11.31
N PHE B 56 -13.73 1.09 11.93
CA PHE B 56 -12.60 0.37 12.59
C PHE B 56 -13.03 -0.07 13.98
N THR B 57 -12.21 -0.83 14.65
CA THR B 57 -12.57 -1.29 16.02
C THR B 57 -11.69 -0.58 17.04
N LEU B 58 -12.28 0.10 17.98
CA LEU B 58 -11.47 0.79 19.01
C LEU B 58 -11.24 -0.15 20.20
N PRO B 59 -10.05 -0.19 20.74
CA PRO B 59 -9.73 -1.07 21.90
C PRO B 59 -10.36 -0.56 23.21
N MET A 1 -3.20 6.44 14.23
CA MET A 1 -1.77 6.56 14.62
C MET A 1 -1.19 5.16 14.87
N ALA A 2 -0.94 4.82 16.11
CA ALA A 2 -0.38 3.47 16.41
C ALA A 2 -1.35 2.39 15.96
N SER A 3 -2.63 2.65 16.09
CA SER A 3 -3.64 1.63 15.65
C SER A 3 -3.47 1.35 14.16
N ASN A 4 -3.13 2.33 13.38
CA ASN A 4 -2.96 2.11 11.92
C ASN A 4 -1.85 1.07 11.70
N ALA A 5 -0.82 1.12 12.49
CA ALA A 5 0.29 0.13 12.32
C ALA A 5 -0.24 -1.28 12.56
N ALA A 6 -1.11 -1.44 13.52
CA ALA A 6 -1.66 -2.79 13.80
C ALA A 6 -2.48 -3.28 12.61
N ARG A 7 -3.28 -2.42 12.04
CA ARG A 7 -4.10 -2.86 10.87
C ARG A 7 -3.18 -3.31 9.75
N VAL A 8 -2.10 -2.60 9.55
CA VAL A 8 -1.16 -2.98 8.47
C VAL A 8 -0.62 -4.38 8.76
N VAL A 9 -0.34 -4.69 10.00
CA VAL A 9 0.17 -6.04 10.33
C VAL A 9 -0.88 -7.09 9.96
N ALA A 10 -2.11 -6.85 10.34
CA ALA A 10 -3.19 -7.82 10.00
C ALA A 10 -3.40 -7.79 8.49
N THR A 11 -3.42 -6.63 7.91
CA THR A 11 -3.60 -6.52 6.43
C THR A 11 -2.44 -7.26 5.74
N ALA A 12 -1.26 -7.12 6.27
CA ALA A 12 -0.09 -7.82 5.66
C ALA A 12 -0.38 -9.32 5.63
N LYS A 13 -0.97 -9.84 6.67
CA LYS A 13 -1.29 -11.29 6.72
C LYS A 13 -2.25 -11.63 5.57
N ASP A 14 -3.09 -10.70 5.21
CA ASP A 14 -4.06 -10.97 4.11
C ASP A 14 -3.30 -11.28 2.82
N PHE A 15 -2.25 -10.56 2.56
CA PHE A 15 -1.46 -10.82 1.32
C PHE A 15 -0.85 -12.21 1.37
N ASP A 16 -0.40 -12.64 2.51
CA ASP A 16 0.21 -14.01 2.61
C ASP A 16 -0.86 -15.04 2.25
N LYS A 17 -2.07 -14.82 2.68
CA LYS A 17 -3.18 -15.77 2.36
C LYS A 17 -3.35 -15.85 0.84
N VAL A 18 -3.10 -14.76 0.16
CA VAL A 18 -3.28 -14.76 -1.33
C VAL A 18 -1.99 -15.23 -1.99
N GLY A 19 -0.95 -15.46 -1.23
CA GLY A 19 0.33 -15.94 -1.83
C GLY A 19 1.25 -14.76 -2.13
N LEU A 20 0.87 -13.56 -1.75
CA LEU A 20 1.74 -12.38 -2.01
C LEU A 20 2.58 -12.10 -0.77
N GLY A 21 3.40 -13.04 -0.36
CA GLY A 21 4.25 -12.82 0.83
C GLY A 21 5.18 -11.62 0.64
N ILE A 22 5.63 -11.40 -0.56
CA ILE A 22 6.56 -10.25 -0.80
C ILE A 22 5.87 -8.95 -0.38
N ILE A 23 4.62 -8.78 -0.71
CA ILE A 23 3.92 -7.54 -0.31
C ILE A 23 3.81 -7.51 1.22
N GLY A 24 3.33 -8.59 1.80
CA GLY A 24 3.21 -8.64 3.28
C GLY A 24 4.59 -8.48 3.91
N TYR A 25 5.60 -8.97 3.25
CA TYR A 25 6.98 -8.86 3.80
C TYR A 25 7.34 -7.40 4.03
N TYR A 26 7.12 -6.56 3.05
CA TYR A 26 7.45 -5.13 3.22
C TYR A 26 6.50 -4.50 4.26
N LEU A 27 5.26 -4.94 4.31
CA LEU A 27 4.31 -4.36 5.30
C LEU A 27 4.78 -4.69 6.72
N GLN A 28 5.25 -5.89 6.95
CA GLN A 28 5.72 -6.23 8.33
C GLN A 28 6.86 -5.28 8.71
N LEU A 29 7.71 -4.99 7.77
CA LEU A 29 8.84 -4.05 8.05
C LEU A 29 8.26 -2.66 8.34
N TYR A 30 7.23 -2.29 7.63
CA TYR A 30 6.60 -0.96 7.86
C TYR A 30 5.97 -0.88 9.25
N ALA A 31 5.28 -1.91 9.67
CA ALA A 31 4.64 -1.88 11.02
C ALA A 31 5.72 -1.83 12.11
N VAL A 32 6.80 -2.53 11.94
CA VAL A 32 7.87 -2.52 12.98
C VAL A 32 8.40 -1.10 13.18
N GLU A 33 8.71 -0.42 12.11
CA GLU A 33 9.25 0.95 12.24
C GLU A 33 8.19 1.86 12.86
N LEU A 34 6.94 1.62 12.57
CA LEU A 34 5.86 2.47 13.14
C LEU A 34 5.87 2.38 14.67
N ILE A 35 5.95 1.19 15.19
CA ILE A 35 5.96 1.03 16.67
C ILE A 35 7.20 1.70 17.26
N LEU A 36 8.31 1.56 16.61
CA LEU A 36 9.57 2.20 17.12
C LEU A 36 9.41 3.72 17.10
N SER A 37 8.71 4.22 16.14
CA SER A 37 8.53 5.69 16.06
C SER A 37 7.67 6.15 17.23
N GLU A 38 6.99 5.24 17.86
CA GLU A 38 6.13 5.63 19.01
C GLU A 38 7.00 5.84 20.26
N GLU A 39 6.90 6.99 20.87
CA GLU A 39 7.71 7.27 22.09
C GLU A 39 7.25 6.35 23.22
N ASP A 40 5.98 6.05 23.28
CA ASP A 40 5.48 5.17 24.37
C ASP A 40 5.37 3.73 23.87
N ARG A 41 5.97 2.80 24.56
CA ARG A 41 5.90 1.38 24.15
C ARG A 41 5.56 0.50 25.34
N SER A 42 4.78 -0.52 25.14
CA SER A 42 4.41 -1.43 26.26
C SER A 42 5.02 -2.80 25.98
N GLN A 43 5.16 -3.62 26.97
CA GLN A 43 5.75 -4.96 26.72
C GLN A 43 4.98 -5.63 25.59
N GLU A 44 3.69 -5.39 25.52
CA GLU A 44 2.89 -6.01 24.43
C GLU A 44 3.26 -5.37 23.09
N MET A 45 3.41 -4.07 23.05
CA MET A 45 3.76 -3.40 21.76
C MET A 45 5.21 -3.72 21.39
N THR A 46 6.09 -3.65 22.36
CA THR A 46 7.53 -3.94 22.08
C THR A 46 7.67 -5.39 21.61
N ALA A 47 7.00 -6.30 22.26
CA ALA A 47 7.09 -7.73 21.87
C ALA A 47 6.50 -7.92 20.47
N LEU A 48 5.46 -7.19 20.15
CA LEU A 48 4.84 -7.35 18.81
C LEU A 48 5.86 -6.97 17.72
N ALA A 49 6.62 -5.94 17.94
CA ALA A 49 7.63 -5.54 16.91
C ALA A 49 8.71 -6.61 16.83
N THR A 50 9.12 -7.14 17.95
CA THR A 50 10.17 -8.19 17.94
C THR A 50 9.70 -9.42 17.16
N GLU A 51 8.50 -9.85 17.40
CA GLU A 51 7.98 -11.05 16.68
C GLU A 51 8.05 -10.82 15.17
N LEU A 52 7.76 -9.63 14.72
CA LEU A 52 7.82 -9.36 13.26
C LEU A 52 9.25 -9.50 12.77
N LEU A 53 10.22 -9.11 13.55
CA LEU A 53 11.63 -9.24 13.10
C LEU A 53 11.94 -10.70 12.82
N ASP A 54 11.44 -11.59 13.64
CA ASP A 54 11.69 -13.04 13.40
C ASP A 54 11.06 -13.44 12.06
N THR A 55 9.87 -12.99 11.78
CA THR A 55 9.22 -13.34 10.50
C THR A 55 9.99 -12.72 9.34
N ILE A 56 10.32 -11.46 9.46
CA ILE A 56 11.07 -10.79 8.36
C ILE A 56 12.41 -11.47 8.17
N GLU A 57 13.14 -11.70 9.22
CA GLU A 57 14.46 -12.37 9.08
C GLU A 57 14.24 -13.79 8.57
N ALA A 58 13.22 -14.45 9.07
CA ALA A 58 12.95 -15.84 8.60
C ALA A 58 12.47 -15.79 7.15
N PHE A 59 11.64 -14.85 6.82
CA PHE A 59 11.15 -14.73 5.43
C PHE A 59 12.34 -14.48 4.49
N LYS A 60 13.18 -13.55 4.85
CA LYS A 60 14.35 -13.25 3.99
C LYS A 60 15.24 -14.49 3.89
N LYS A 61 15.39 -15.21 4.96
CA LYS A 61 16.24 -16.44 4.93
C LYS A 61 15.64 -17.45 3.94
N GLU A 62 14.33 -17.50 3.86
CA GLU A 62 13.68 -18.44 2.92
C GLU A 62 14.10 -18.13 1.50
N ILE A 63 14.37 -16.88 1.22
CA ILE A 63 14.79 -16.50 -0.17
C ILE A 63 16.15 -15.80 -0.12
N GLY A 64 16.82 -15.83 1.00
CA GLY A 64 18.14 -15.16 1.10
C GLY A 64 19.06 -15.71 0.00
N GLY A 65 18.98 -16.98 -0.28
CA GLY A 65 19.84 -17.57 -1.35
C GLY A 65 21.12 -18.15 -0.74
N GLU A 66 21.26 -18.08 0.56
CA GLU A 66 22.50 -18.65 1.18
C GLU A 66 22.61 -20.13 0.83
N SER A 67 21.51 -20.82 0.82
CA SER A 67 21.53 -22.27 0.48
C SER A 67 20.40 -22.55 -0.52
N GLU A 68 19.35 -21.78 -0.46
CA GLU A 68 18.23 -21.98 -1.41
C GLU A 68 18.73 -21.75 -2.83
N ALA A 69 19.70 -20.88 -2.98
CA ALA A 69 20.23 -20.60 -4.34
C ALA A 69 20.82 -21.88 -4.93
N GLU A 70 21.44 -22.69 -4.12
CA GLU A 70 22.01 -23.96 -4.64
C GLU A 70 20.89 -24.74 -5.32
N ASP A 71 19.75 -24.81 -4.69
CA ASP A 71 18.61 -25.53 -5.29
C ASP A 71 18.17 -24.78 -6.55
N SER A 72 18.20 -23.48 -6.49
CA SER A 72 17.82 -22.65 -7.65
C SER A 72 18.41 -21.25 -7.46
N ASP A 73 19.53 -20.99 -8.06
CA ASP A 73 20.16 -19.65 -7.89
C ASP A 73 19.81 -18.77 -9.08
N LYS A 74 18.94 -19.23 -9.94
CA LYS A 74 18.57 -18.42 -11.12
C LYS A 74 17.30 -17.62 -10.83
N SER A 75 16.17 -18.28 -10.86
CA SER A 75 14.89 -17.56 -10.61
C SER A 75 14.78 -17.09 -9.15
N LEU A 76 15.22 -17.87 -8.21
CA LEU A 76 15.12 -17.44 -6.79
C LEU A 76 16.11 -16.31 -6.51
N HIS A 77 17.27 -16.37 -7.11
CA HIS A 77 18.27 -15.30 -6.86
C HIS A 77 17.71 -13.95 -7.31
N VAL A 78 17.10 -13.91 -8.47
CA VAL A 78 16.52 -12.62 -8.93
C VAL A 78 15.41 -12.21 -7.97
N MET A 79 14.61 -13.15 -7.54
CA MET A 79 13.52 -12.82 -6.59
C MET A 79 14.15 -12.19 -5.36
N ASN A 80 15.30 -12.67 -4.98
CA ASN A 80 15.98 -12.08 -3.80
C ASN A 80 16.23 -10.60 -4.09
N THR A 81 16.47 -10.26 -5.33
CA THR A 81 16.70 -8.83 -5.66
C THR A 81 15.47 -8.04 -5.19
N LEU A 82 14.31 -8.62 -5.32
CA LEU A 82 13.07 -7.92 -4.88
C LEU A 82 13.17 -7.64 -3.37
N ILE A 83 13.71 -8.56 -2.61
CA ILE A 83 13.82 -8.33 -1.13
C ILE A 83 15.10 -7.55 -0.80
N HIS A 84 16.21 -7.95 -1.37
CA HIS A 84 17.50 -7.26 -1.08
C HIS A 84 17.55 -5.87 -1.72
N ASP A 85 17.19 -5.76 -2.98
CA ASP A 85 17.24 -4.42 -3.64
C ASP A 85 15.96 -3.64 -3.33
N GLN A 86 16.02 -2.74 -2.38
CA GLN A 86 14.81 -1.94 -2.03
C GLN A 86 14.40 -1.05 -3.20
N GLU A 87 15.35 -0.54 -3.95
CA GLU A 87 15.00 0.36 -5.09
C GLU A 87 14.13 -0.39 -6.10
N LYS A 88 14.53 -1.57 -6.50
CA LYS A 88 13.72 -2.33 -7.48
C LYS A 88 12.40 -2.73 -6.83
N ALA A 89 12.44 -3.12 -5.59
CA ALA A 89 11.19 -3.50 -4.89
C ALA A 89 10.27 -2.27 -4.82
N LYS A 90 10.84 -1.11 -4.62
CA LYS A 90 10.02 0.12 -4.55
C LYS A 90 9.12 0.22 -5.77
N ILE A 91 9.66 -0.01 -6.94
CA ILE A 91 8.83 0.07 -8.16
C ILE A 91 7.72 -0.97 -8.12
N TYR A 92 8.03 -2.18 -7.78
CA TYR A 92 6.97 -3.23 -7.72
C TYR A 92 5.94 -2.84 -6.65
N MET A 93 6.38 -2.39 -5.52
CA MET A 93 5.41 -2.00 -4.46
C MET A 93 4.59 -0.82 -4.99
N LEU A 94 5.23 0.12 -5.60
CA LEU A 94 4.49 1.28 -6.17
C LEU A 94 3.57 0.78 -7.27
N ASN A 95 4.06 -0.11 -8.09
CA ASN A 95 3.22 -0.65 -9.19
C ASN A 95 2.00 -1.36 -8.60
N PHE A 96 2.20 -2.11 -7.56
CA PHE A 96 1.06 -2.83 -6.93
C PHE A 96 0.11 -1.80 -6.33
N THR A 97 0.63 -0.89 -5.57
CA THR A 97 -0.24 0.15 -4.94
C THR A 97 -0.91 0.97 -6.05
N MET A 98 -0.16 1.36 -7.05
CA MET A 98 -0.76 2.14 -8.16
C MET A 98 -1.83 1.29 -8.85
N SER A 99 -1.57 0.03 -9.03
CA SER A 99 -2.57 -0.85 -9.69
C SER A 99 -3.82 -0.91 -8.83
N LEU A 100 -3.67 -1.12 -7.55
CA LEU A 100 -4.85 -1.17 -6.65
C LEU A 100 -5.49 0.22 -6.62
N TYR A 101 -4.69 1.24 -6.49
CA TYR A 101 -5.23 2.63 -6.46
C TYR A 101 -5.93 2.93 -7.78
N ASN A 102 -5.34 2.55 -8.88
CA ASN A 102 -5.98 2.81 -10.19
C ASN A 102 -7.32 2.07 -10.28
N GLU A 103 -7.37 0.87 -9.74
CA GLU A 103 -8.64 0.10 -9.81
C GLU A 103 -9.75 0.84 -9.05
N LYS A 104 -9.44 1.37 -7.90
CA LYS A 104 -10.50 2.10 -7.13
C LYS A 104 -10.96 3.33 -7.91
N LEU A 105 -10.04 4.07 -8.47
CA LEU A 105 -10.44 5.27 -9.25
C LEU A 105 -11.19 4.79 -10.49
N LYS A 106 -10.78 3.70 -11.06
CA LYS A 106 -11.48 3.17 -12.27
C LYS A 106 -12.92 2.86 -11.88
N GLN A 107 -13.10 2.20 -10.78
CA GLN A 107 -14.48 1.89 -10.31
C GLN A 107 -15.22 3.19 -10.06
N LEU A 108 -14.53 4.18 -9.55
CA LEU A 108 -15.16 5.49 -9.26
C LEU A 108 -15.73 6.03 -10.58
N LYS A 109 -15.07 5.73 -11.67
CA LYS A 109 -15.54 6.21 -12.99
C LYS A 109 -16.95 5.71 -13.27
N ASP A 110 -17.24 4.47 -12.94
CA ASP A 110 -18.61 3.94 -13.19
C ASP A 110 -18.83 2.60 -12.45
N GLY A 111 -17.82 2.08 -11.81
CA GLY A 111 -18.00 0.78 -11.09
C GLY A 111 -18.94 0.98 -9.89
N PRO A 112 -19.55 -0.09 -9.46
CA PRO A 112 -20.51 -0.05 -8.30
C PRO A 112 -19.83 0.35 -7.00
N TRP A 113 -20.47 1.18 -6.22
CA TRP A 113 -19.86 1.63 -4.93
C TRP A 113 -20.58 0.93 -3.77
N ASP A 114 -19.86 0.42 -2.82
CA ASP A 114 -20.52 -0.27 -1.67
C ASP A 114 -19.63 -0.21 -0.44
N VAL A 115 -20.14 -0.65 0.67
CA VAL A 115 -19.35 -0.64 1.92
C VAL A 115 -18.06 -1.43 1.71
N MET A 116 -18.12 -2.51 0.99
CA MET A 116 -16.88 -3.31 0.76
C MET A 116 -15.82 -2.41 0.13
N LEU A 117 -16.21 -1.60 -0.82
CA LEU A 117 -15.22 -0.68 -1.45
C LEU A 117 -14.68 0.28 -0.39
N LYS A 118 -15.52 0.68 0.53
CA LYS A 118 -15.08 1.63 1.59
C LYS A 118 -13.89 1.04 2.36
N ARG A 119 -13.99 -0.20 2.74
CA ARG A 119 -12.86 -0.83 3.51
C ARG A 119 -11.64 -0.95 2.61
N SER A 120 -11.84 -1.30 1.37
CA SER A 120 -10.68 -1.45 0.44
C SER A 120 -9.97 -0.11 0.27
N LEU A 121 -10.70 0.97 0.21
CA LEU A 121 -10.04 2.29 0.05
C LEU A 121 -9.14 2.55 1.27
N TRP A 122 -9.61 2.24 2.44
CA TRP A 122 -8.76 2.44 3.65
C TRP A 122 -7.53 1.55 3.54
N CYS A 123 -7.70 0.37 3.02
CA CYS A 123 -6.55 -0.55 2.86
C CYS A 123 -5.54 0.04 1.87
N CYS A 124 -6.03 0.63 0.81
CA CYS A 124 -5.11 1.23 -0.20
C CYS A 124 -4.32 2.37 0.44
N ILE A 125 -4.96 3.16 1.26
CA ILE A 125 -4.25 4.29 1.92
C ILE A 125 -3.07 3.76 2.72
N ASP A 126 -3.24 2.68 3.43
CA ASP A 126 -2.12 2.13 4.24
C ASP A 126 -0.95 1.76 3.33
N LEU A 127 -1.24 1.22 2.18
CA LEU A 127 -0.14 0.83 1.24
C LEU A 127 0.65 2.08 0.81
N PHE A 128 -0.01 3.17 0.55
CA PHE A 128 0.72 4.39 0.12
C PHE A 128 1.63 4.89 1.25
N SER A 129 1.14 4.91 2.46
CA SER A 129 1.99 5.38 3.58
C SER A 129 3.22 4.49 3.72
N CYS A 130 3.07 3.22 3.48
CA CYS A 130 4.23 2.30 3.61
C CYS A 130 5.28 2.63 2.55
N ILE A 131 4.86 2.89 1.34
CA ILE A 131 5.83 3.22 0.27
C ILE A 131 6.65 4.45 0.65
N LEU A 132 6.00 5.47 1.17
CA LEU A 132 6.76 6.69 1.55
C LEU A 132 7.66 6.40 2.76
N HIS A 133 7.14 5.72 3.73
CA HIS A 133 7.95 5.40 4.95
C HIS A 133 9.06 4.39 4.63
N LEU A 134 8.74 3.35 3.91
CA LEU A 134 9.76 2.31 3.59
C LEU A 134 10.93 2.90 2.79
N TRP A 135 10.68 3.87 1.95
CA TRP A 135 11.81 4.44 1.14
C TRP A 135 11.72 5.98 1.10
N LYS A 136 11.78 6.61 2.23
CA LYS A 136 11.72 8.11 2.25
C LYS A 136 12.92 8.67 1.50
N GLU A 137 14.05 8.04 1.63
CA GLU A 137 15.29 8.55 0.95
C GLU A 137 15.24 8.30 -0.57
N ASN A 138 14.49 7.35 -1.02
CA ASN A 138 14.45 7.08 -2.49
C ASN A 138 13.31 7.86 -3.13
N ILE A 139 12.57 8.60 -2.36
CA ILE A 139 11.44 9.39 -2.93
C ILE A 139 11.71 10.89 -2.70
N SER A 140 11.68 11.67 -3.75
CA SER A 140 11.94 13.13 -3.60
C SER A 140 10.75 13.80 -2.89
N GLU A 141 10.97 14.95 -2.31
CA GLU A 141 9.86 15.64 -1.60
C GLU A 141 8.78 16.05 -2.61
N THR A 142 9.18 16.51 -3.77
CA THR A 142 8.18 16.93 -4.78
C THR A 142 7.37 15.71 -5.24
N SER A 143 8.05 14.63 -5.53
CA SER A 143 7.32 13.41 -5.97
C SER A 143 6.49 12.88 -4.80
N THR A 144 6.96 13.07 -3.60
CA THR A 144 6.18 12.60 -2.42
C THR A 144 4.85 13.32 -2.37
N ASN A 145 4.85 14.60 -2.64
CA ASN A 145 3.58 15.38 -2.61
C ASN A 145 2.59 14.76 -3.61
N SER A 146 3.08 14.32 -4.74
CA SER A 146 2.17 13.71 -5.75
C SER A 146 1.50 12.46 -5.14
N LEU A 147 2.26 11.67 -4.45
CA LEU A 147 1.69 10.45 -3.81
C LEU A 147 0.68 10.85 -2.73
N GLN A 148 1.02 11.85 -1.96
CA GLN A 148 0.09 12.30 -0.88
C GLN A 148 -1.22 12.78 -1.51
N LYS A 149 -1.15 13.40 -2.65
CA LYS A 149 -2.40 13.88 -3.31
C LYS A 149 -3.27 12.67 -3.65
N ARG A 150 -2.67 11.61 -4.09
CA ARG A 150 -3.46 10.40 -4.43
C ARG A 150 -4.18 9.90 -3.18
N ILE A 151 -3.50 9.89 -2.07
CA ILE A 151 -4.15 9.44 -0.81
C ILE A 151 -5.26 10.41 -0.44
N LYS A 152 -5.00 11.68 -0.60
CA LYS A 152 -6.02 12.71 -0.26
C LYS A 152 -7.27 12.51 -1.12
N TYR A 153 -7.09 12.18 -2.36
CA TYR A 153 -8.26 11.97 -3.25
C TYR A 153 -9.15 10.87 -2.65
N CYS A 154 -8.55 9.81 -2.18
CA CYS A 154 -9.37 8.73 -1.56
C CYS A 154 -10.03 9.26 -0.30
N LYS A 155 -9.32 10.04 0.47
CA LYS A 155 -9.91 10.60 1.71
C LYS A 155 -11.14 11.43 1.36
N ILE A 156 -11.05 12.24 0.34
CA ILE A 156 -12.22 13.07 -0.04
C ILE A 156 -13.33 12.20 -0.62
N TYR A 157 -13.02 11.36 -1.55
CA TYR A 157 -14.06 10.49 -2.15
C TYR A 157 -14.57 9.49 -1.12
N LEU A 158 -13.72 9.00 -0.27
CA LEU A 158 -14.18 8.02 0.76
C LEU A 158 -15.26 8.70 1.59
N SER A 159 -15.11 9.96 1.87
CA SER A 159 -16.13 10.68 2.65
C SER A 159 -17.44 10.74 1.86
N LYS A 160 -17.34 11.06 0.60
CA LYS A 160 -18.56 11.16 -0.25
C LYS A 160 -19.24 9.79 -0.32
N LEU A 161 -18.46 8.73 -0.40
CA LEU A 161 -19.07 7.37 -0.46
C LEU A 161 -19.82 7.09 0.83
N ALA A 162 -19.26 7.46 1.95
CA ALA A 162 -19.94 7.22 3.25
C ALA A 162 -21.13 8.16 3.40
N LYS A 163 -21.11 9.28 2.73
CA LYS A 163 -22.22 10.25 2.83
C LYS A 163 -23.35 9.85 1.88
N GLY A 164 -23.13 8.83 1.09
CA GLY A 164 -24.18 8.39 0.14
C GLY A 164 -24.22 9.32 -1.07
N GLU A 165 -23.23 10.15 -1.22
CA GLU A 165 -23.21 11.09 -2.37
C GLU A 165 -22.84 10.32 -3.65
N ILE A 166 -22.08 9.26 -3.54
CA ILE A 166 -21.71 8.48 -4.75
C ILE A 166 -22.49 7.17 -4.78
N GLY A 167 -23.07 6.83 -5.91
CA GLY A 167 -23.85 5.58 -5.99
C GLY A 167 -25.10 5.81 -6.84
N ILE B 1 15.63 -11.77 -14.51
CA ILE B 1 15.11 -12.39 -15.76
C ILE B 1 13.60 -12.57 -15.64
N ASN B 2 13.15 -13.72 -15.22
CA ASN B 2 11.70 -13.93 -15.07
C ASN B 2 11.25 -13.22 -13.81
N ILE B 3 12.04 -12.28 -13.36
CA ILE B 3 11.68 -11.53 -12.13
C ILE B 3 10.40 -10.75 -12.40
N ASP B 4 10.30 -10.15 -13.55
CA ASP B 4 9.07 -9.39 -13.88
C ASP B 4 7.96 -10.39 -14.22
N LYS B 5 8.30 -11.42 -14.94
CA LYS B 5 7.30 -12.43 -15.33
C LYS B 5 6.80 -13.17 -14.08
N LEU B 6 7.69 -13.48 -13.18
CA LEU B 6 7.30 -14.21 -11.94
C LEU B 6 6.36 -13.34 -11.12
N GLN B 7 6.72 -12.11 -10.93
CA GLN B 7 5.86 -11.19 -10.15
C GLN B 7 4.60 -10.84 -10.94
N ASP B 8 4.72 -10.67 -12.22
CA ASP B 8 3.52 -10.33 -13.03
C ASP B 8 3.68 -10.89 -14.46
N MET B 9 3.24 -12.09 -14.67
CA MET B 9 3.35 -12.69 -16.04
C MET B 9 2.54 -11.85 -17.04
N GLN B 10 1.50 -11.22 -16.59
CA GLN B 10 0.64 -10.41 -17.50
C GLN B 10 1.49 -9.35 -18.24
N ASP B 11 2.46 -8.77 -17.58
CA ASP B 11 3.28 -7.74 -18.28
C ASP B 11 4.56 -7.46 -17.48
N GLU B 12 5.18 -6.34 -17.74
CA GLU B 12 6.45 -5.99 -17.02
C GLU B 12 6.16 -4.98 -15.90
N MET B 13 7.09 -4.80 -14.99
CA MET B 13 6.86 -3.83 -13.88
C MET B 13 6.60 -2.44 -14.47
N LEU B 14 7.33 -2.07 -15.48
CA LEU B 14 7.12 -0.75 -16.10
C LEU B 14 5.72 -0.71 -16.72
N ASP B 15 5.29 -1.82 -17.27
CA ASP B 15 3.93 -1.87 -17.88
C ASP B 15 2.88 -1.57 -16.81
N LEU B 16 3.10 -2.04 -15.61
CA LEU B 16 2.11 -1.76 -14.53
C LEU B 16 1.96 -0.24 -14.38
N ILE B 17 3.02 0.48 -14.54
CA ILE B 17 2.91 1.96 -14.42
C ILE B 17 2.09 2.48 -15.60
N GLU B 18 2.17 1.83 -16.73
CA GLU B 18 1.36 2.28 -17.90
C GLU B 18 -0.10 2.24 -17.49
N GLN B 19 -0.47 1.24 -16.72
CA GLN B 19 -1.88 1.15 -16.26
C GLN B 19 -2.16 2.42 -15.45
N GLY B 20 -1.18 2.90 -14.75
CA GLY B 20 -1.36 4.14 -13.96
C GLY B 20 -1.70 5.27 -14.92
N ASP B 21 -1.15 5.25 -16.10
CA ASP B 21 -1.47 6.32 -17.08
C ASP B 21 -2.98 6.34 -17.27
N GLU B 22 -3.59 5.17 -17.30
CA GLU B 22 -5.07 5.11 -17.44
C GLU B 22 -5.72 5.83 -16.26
N LEU B 23 -5.10 5.77 -15.11
CA LEU B 23 -5.67 6.45 -13.92
C LEU B 23 -5.89 7.92 -14.25
N GLN B 24 -4.93 8.54 -14.88
CA GLN B 24 -5.09 9.96 -15.26
C GLN B 24 -6.25 10.10 -16.23
N GLU B 25 -6.39 9.18 -17.14
CA GLU B 25 -7.50 9.24 -18.13
C GLU B 25 -8.83 9.14 -17.38
N VAL B 26 -8.91 8.32 -16.37
CA VAL B 26 -10.19 8.18 -15.64
C VAL B 26 -10.53 9.48 -14.93
N LEU B 27 -9.62 10.04 -14.21
CA LEU B 27 -9.92 11.32 -13.51
C LEU B 27 -10.12 12.43 -14.55
N ALA B 28 -9.41 12.35 -15.64
CA ALA B 28 -9.55 13.39 -16.69
C ALA B 28 -11.00 13.40 -17.21
N MET B 29 -11.59 12.26 -17.40
CA MET B 29 -13.00 12.23 -17.89
C MET B 29 -13.91 12.85 -16.84
N ASN B 30 -13.65 12.58 -15.59
CA ASN B 30 -14.51 13.14 -14.51
C ASN B 30 -14.43 14.66 -14.56
N ASN B 31 -13.28 15.21 -14.85
CA ASN B 31 -13.14 16.68 -14.91
C ASN B 31 -11.65 17.04 -14.89
N ASN B 32 -11.13 17.51 -15.99
CA ASN B 32 -9.69 17.87 -16.01
C ASN B 32 -9.41 18.92 -14.95
N SER B 33 -10.35 19.80 -14.71
CA SER B 33 -10.15 20.83 -13.67
C SER B 33 -10.50 20.23 -12.32
N GLY B 34 -10.84 18.97 -12.29
CA GLY B 34 -11.20 18.31 -11.00
C GLY B 34 -10.03 18.45 -10.01
N GLU B 35 -10.11 19.42 -9.13
CA GLU B 35 -9.02 19.62 -8.14
C GLU B 35 -9.62 19.53 -6.73
N LEU B 36 -8.82 19.18 -5.76
CA LEU B 36 -9.35 19.07 -4.37
C LEU B 36 -10.02 20.38 -3.98
N ASP B 37 -9.52 21.48 -4.47
CA ASP B 37 -10.14 22.80 -4.13
C ASP B 37 -11.61 22.81 -4.59
N ASP B 38 -11.90 22.13 -5.66
CA ASP B 38 -13.30 22.11 -6.16
C ASP B 38 -14.15 21.19 -5.29
N ILE B 39 -13.54 20.25 -4.61
CA ILE B 39 -14.30 19.33 -3.74
C ILE B 39 -14.15 19.77 -2.29
N SER B 40 -15.23 19.81 -1.55
CA SER B 40 -15.16 20.25 -0.13
C SER B 40 -14.22 19.34 0.67
N ASP B 41 -12.95 19.41 0.41
CA ASP B 41 -11.98 18.55 1.14
C ASP B 41 -11.96 18.90 2.63
N ALA B 42 -12.06 20.16 2.96
CA ALA B 42 -12.01 20.56 4.40
C ALA B 42 -13.17 19.97 5.18
N GLU B 43 -14.37 20.09 4.70
CA GLU B 43 -15.53 19.53 5.44
C GLU B 43 -15.51 18.00 5.37
N LEU B 44 -15.23 17.48 4.21
CA LEU B 44 -15.19 16.00 4.05
C LEU B 44 -14.09 15.40 4.92
N ASP B 45 -12.97 16.07 5.03
CA ASP B 45 -11.86 15.51 5.85
C ASP B 45 -12.31 15.36 7.31
N ALA B 46 -12.99 16.33 7.83
CA ALA B 46 -13.44 16.22 9.26
C ALA B 46 -14.47 15.11 9.39
N GLU B 47 -15.37 15.00 8.46
CA GLU B 47 -16.42 13.95 8.55
C GLU B 47 -15.77 12.57 8.40
N LEU B 48 -14.78 12.44 7.58
CA LEU B 48 -14.14 11.09 7.40
C LEU B 48 -13.42 10.68 8.68
N ASP B 49 -12.84 11.59 9.38
CA ASP B 49 -12.12 11.21 10.62
C ASP B 49 -13.13 10.60 11.59
N ALA B 50 -14.32 11.14 11.62
CA ALA B 50 -15.35 10.55 12.52
C ALA B 50 -15.78 9.19 11.96
N LEU B 51 -15.93 9.10 10.66
CA LEU B 51 -16.34 7.81 10.04
C LEU B 51 -15.23 6.78 10.19
N ALA B 52 -14.00 7.20 10.07
CA ALA B 52 -12.88 6.22 10.20
C ALA B 52 -12.98 5.51 11.54
N GLN B 53 -13.28 6.23 12.59
CA GLN B 53 -13.40 5.59 13.92
C GLN B 53 -14.52 4.55 13.87
N GLU B 54 -15.59 4.85 13.18
CA GLU B 54 -16.70 3.87 13.09
C GLU B 54 -16.26 2.67 12.26
N ASP B 55 -15.56 2.91 11.18
CA ASP B 55 -15.09 1.79 10.33
C ASP B 55 -13.93 1.07 11.02
N PHE B 56 -13.14 1.80 11.75
CA PHE B 56 -11.99 1.17 12.45
C PHE B 56 -12.43 0.69 13.83
N THR B 57 -11.57 0.00 14.53
CA THR B 57 -11.94 -0.49 15.88
C THR B 57 -11.15 0.29 16.93
N LEU B 58 -11.83 0.91 17.84
CA LEU B 58 -11.12 1.69 18.89
C LEU B 58 -10.86 0.77 20.10
N PRO B 59 -9.69 0.84 20.69
CA PRO B 59 -9.35 -0.02 21.87
C PRO B 59 -10.07 0.44 23.14
N MET A 1 -0.42 6.60 14.23
CA MET A 1 -0.95 6.03 15.50
C MET A 1 -0.47 4.60 15.67
N ALA A 2 -0.23 4.17 16.88
CA ALA A 2 0.24 2.78 17.11
C ALA A 2 -0.81 1.79 16.59
N SER A 3 -2.06 2.11 16.73
CA SER A 3 -3.13 1.20 16.24
C SER A 3 -2.97 0.98 14.74
N ASN A 4 -2.57 2.00 14.02
CA ASN A 4 -2.39 1.84 12.56
C ASN A 4 -1.35 0.77 12.28
N ALA A 5 -0.33 0.69 13.09
CA ALA A 5 0.72 -0.33 12.88
C ALA A 5 0.10 -1.73 13.00
N ALA A 6 -0.79 -1.90 13.93
CA ALA A 6 -1.43 -3.24 14.10
C ALA A 6 -2.22 -3.61 12.85
N ARG A 7 -2.99 -2.67 12.33
CA ARG A 7 -3.79 -2.96 11.11
C ARG A 7 -2.84 -3.34 9.98
N VAL A 8 -1.76 -2.62 9.86
CA VAL A 8 -0.79 -2.91 8.77
C VAL A 8 -0.25 -4.33 8.95
N VAL A 9 0.06 -4.70 10.16
CA VAL A 9 0.59 -6.07 10.40
C VAL A 9 -0.49 -7.10 10.05
N ALA A 10 -1.70 -6.87 10.51
CA ALA A 10 -2.79 -7.84 10.19
C ALA A 10 -3.11 -7.77 8.69
N THR A 11 -3.13 -6.58 8.15
CA THR A 11 -3.40 -6.44 6.69
C THR A 11 -2.30 -7.17 5.92
N ALA A 12 -1.08 -7.08 6.38
CA ALA A 12 0.03 -7.78 5.66
C ALA A 12 -0.29 -9.28 5.65
N LYS A 13 -0.82 -9.80 6.71
CA LYS A 13 -1.17 -11.24 6.76
C LYS A 13 -2.19 -11.55 5.67
N ASP A 14 -3.04 -10.60 5.36
CA ASP A 14 -4.06 -10.82 4.31
C ASP A 14 -3.37 -11.13 2.98
N PHE A 15 -2.31 -10.46 2.70
CA PHE A 15 -1.58 -10.71 1.43
C PHE A 15 -1.02 -12.14 1.45
N ASP A 16 -0.58 -12.62 2.58
CA ASP A 16 -0.06 -14.00 2.65
C ASP A 16 -1.16 -14.98 2.25
N LYS A 17 -2.35 -14.74 2.72
CA LYS A 17 -3.49 -15.63 2.35
C LYS A 17 -3.66 -15.62 0.84
N VAL A 18 -3.35 -14.52 0.22
CA VAL A 18 -3.49 -14.42 -1.26
C VAL A 18 -2.24 -14.96 -1.95
N GLY A 19 -1.20 -15.21 -1.20
CA GLY A 19 0.04 -15.76 -1.82
C GLY A 19 1.01 -14.61 -2.17
N LEU A 20 0.68 -13.41 -1.81
CA LEU A 20 1.59 -12.27 -2.11
C LEU A 20 2.45 -11.97 -0.87
N GLY A 21 3.22 -12.93 -0.43
CA GLY A 21 4.07 -12.71 0.76
C GLY A 21 5.03 -11.54 0.54
N ILE A 22 5.49 -11.36 -0.66
CA ILE A 22 6.45 -10.24 -0.92
C ILE A 22 5.80 -8.92 -0.52
N ILE A 23 4.56 -8.71 -0.85
CA ILE A 23 3.89 -7.45 -0.45
C ILE A 23 3.77 -7.40 1.07
N GLY A 24 3.26 -8.45 1.65
CA GLY A 24 3.12 -8.49 3.13
C GLY A 24 4.50 -8.36 3.77
N TYR A 25 5.52 -8.87 3.13
CA TYR A 25 6.89 -8.79 3.69
C TYR A 25 7.27 -7.33 3.91
N TYR A 26 7.07 -6.49 2.93
CA TYR A 26 7.42 -5.06 3.08
C TYR A 26 6.49 -4.40 4.11
N LEU A 27 5.24 -4.78 4.15
CA LEU A 27 4.31 -4.17 5.13
C LEU A 27 4.78 -4.45 6.55
N GLN A 28 5.23 -5.66 6.81
CA GLN A 28 5.70 -5.98 8.18
C GLN A 28 6.91 -5.11 8.52
N LEU A 29 7.78 -4.90 7.56
CA LEU A 29 8.97 -4.05 7.81
C LEU A 29 8.53 -2.60 8.06
N TYR A 30 7.55 -2.15 7.31
CA TYR A 30 7.06 -0.76 7.49
C TYR A 30 6.44 -0.59 8.88
N ALA A 31 5.64 -1.51 9.30
CA ALA A 31 5.01 -1.40 10.65
C ALA A 31 6.08 -1.50 11.74
N VAL A 32 7.10 -2.30 11.53
CA VAL A 32 8.16 -2.44 12.57
C VAL A 32 8.82 -1.08 12.82
N GLU A 33 9.23 -0.42 11.79
CA GLU A 33 9.87 0.91 11.96
C GLU A 33 8.80 1.88 12.47
N LEU A 34 7.59 1.64 12.08
CA LEU A 34 6.46 2.52 12.50
C LEU A 34 6.36 2.52 14.03
N ILE A 35 6.47 1.37 14.64
CA ILE A 35 6.38 1.30 16.13
C ILE A 35 7.58 2.04 16.73
N LEU A 36 8.75 1.78 16.24
CA LEU A 36 9.97 2.46 16.76
C LEU A 36 9.87 3.96 16.51
N SER A 37 9.32 4.33 15.40
CA SER A 37 9.18 5.78 15.09
C SER A 37 8.18 6.40 16.05
N GLU A 38 7.44 5.57 16.74
CA GLU A 38 6.45 6.10 17.71
C GLU A 38 7.12 6.26 19.08
N GLU A 39 7.06 7.43 19.64
CA GLU A 39 7.68 7.66 20.97
C GLU A 39 6.93 6.88 22.04
N ASP A 40 5.65 6.75 21.91
CA ASP A 40 4.85 6.00 22.93
C ASP A 40 4.92 4.51 22.64
N ARG A 41 5.32 3.73 23.61
CA ARG A 41 5.39 2.25 23.40
C ARG A 41 5.05 1.53 24.71
N SER A 42 4.35 0.44 24.61
CA SER A 42 3.99 -0.33 25.83
C SER A 42 4.70 -1.67 25.76
N GLN A 43 4.88 -2.33 26.87
CA GLN A 43 5.59 -3.64 26.83
C GLN A 43 4.88 -4.52 25.79
N GLU A 44 3.59 -4.39 25.68
CA GLU A 44 2.85 -5.21 24.68
C GLU A 44 3.18 -4.71 23.27
N MET A 45 3.23 -3.41 23.08
CA MET A 45 3.55 -2.87 21.73
C MET A 45 5.02 -3.16 21.38
N THR A 46 5.90 -2.98 22.33
CA THR A 46 7.34 -3.23 22.07
C THR A 46 7.54 -4.71 21.71
N ALA A 47 6.86 -5.59 22.40
CA ALA A 47 7.01 -7.04 22.10
C ALA A 47 6.45 -7.35 20.71
N LEU A 48 5.42 -6.64 20.30
CA LEU A 48 4.84 -6.89 18.96
C LEU A 48 5.88 -6.60 17.89
N ALA A 49 6.66 -5.57 18.06
CA ALA A 49 7.69 -5.23 17.04
C ALA A 49 8.74 -6.35 17.00
N THR A 50 9.10 -6.87 18.14
CA THR A 50 10.12 -7.96 18.18
C THR A 50 9.62 -9.19 17.41
N GLU A 51 8.40 -9.58 17.62
CA GLU A 51 7.86 -10.77 16.90
C GLU A 51 7.94 -10.53 15.40
N LEU A 52 7.69 -9.32 14.96
CA LEU A 52 7.76 -9.03 13.51
C LEU A 52 9.19 -9.25 12.99
N LEU A 53 10.17 -8.90 13.78
CA LEU A 53 11.58 -9.10 13.32
C LEU A 53 11.81 -10.58 13.01
N ASP A 54 11.25 -11.45 13.79
CA ASP A 54 11.43 -12.90 13.52
C ASP A 54 10.85 -13.22 12.14
N THR A 55 9.72 -12.66 11.82
CA THR A 55 9.10 -12.93 10.49
C THR A 55 9.98 -12.34 9.37
N ILE A 56 10.45 -11.14 9.54
CA ILE A 56 11.30 -10.53 8.49
C ILE A 56 12.50 -11.43 8.21
N GLU A 57 13.21 -11.81 9.23
CA GLU A 57 14.40 -12.68 9.02
C GLU A 57 13.95 -14.04 8.50
N ALA A 58 12.83 -14.55 8.99
CA ALA A 58 12.35 -15.86 8.51
C ALA A 58 11.93 -15.74 7.04
N PHE A 59 11.27 -14.67 6.70
CA PHE A 59 10.84 -14.48 5.29
C PHE A 59 12.06 -14.26 4.40
N LYS A 60 12.92 -13.38 4.80
CA LYS A 60 14.14 -13.10 3.98
C LYS A 60 15.01 -14.36 3.95
N LYS A 61 15.11 -15.04 5.05
CA LYS A 61 15.93 -16.30 5.07
C LYS A 61 15.29 -17.30 4.11
N GLU A 62 13.99 -17.28 4.01
CA GLU A 62 13.29 -18.22 3.08
C GLU A 62 13.80 -18.00 1.67
N ILE A 63 14.18 -16.78 1.35
CA ILE A 63 14.68 -16.48 -0.03
C ILE A 63 16.07 -15.85 0.06
N GLY A 64 16.68 -15.85 1.21
CA GLY A 64 18.03 -15.24 1.34
C GLY A 64 18.95 -15.83 0.26
N GLY A 65 18.80 -17.10 -0.03
CA GLY A 65 19.65 -17.72 -1.08
C GLY A 65 20.88 -18.37 -0.43
N GLU A 66 21.01 -18.32 0.86
CA GLU A 66 22.20 -18.95 1.51
C GLU A 66 22.21 -20.44 1.14
N SER A 67 21.06 -21.04 1.07
CA SER A 67 20.98 -22.49 0.70
C SER A 67 19.80 -22.66 -0.26
N GLU A 68 18.80 -21.84 -0.12
CA GLU A 68 17.62 -21.94 -1.02
C GLU A 68 18.06 -21.64 -2.44
N ALA A 69 19.05 -20.81 -2.59
CA ALA A 69 19.53 -20.47 -3.97
C ALA A 69 20.01 -21.75 -4.66
N GLU A 70 20.61 -22.64 -3.92
CA GLU A 70 21.10 -23.90 -4.53
C GLU A 70 19.90 -24.67 -5.10
N ASP A 71 18.81 -24.67 -4.40
CA ASP A 71 17.60 -25.40 -4.90
C ASP A 71 17.21 -24.86 -6.27
N SER A 72 17.27 -23.57 -6.44
CA SER A 72 16.90 -22.96 -7.75
C SER A 72 18.06 -22.08 -8.24
N ASP A 73 18.37 -21.04 -7.49
CA ASP A 73 19.48 -20.14 -7.88
C ASP A 73 19.10 -19.37 -9.14
N LYS A 74 18.17 -19.85 -9.90
CA LYS A 74 17.77 -19.13 -11.13
C LYS A 74 16.63 -18.16 -10.82
N SER A 75 15.42 -18.66 -10.75
CA SER A 75 14.27 -17.77 -10.46
C SER A 75 14.35 -17.26 -9.01
N LEU A 76 14.83 -18.05 -8.11
CA LEU A 76 14.90 -17.59 -6.69
C LEU A 76 15.92 -16.46 -6.57
N HIS A 77 17.00 -16.54 -7.29
CA HIS A 77 18.04 -15.47 -7.21
C HIS A 77 17.42 -14.14 -7.63
N VAL A 78 16.68 -14.12 -8.70
CA VAL A 78 16.05 -12.84 -9.14
C VAL A 78 15.02 -12.42 -8.10
N MET A 79 14.27 -13.35 -7.58
CA MET A 79 13.25 -12.99 -6.56
C MET A 79 13.97 -12.34 -5.38
N ASN A 80 15.15 -12.81 -5.08
CA ASN A 80 15.91 -12.20 -3.97
C ASN A 80 16.14 -10.73 -4.31
N THR A 81 16.30 -10.42 -5.57
CA THR A 81 16.51 -9.00 -5.96
C THR A 81 15.34 -8.18 -5.42
N LEU A 82 14.16 -8.75 -5.49
CA LEU A 82 12.95 -8.03 -4.98
C LEU A 82 13.12 -7.72 -3.49
N ILE A 83 13.65 -8.65 -2.74
CA ILE A 83 13.82 -8.42 -1.27
C ILE A 83 15.12 -7.67 -0.97
N HIS A 84 16.20 -8.07 -1.57
CA HIS A 84 17.50 -7.41 -1.28
C HIS A 84 17.57 -6.02 -1.93
N ASP A 85 17.21 -5.91 -3.18
CA ASP A 85 17.27 -4.57 -3.84
C ASP A 85 16.05 -3.73 -3.45
N GLN A 86 16.22 -2.84 -2.52
CA GLN A 86 15.07 -1.99 -2.07
C GLN A 86 14.62 -1.09 -3.23
N GLU A 87 15.53 -0.61 -4.02
CA GLU A 87 15.14 0.28 -5.15
C GLU A 87 14.24 -0.47 -6.14
N LYS A 88 14.61 -1.65 -6.52
CA LYS A 88 13.77 -2.41 -7.48
C LYS A 88 12.44 -2.76 -6.81
N ALA A 89 12.48 -3.15 -5.58
CA ALA A 89 11.22 -3.51 -4.87
C ALA A 89 10.34 -2.26 -4.76
N LYS A 90 10.94 -1.13 -4.55
CA LYS A 90 10.15 0.13 -4.44
C LYS A 90 9.27 0.28 -5.67
N ILE A 91 9.81 0.05 -6.83
CA ILE A 91 8.99 0.20 -8.07
C ILE A 91 7.87 -0.84 -8.07
N TYR A 92 8.14 -2.05 -7.66
CA TYR A 92 7.07 -3.08 -7.66
C TYR A 92 5.99 -2.69 -6.64
N MET A 93 6.39 -2.27 -5.46
CA MET A 93 5.39 -1.87 -4.45
C MET A 93 4.59 -0.68 -4.97
N LEU A 94 5.26 0.25 -5.59
CA LEU A 94 4.54 1.43 -6.14
C LEU A 94 3.61 0.95 -7.25
N ASN A 95 4.08 0.07 -8.09
CA ASN A 95 3.22 -0.45 -9.19
C ASN A 95 2.03 -1.18 -8.60
N PHE A 96 2.26 -1.95 -7.57
CA PHE A 96 1.13 -2.69 -6.94
C PHE A 96 0.17 -1.68 -6.31
N THR A 97 0.69 -0.77 -5.54
CA THR A 97 -0.18 0.25 -4.90
C THR A 97 -0.85 1.08 -5.99
N MET A 98 -0.11 1.49 -6.98
CA MET A 98 -0.70 2.29 -8.08
C MET A 98 -1.73 1.43 -8.82
N SER A 99 -1.43 0.18 -9.02
CA SER A 99 -2.40 -0.71 -9.72
C SER A 99 -3.68 -0.82 -8.89
N LEU A 100 -3.55 -1.04 -7.62
CA LEU A 100 -4.76 -1.14 -6.75
C LEU A 100 -5.45 0.23 -6.73
N TYR A 101 -4.68 1.27 -6.57
CA TYR A 101 -5.26 2.63 -6.53
C TYR A 101 -5.96 2.93 -7.87
N ASN A 102 -5.36 2.54 -8.95
CA ASN A 102 -5.99 2.78 -10.28
C ASN A 102 -7.34 2.07 -10.37
N GLU A 103 -7.44 0.89 -9.83
CA GLU A 103 -8.73 0.15 -9.91
C GLU A 103 -9.81 0.90 -9.13
N LYS A 104 -9.47 1.45 -7.99
CA LYS A 104 -10.49 2.18 -7.20
C LYS A 104 -10.95 3.41 -7.97
N LEU A 105 -10.04 4.15 -8.53
CA LEU A 105 -10.43 5.35 -9.30
C LEU A 105 -11.17 4.89 -10.56
N LYS A 106 -10.74 3.79 -11.14
CA LYS A 106 -11.42 3.28 -12.35
C LYS A 106 -12.87 2.96 -12.00
N GLN A 107 -13.06 2.29 -10.89
CA GLN A 107 -14.44 1.97 -10.45
C GLN A 107 -15.17 3.28 -10.15
N LEU A 108 -14.47 4.23 -9.61
CA LEU A 108 -15.09 5.55 -9.30
C LEU A 108 -15.65 6.13 -10.60
N LYS A 109 -14.99 5.84 -11.70
CA LYS A 109 -15.45 6.37 -13.01
C LYS A 109 -16.88 5.90 -13.31
N ASP A 110 -17.17 4.66 -13.01
CA ASP A 110 -18.56 4.15 -13.27
C ASP A 110 -18.78 2.80 -12.57
N GLY A 111 -17.78 2.23 -11.96
CA GLY A 111 -17.96 0.92 -11.28
C GLY A 111 -18.91 1.08 -10.08
N PRO A 112 -19.54 0.00 -9.67
CA PRO A 112 -20.49 0.01 -8.53
C PRO A 112 -19.81 0.39 -7.20
N TRP A 113 -20.45 1.20 -6.41
CA TRP A 113 -19.85 1.60 -5.11
C TRP A 113 -20.58 0.88 -3.97
N ASP A 114 -19.86 0.35 -3.02
CA ASP A 114 -20.54 -0.35 -1.90
C ASP A 114 -19.65 -0.35 -0.66
N VAL A 115 -20.18 -0.82 0.44
CA VAL A 115 -19.38 -0.85 1.69
C VAL A 115 -18.08 -1.62 1.46
N MET A 116 -18.14 -2.68 0.69
CA MET A 116 -16.90 -3.45 0.44
C MET A 116 -15.84 -2.51 -0.14
N LEU A 117 -16.23 -1.67 -1.05
CA LEU A 117 -15.26 -0.71 -1.63
C LEU A 117 -14.74 0.21 -0.53
N LYS A 118 -15.57 0.56 0.41
CA LYS A 118 -15.14 1.47 1.51
C LYS A 118 -13.95 0.85 2.24
N ARG A 119 -14.06 -0.41 2.58
CA ARG A 119 -12.93 -1.08 3.30
C ARG A 119 -11.72 -1.19 2.36
N SER A 120 -11.95 -1.47 1.11
CA SER A 120 -10.82 -1.61 0.15
C SER A 120 -10.06 -0.29 0.04
N LEU A 121 -10.77 0.82 0.03
CA LEU A 121 -10.08 2.13 -0.08
C LEU A 121 -9.17 2.31 1.13
N TRP A 122 -9.63 1.92 2.29
CA TRP A 122 -8.78 2.06 3.51
C TRP A 122 -7.52 1.23 3.35
N CYS A 123 -7.63 0.08 2.74
CA CYS A 123 -6.43 -0.78 2.55
C CYS A 123 -5.44 -0.08 1.62
N CYS A 124 -5.91 0.53 0.57
CA CYS A 124 -5.01 1.22 -0.38
C CYS A 124 -4.27 2.35 0.36
N ILE A 125 -4.96 3.06 1.21
CA ILE A 125 -4.30 4.18 1.94
C ILE A 125 -3.11 3.64 2.75
N ASP A 126 -3.26 2.51 3.38
CA ASP A 126 -2.13 1.95 4.18
C ASP A 126 -0.94 1.65 3.27
N LEU A 127 -1.18 1.12 2.11
CA LEU A 127 -0.07 0.79 1.18
C LEU A 127 0.69 2.05 0.79
N PHE A 128 0.00 3.14 0.58
CA PHE A 128 0.70 4.40 0.19
C PHE A 128 1.62 4.88 1.31
N SER A 129 1.16 4.83 2.53
CA SER A 129 2.00 5.30 3.66
C SER A 129 3.23 4.39 3.80
N CYS A 130 3.10 3.14 3.47
CA CYS A 130 4.25 2.22 3.60
C CYS A 130 5.30 2.57 2.55
N ILE A 131 4.90 2.85 1.35
CA ILE A 131 5.88 3.19 0.29
C ILE A 131 6.69 4.41 0.70
N LEU A 132 6.06 5.41 1.24
CA LEU A 132 6.82 6.63 1.64
C LEU A 132 7.77 6.29 2.79
N HIS A 133 7.30 5.58 3.78
CA HIS A 133 8.17 5.23 4.94
C HIS A 133 9.26 4.24 4.55
N LEU A 134 8.93 3.25 3.76
CA LEU A 134 9.94 2.23 3.37
C LEU A 134 11.12 2.86 2.61
N TRP A 135 10.89 3.90 1.85
CA TRP A 135 12.04 4.50 1.10
C TRP A 135 11.91 6.02 1.04
N LYS A 136 11.92 6.69 2.17
CA LYS A 136 11.82 8.18 2.14
C LYS A 136 13.04 8.75 1.41
N GLU A 137 14.18 8.16 1.61
CA GLU A 137 15.43 8.66 0.95
C GLU A 137 15.40 8.41 -0.57
N ASN A 138 14.68 7.43 -1.02
CA ASN A 138 14.66 7.15 -2.49
C ASN A 138 13.51 7.91 -3.17
N ILE A 139 12.75 8.67 -2.41
CA ILE A 139 11.63 9.43 -3.02
C ILE A 139 11.89 10.94 -2.83
N SER A 140 11.84 11.70 -3.88
CA SER A 140 12.09 13.16 -3.75
C SER A 140 10.91 13.81 -3.03
N GLU A 141 11.11 14.98 -2.48
CA GLU A 141 9.99 15.66 -1.77
C GLU A 141 8.88 15.99 -2.76
N THR A 142 9.24 16.40 -3.95
CA THR A 142 8.21 16.73 -4.97
C THR A 142 7.42 15.47 -5.33
N SER A 143 8.10 14.38 -5.55
CA SER A 143 7.40 13.11 -5.90
C SER A 143 6.50 12.69 -4.73
N THR A 144 6.97 12.87 -3.53
CA THR A 144 6.14 12.49 -2.35
C THR A 144 4.85 13.28 -2.34
N ASN A 145 4.90 14.54 -2.69
CA ASN A 145 3.66 15.37 -2.70
C ASN A 145 2.63 14.74 -3.64
N SER A 146 3.06 14.27 -4.77
CA SER A 146 2.09 13.65 -5.73
C SER A 146 1.45 12.43 -5.07
N LEU A 147 2.23 11.66 -4.35
CA LEU A 147 1.67 10.45 -3.69
C LEU A 147 0.66 10.87 -2.62
N GLN A 148 0.97 11.91 -1.88
CA GLN A 148 0.03 12.37 -0.82
C GLN A 148 -1.30 12.78 -1.46
N LYS A 149 -1.26 13.36 -2.63
CA LYS A 149 -2.53 13.78 -3.29
C LYS A 149 -3.37 12.52 -3.57
N ARG A 150 -2.74 11.47 -4.00
CA ARG A 150 -3.51 10.22 -4.29
C ARG A 150 -4.18 9.75 -3.00
N ILE A 151 -3.48 9.79 -1.90
CA ILE A 151 -4.08 9.36 -0.61
C ILE A 151 -5.21 10.33 -0.25
N LYS A 152 -4.97 11.60 -0.41
CA LYS A 152 -6.01 12.62 -0.09
C LYS A 152 -7.24 12.39 -0.94
N TYR A 153 -7.05 12.06 -2.20
CA TYR A 153 -8.22 11.82 -3.09
C TYR A 153 -9.07 10.71 -2.50
N CYS A 154 -8.45 9.67 -2.03
CA CYS A 154 -9.23 8.55 -1.42
C CYS A 154 -9.89 9.06 -0.15
N LYS A 155 -9.18 9.84 0.63
CA LYS A 155 -9.75 10.37 1.89
C LYS A 155 -11.01 11.20 1.56
N ILE A 156 -10.93 12.02 0.55
CA ILE A 156 -12.12 12.84 0.18
C ILE A 156 -13.23 11.95 -0.39
N TYR A 157 -12.92 11.12 -1.34
CA TYR A 157 -13.96 10.25 -1.95
C TYR A 157 -14.48 9.24 -0.93
N LEU A 158 -13.64 8.75 -0.05
CA LEU A 158 -14.14 7.77 0.95
C LEU A 158 -15.26 8.45 1.74
N SER A 159 -15.14 9.72 1.98
CA SER A 159 -16.19 10.44 2.74
C SER A 159 -17.48 10.47 1.91
N LYS A 160 -17.38 10.87 0.68
CA LYS A 160 -18.58 10.94 -0.20
C LYS A 160 -19.23 9.55 -0.30
N LEU A 161 -18.44 8.52 -0.38
CA LEU A 161 -19.02 7.16 -0.48
C LEU A 161 -19.77 6.82 0.81
N ALA A 162 -19.22 7.17 1.94
CA ALA A 162 -19.89 6.86 3.23
C ALA A 162 -21.09 7.80 3.42
N LYS A 163 -21.07 8.94 2.78
CA LYS A 163 -22.19 9.90 2.93
C LYS A 163 -23.32 9.52 1.95
N GLY A 164 -23.10 8.53 1.14
CA GLY A 164 -24.16 8.11 0.17
C GLY A 164 -24.20 9.09 -1.00
N GLU A 165 -23.21 9.92 -1.13
CA GLU A 165 -23.19 10.89 -2.25
C GLU A 165 -22.85 10.17 -3.56
N ILE A 166 -22.08 9.12 -3.48
CA ILE A 166 -21.71 8.37 -4.73
C ILE A 166 -22.50 7.07 -4.79
N GLY A 167 -23.10 6.77 -5.91
CA GLY A 167 -23.88 5.51 -6.03
C GLY A 167 -25.18 5.79 -6.78
N ILE B 1 14.80 -12.09 -14.68
CA ILE B 1 14.21 -12.89 -15.79
C ILE B 1 12.74 -13.16 -15.50
N ASN B 2 12.44 -14.31 -14.97
CA ASN B 2 11.03 -14.61 -14.66
C ASN B 2 10.63 -13.83 -13.42
N ILE B 3 11.37 -12.79 -13.11
CA ILE B 3 11.03 -11.97 -11.94
C ILE B 3 9.68 -11.32 -12.18
N ASP B 4 9.45 -10.85 -13.36
CA ASP B 4 8.13 -10.22 -13.67
C ASP B 4 7.09 -11.32 -13.84
N LYS B 5 7.46 -12.37 -14.53
CA LYS B 5 6.52 -13.50 -14.76
C LYS B 5 6.17 -14.15 -13.42
N LEU B 6 7.13 -14.30 -12.56
CA LEU B 6 6.88 -14.95 -11.24
C LEU B 6 5.89 -14.12 -10.43
N GLN B 7 6.10 -12.85 -10.36
CA GLN B 7 5.18 -11.97 -9.59
C GLN B 7 3.86 -11.78 -10.35
N ASP B 8 3.92 -11.69 -11.65
CA ASP B 8 2.66 -11.49 -12.42
C ASP B 8 2.80 -12.09 -13.82
N MET B 9 2.45 -11.35 -14.83
CA MET B 9 2.55 -11.88 -16.22
C MET B 9 3.78 -11.29 -16.92
N GLN B 10 3.98 -11.64 -18.16
CA GLN B 10 5.16 -11.12 -18.91
C GLN B 10 5.24 -9.60 -18.77
N ASP B 11 4.12 -8.96 -18.52
CA ASP B 11 4.14 -7.47 -18.38
C ASP B 11 5.36 -7.05 -17.57
N GLU B 12 5.91 -5.90 -17.86
CA GLU B 12 7.11 -5.42 -17.11
C GLU B 12 6.66 -4.54 -15.94
N MET B 13 7.48 -4.44 -14.93
CA MET B 13 7.10 -3.60 -13.76
C MET B 13 6.82 -2.17 -14.23
N LEU B 14 7.66 -1.65 -15.06
CA LEU B 14 7.44 -0.27 -15.57
C LEU B 14 6.16 -0.26 -16.40
N ASP B 15 5.88 -1.31 -17.11
CA ASP B 15 4.64 -1.36 -17.91
C ASP B 15 3.45 -1.20 -16.96
N LEU B 16 3.55 -1.75 -15.78
CA LEU B 16 2.43 -1.60 -14.81
C LEU B 16 2.19 -0.12 -14.56
N ILE B 17 3.23 0.67 -14.61
CA ILE B 17 3.06 2.13 -14.39
C ILE B 17 2.28 2.71 -15.58
N GLU B 18 2.43 2.15 -16.75
CA GLU B 18 1.66 2.67 -17.92
C GLU B 18 0.17 2.55 -17.58
N GLN B 19 -0.19 1.50 -16.90
CA GLN B 19 -1.61 1.33 -16.51
C GLN B 19 -1.97 2.55 -15.64
N GLY B 20 -1.03 2.99 -14.86
CA GLY B 20 -1.27 4.18 -14.00
C GLY B 20 -1.59 5.36 -14.91
N ASP B 21 -1.00 5.41 -16.06
CA ASP B 21 -1.31 6.53 -17.00
C ASP B 21 -2.81 6.55 -17.22
N GLU B 22 -3.40 5.39 -17.33
CA GLU B 22 -4.87 5.31 -17.52
C GLU B 22 -5.56 5.97 -16.33
N LEU B 23 -4.96 5.86 -15.17
CA LEU B 23 -5.57 6.47 -13.95
C LEU B 23 -5.80 7.95 -14.22
N GLN B 24 -4.84 8.61 -14.82
CA GLN B 24 -5.01 10.05 -15.14
C GLN B 24 -6.18 10.22 -16.09
N GLU B 25 -6.31 9.34 -17.04
CA GLU B 25 -7.43 9.44 -18.02
C GLU B 25 -8.76 9.31 -17.28
N VAL B 26 -8.83 8.47 -16.30
CA VAL B 26 -10.11 8.30 -15.55
C VAL B 26 -10.48 9.60 -14.83
N LEU B 27 -9.56 10.17 -14.10
CA LEU B 27 -9.88 11.43 -13.38
C LEU B 27 -10.11 12.54 -14.41
N ALA B 28 -9.41 12.50 -15.52
CA ALA B 28 -9.59 13.55 -16.54
C ALA B 28 -11.04 13.55 -17.03
N MET B 29 -11.61 12.39 -17.26
CA MET B 29 -13.02 12.35 -17.73
C MET B 29 -13.95 12.87 -16.63
N ASN B 30 -13.67 12.52 -15.41
CA ASN B 30 -14.53 12.99 -14.28
C ASN B 30 -14.51 14.52 -14.23
N ASN B 31 -13.37 15.11 -14.46
CA ASN B 31 -13.27 16.60 -14.43
C ASN B 31 -11.80 16.99 -14.51
N ASN B 32 -11.37 17.51 -15.64
CA ASN B 32 -9.94 17.92 -15.77
C ASN B 32 -9.61 18.94 -14.69
N SER B 33 -10.55 19.80 -14.38
CA SER B 33 -10.31 20.82 -13.32
C SER B 33 -10.62 20.19 -11.96
N GLY B 34 -10.88 18.91 -11.94
CA GLY B 34 -11.20 18.23 -10.65
C GLY B 34 -10.05 18.45 -9.66
N GLU B 35 -10.19 19.41 -8.79
CA GLU B 35 -9.12 19.68 -7.78
C GLU B 35 -9.70 19.53 -6.37
N LEU B 36 -8.88 19.20 -5.41
CA LEU B 36 -9.39 19.04 -4.02
C LEU B 36 -10.10 20.33 -3.59
N ASP B 37 -9.63 21.45 -4.05
CA ASP B 37 -10.27 22.75 -3.67
C ASP B 37 -11.74 22.73 -4.11
N ASP B 38 -12.04 22.06 -5.19
CA ASP B 38 -13.45 22.02 -5.67
C ASP B 38 -14.27 21.08 -4.79
N ILE B 39 -13.64 20.12 -4.19
CA ILE B 39 -14.38 19.16 -3.32
C ILE B 39 -14.21 19.59 -1.86
N SER B 40 -15.28 19.63 -1.11
CA SER B 40 -15.18 20.05 0.32
C SER B 40 -14.25 19.11 1.10
N ASP B 41 -12.98 19.18 0.82
CA ASP B 41 -12.02 18.29 1.53
C ASP B 41 -12.00 18.59 3.03
N ALA B 42 -12.09 19.84 3.40
CA ALA B 42 -12.04 20.19 4.85
C ALA B 42 -13.22 19.57 5.62
N GLU B 43 -14.41 19.71 5.13
CA GLU B 43 -15.58 19.13 5.85
C GLU B 43 -15.55 17.62 5.73
N LEU B 44 -15.26 17.12 4.57
CA LEU B 44 -15.22 15.65 4.37
C LEU B 44 -14.09 15.04 5.22
N ASP B 45 -12.99 15.73 5.32
CA ASP B 45 -11.85 15.18 6.13
C ASP B 45 -12.29 14.94 7.57
N ALA B 46 -13.06 15.84 8.14
CA ALA B 46 -13.49 15.63 9.56
C ALA B 46 -14.43 14.43 9.65
N GLU B 47 -15.36 14.31 8.75
CA GLU B 47 -16.30 13.17 8.79
C GLU B 47 -15.54 11.87 8.55
N LEU B 48 -14.54 11.91 7.73
CA LEU B 48 -13.76 10.68 7.42
C LEU B 48 -13.10 10.13 8.69
N ASP B 49 -12.54 10.98 9.50
CA ASP B 49 -11.89 10.50 10.73
C ASP B 49 -12.92 9.82 11.64
N ALA B 50 -14.10 10.36 11.71
CA ALA B 50 -15.14 9.72 12.56
C ALA B 50 -15.61 8.42 11.88
N LEU B 51 -15.83 8.47 10.60
CA LEU B 51 -16.27 7.25 9.87
C LEU B 51 -15.17 6.20 9.91
N ALA B 52 -13.93 6.61 9.91
CA ALA B 52 -12.83 5.62 9.96
C ALA B 52 -12.97 4.77 11.21
N GLN B 53 -13.31 5.39 12.31
CA GLN B 53 -13.49 4.64 13.57
C GLN B 53 -14.62 3.61 13.40
N GLU B 54 -15.61 3.94 12.60
CA GLU B 54 -16.74 3.00 12.39
C GLU B 54 -16.25 1.70 11.76
N ASP B 55 -15.34 1.78 10.83
CA ASP B 55 -14.83 0.53 10.18
C ASP B 55 -13.56 0.05 10.89
N PHE B 56 -12.94 0.90 11.64
CA PHE B 56 -11.69 0.50 12.36
C PHE B 56 -12.07 0.03 13.76
N THR B 57 -11.12 -0.49 14.49
CA THR B 57 -11.42 -0.97 15.87
C THR B 57 -10.77 -0.04 16.87
N LEU B 58 -11.56 0.51 17.76
CA LEU B 58 -11.00 1.42 18.78
C LEU B 58 -10.63 0.60 20.03
N PRO B 59 -9.55 0.92 20.68
CA PRO B 59 -9.10 0.18 21.89
C PRO B 59 -10.28 -0.19 22.81
N MET A 1 -1.42 6.81 13.88
CA MET A 1 -1.14 6.64 15.33
C MET A 1 -0.81 5.16 15.60
N ALA A 2 -0.84 4.76 16.84
CA ALA A 2 -0.54 3.34 17.17
C ALA A 2 -1.55 2.43 16.48
N SER A 3 -2.78 2.86 16.37
CA SER A 3 -3.82 2.02 15.71
C SER A 3 -3.40 1.74 14.27
N ASN A 4 -2.78 2.69 13.62
CA ASN A 4 -2.35 2.48 12.22
C ASN A 4 -1.37 1.31 12.15
N ALA A 5 -0.53 1.18 13.14
CA ALA A 5 0.47 0.07 13.15
C ALA A 5 -0.29 -1.27 13.18
N ALA A 6 -1.35 -1.35 13.94
CA ALA A 6 -2.12 -2.62 14.01
C ALA A 6 -2.73 -2.93 12.65
N ARG A 7 -3.25 -1.92 11.99
CA ARG A 7 -3.87 -2.16 10.65
C ARG A 7 -2.82 -2.73 9.71
N VAL A 8 -1.63 -2.23 9.79
CA VAL A 8 -0.54 -2.72 8.91
C VAL A 8 -0.30 -4.21 9.19
N VAL A 9 -0.29 -4.59 10.44
CA VAL A 9 -0.06 -6.02 10.77
C VAL A 9 -1.22 -6.86 10.23
N ALA A 10 -2.42 -6.43 10.45
CA ALA A 10 -3.59 -7.20 9.95
C ALA A 10 -3.59 -7.17 8.42
N THR A 11 -3.26 -6.04 7.85
CA THR A 11 -3.23 -5.95 6.36
C THR A 11 -2.18 -6.91 5.81
N ALA A 12 -1.05 -7.01 6.47
CA ALA A 12 0.02 -7.93 5.99
C ALA A 12 -0.53 -9.36 5.99
N LYS A 13 -1.30 -9.71 6.98
CA LYS A 13 -1.87 -11.08 7.03
C LYS A 13 -2.76 -11.30 5.80
N ASP A 14 -3.39 -10.27 5.32
CA ASP A 14 -4.28 -10.42 4.14
C ASP A 14 -3.45 -10.91 2.94
N PHE A 15 -2.29 -10.36 2.75
CA PHE A 15 -1.44 -10.80 1.61
C PHE A 15 -1.04 -12.26 1.79
N ASP A 16 -0.73 -12.66 3.00
CA ASP A 16 -0.34 -14.08 3.22
C ASP A 16 -1.50 -14.98 2.81
N LYS A 17 -2.70 -14.60 3.17
CA LYS A 17 -3.88 -15.41 2.79
C LYS A 17 -3.98 -15.47 1.27
N VAL A 18 -3.53 -14.44 0.61
CA VAL A 18 -3.59 -14.40 -0.88
C VAL A 18 -2.35 -15.09 -1.46
N GLY A 19 -1.36 -15.37 -0.66
CA GLY A 19 -0.14 -16.05 -1.18
C GLY A 19 0.91 -15.02 -1.58
N LEU A 20 0.67 -13.76 -1.33
CA LEU A 20 1.68 -12.72 -1.69
C LEU A 20 2.54 -12.40 -0.47
N GLY A 21 3.37 -13.32 -0.07
CA GLY A 21 4.24 -13.08 1.12
C GLY A 21 5.18 -11.90 0.85
N ILE A 22 5.61 -11.71 -0.37
CA ILE A 22 6.54 -10.58 -0.66
C ILE A 22 5.91 -9.26 -0.23
N ILE A 23 4.65 -9.05 -0.52
CA ILE A 23 4.01 -7.78 -0.10
C ILE A 23 3.94 -7.75 1.42
N GLY A 24 3.51 -8.84 2.01
CA GLY A 24 3.42 -8.88 3.50
C GLY A 24 4.81 -8.67 4.10
N TYR A 25 5.82 -9.14 3.42
CA TYR A 25 7.21 -8.97 3.94
C TYR A 25 7.51 -7.49 4.12
N TYR A 26 7.25 -6.69 3.12
CA TYR A 26 7.51 -5.24 3.24
C TYR A 26 6.54 -4.61 4.26
N LEU A 27 5.31 -5.06 4.28
CA LEU A 27 4.32 -4.49 5.25
C LEU A 27 4.76 -4.78 6.68
N GLN A 28 5.21 -5.97 6.95
CA GLN A 28 5.66 -6.29 8.34
C GLN A 28 6.82 -5.37 8.70
N LEU A 29 7.68 -5.13 7.75
CA LEU A 29 8.84 -4.22 8.00
C LEU A 29 8.30 -2.81 8.26
N TYR A 30 7.30 -2.40 7.53
CA TYR A 30 6.72 -1.05 7.73
C TYR A 30 6.11 -0.94 9.13
N ALA A 31 5.39 -1.94 9.55
CA ALA A 31 4.77 -1.89 10.91
C ALA A 31 5.86 -1.89 11.98
N VAL A 32 6.92 -2.64 11.76
CA VAL A 32 8.02 -2.67 12.78
C VAL A 32 8.61 -1.28 12.97
N GLU A 33 8.93 -0.62 11.88
CA GLU A 33 9.53 0.73 12.00
C GLU A 33 8.54 1.69 12.64
N LEU A 34 7.27 1.49 12.44
CA LEU A 34 6.26 2.40 13.04
C LEU A 34 6.37 2.34 14.57
N ILE A 35 6.44 1.16 15.13
CA ILE A 35 6.55 1.05 16.61
C ILE A 35 7.89 1.63 17.05
N LEU A 36 8.95 1.29 16.38
CA LEU A 36 10.29 1.82 16.75
C LEU A 36 10.31 3.33 16.55
N SER A 37 9.69 3.80 15.51
CA SER A 37 9.68 5.26 15.24
C SER A 37 8.63 5.92 16.14
N GLU A 38 7.98 5.15 16.97
CA GLU A 38 6.94 5.74 17.86
C GLU A 38 7.56 5.97 19.25
N GLU A 39 7.44 7.16 19.76
CA GLU A 39 8.02 7.45 21.10
C GLU A 39 7.26 6.68 22.18
N ASP A 40 5.98 6.51 22.00
CA ASP A 40 5.18 5.78 23.03
C ASP A 40 5.04 4.30 22.62
N ARG A 41 5.42 3.40 23.49
CA ARG A 41 5.30 1.95 23.18
C ARG A 41 4.82 1.22 24.42
N SER A 42 3.68 0.57 24.34
CA SER A 42 3.19 -0.19 25.52
C SER A 42 4.02 -1.46 25.65
N GLN A 43 4.04 -2.06 26.81
CA GLN A 43 4.83 -3.32 26.95
C GLN A 43 4.37 -4.31 25.90
N GLU A 44 3.10 -4.31 25.58
CA GLU A 44 2.60 -5.27 24.56
C GLU A 44 3.14 -4.87 23.18
N MET A 45 3.17 -3.61 22.87
CA MET A 45 3.69 -3.19 21.53
C MET A 45 5.19 -3.43 21.45
N THR A 46 5.90 -3.20 22.52
CA THR A 46 7.36 -3.42 22.50
C THR A 46 7.62 -4.88 22.13
N ALA A 47 6.89 -5.78 22.72
CA ALA A 47 7.07 -7.22 22.40
C ALA A 47 6.55 -7.49 21.00
N LEU A 48 5.53 -6.79 20.59
CA LEU A 48 4.96 -7.02 19.22
C LEU A 48 6.03 -6.70 18.17
N ALA A 49 6.80 -5.67 18.38
CA ALA A 49 7.85 -5.31 17.39
C ALA A 49 8.91 -6.42 17.36
N THR A 50 9.23 -6.97 18.49
CA THR A 50 10.27 -8.04 18.53
C THR A 50 9.80 -9.25 17.72
N GLU A 51 8.59 -9.67 17.90
CA GLU A 51 8.08 -10.85 17.15
C GLU A 51 8.14 -10.57 15.65
N LEU A 52 7.79 -9.38 15.24
CA LEU A 52 7.82 -9.05 13.79
C LEU A 52 9.27 -9.09 13.28
N LEU A 53 10.21 -8.65 14.08
CA LEU A 53 11.63 -8.68 13.63
C LEU A 53 12.05 -10.10 13.28
N ASP A 54 11.64 -11.06 14.07
CA ASP A 54 12.00 -12.46 13.78
C ASP A 54 11.46 -12.87 12.41
N THR A 55 10.27 -12.43 12.10
CA THR A 55 9.67 -12.77 10.78
C THR A 55 10.53 -12.22 9.64
N ILE A 56 11.08 -11.05 9.81
CA ILE A 56 11.91 -10.46 8.73
C ILE A 56 13.04 -11.43 8.38
N GLU A 57 13.77 -11.88 9.36
CA GLU A 57 14.88 -12.83 9.09
C GLU A 57 14.34 -14.17 8.60
N ALA A 58 13.24 -14.60 9.15
CA ALA A 58 12.66 -15.91 8.72
C ALA A 58 12.21 -15.80 7.27
N PHE A 59 11.60 -14.70 6.90
CA PHE A 59 11.14 -14.52 5.51
C PHE A 59 12.33 -14.33 4.58
N LYS A 60 13.23 -13.45 4.93
CA LYS A 60 14.42 -13.21 4.07
C LYS A 60 15.26 -14.49 4.00
N LYS A 61 15.41 -15.18 5.11
CA LYS A 61 16.19 -16.43 5.08
C LYS A 61 15.49 -17.43 4.17
N GLU A 62 14.20 -17.40 4.13
CA GLU A 62 13.43 -18.32 3.25
C GLU A 62 13.86 -18.11 1.80
N ILE A 63 14.23 -16.91 1.46
CA ILE A 63 14.65 -16.63 0.06
C ILE A 63 16.06 -16.03 0.05
N GLY A 64 16.72 -16.03 1.18
CA GLY A 64 18.10 -15.46 1.24
C GLY A 64 18.99 -16.15 0.20
N GLY A 65 18.81 -17.42 0.00
CA GLY A 65 19.65 -18.14 -1.01
C GLY A 65 20.84 -18.79 -0.33
N GLU A 66 20.96 -18.67 0.97
CA GLU A 66 22.12 -19.30 1.67
C GLU A 66 22.13 -20.80 1.37
N SER A 67 20.97 -21.39 1.31
CA SER A 67 20.88 -22.84 1.00
C SER A 67 19.77 -23.06 -0.03
N GLU A 68 18.77 -22.21 -0.01
CA GLU A 68 17.68 -22.34 -0.99
C GLU A 68 18.24 -22.12 -2.40
N ALA A 69 19.26 -21.32 -2.51
CA ALA A 69 19.87 -21.07 -3.85
C ALA A 69 20.38 -22.39 -4.41
N GLU A 70 20.90 -23.24 -3.58
CA GLU A 70 21.41 -24.55 -4.09
C GLU A 70 20.25 -25.27 -4.77
N ASP A 71 19.09 -25.23 -4.18
CA ASP A 71 17.92 -25.89 -4.80
C ASP A 71 17.59 -25.15 -6.10
N SER A 72 17.69 -23.86 -6.07
CA SER A 72 17.40 -23.04 -7.28
C SER A 72 18.07 -21.67 -7.12
N ASP A 73 19.24 -21.50 -7.67
CA ASP A 73 19.94 -20.20 -7.54
C ASP A 73 19.69 -19.35 -8.79
N LYS A 74 18.80 -19.79 -9.64
CA LYS A 74 18.52 -19.01 -10.87
C LYS A 74 17.28 -18.13 -10.66
N SER A 75 16.12 -18.73 -10.69
CA SER A 75 14.87 -17.92 -10.52
C SER A 75 14.77 -17.35 -9.10
N LEU A 76 15.17 -18.09 -8.10
CA LEU A 76 15.08 -17.55 -6.71
C LEU A 76 16.03 -16.36 -6.56
N HIS A 77 17.16 -16.40 -7.22
CA HIS A 77 18.12 -15.27 -7.10
C HIS A 77 17.44 -13.99 -7.57
N VAL A 78 16.75 -14.05 -8.68
CA VAL A 78 16.06 -12.82 -9.17
C VAL A 78 15.00 -12.43 -8.15
N MET A 79 14.25 -13.39 -7.66
CA MET A 79 13.21 -13.07 -6.65
C MET A 79 13.92 -12.44 -5.45
N ASN A 80 15.09 -12.91 -5.14
CA ASN A 80 15.86 -12.33 -4.02
C ASN A 80 16.10 -10.85 -4.32
N THR A 81 16.26 -10.52 -5.57
CA THR A 81 16.48 -9.09 -5.94
C THR A 81 15.29 -8.28 -5.41
N LEU A 82 14.12 -8.84 -5.49
CA LEU A 82 12.92 -8.12 -4.99
C LEU A 82 13.07 -7.81 -3.50
N ILE A 83 13.60 -8.74 -2.74
CA ILE A 83 13.77 -8.50 -1.28
C ILE A 83 15.06 -7.73 -0.98
N HIS A 84 16.15 -8.12 -1.57
CA HIS A 84 17.45 -7.44 -1.29
C HIS A 84 17.54 -6.09 -2.00
N ASP A 85 17.21 -6.03 -3.26
CA ASP A 85 17.29 -4.71 -3.97
C ASP A 85 16.07 -3.87 -3.61
N GLN A 86 16.22 -2.97 -2.68
CA GLN A 86 15.08 -2.11 -2.27
C GLN A 86 14.65 -1.22 -3.43
N GLU A 87 15.58 -0.76 -4.22
CA GLU A 87 15.20 0.13 -5.36
C GLU A 87 14.30 -0.60 -6.34
N LYS A 88 14.66 -1.81 -6.71
CA LYS A 88 13.81 -2.56 -7.67
C LYS A 88 12.47 -2.88 -7.02
N ALA A 89 12.50 -3.27 -5.77
CA ALA A 89 11.22 -3.59 -5.07
C ALA A 89 10.36 -2.33 -5.00
N LYS A 90 10.98 -1.20 -4.79
CA LYS A 90 10.21 0.07 -4.70
C LYS A 90 9.34 0.24 -5.95
N ILE A 91 9.90 0.01 -7.11
CA ILE A 91 9.10 0.17 -8.35
C ILE A 91 7.98 -0.87 -8.37
N TYR A 92 8.28 -2.10 -8.06
CA TYR A 92 7.22 -3.16 -8.05
C TYR A 92 6.17 -2.82 -7.00
N MET A 93 6.59 -2.40 -5.84
CA MET A 93 5.61 -2.06 -4.77
C MET A 93 4.76 -0.88 -5.25
N LEU A 94 5.37 0.09 -5.87
CA LEU A 94 4.61 1.26 -6.38
C LEU A 94 3.60 0.77 -7.42
N ASN A 95 4.00 -0.15 -8.25
CA ASN A 95 3.07 -0.67 -9.28
C ASN A 95 1.90 -1.37 -8.60
N PHE A 96 2.16 -2.14 -7.59
CA PHE A 96 1.05 -2.84 -6.89
C PHE A 96 0.14 -1.80 -6.25
N THR A 97 0.71 -0.86 -5.54
CA THR A 97 -0.12 0.19 -4.89
C THR A 97 -0.81 1.00 -5.99
N MET A 98 -0.10 1.40 -6.99
CA MET A 98 -0.71 2.18 -8.09
C MET A 98 -1.75 1.33 -8.82
N SER A 99 -1.47 0.07 -9.02
CA SER A 99 -2.44 -0.80 -9.74
C SER A 99 -3.73 -0.90 -8.91
N LEU A 100 -3.61 -1.14 -7.64
CA LEU A 100 -4.83 -1.22 -6.80
C LEU A 100 -5.48 0.16 -6.74
N TYR A 101 -4.69 1.17 -6.58
CA TYR A 101 -5.22 2.56 -6.52
C TYR A 101 -5.88 2.90 -7.86
N ASN A 102 -5.25 2.57 -8.94
CA ASN A 102 -5.83 2.88 -10.28
C ASN A 102 -7.16 2.14 -10.46
N GLU A 103 -7.22 0.91 -10.06
CA GLU A 103 -8.48 0.15 -10.23
C GLU A 103 -9.59 0.76 -9.38
N LYS A 104 -9.28 1.17 -8.18
CA LYS A 104 -10.34 1.78 -7.32
C LYS A 104 -10.84 3.08 -7.95
N LEU A 105 -9.94 3.88 -8.48
CA LEU A 105 -10.39 5.14 -9.13
C LEU A 105 -11.19 4.78 -10.39
N LYS A 106 -10.79 3.75 -11.07
CA LYS A 106 -11.53 3.34 -12.31
C LYS A 106 -12.96 3.01 -11.91
N GLN A 107 -13.13 2.34 -10.81
CA GLN A 107 -14.50 2.00 -10.35
C GLN A 107 -15.25 3.31 -10.07
N LEU A 108 -14.55 4.29 -9.56
CA LEU A 108 -15.20 5.60 -9.27
C LEU A 108 -15.79 6.14 -10.57
N LYS A 109 -15.14 5.85 -11.66
CA LYS A 109 -15.61 6.35 -12.99
C LYS A 109 -17.03 5.85 -13.27
N ASP A 110 -17.32 4.62 -12.93
CA ASP A 110 -18.69 4.08 -13.20
C ASP A 110 -18.88 2.73 -12.49
N GLY A 111 -17.82 2.03 -12.19
CA GLY A 111 -17.97 0.71 -11.51
C GLY A 111 -18.89 0.85 -10.29
N PRO A 112 -19.50 -0.23 -9.87
CA PRO A 112 -20.43 -0.24 -8.71
C PRO A 112 -19.72 0.16 -7.40
N TRP A 113 -20.39 0.91 -6.57
CA TRP A 113 -19.78 1.31 -5.27
C TRP A 113 -20.42 0.52 -4.14
N ASP A 114 -19.65 0.04 -3.20
CA ASP A 114 -20.26 -0.75 -2.09
C ASP A 114 -19.36 -0.69 -0.86
N VAL A 115 -19.83 -1.22 0.24
CA VAL A 115 -19.02 -1.21 1.49
C VAL A 115 -17.67 -1.85 1.22
N MET A 116 -17.64 -2.89 0.43
CA MET A 116 -16.34 -3.56 0.14
C MET A 116 -15.38 -2.51 -0.42
N LEU A 117 -15.85 -1.67 -1.30
CA LEU A 117 -14.97 -0.62 -1.87
C LEU A 117 -14.50 0.30 -0.73
N LYS A 118 -15.37 0.59 0.20
CA LYS A 118 -14.99 1.48 1.32
C LYS A 118 -13.80 0.91 2.07
N ARG A 119 -13.84 -0.35 2.39
CA ARG A 119 -12.71 -0.98 3.12
C ARG A 119 -11.47 -1.06 2.21
N SER A 120 -11.66 -1.34 0.95
CA SER A 120 -10.50 -1.44 0.02
C SER A 120 -9.75 -0.11 -0.05
N LEU A 121 -10.45 0.99 -0.08
CA LEU A 121 -9.76 2.30 -0.15
C LEU A 121 -8.91 2.48 1.10
N TRP A 122 -9.42 2.11 2.23
CA TRP A 122 -8.63 2.24 3.49
C TRP A 122 -7.37 1.40 3.38
N CYS A 123 -7.46 0.24 2.78
CA CYS A 123 -6.27 -0.63 2.63
C CYS A 123 -5.27 0.04 1.70
N CYS A 124 -5.74 0.62 0.63
CA CYS A 124 -4.82 1.30 -0.33
C CYS A 124 -4.09 2.44 0.38
N ILE A 125 -4.76 3.16 1.23
CA ILE A 125 -4.10 4.29 1.94
C ILE A 125 -2.90 3.77 2.74
N ASP A 126 -3.05 2.66 3.40
CA ASP A 126 -1.91 2.10 4.19
C ASP A 126 -0.75 1.75 3.25
N LEU A 127 -1.05 1.18 2.11
CA LEU A 127 0.03 0.80 1.16
C LEU A 127 0.81 2.05 0.71
N PHE A 128 0.14 3.14 0.48
CA PHE A 128 0.85 4.37 0.03
C PHE A 128 1.81 4.86 1.12
N SER A 129 1.37 4.90 2.34
CA SER A 129 2.27 5.36 3.43
C SER A 129 3.48 4.43 3.54
N CYS A 130 3.28 3.16 3.31
CA CYS A 130 4.42 2.21 3.41
C CYS A 130 5.47 2.53 2.36
N ILE A 131 5.06 2.79 1.16
CA ILE A 131 6.04 3.10 0.08
C ILE A 131 6.89 4.32 0.46
N LEU A 132 6.27 5.35 0.95
CA LEU A 132 7.05 6.56 1.34
C LEU A 132 7.97 6.25 2.53
N HIS A 133 7.46 5.53 3.48
CA HIS A 133 8.28 5.19 4.68
C HIS A 133 9.38 4.19 4.31
N LEU A 134 9.04 3.17 3.58
CA LEU A 134 10.07 2.14 3.21
C LEU A 134 11.19 2.75 2.38
N TRP A 135 10.91 3.72 1.56
CA TRP A 135 11.99 4.32 0.72
C TRP A 135 11.80 5.83 0.60
N LYS A 136 11.67 6.53 1.70
CA LYS A 136 11.49 8.00 1.62
C LYS A 136 12.76 8.62 1.04
N GLU A 137 13.90 8.09 1.39
CA GLU A 137 15.19 8.63 0.88
C GLU A 137 15.31 8.41 -0.64
N ASN A 138 14.65 7.41 -1.16
CA ASN A 138 14.77 7.14 -2.62
C ASN A 138 13.65 7.88 -3.38
N ILE A 139 12.84 8.61 -2.68
CA ILE A 139 11.74 9.37 -3.36
C ILE A 139 11.95 10.87 -3.11
N SER A 140 11.92 11.66 -4.15
CA SER A 140 12.11 13.13 -3.97
C SER A 140 10.90 13.73 -3.28
N GLU A 141 11.05 14.88 -2.69
CA GLU A 141 9.90 15.51 -1.99
C GLU A 141 8.79 15.83 -3.01
N THR A 142 9.15 16.27 -4.17
CA THR A 142 8.12 16.58 -5.20
C THR A 142 7.36 15.31 -5.57
N SER A 143 8.06 14.23 -5.77
CA SER A 143 7.38 12.96 -6.12
C SER A 143 6.50 12.51 -4.96
N THR A 144 6.96 12.70 -3.75
CA THR A 144 6.15 12.29 -2.57
C THR A 144 4.84 13.10 -2.54
N ASN A 145 4.91 14.35 -2.88
CA ASN A 145 3.68 15.19 -2.88
C ASN A 145 2.64 14.57 -3.81
N SER A 146 3.05 14.10 -4.95
CA SER A 146 2.08 13.49 -5.90
C SER A 146 1.43 12.26 -5.24
N LEU A 147 2.21 11.48 -4.55
CA LEU A 147 1.66 10.28 -3.87
C LEU A 147 0.67 10.70 -2.80
N GLN A 148 1.00 11.71 -2.05
CA GLN A 148 0.09 12.19 -0.97
C GLN A 148 -1.24 12.63 -1.59
N LYS A 149 -1.19 13.22 -2.75
CA LYS A 149 -2.46 13.66 -3.41
C LYS A 149 -3.34 12.43 -3.67
N ARG A 150 -2.75 11.36 -4.10
CA ARG A 150 -3.53 10.13 -4.37
C ARG A 150 -4.20 9.65 -3.07
N ILE A 151 -3.47 9.69 -1.99
CA ILE A 151 -4.06 9.25 -0.69
C ILE A 151 -5.18 10.22 -0.30
N LYS A 152 -4.93 11.50 -0.47
CA LYS A 152 -5.95 12.52 -0.12
C LYS A 152 -7.21 12.30 -0.95
N TYR A 153 -7.06 11.99 -2.20
CA TYR A 153 -8.24 11.78 -3.06
C TYR A 153 -9.11 10.68 -2.45
N CYS A 154 -8.52 9.61 -2.00
CA CYS A 154 -9.33 8.52 -1.40
C CYS A 154 -9.99 9.04 -0.13
N LYS A 155 -9.28 9.79 0.66
CA LYS A 155 -9.88 10.34 1.90
C LYS A 155 -11.11 11.19 1.56
N ILE A 156 -11.00 12.01 0.56
CA ILE A 156 -12.16 12.87 0.20
C ILE A 156 -13.28 12.02 -0.41
N TYR A 157 -12.97 11.20 -1.37
CA TYR A 157 -14.03 10.37 -2.00
C TYR A 157 -14.57 9.34 -1.01
N LEU A 158 -13.75 8.81 -0.17
CA LEU A 158 -14.24 7.82 0.81
C LEU A 158 -15.31 8.49 1.66
N SER A 159 -15.12 9.74 1.96
CA SER A 159 -16.12 10.49 2.77
C SER A 159 -17.43 10.62 1.99
N LYS A 160 -17.36 10.92 0.73
CA LYS A 160 -18.60 11.08 -0.07
C LYS A 160 -19.39 9.76 -0.04
N LEU A 161 -18.71 8.65 -0.10
CA LEU A 161 -19.43 7.36 -0.06
C LEU A 161 -20.24 7.30 1.24
N ALA A 162 -19.71 7.85 2.28
CA ALA A 162 -20.43 7.86 3.58
C ALA A 162 -21.71 8.69 3.46
N LYS A 163 -21.71 9.70 2.63
CA LYS A 163 -22.93 10.53 2.47
C LYS A 163 -23.92 9.82 1.56
N GLY A 164 -23.46 8.83 0.84
CA GLY A 164 -24.37 8.10 -0.09
C GLY A 164 -24.47 8.90 -1.39
N GLU A 165 -23.61 9.86 -1.57
CA GLU A 165 -23.64 10.68 -2.80
C GLU A 165 -23.06 9.89 -3.98
N ILE A 166 -22.16 8.97 -3.71
CA ILE A 166 -21.58 8.16 -4.82
C ILE A 166 -22.24 6.78 -4.85
N GLY A 167 -22.68 6.35 -5.99
CA GLY A 167 -23.34 5.02 -6.08
C GLY A 167 -24.10 4.90 -7.40
N ILE B 1 14.82 -11.78 -14.92
CA ILE B 1 14.32 -12.61 -16.05
C ILE B 1 12.84 -12.88 -15.86
N ASN B 2 12.48 -14.05 -15.44
CA ASN B 2 11.05 -14.35 -15.22
C ASN B 2 10.63 -13.65 -13.93
N ILE B 3 11.39 -12.68 -13.52
CA ILE B 3 11.03 -11.94 -12.28
C ILE B 3 9.74 -11.19 -12.52
N ASP B 4 9.60 -10.58 -13.66
CA ASP B 4 8.35 -9.85 -13.97
C ASP B 4 7.21 -10.85 -14.17
N LYS B 5 7.50 -11.92 -14.85
CA LYS B 5 6.47 -12.96 -15.11
C LYS B 5 6.12 -13.71 -13.83
N LEU B 6 7.10 -14.00 -13.02
CA LEU B 6 6.85 -14.74 -11.75
C LEU B 6 5.92 -13.96 -10.84
N GLN B 7 6.20 -12.71 -10.65
CA GLN B 7 5.34 -11.88 -9.76
C GLN B 7 3.97 -11.67 -10.40
N ASP B 8 3.92 -11.49 -11.68
CA ASP B 8 2.60 -11.27 -12.34
C ASP B 8 2.73 -11.42 -13.86
N MET B 9 1.64 -11.66 -14.53
CA MET B 9 1.68 -11.80 -16.02
C MET B 9 2.19 -10.51 -16.65
N GLN B 10 1.92 -9.39 -16.03
CA GLN B 10 2.37 -8.09 -16.62
C GLN B 10 3.84 -8.20 -17.03
N ASP B 11 4.24 -7.46 -18.03
CA ASP B 11 5.65 -7.52 -18.50
C ASP B 11 6.53 -6.60 -17.67
N GLU B 12 7.24 -5.71 -18.31
CA GLU B 12 8.16 -4.79 -17.57
C GLU B 12 7.38 -4.01 -16.50
N MET B 13 7.99 -3.79 -15.37
CA MET B 13 7.32 -3.03 -14.27
C MET B 13 6.96 -1.63 -14.76
N LEU B 14 7.80 -1.04 -15.56
CA LEU B 14 7.49 0.32 -16.07
C LEU B 14 6.13 0.28 -16.76
N ASP B 15 5.82 -0.82 -17.39
CA ASP B 15 4.50 -0.94 -18.08
C ASP B 15 3.38 -0.76 -17.06
N LEU B 16 3.55 -1.24 -15.86
CA LEU B 16 2.48 -1.08 -14.83
C LEU B 16 2.20 0.40 -14.64
N ILE B 17 3.22 1.21 -14.71
CA ILE B 17 3.00 2.68 -14.51
C ILE B 17 2.18 3.21 -15.70
N GLU B 18 2.35 2.64 -16.86
CA GLU B 18 1.55 3.10 -18.03
C GLU B 18 0.07 2.97 -17.67
N GLN B 19 -0.27 1.92 -16.98
CA GLN B 19 -1.69 1.74 -16.56
C GLN B 19 -2.06 2.93 -15.69
N GLY B 20 -1.13 3.40 -14.91
CA GLY B 20 -1.41 4.57 -14.03
C GLY B 20 -1.75 5.77 -14.92
N ASP B 21 -1.15 5.84 -16.09
CA ASP B 21 -1.48 6.97 -17.00
C ASP B 21 -2.99 6.96 -17.25
N GLU B 22 -3.55 5.80 -17.41
CA GLU B 22 -5.03 5.70 -17.64
C GLU B 22 -5.76 6.31 -16.44
N LEU B 23 -5.20 6.15 -15.27
CA LEU B 23 -5.86 6.73 -14.05
C LEU B 23 -6.09 8.22 -14.27
N GLN B 24 -5.11 8.90 -14.79
CA GLN B 24 -5.28 10.35 -15.07
C GLN B 24 -6.44 10.55 -16.04
N GLU B 25 -6.54 9.69 -17.02
CA GLU B 25 -7.64 9.81 -18.02
C GLU B 25 -8.98 9.65 -17.30
N VAL B 26 -9.05 8.77 -16.34
CA VAL B 26 -10.33 8.55 -15.62
C VAL B 26 -10.74 9.81 -14.85
N LEU B 27 -9.84 10.36 -14.09
CA LEU B 27 -10.18 11.59 -13.32
C LEU B 27 -10.42 12.74 -14.30
N ALA B 28 -9.72 12.75 -15.40
CA ALA B 28 -9.90 13.84 -16.39
C ALA B 28 -11.33 13.82 -16.93
N MET B 29 -11.87 12.65 -17.20
CA MET B 29 -13.26 12.59 -17.73
C MET B 29 -14.25 13.11 -16.69
N ASN B 30 -14.05 12.77 -15.45
CA ASN B 30 -14.98 13.24 -14.38
C ASN B 30 -14.97 14.77 -14.33
N ASN B 31 -13.81 15.36 -14.42
CA ASN B 31 -13.70 16.84 -14.37
C ASN B 31 -12.24 17.24 -14.56
N ASN B 32 -11.89 17.77 -15.69
CA ASN B 32 -10.49 18.16 -15.92
C ASN B 32 -10.07 19.16 -14.83
N SER B 33 -10.97 20.01 -14.42
CA SER B 33 -10.65 20.98 -13.35
C SER B 33 -10.87 20.31 -12.00
N GLY B 34 -11.16 19.04 -12.01
CA GLY B 34 -11.40 18.32 -10.73
C GLY B 34 -10.20 18.46 -9.81
N GLU B 35 -10.25 19.39 -8.89
CA GLU B 35 -9.11 19.59 -7.95
C GLU B 35 -9.62 19.48 -6.51
N LEU B 36 -8.80 19.08 -5.59
CA LEU B 36 -9.26 18.95 -4.18
C LEU B 36 -9.86 20.29 -3.71
N ASP B 37 -9.32 21.38 -4.18
CA ASP B 37 -9.86 22.70 -3.78
C ASP B 37 -11.34 22.79 -4.17
N ASP B 38 -11.71 22.18 -5.26
CA ASP B 38 -13.13 22.23 -5.70
C ASP B 38 -13.97 21.29 -4.83
N ILE B 39 -13.36 20.33 -4.21
CA ILE B 39 -14.12 19.37 -3.35
C ILE B 39 -13.97 19.79 -1.88
N SER B 40 -15.06 19.85 -1.16
CA SER B 40 -14.99 20.26 0.27
C SER B 40 -14.10 19.29 1.06
N ASP B 41 -12.83 19.34 0.83
CA ASP B 41 -11.90 18.42 1.56
C ASP B 41 -11.92 18.69 3.07
N ALA B 42 -12.05 19.93 3.46
CA ALA B 42 -12.03 20.26 4.91
C ALA B 42 -13.21 19.61 5.66
N GLU B 43 -14.41 19.74 5.16
CA GLU B 43 -15.57 19.13 5.89
C GLU B 43 -15.52 17.62 5.75
N LEU B 44 -15.22 17.15 4.58
CA LEU B 44 -15.16 15.68 4.36
C LEU B 44 -14.05 15.05 5.21
N ASP B 45 -12.95 15.72 5.36
CA ASP B 45 -11.85 15.14 6.18
C ASP B 45 -12.30 14.93 7.62
N ALA B 46 -13.01 15.88 8.17
CA ALA B 46 -13.47 15.72 9.59
C ALA B 46 -14.47 14.59 9.69
N GLU B 47 -15.37 14.50 8.75
CA GLU B 47 -16.39 13.41 8.81
C GLU B 47 -15.72 12.05 8.62
N LEU B 48 -14.73 11.96 7.78
CA LEU B 48 -14.08 10.65 7.56
C LEU B 48 -13.33 10.21 8.82
N ASP B 49 -12.76 11.12 9.54
CA ASP B 49 -12.00 10.74 10.76
C ASP B 49 -12.96 10.07 11.75
N ALA B 50 -14.15 10.59 11.89
CA ALA B 50 -15.13 9.95 12.81
C ALA B 50 -15.60 8.63 12.20
N LEU B 51 -15.86 8.66 10.92
CA LEU B 51 -16.33 7.43 10.23
C LEU B 51 -15.22 6.37 10.24
N ALA B 52 -13.99 6.78 10.08
CA ALA B 52 -12.88 5.79 10.08
C ALA B 52 -12.90 5.00 11.39
N GLN B 53 -13.14 5.65 12.49
CA GLN B 53 -13.17 4.93 13.79
C GLN B 53 -14.28 3.88 13.76
N GLU B 54 -15.37 4.20 13.13
CA GLU B 54 -16.51 3.23 13.06
C GLU B 54 -16.11 2.00 12.23
N ASP B 55 -15.53 2.22 11.09
CA ASP B 55 -15.12 1.07 10.23
C ASP B 55 -13.95 0.34 10.86
N PHE B 56 -13.05 1.06 11.46
CA PHE B 56 -11.87 0.42 12.09
C PHE B 56 -12.27 -0.12 13.46
N THR B 57 -11.40 -0.84 14.11
CA THR B 57 -11.74 -1.39 15.45
C THR B 57 -10.93 -0.67 16.52
N LEU B 58 -11.60 -0.06 17.45
CA LEU B 58 -10.87 0.66 18.52
C LEU B 58 -10.65 -0.31 19.69
N PRO B 59 -9.50 -0.24 20.32
CA PRO B 59 -9.18 -1.12 21.48
C PRO B 59 -10.03 -0.82 22.71
N MET A 1 -3.30 6.50 14.54
CA MET A 1 -1.81 6.59 14.44
C MET A 1 -1.22 5.20 14.68
N ALA A 2 -0.93 4.88 15.92
CA ALA A 2 -0.35 3.54 16.23
C ALA A 2 -1.32 2.44 15.82
N SER A 3 -2.60 2.69 15.97
CA SER A 3 -3.59 1.65 15.59
C SER A 3 -3.46 1.35 14.10
N ASN A 4 -3.11 2.32 13.32
CA ASN A 4 -2.95 2.09 11.86
C ASN A 4 -1.88 1.02 11.63
N ALA A 5 -0.83 1.07 12.41
CA ALA A 5 0.25 0.07 12.26
C ALA A 5 -0.30 -1.34 12.52
N ALA A 6 -1.15 -1.47 13.49
CA ALA A 6 -1.72 -2.81 13.79
C ALA A 6 -2.53 -3.33 12.61
N ARG A 7 -3.33 -2.49 12.00
CA ARG A 7 -4.13 -2.93 10.83
C ARG A 7 -3.20 -3.42 9.74
N VAL A 8 -2.14 -2.72 9.52
CA VAL A 8 -1.18 -3.12 8.45
C VAL A 8 -0.63 -4.50 8.76
N VAL A 9 -0.34 -4.78 10.01
CA VAL A 9 0.19 -6.12 10.37
C VAL A 9 -0.85 -7.18 10.04
N ALA A 10 -2.08 -6.96 10.43
CA ALA A 10 -3.14 -7.96 10.13
C ALA A 10 -3.40 -7.95 8.62
N THR A 11 -3.42 -6.79 8.03
CA THR A 11 -3.65 -6.70 6.56
C THR A 11 -2.50 -7.43 5.85
N ALA A 12 -1.31 -7.30 6.35
CA ALA A 12 -0.16 -7.99 5.72
C ALA A 12 -0.43 -9.49 5.71
N LYS A 13 -1.00 -10.00 6.77
CA LYS A 13 -1.31 -11.45 6.85
C LYS A 13 -2.29 -11.80 5.72
N ASP A 14 -3.13 -10.87 5.35
CA ASP A 14 -4.11 -11.14 4.26
C ASP A 14 -3.36 -11.47 2.98
N PHE A 15 -2.29 -10.76 2.71
CA PHE A 15 -1.51 -11.04 1.48
C PHE A 15 -0.92 -12.45 1.54
N ASP A 16 -0.49 -12.87 2.70
CA ASP A 16 0.08 -14.25 2.80
C ASP A 16 -0.99 -15.26 2.41
N LYS A 17 -2.20 -15.06 2.85
CA LYS A 17 -3.29 -15.99 2.49
C LYS A 17 -3.45 -16.03 0.97
N VAL A 18 -3.17 -14.95 0.31
CA VAL A 18 -3.31 -14.91 -1.17
C VAL A 18 -2.03 -15.42 -1.83
N GLY A 19 -1.00 -15.63 -1.06
CA GLY A 19 0.28 -16.16 -1.65
C GLY A 19 1.22 -15.00 -2.00
N LEU A 20 0.86 -13.79 -1.66
CA LEU A 20 1.75 -12.64 -1.96
C LEU A 20 2.60 -12.31 -0.74
N GLY A 21 3.44 -13.22 -0.32
CA GLY A 21 4.30 -12.98 0.87
C GLY A 21 5.21 -11.78 0.63
N ILE A 22 5.62 -11.56 -0.59
CA ILE A 22 6.52 -10.40 -0.87
C ILE A 22 5.85 -9.10 -0.43
N ILE A 23 4.58 -8.94 -0.72
CA ILE A 23 3.88 -7.69 -0.30
C ILE A 23 3.78 -7.68 1.22
N GLY A 24 3.35 -8.76 1.80
CA GLY A 24 3.23 -8.82 3.29
C GLY A 24 4.61 -8.63 3.91
N TYR A 25 5.64 -9.08 3.24
CA TYR A 25 7.01 -8.93 3.79
C TYR A 25 7.33 -7.45 4.02
N TYR A 26 7.09 -6.63 3.05
CA TYR A 26 7.37 -5.18 3.22
C TYR A 26 6.40 -4.58 4.26
N LEU A 27 5.18 -5.04 4.29
CA LEU A 27 4.21 -4.49 5.28
C LEU A 27 4.67 -4.81 6.70
N GLN A 28 5.15 -6.00 6.94
CA GLN A 28 5.61 -6.35 8.31
C GLN A 28 6.75 -5.41 8.69
N LEU A 29 7.63 -5.14 7.76
CA LEU A 29 8.75 -4.21 8.04
C LEU A 29 8.19 -2.81 8.29
N TYR A 30 7.18 -2.44 7.56
CA TYR A 30 6.55 -1.09 7.73
C TYR A 30 5.93 -0.98 9.13
N ALA A 31 5.25 -1.99 9.57
CA ALA A 31 4.60 -1.92 10.93
C ALA A 31 5.68 -1.82 12.02
N VAL A 32 6.77 -2.54 11.87
CA VAL A 32 7.83 -2.49 12.90
C VAL A 32 8.38 -1.06 13.03
N GLU A 33 8.68 -0.44 11.94
CA GLU A 33 9.24 0.93 11.99
C GLU A 33 8.20 1.89 12.59
N LEU A 34 6.94 1.63 12.37
CA LEU A 34 5.89 2.53 12.93
C LEU A 34 5.98 2.55 14.46
N ILE A 35 6.10 1.40 15.07
CA ILE A 35 6.20 1.37 16.56
C ILE A 35 7.49 2.06 17.00
N LEU A 36 8.57 1.76 16.36
CA LEU A 36 9.87 2.40 16.72
C LEU A 36 9.80 3.89 16.41
N SER A 37 9.16 4.24 15.33
CA SER A 37 9.05 5.66 14.97
C SER A 37 8.16 6.36 16.00
N GLU A 38 7.46 5.59 16.77
CA GLU A 38 6.57 6.19 17.80
C GLU A 38 7.33 6.34 19.11
N GLU A 39 7.34 7.51 19.68
CA GLU A 39 8.07 7.72 20.96
C GLU A 39 7.39 6.93 22.07
N ASP A 40 6.09 6.82 22.03
CA ASP A 40 5.37 6.06 23.09
C ASP A 40 5.19 4.60 22.65
N ARG A 41 5.62 3.68 23.47
CA ARG A 41 5.47 2.24 23.12
C ARG A 41 4.89 1.49 24.32
N SER A 42 4.03 0.54 24.06
CA SER A 42 3.43 -0.25 25.16
C SER A 42 4.01 -1.66 25.10
N GLN A 43 3.98 -2.38 26.18
CA GLN A 43 4.54 -3.76 26.16
C GLN A 43 3.90 -4.50 24.99
N GLU A 44 2.66 -4.23 24.72
CA GLU A 44 1.97 -4.92 23.59
C GLU A 44 2.60 -4.49 22.26
N MET A 45 2.87 -3.22 22.08
CA MET A 45 3.47 -2.77 20.79
C MET A 45 4.95 -3.16 20.74
N THR A 46 5.65 -2.99 21.83
CA THR A 46 7.09 -3.35 21.85
C THR A 46 7.25 -4.85 21.60
N ALA A 47 6.45 -5.65 22.24
CA ALA A 47 6.54 -7.12 22.04
C ALA A 47 6.06 -7.47 20.63
N LEU A 48 5.06 -6.79 20.17
CA LEU A 48 4.53 -7.09 18.80
C LEU A 48 5.61 -6.80 17.76
N ALA A 49 6.34 -5.73 17.93
CA ALA A 49 7.40 -5.39 16.94
C ALA A 49 8.49 -6.47 16.97
N THR A 50 8.83 -6.94 18.14
CA THR A 50 9.89 -7.99 18.24
C THR A 50 9.49 -9.24 17.45
N GLU A 51 8.27 -9.68 17.61
CA GLU A 51 7.82 -10.90 16.87
C GLU A 51 7.94 -10.67 15.37
N LEU A 52 7.65 -9.49 14.91
CA LEU A 52 7.76 -9.21 13.45
C LEU A 52 9.21 -9.31 13.00
N LEU A 53 10.14 -8.90 13.82
CA LEU A 53 11.57 -8.99 13.41
C LEU A 53 11.92 -10.44 13.10
N ASP A 54 11.42 -11.36 13.87
CA ASP A 54 11.72 -12.79 13.62
C ASP A 54 11.15 -13.17 12.24
N THR A 55 9.98 -12.70 11.91
CA THR A 55 9.39 -13.04 10.59
C THR A 55 10.22 -12.42 9.47
N ILE A 56 10.62 -11.19 9.61
CA ILE A 56 11.43 -10.55 8.53
C ILE A 56 12.68 -11.39 8.28
N GLU A 57 13.41 -11.71 9.30
CA GLU A 57 14.64 -12.52 9.11
C GLU A 57 14.26 -13.92 8.60
N ALA A 58 13.20 -14.48 9.10
CA ALA A 58 12.78 -15.82 8.64
C ALA A 58 12.33 -15.72 7.18
N PHE A 59 11.61 -14.70 6.83
CA PHE A 59 11.16 -14.54 5.43
C PHE A 59 12.36 -14.27 4.53
N LYS A 60 13.20 -13.35 4.90
CA LYS A 60 14.38 -13.03 4.06
C LYS A 60 15.29 -14.25 4.00
N LYS A 61 15.46 -14.93 5.11
CA LYS A 61 16.32 -16.15 5.10
C LYS A 61 15.68 -17.19 4.17
N GLU A 62 14.39 -17.21 4.10
CA GLU A 62 13.70 -18.18 3.20
C GLU A 62 14.16 -17.94 1.76
N ILE A 63 14.47 -16.71 1.44
CA ILE A 63 14.90 -16.39 0.05
C ILE A 63 16.28 -15.73 0.09
N GLY A 64 16.93 -15.72 1.23
CA GLY A 64 18.28 -15.08 1.32
C GLY A 64 19.20 -15.68 0.26
N GLY A 65 19.10 -16.96 0.01
CA GLY A 65 19.96 -17.59 -1.02
C GLY A 65 21.21 -18.18 -0.36
N GLU A 66 21.31 -18.12 0.94
CA GLU A 66 22.52 -18.68 1.61
C GLU A 66 22.60 -20.18 1.32
N SER A 67 21.48 -20.83 1.27
CA SER A 67 21.46 -22.29 0.99
C SER A 67 20.36 -22.57 -0.02
N GLU A 68 19.32 -21.77 -0.01
CA GLU A 68 18.22 -21.99 -0.98
C GLU A 68 18.75 -21.78 -2.40
N ALA A 69 19.74 -20.93 -2.54
CA ALA A 69 20.32 -20.69 -3.89
C ALA A 69 20.86 -22.00 -4.45
N GLU A 70 21.46 -22.81 -3.62
CA GLU A 70 22.00 -24.10 -4.13
C GLU A 70 20.86 -24.88 -4.78
N ASP A 71 19.73 -24.90 -4.15
CA ASP A 71 18.56 -25.62 -4.74
C ASP A 71 18.15 -24.90 -6.02
N SER A 72 18.20 -23.60 -6.01
CA SER A 72 17.83 -22.80 -7.21
C SER A 72 18.43 -21.40 -7.07
N ASP A 73 19.56 -21.17 -7.67
CA ASP A 73 20.20 -19.83 -7.56
C ASP A 73 19.86 -19.00 -8.79
N LYS A 74 19.00 -19.50 -9.62
CA LYS A 74 18.65 -18.73 -10.85
C LYS A 74 17.37 -17.91 -10.60
N SER A 75 16.24 -18.55 -10.60
CA SER A 75 14.96 -17.82 -10.40
C SER A 75 14.86 -17.26 -8.97
N LEU A 76 15.32 -17.98 -7.99
CA LEU A 76 15.23 -17.45 -6.59
C LEU A 76 16.17 -16.26 -6.44
N HIS A 77 17.29 -16.28 -7.09
CA HIS A 77 18.25 -15.15 -6.96
C HIS A 77 17.59 -13.86 -7.43
N VAL A 78 16.90 -13.90 -8.53
CA VAL A 78 16.22 -12.66 -9.00
C VAL A 78 15.15 -12.29 -7.98
N MET A 79 14.41 -13.24 -7.50
CA MET A 79 13.37 -12.94 -6.50
C MET A 79 14.04 -12.27 -5.31
N ASN A 80 15.23 -12.69 -4.99
CA ASN A 80 15.96 -12.06 -3.87
C ASN A 80 16.15 -10.59 -4.21
N THR A 81 16.31 -10.26 -5.47
CA THR A 81 16.47 -8.83 -5.84
C THR A 81 15.26 -8.07 -5.31
N LEU A 82 14.11 -8.67 -5.37
CA LEU A 82 12.89 -8.00 -4.87
C LEU A 82 13.06 -7.69 -3.38
N ILE A 83 13.64 -8.58 -2.63
CA ILE A 83 13.81 -8.34 -1.16
C ILE A 83 15.09 -7.55 -0.87
N HIS A 84 16.18 -7.92 -1.49
CA HIS A 84 17.46 -7.22 -1.23
C HIS A 84 17.50 -5.85 -1.90
N ASP A 85 17.13 -5.77 -3.15
CA ASP A 85 17.16 -4.44 -3.85
C ASP A 85 15.89 -3.67 -3.53
N GLN A 86 15.95 -2.77 -2.59
CA GLN A 86 14.74 -1.96 -2.23
C GLN A 86 14.33 -1.10 -3.42
N GLU A 87 15.28 -0.61 -4.17
CA GLU A 87 14.93 0.27 -5.33
C GLU A 87 14.06 -0.49 -6.32
N LYS A 88 14.43 -1.68 -6.67
CA LYS A 88 13.61 -2.47 -7.63
C LYS A 88 12.28 -2.82 -6.97
N ALA A 89 12.32 -3.20 -5.72
CA ALA A 89 11.06 -3.55 -5.01
C ALA A 89 10.18 -2.31 -4.94
N LYS A 90 10.77 -1.16 -4.76
CA LYS A 90 9.97 0.09 -4.69
C LYS A 90 9.08 0.20 -5.93
N ILE A 91 9.63 -0.04 -7.09
CA ILE A 91 8.82 0.05 -8.33
C ILE A 91 7.73 -1.02 -8.31
N TYR A 92 8.08 -2.22 -7.96
CA TYR A 92 7.06 -3.32 -7.93
C TYR A 92 6.00 -2.98 -6.88
N MET A 93 6.40 -2.53 -5.73
CA MET A 93 5.40 -2.17 -4.69
C MET A 93 4.53 -1.03 -5.21
N LEU A 94 5.15 -0.08 -5.84
CA LEU A 94 4.37 1.06 -6.40
C LEU A 94 3.45 0.52 -7.49
N ASN A 95 3.94 -0.40 -8.28
CA ASN A 95 3.10 -0.97 -9.36
C ASN A 95 1.89 -1.68 -8.75
N PHE A 96 2.11 -2.43 -7.71
CA PHE A 96 0.96 -3.15 -7.07
C PHE A 96 0.02 -2.11 -6.45
N THR A 97 0.56 -1.18 -5.71
CA THR A 97 -0.29 -0.14 -5.08
C THR A 97 -0.99 0.67 -6.17
N MET A 98 -0.28 1.06 -7.19
CA MET A 98 -0.91 1.85 -8.28
C MET A 98 -1.98 1.00 -8.97
N SER A 99 -1.71 -0.27 -9.17
CA SER A 99 -2.71 -1.14 -9.84
C SER A 99 -3.98 -1.21 -8.98
N LEU A 100 -3.81 -1.44 -7.70
CA LEU A 100 -5.01 -1.51 -6.81
C LEU A 100 -5.68 -0.14 -6.76
N TYR A 101 -4.90 0.89 -6.57
CA TYR A 101 -5.49 2.26 -6.52
C TYR A 101 -6.14 2.60 -7.86
N ASN A 102 -5.53 2.21 -8.94
CA ASN A 102 -6.11 2.52 -10.27
C ASN A 102 -7.51 1.89 -10.37
N GLU A 103 -7.70 0.72 -9.84
CA GLU A 103 -9.03 0.07 -9.90
C GLU A 103 -10.03 0.89 -9.09
N LYS A 104 -9.64 1.39 -7.97
CA LYS A 104 -10.59 2.18 -7.13
C LYS A 104 -11.01 3.44 -7.90
N LEU A 105 -10.09 4.13 -8.49
CA LEU A 105 -10.47 5.35 -9.27
C LEU A 105 -11.26 4.91 -10.49
N LYS A 106 -10.89 3.80 -11.07
CA LYS A 106 -11.63 3.31 -12.28
C LYS A 106 -13.08 3.06 -11.87
N GLN A 107 -13.28 2.42 -10.76
CA GLN A 107 -14.67 2.15 -10.30
C GLN A 107 -15.34 3.50 -10.03
N LEU A 108 -14.60 4.44 -9.52
CA LEU A 108 -15.18 5.79 -9.24
C LEU A 108 -15.72 6.35 -10.55
N LYS A 109 -15.09 6.02 -11.63
CA LYS A 109 -15.54 6.54 -12.96
C LYS A 109 -16.97 6.11 -13.23
N ASP A 110 -17.32 4.90 -12.90
CA ASP A 110 -18.73 4.43 -13.15
C ASP A 110 -18.99 3.09 -12.43
N GLY A 111 -17.99 2.46 -11.90
CA GLY A 111 -18.22 1.14 -11.21
C GLY A 111 -19.14 1.35 -9.99
N PRO A 112 -19.79 0.30 -9.57
CA PRO A 112 -20.72 0.34 -8.40
C PRO A 112 -20.01 0.71 -7.10
N TRP A 113 -20.61 1.54 -6.30
CA TRP A 113 -19.98 1.95 -5.01
C TRP A 113 -20.71 1.24 -3.85
N ASP A 114 -19.97 0.72 -2.90
CA ASP A 114 -20.63 0.03 -1.77
C ASP A 114 -19.71 0.02 -0.55
N VAL A 115 -20.23 -0.42 0.57
CA VAL A 115 -19.41 -0.47 1.81
C VAL A 115 -18.14 -1.28 1.54
N MET A 116 -18.24 -2.34 0.79
CA MET A 116 -17.02 -3.15 0.52
C MET A 116 -15.94 -2.25 -0.06
N LEU A 117 -16.31 -1.36 -0.95
CA LEU A 117 -15.30 -0.44 -1.54
C LEU A 117 -14.73 0.44 -0.41
N LYS A 118 -15.54 0.81 0.53
CA LYS A 118 -15.06 1.67 1.66
C LYS A 118 -13.91 0.99 2.38
N ARG A 119 -14.06 -0.26 2.69
CA ARG A 119 -12.97 -0.99 3.41
C ARG A 119 -11.75 -1.14 2.49
N SER A 120 -11.99 -1.42 1.23
CA SER A 120 -10.85 -1.60 0.28
C SER A 120 -10.06 -0.29 0.17
N LEU A 121 -10.75 0.82 0.14
CA LEU A 121 -10.03 2.12 0.04
C LEU A 121 -9.13 2.32 1.25
N TRP A 122 -9.61 1.98 2.41
CA TRP A 122 -8.77 2.12 3.63
C TRP A 122 -7.53 1.25 3.49
N CYS A 123 -7.67 0.09 2.91
CA CYS A 123 -6.49 -0.81 2.73
C CYS A 123 -5.52 -0.18 1.75
N CYS A 124 -6.01 0.44 0.72
CA CYS A 124 -5.12 1.08 -0.28
C CYS A 124 -4.33 2.21 0.39
N ILE A 125 -4.97 2.96 1.25
CA ILE A 125 -4.26 4.07 1.94
C ILE A 125 -3.06 3.54 2.70
N ASP A 126 -3.21 2.43 3.37
CA ASP A 126 -2.06 1.85 4.14
C ASP A 126 -0.91 1.53 3.19
N LEU A 127 -1.21 1.01 2.04
CA LEU A 127 -0.13 0.65 1.07
C LEU A 127 0.63 1.91 0.64
N PHE A 128 -0.05 3.00 0.44
CA PHE A 128 0.65 4.24 0.01
C PHE A 128 1.57 4.74 1.12
N SER A 129 1.13 4.72 2.34
CA SER A 129 1.99 5.19 3.45
C SER A 129 3.22 4.30 3.57
N CYS A 130 3.08 3.04 3.28
CA CYS A 130 4.25 2.12 3.38
C CYS A 130 5.26 2.47 2.29
N ILE A 131 4.81 2.71 1.10
CA ILE A 131 5.74 3.05 0.00
C ILE A 131 6.57 4.29 0.36
N LEU A 132 5.93 5.30 0.89
CA LEU A 132 6.69 6.53 1.26
C LEU A 132 7.60 6.24 2.46
N HIS A 133 7.09 5.57 3.44
CA HIS A 133 7.90 5.26 4.66
C HIS A 133 9.01 4.26 4.34
N LEU A 134 8.70 3.24 3.59
CA LEU A 134 9.74 2.21 3.27
C LEU A 134 10.92 2.82 2.50
N TRP A 135 10.69 3.81 1.68
CA TRP A 135 11.84 4.39 0.92
C TRP A 135 11.73 5.92 0.83
N LYS A 136 11.72 6.59 1.95
CA LYS A 136 11.63 8.07 1.91
C LYS A 136 12.86 8.64 1.18
N GLU A 137 14.00 8.04 1.41
CA GLU A 137 15.25 8.52 0.75
C GLU A 137 15.22 8.28 -0.76
N ASN A 138 14.50 7.30 -1.21
CA ASN A 138 14.47 7.03 -2.68
C ASN A 138 13.32 7.78 -3.35
N ILE A 139 12.58 8.56 -2.60
CA ILE A 139 11.46 9.33 -3.20
C ILE A 139 11.71 10.82 -3.00
N SER A 140 11.68 11.58 -4.06
CA SER A 140 11.93 13.04 -3.93
C SER A 140 10.72 13.70 -3.25
N GLU A 141 10.90 14.86 -2.70
CA GLU A 141 9.77 15.55 -2.01
C GLU A 141 8.69 15.89 -3.04
N THR A 142 9.08 16.29 -4.21
CA THR A 142 8.07 16.64 -5.25
C THR A 142 7.30 15.38 -5.64
N SER A 143 7.98 14.30 -5.86
CA SER A 143 7.27 13.04 -6.23
C SER A 143 6.40 12.58 -5.05
N THR A 144 6.85 12.82 -3.85
CA THR A 144 6.06 12.40 -2.66
C THR A 144 4.73 13.16 -2.65
N ASN A 145 4.76 14.43 -2.99
CA ASN A 145 3.51 15.22 -2.99
C ASN A 145 2.50 14.58 -3.95
N SER A 146 2.95 14.10 -5.07
CA SER A 146 2.02 13.46 -6.03
C SER A 146 1.36 12.24 -5.36
N LEU A 147 2.13 11.48 -4.64
CA LEU A 147 1.57 10.28 -3.97
C LEU A 147 0.60 10.71 -2.87
N GLN A 148 0.95 11.73 -2.14
CA GLN A 148 0.06 12.22 -1.04
C GLN A 148 -1.27 12.65 -1.64
N LYS A 149 -1.26 13.24 -2.80
CA LYS A 149 -2.53 13.68 -3.43
C LYS A 149 -3.41 12.46 -3.67
N ARG A 150 -2.83 11.37 -4.11
CA ARG A 150 -3.65 10.14 -4.36
C ARG A 150 -4.26 9.69 -3.03
N ILE A 151 -3.50 9.72 -1.97
CA ILE A 151 -4.04 9.31 -0.65
C ILE A 151 -5.14 10.30 -0.23
N LYS A 152 -4.87 11.56 -0.39
CA LYS A 152 -5.87 12.59 -0.01
C LYS A 152 -7.14 12.39 -0.83
N TYR A 153 -6.98 12.09 -2.10
CA TYR A 153 -8.17 11.89 -2.97
C TYR A 153 -9.03 10.78 -2.36
N CYS A 154 -8.42 9.72 -1.92
CA CYS A 154 -9.20 8.60 -1.31
C CYS A 154 -9.87 9.12 -0.04
N LYS A 155 -9.16 9.86 0.75
CA LYS A 155 -9.75 10.39 2.01
C LYS A 155 -10.98 11.24 1.69
N ILE A 156 -10.90 12.08 0.70
CA ILE A 156 -12.06 12.93 0.34
C ILE A 156 -13.18 12.08 -0.27
N TYR A 157 -12.87 11.28 -1.24
CA TYR A 157 -13.92 10.43 -1.88
C TYR A 157 -14.45 9.41 -0.89
N LEU A 158 -13.61 8.88 -0.05
CA LEU A 158 -14.10 7.87 0.94
C LEU A 158 -15.18 8.51 1.79
N SER A 159 -15.00 9.76 2.15
CA SER A 159 -16.04 10.44 2.97
C SER A 159 -17.32 10.60 2.15
N LYS A 160 -17.20 11.03 0.94
CA LYS A 160 -18.40 11.22 0.07
C LYS A 160 -19.12 9.89 -0.10
N LEU A 161 -18.39 8.81 -0.21
CA LEU A 161 -19.03 7.48 -0.38
C LEU A 161 -19.83 7.14 0.87
N ALA A 162 -19.29 7.41 2.02
CA ALA A 162 -20.02 7.10 3.29
C ALA A 162 -21.17 8.07 3.47
N LYS A 163 -21.09 9.23 2.88
CA LYS A 163 -22.17 10.23 3.02
C LYS A 163 -23.29 9.94 2.02
N GLY A 164 -23.09 8.96 1.17
CA GLY A 164 -24.15 8.62 0.17
C GLY A 164 -24.12 9.63 -0.98
N GLU A 165 -23.09 10.44 -1.05
CA GLU A 165 -23.02 11.44 -2.15
C GLU A 165 -22.64 10.74 -3.46
N ILE A 166 -21.92 9.65 -3.39
CA ILE A 166 -21.53 8.93 -4.64
C ILE A 166 -22.35 7.64 -4.74
N GLY A 167 -22.93 7.38 -5.88
CA GLY A 167 -23.73 6.14 -6.05
C GLY A 167 -24.88 6.40 -7.01
N ILE B 1 14.84 -11.85 -14.57
CA ILE B 1 14.28 -12.67 -15.69
C ILE B 1 12.83 -13.03 -15.37
N ASN B 2 12.60 -14.20 -14.87
CA ASN B 2 11.22 -14.59 -14.54
C ASN B 2 10.82 -13.85 -13.26
N ILE B 3 11.52 -12.80 -12.95
CA ILE B 3 11.18 -12.02 -11.74
C ILE B 3 9.78 -11.44 -11.91
N ASP B 4 9.51 -10.91 -13.07
CA ASP B 4 8.15 -10.36 -13.31
C ASP B 4 7.17 -11.50 -13.51
N LYS B 5 7.58 -12.49 -14.26
CA LYS B 5 6.70 -13.67 -14.53
C LYS B 5 6.40 -14.40 -13.22
N LEU B 6 7.37 -14.52 -12.36
CA LEU B 6 7.14 -15.23 -11.07
C LEU B 6 6.00 -14.56 -10.30
N GLN B 7 6.06 -13.27 -10.20
CA GLN B 7 5.01 -12.54 -9.46
C GLN B 7 3.71 -12.48 -10.29
N ASP B 8 3.83 -12.28 -11.58
CA ASP B 8 2.61 -12.22 -12.44
C ASP B 8 3.02 -12.16 -13.90
N MET B 9 2.11 -12.38 -14.80
CA MET B 9 2.46 -12.32 -16.25
C MET B 9 2.41 -10.86 -16.72
N GLN B 10 3.53 -10.19 -16.71
CA GLN B 10 3.54 -8.77 -17.15
C GLN B 10 4.71 -8.54 -18.11
N ASP B 11 4.61 -7.56 -18.98
CA ASP B 11 5.71 -7.29 -19.94
C ASP B 11 6.90 -6.66 -19.20
N GLU B 12 6.76 -5.43 -18.79
CA GLU B 12 7.87 -4.75 -18.07
C GLU B 12 7.33 -4.00 -16.85
N MET B 13 8.14 -3.79 -15.85
CA MET B 13 7.67 -3.06 -14.64
C MET B 13 7.19 -1.66 -15.05
N LEU B 14 7.89 -1.05 -15.96
CA LEU B 14 7.47 0.30 -16.42
C LEU B 14 6.07 0.20 -17.01
N ASP B 15 5.78 -0.91 -17.63
CA ASP B 15 4.42 -1.08 -18.24
C ASP B 15 3.37 -0.95 -17.14
N LEU B 16 3.66 -1.43 -15.96
CA LEU B 16 2.67 -1.29 -14.86
C LEU B 16 2.37 0.19 -14.64
N ILE B 17 3.38 1.01 -14.75
CA ILE B 17 3.14 2.46 -14.56
C ILE B 17 2.29 2.99 -15.73
N GLU B 18 2.45 2.41 -16.89
CA GLU B 18 1.63 2.86 -18.04
C GLU B 18 0.17 2.72 -17.65
N GLN B 19 -0.14 1.67 -16.93
CA GLN B 19 -1.54 1.48 -16.45
C GLN B 19 -1.90 2.69 -15.60
N GLY B 20 -0.94 3.18 -14.87
CA GLY B 20 -1.19 4.38 -14.03
C GLY B 20 -1.56 5.54 -14.95
N ASP B 21 -1.01 5.57 -16.14
CA ASP B 21 -1.38 6.66 -17.08
C ASP B 21 -2.89 6.67 -17.24
N GLU B 22 -3.49 5.50 -17.31
CA GLU B 22 -4.96 5.43 -17.45
C GLU B 22 -5.60 6.06 -16.22
N LEU B 23 -4.96 5.93 -15.09
CA LEU B 23 -5.52 6.53 -13.83
C LEU B 23 -5.77 8.01 -14.08
N GLN B 24 -4.84 8.69 -14.68
CA GLN B 24 -5.01 10.13 -14.97
C GLN B 24 -6.21 10.31 -15.91
N GLU B 25 -6.36 9.43 -16.86
CA GLU B 25 -7.50 9.54 -17.81
C GLU B 25 -8.82 9.43 -17.06
N VAL B 26 -8.89 8.56 -16.09
CA VAL B 26 -10.16 8.40 -15.33
C VAL B 26 -10.49 9.69 -14.59
N LEU B 27 -9.56 10.24 -13.86
CA LEU B 27 -9.84 11.49 -13.13
C LEU B 27 -10.06 12.63 -14.13
N ALA B 28 -9.35 12.60 -15.23
CA ALA B 28 -9.51 13.68 -16.24
C ALA B 28 -10.91 13.61 -16.85
N MET B 29 -11.38 12.43 -17.17
CA MET B 29 -12.74 12.31 -17.77
C MET B 29 -13.80 12.68 -16.73
N ASN B 30 -13.61 12.27 -15.51
CA ASN B 30 -14.61 12.59 -14.45
C ASN B 30 -14.71 14.11 -14.30
N ASN B 31 -13.59 14.78 -14.32
CA ASN B 31 -13.59 16.26 -14.18
C ASN B 31 -12.16 16.78 -14.32
N ASN B 32 -11.82 17.32 -15.46
CA ASN B 32 -10.44 17.83 -15.66
C ASN B 32 -10.14 18.88 -14.59
N SER B 33 -11.12 19.65 -14.22
CA SER B 33 -10.90 20.69 -13.17
C SER B 33 -11.07 20.03 -11.80
N GLY B 34 -11.28 18.74 -11.78
CA GLY B 34 -11.46 18.03 -10.48
C GLY B 34 -10.25 18.28 -9.58
N GLU B 35 -10.36 19.22 -8.68
CA GLU B 35 -9.22 19.52 -7.76
C GLU B 35 -9.71 19.42 -6.31
N LEU B 36 -8.84 19.09 -5.40
CA LEU B 36 -9.26 18.99 -3.98
C LEU B 36 -9.90 20.31 -3.54
N ASP B 37 -9.39 21.41 -4.02
CA ASP B 37 -9.96 22.72 -3.63
C ASP B 37 -11.45 22.78 -4.02
N ASP B 38 -11.80 22.17 -5.10
CA ASP B 38 -13.22 22.18 -5.55
C ASP B 38 -14.04 21.22 -4.68
N ILE B 39 -13.40 20.29 -4.04
CA ILE B 39 -14.14 19.32 -3.18
C ILE B 39 -13.95 19.72 -1.71
N SER B 40 -15.03 19.75 -0.97
CA SER B 40 -14.92 20.14 0.47
C SER B 40 -13.99 19.20 1.22
N ASP B 41 -12.71 19.30 0.98
CA ASP B 41 -11.74 18.41 1.66
C ASP B 41 -11.71 18.69 3.17
N ALA B 42 -11.80 19.94 3.55
CA ALA B 42 -11.74 20.28 5.01
C ALA B 42 -12.90 19.66 5.79
N GLU B 43 -14.11 19.81 5.31
CA GLU B 43 -15.27 19.23 6.05
C GLU B 43 -15.26 17.71 5.91
N LEU B 44 -15.00 17.23 4.73
CA LEU B 44 -14.98 15.76 4.52
C LEU B 44 -13.86 15.12 5.34
N ASP B 45 -12.74 15.77 5.46
CA ASP B 45 -11.62 15.18 6.25
C ASP B 45 -12.05 14.96 7.70
N ALA B 46 -12.73 15.90 8.29
CA ALA B 46 -13.16 15.73 9.70
C ALA B 46 -14.21 14.62 9.80
N GLU B 47 -15.14 14.61 8.89
CA GLU B 47 -16.20 13.57 8.93
C GLU B 47 -15.58 12.18 8.71
N LEU B 48 -14.59 12.07 7.87
CA LEU B 48 -13.99 10.73 7.64
C LEU B 48 -13.30 10.21 8.89
N ASP B 49 -12.71 11.07 9.65
CA ASP B 49 -12.01 10.59 10.88
C ASP B 49 -13.05 9.94 11.78
N ALA B 50 -14.23 10.48 11.83
CA ALA B 50 -15.29 9.85 12.67
C ALA B 50 -15.70 8.53 12.00
N LEU B 51 -15.87 8.55 10.70
CA LEU B 51 -16.26 7.32 9.97
C LEU B 51 -15.15 6.28 10.06
N ALA B 52 -13.92 6.72 10.04
CA ALA B 52 -12.79 5.76 10.13
C ALA B 52 -12.98 4.92 11.39
N GLN B 53 -13.40 5.54 12.45
CA GLN B 53 -13.62 4.79 13.72
C GLN B 53 -14.71 3.74 13.49
N GLU B 54 -15.66 4.05 12.65
CA GLU B 54 -16.77 3.09 12.39
C GLU B 54 -16.23 1.79 11.77
N ASP B 55 -15.29 1.90 10.87
CA ASP B 55 -14.75 0.66 10.22
C ASP B 55 -13.51 0.17 10.95
N PHE B 56 -12.91 1.00 11.76
CA PHE B 56 -11.68 0.55 12.48
C PHE B 56 -12.07 0.13 13.90
N THR B 57 -11.15 -0.47 14.62
CA THR B 57 -11.45 -0.91 16.00
C THR B 57 -10.71 -0.03 16.99
N LEU B 58 -11.41 0.64 17.86
CA LEU B 58 -10.74 1.51 18.84
C LEU B 58 -10.46 0.70 20.12
N PRO B 59 -9.30 0.86 20.71
CA PRO B 59 -8.95 0.11 21.96
C PRO B 59 -9.69 0.65 23.19
N MET A 1 -0.53 6.74 14.32
CA MET A 1 -0.39 6.37 15.76
C MET A 1 0.00 4.89 15.87
N ALA A 2 0.20 4.41 17.06
CA ALA A 2 0.59 2.98 17.24
C ALA A 2 -0.52 2.09 16.69
N SER A 3 -1.76 2.49 16.85
CA SER A 3 -2.88 1.66 16.33
C SER A 3 -2.74 1.50 14.82
N ASN A 4 -2.20 2.48 14.15
CA ASN A 4 -2.05 2.39 12.67
C ASN A 4 -1.14 1.20 12.35
N ALA A 5 -0.12 1.00 13.13
CA ALA A 5 0.80 -0.15 12.88
C ALA A 5 0.02 -1.46 13.00
N ALA A 6 -0.86 -1.55 13.95
CA ALA A 6 -1.65 -2.80 14.12
C ALA A 6 -2.49 -3.01 12.86
N ARG A 7 -3.02 -1.96 12.30
CA ARG A 7 -3.85 -2.10 11.08
C ARG A 7 -2.99 -2.71 9.98
N VAL A 8 -1.80 -2.21 9.82
CA VAL A 8 -0.90 -2.74 8.77
C VAL A 8 -0.61 -4.21 9.07
N VAL A 9 -0.42 -4.54 10.32
CA VAL A 9 -0.14 -5.97 10.67
C VAL A 9 -1.32 -6.83 10.24
N ALA A 10 -2.52 -6.41 10.51
CA ALA A 10 -3.70 -7.22 10.09
C ALA A 10 -3.80 -7.19 8.57
N THR A 11 -3.59 -6.05 7.98
CA THR A 11 -3.66 -5.95 6.49
C THR A 11 -2.57 -6.84 5.88
N ALA A 12 -1.41 -6.87 6.49
CA ALA A 12 -0.31 -7.71 5.94
C ALA A 12 -0.75 -9.17 5.95
N LYS A 13 -1.44 -9.59 6.98
CA LYS A 13 -1.92 -11.00 7.04
C LYS A 13 -2.85 -11.26 5.86
N ASP A 14 -3.57 -10.26 5.44
CA ASP A 14 -4.51 -10.46 4.29
C ASP A 14 -3.72 -10.88 3.06
N PHE A 15 -2.59 -10.29 2.83
CA PHE A 15 -1.78 -10.66 1.64
C PHE A 15 -1.32 -12.11 1.77
N ASP A 16 -0.95 -12.52 2.95
CA ASP A 16 -0.48 -13.93 3.12
C ASP A 16 -1.63 -14.88 2.74
N LYS A 17 -2.83 -14.54 3.11
CA LYS A 17 -3.99 -15.41 2.78
C LYS A 17 -4.11 -15.51 1.25
N VAL A 18 -3.73 -14.49 0.54
CA VAL A 18 -3.84 -14.53 -0.94
C VAL A 18 -2.58 -15.17 -1.54
N GLY A 19 -1.57 -15.39 -0.74
CA GLY A 19 -0.33 -16.02 -1.27
C GLY A 19 0.69 -14.95 -1.69
N LEU A 20 0.43 -13.71 -1.40
CA LEU A 20 1.39 -12.64 -1.78
C LEU A 20 2.30 -12.34 -0.59
N GLY A 21 3.11 -13.27 -0.21
CA GLY A 21 4.03 -13.05 0.96
C GLY A 21 4.98 -11.90 0.65
N ILE A 22 5.38 -11.74 -0.59
CA ILE A 22 6.32 -10.64 -0.93
C ILE A 22 5.71 -9.29 -0.52
N ILE A 23 4.45 -9.09 -0.78
CA ILE A 23 3.82 -7.80 -0.39
C ILE A 23 3.72 -7.75 1.13
N GLY A 24 3.27 -8.81 1.75
CA GLY A 24 3.16 -8.83 3.23
C GLY A 24 4.54 -8.64 3.84
N TYR A 25 5.56 -9.12 3.18
CA TYR A 25 6.94 -8.98 3.72
C TYR A 25 7.28 -7.50 3.92
N TYR A 26 7.02 -6.69 2.93
CA TYR A 26 7.32 -5.23 3.08
C TYR A 26 6.39 -4.61 4.12
N LEU A 27 5.17 -5.05 4.19
CA LEU A 27 4.23 -4.46 5.18
C LEU A 27 4.71 -4.76 6.60
N GLN A 28 5.19 -5.95 6.84
CA GLN A 28 5.69 -6.28 8.20
C GLN A 28 6.87 -5.37 8.54
N LEU A 29 7.72 -5.12 7.59
CA LEU A 29 8.89 -4.23 7.85
C LEU A 29 8.39 -2.83 8.17
N TYR A 30 7.38 -2.38 7.48
CA TYR A 30 6.82 -1.02 7.74
C TYR A 30 6.27 -0.93 9.17
N ALA A 31 5.58 -1.95 9.61
CA ALA A 31 5.01 -1.91 10.99
C ALA A 31 6.13 -1.89 12.02
N VAL A 32 7.20 -2.57 11.77
CA VAL A 32 8.32 -2.59 12.77
C VAL A 32 8.87 -1.18 12.98
N GLU A 33 9.09 -0.46 11.92
CA GLU A 33 9.63 0.92 12.07
C GLU A 33 8.64 1.79 12.84
N LEU A 34 7.37 1.55 12.69
CA LEU A 34 6.37 2.38 13.41
C LEU A 34 6.59 2.27 14.91
N ILE A 35 6.74 1.08 15.42
CA ILE A 35 6.96 0.90 16.88
C ILE A 35 8.27 1.59 17.29
N LEU A 36 9.30 1.41 16.50
CA LEU A 36 10.60 2.05 16.81
C LEU A 36 10.48 3.57 16.70
N SER A 37 9.67 4.03 15.80
CA SER A 37 9.52 5.49 15.61
C SER A 37 8.85 6.07 16.85
N GLU A 38 8.24 5.23 17.64
CA GLU A 38 7.57 5.72 18.86
C GLU A 38 8.56 5.73 20.03
N GLU A 39 8.78 6.87 20.63
CA GLU A 39 9.74 6.94 21.76
C GLU A 39 9.19 6.15 22.95
N ASP A 40 7.91 6.15 23.15
CA ASP A 40 7.32 5.39 24.28
C ASP A 40 7.08 3.94 23.87
N ARG A 41 7.61 3.01 24.62
CA ARG A 41 7.41 1.57 24.29
C ARG A 41 7.08 0.79 25.56
N SER A 42 6.20 -0.16 25.45
CA SER A 42 5.83 -0.98 26.63
C SER A 42 6.31 -2.41 26.39
N GLN A 43 6.45 -3.19 27.42
CA GLN A 43 6.92 -4.60 27.19
C GLN A 43 6.01 -5.25 26.16
N GLU A 44 4.75 -4.90 26.15
CA GLU A 44 3.83 -5.50 25.16
C GLU A 44 4.14 -4.95 23.76
N MET A 45 4.35 -3.65 23.63
CA MET A 45 4.66 -3.07 22.30
C MET A 45 6.04 -3.54 21.84
N THR A 46 6.99 -3.56 22.74
CA THR A 46 8.36 -3.99 22.35
C THR A 46 8.32 -5.44 21.87
N ALA A 47 7.60 -6.28 22.54
CA ALA A 47 7.52 -7.71 22.13
C ALA A 47 6.88 -7.82 20.75
N LEU A 48 5.91 -7.00 20.47
CA LEU A 48 5.25 -7.07 19.13
C LEU A 48 6.27 -6.74 18.04
N ALA A 49 7.09 -5.76 18.25
CA ALA A 49 8.11 -5.41 17.23
C ALA A 49 9.13 -6.53 17.11
N THR A 50 9.55 -7.09 18.22
CA THR A 50 10.54 -8.19 18.19
C THR A 50 10.00 -9.38 17.40
N GLU A 51 8.79 -9.76 17.64
CA GLU A 51 8.21 -10.91 16.89
C GLU A 51 8.27 -10.65 15.39
N LEU A 52 8.03 -9.43 14.98
CA LEU A 52 8.09 -9.11 13.53
C LEU A 52 9.52 -9.30 13.01
N LEU A 53 10.51 -8.97 13.79
CA LEU A 53 11.90 -9.13 13.31
C LEU A 53 12.15 -10.60 12.98
N ASP A 54 11.62 -11.49 13.77
CA ASP A 54 11.81 -12.95 13.48
C ASP A 54 11.19 -13.28 12.12
N THR A 55 10.03 -12.75 11.84
CA THR A 55 9.37 -13.03 10.53
C THR A 55 10.23 -12.46 9.40
N ILE A 56 10.72 -11.26 9.56
CA ILE A 56 11.54 -10.64 8.48
C ILE A 56 12.72 -11.57 8.17
N GLU A 57 13.45 -11.98 9.17
CA GLU A 57 14.61 -12.88 8.92
C GLU A 57 14.11 -14.22 8.40
N ALA A 58 13.01 -14.71 8.91
CA ALA A 58 12.48 -16.02 8.43
C ALA A 58 12.06 -15.88 6.98
N PHE A 59 11.41 -14.80 6.64
CA PHE A 59 10.97 -14.60 5.23
C PHE A 59 12.18 -14.36 4.35
N LYS A 60 13.05 -13.46 4.76
CA LYS A 60 14.25 -13.17 3.94
C LYS A 60 15.14 -14.41 3.86
N LYS A 61 15.25 -15.13 4.95
CA LYS A 61 16.09 -16.37 4.93
C LYS A 61 15.48 -17.35 3.94
N GLU A 62 14.18 -17.36 3.84
CA GLU A 62 13.50 -18.29 2.88
C GLU A 62 14.01 -17.99 1.46
N ILE A 63 14.34 -16.75 1.20
CA ILE A 63 14.83 -16.38 -0.16
C ILE A 63 16.20 -15.71 -0.04
N GLY A 64 16.83 -15.81 1.09
CA GLY A 64 18.17 -15.19 1.26
C GLY A 64 19.06 -15.57 0.08
N GLY A 65 18.90 -16.75 -0.44
CA GLY A 65 19.74 -17.18 -1.60
C GLY A 65 20.99 -17.91 -1.12
N GLU A 66 21.00 -18.38 0.10
CA GLU A 66 22.20 -19.12 0.59
C GLU A 66 22.03 -20.60 0.27
N SER A 67 21.40 -21.34 1.14
CA SER A 67 21.18 -22.79 0.87
C SER A 67 20.17 -22.91 -0.26
N GLU A 68 19.23 -22.02 -0.33
CA GLU A 68 18.20 -22.07 -1.40
C GLU A 68 18.88 -21.90 -2.76
N ALA A 69 19.96 -21.16 -2.80
CA ALA A 69 20.67 -20.97 -4.10
C ALA A 69 21.07 -22.34 -4.66
N GLU A 70 21.47 -23.23 -3.80
CA GLU A 70 21.85 -24.58 -4.28
C GLU A 70 20.64 -25.22 -4.95
N ASP A 71 19.49 -25.07 -4.35
CA ASP A 71 18.25 -25.65 -4.95
C ASP A 71 17.91 -24.87 -6.23
N SER A 72 18.08 -23.58 -6.20
CA SER A 72 17.77 -22.74 -7.39
C SER A 72 18.37 -21.35 -7.18
N ASP A 73 19.51 -21.10 -7.76
CA ASP A 73 20.16 -19.77 -7.60
C ASP A 73 19.89 -18.93 -8.84
N LYS A 74 19.06 -19.41 -9.73
CA LYS A 74 18.77 -18.63 -10.96
C LYS A 74 17.50 -17.80 -10.78
N SER A 75 16.36 -18.43 -10.85
CA SER A 75 15.08 -17.69 -10.70
C SER A 75 14.90 -17.15 -9.28
N LEU A 76 15.27 -17.90 -8.28
CA LEU A 76 15.11 -17.41 -6.88
C LEU A 76 16.08 -16.26 -6.62
N HIS A 77 17.25 -16.30 -7.20
CA HIS A 77 18.23 -15.21 -6.97
C HIS A 77 17.63 -13.89 -7.44
N VAL A 78 17.04 -13.87 -8.59
CA VAL A 78 16.43 -12.59 -9.07
C VAL A 78 15.32 -12.20 -8.09
N MET A 79 14.55 -13.14 -7.64
CA MET A 79 13.48 -12.81 -6.67
C MET A 79 14.12 -12.15 -5.46
N ASN A 80 15.28 -12.60 -5.09
CA ASN A 80 15.97 -11.98 -3.94
C ASN A 80 16.20 -10.51 -4.26
N THR A 81 16.41 -10.19 -5.51
CA THR A 81 16.60 -8.76 -5.87
C THR A 81 15.38 -7.99 -5.39
N LEU A 82 14.22 -8.58 -5.49
CA LEU A 82 12.99 -7.90 -5.03
C LEU A 82 13.09 -7.60 -3.54
N ILE A 83 13.61 -8.52 -2.76
CA ILE A 83 13.71 -8.28 -1.29
C ILE A 83 15.00 -7.52 -0.94
N HIS A 84 16.10 -7.92 -1.50
CA HIS A 84 17.39 -7.25 -1.17
C HIS A 84 17.46 -5.86 -1.79
N ASP A 85 17.11 -5.71 -3.04
CA ASP A 85 17.18 -4.36 -3.67
C ASP A 85 15.93 -3.57 -3.31
N GLN A 86 16.04 -2.66 -2.37
CA GLN A 86 14.86 -1.85 -1.97
C GLN A 86 14.42 -0.96 -3.14
N GLU A 87 15.35 -0.46 -3.90
CA GLU A 87 14.97 0.43 -5.04
C GLU A 87 14.13 -0.33 -6.06
N LYS A 88 14.54 -1.51 -6.44
CA LYS A 88 13.76 -2.28 -7.43
C LYS A 88 12.42 -2.68 -6.82
N ALA A 89 12.41 -3.08 -5.58
CA ALA A 89 11.14 -3.46 -4.92
C ALA A 89 10.23 -2.22 -4.84
N LYS A 90 10.82 -1.09 -4.60
CA LYS A 90 10.01 0.16 -4.50
C LYS A 90 9.15 0.31 -5.76
N ILE A 91 9.72 0.09 -6.91
CA ILE A 91 8.93 0.23 -8.16
C ILE A 91 7.81 -0.82 -8.19
N TYR A 92 8.10 -2.03 -7.80
CA TYR A 92 7.04 -3.07 -7.81
C TYR A 92 5.96 -2.71 -6.80
N MET A 93 6.34 -2.28 -5.62
CA MET A 93 5.32 -1.91 -4.61
C MET A 93 4.49 -0.75 -5.13
N LEU A 94 5.13 0.21 -5.75
CA LEU A 94 4.37 1.37 -6.29
C LEU A 94 3.43 0.88 -7.38
N ASN A 95 3.87 0.00 -8.22
CA ASN A 95 2.99 -0.52 -9.29
C ASN A 95 1.82 -1.27 -8.66
N PHE A 96 2.09 -2.03 -7.63
CA PHE A 96 0.98 -2.78 -6.96
C PHE A 96 0.02 -1.78 -6.33
N THR A 97 0.53 -0.83 -5.59
CA THR A 97 -0.37 0.18 -4.97
C THR A 97 -1.05 0.99 -6.06
N MET A 98 -0.31 1.40 -7.05
CA MET A 98 -0.92 2.18 -8.16
C MET A 98 -1.94 1.32 -8.88
N SER A 99 -1.65 0.06 -9.06
CA SER A 99 -2.62 -0.85 -9.74
C SER A 99 -3.89 -0.93 -8.92
N LEU A 100 -3.76 -1.15 -7.63
CA LEU A 100 -4.97 -1.22 -6.77
C LEU A 100 -5.61 0.16 -6.73
N TYR A 101 -4.83 1.18 -6.56
CA TYR A 101 -5.37 2.57 -6.52
C TYR A 101 -6.06 2.88 -7.85
N ASN A 102 -5.44 2.51 -8.94
CA ASN A 102 -6.05 2.78 -10.27
C ASN A 102 -7.38 2.05 -10.39
N GLU A 103 -7.46 0.86 -9.86
CA GLU A 103 -8.73 0.08 -9.95
C GLU A 103 -9.85 0.83 -9.22
N LYS A 104 -9.57 1.38 -8.08
CA LYS A 104 -10.64 2.11 -7.33
C LYS A 104 -11.07 3.33 -8.13
N LEU A 105 -10.14 4.08 -8.66
CA LEU A 105 -10.51 5.27 -9.45
C LEU A 105 -11.25 4.80 -10.71
N LYS A 106 -10.83 3.70 -11.27
CA LYS A 106 -11.51 3.18 -12.49
C LYS A 106 -12.95 2.87 -12.14
N GLN A 107 -13.17 2.22 -11.03
CA GLN A 107 -14.56 1.90 -10.61
C GLN A 107 -15.29 3.23 -10.34
N LEU A 108 -14.59 4.18 -9.80
CA LEU A 108 -15.22 5.51 -9.52
C LEU A 108 -15.76 6.07 -10.84
N LYS A 109 -15.09 5.77 -11.92
CA LYS A 109 -15.52 6.28 -13.25
C LYS A 109 -16.95 5.80 -13.55
N ASP A 110 -17.27 4.58 -13.21
CA ASP A 110 -18.64 4.07 -13.50
C ASP A 110 -18.90 2.76 -12.74
N GLY A 111 -17.87 2.09 -12.30
CA GLY A 111 -18.08 0.80 -11.58
C GLY A 111 -19.04 1.02 -10.40
N PRO A 112 -19.70 -0.02 -9.97
CA PRO A 112 -20.67 0.05 -8.84
C PRO A 112 -20.00 0.43 -7.52
N TRP A 113 -20.64 1.25 -6.74
CA TRP A 113 -20.06 1.66 -5.42
C TRP A 113 -20.81 0.94 -4.30
N ASP A 114 -20.12 0.41 -3.34
CA ASP A 114 -20.81 -0.30 -2.23
C ASP A 114 -19.95 -0.30 -0.97
N VAL A 115 -20.51 -0.75 0.12
CA VAL A 115 -19.74 -0.80 1.39
C VAL A 115 -18.45 -1.60 1.18
N MET A 116 -18.52 -2.65 0.42
CA MET A 116 -17.29 -3.46 0.18
C MET A 116 -16.21 -2.55 -0.41
N LEU A 117 -16.59 -1.70 -1.34
CA LEU A 117 -15.59 -0.78 -1.94
C LEU A 117 -15.05 0.15 -0.84
N LYS A 118 -15.89 0.54 0.07
CA LYS A 118 -15.45 1.45 1.17
C LYS A 118 -14.29 0.82 1.93
N ARG A 119 -14.42 -0.42 2.28
CA ARG A 119 -13.32 -1.10 3.04
C ARG A 119 -12.08 -1.21 2.15
N SER A 120 -12.26 -1.49 0.89
CA SER A 120 -11.08 -1.63 -0.01
C SER A 120 -10.34 -0.29 -0.15
N LEU A 121 -11.07 0.80 -0.14
CA LEU A 121 -10.40 2.13 -0.25
C LEU A 121 -9.48 2.33 0.95
N TRP A 122 -9.92 1.91 2.10
CA TRP A 122 -9.07 2.06 3.32
C TRP A 122 -7.80 1.24 3.15
N CYS A 123 -7.90 0.08 2.56
CA CYS A 123 -6.69 -0.76 2.36
C CYS A 123 -5.69 -0.04 1.45
N CYS A 124 -6.17 0.57 0.41
CA CYS A 124 -5.26 1.30 -0.52
C CYS A 124 -4.54 2.41 0.24
N ILE A 125 -5.23 3.10 1.10
CA ILE A 125 -4.60 4.21 1.86
C ILE A 125 -3.40 3.68 2.66
N ASP A 126 -3.56 2.54 3.29
CA ASP A 126 -2.44 1.97 4.09
C ASP A 126 -1.23 1.67 3.21
N LEU A 127 -1.46 1.13 2.05
CA LEU A 127 -0.33 0.79 1.14
C LEU A 127 0.45 2.05 0.76
N PHE A 128 -0.21 3.15 0.53
CA PHE A 128 0.52 4.40 0.16
C PHE A 128 1.42 4.85 1.29
N SER A 129 0.94 4.80 2.51
CA SER A 129 1.79 5.25 3.66
C SER A 129 3.03 4.36 3.77
N CYS A 130 2.89 3.09 3.49
CA CYS A 130 4.05 2.17 3.60
C CYS A 130 5.10 2.55 2.53
N ILE A 131 4.67 2.86 1.34
CA ILE A 131 5.63 3.21 0.27
C ILE A 131 6.47 4.42 0.69
N LEU A 132 5.86 5.43 1.24
CA LEU A 132 6.64 6.63 1.66
C LEU A 132 7.58 6.27 2.81
N HIS A 133 7.11 5.51 3.75
CA HIS A 133 7.95 5.13 4.92
C HIS A 133 9.07 4.16 4.50
N LEU A 134 8.74 3.16 3.74
CA LEU A 134 9.78 2.15 3.33
C LEU A 134 10.91 2.82 2.55
N TRP A 135 10.64 3.82 1.76
CA TRP A 135 11.74 4.45 0.99
C TRP A 135 11.51 5.97 0.88
N LYS A 136 11.33 6.65 1.96
CA LYS A 136 11.13 8.12 1.89
C LYS A 136 12.41 8.78 1.35
N GLU A 137 13.54 8.28 1.77
CA GLU A 137 14.84 8.86 1.30
C GLU A 137 15.04 8.61 -0.19
N ASN A 138 14.42 7.58 -0.73
CA ASN A 138 14.61 7.29 -2.19
C ASN A 138 13.55 8.01 -3.02
N ILE A 139 12.69 8.76 -2.38
CA ILE A 139 11.63 9.49 -3.14
C ILE A 139 11.86 11.00 -2.95
N SER A 140 11.83 11.75 -4.02
CA SER A 140 12.04 13.22 -3.90
C SER A 140 10.82 13.86 -3.22
N GLU A 141 10.99 15.03 -2.68
CA GLU A 141 9.84 15.70 -2.00
C GLU A 141 8.74 16.00 -3.03
N THR A 142 9.12 16.39 -4.21
CA THR A 142 8.11 16.70 -5.25
C THR A 142 7.32 15.43 -5.58
N SER A 143 8.00 14.33 -5.74
CA SER A 143 7.28 13.05 -6.06
C SER A 143 6.38 12.68 -4.88
N THR A 144 6.83 12.92 -3.68
CA THR A 144 6.00 12.57 -2.49
C THR A 144 4.70 13.38 -2.53
N ASN A 145 4.78 14.63 -2.92
CA ASN A 145 3.55 15.46 -2.96
C ASN A 145 2.52 14.80 -3.89
N SER A 146 2.96 14.28 -5.00
CA SER A 146 2.00 13.62 -5.94
C SER A 146 1.36 12.42 -5.24
N LEU A 147 2.13 11.68 -4.50
CA LEU A 147 1.58 10.50 -3.79
C LEU A 147 0.57 10.95 -2.74
N GLN A 148 0.87 12.00 -2.04
CA GLN A 148 -0.08 12.49 -1.00
C GLN A 148 -1.39 12.88 -1.65
N LYS A 149 -1.34 13.44 -2.82
CA LYS A 149 -2.60 13.84 -3.52
C LYS A 149 -3.44 12.59 -3.78
N ARG A 150 -2.80 11.52 -4.19
CA ARG A 150 -3.56 10.26 -4.45
C ARG A 150 -4.22 9.80 -3.17
N ILE A 151 -3.50 9.86 -2.07
CA ILE A 151 -4.10 9.44 -0.77
C ILE A 151 -5.22 10.40 -0.40
N LYS A 152 -4.99 11.67 -0.60
CA LYS A 152 -6.03 12.68 -0.27
C LYS A 152 -7.28 12.44 -1.12
N TYR A 153 -7.08 12.07 -2.35
CA TYR A 153 -8.25 11.82 -3.24
C TYR A 153 -9.10 10.71 -2.64
N CYS A 154 -8.48 9.66 -2.18
CA CYS A 154 -9.26 8.55 -1.57
C CYS A 154 -9.88 9.04 -0.26
N LYS A 155 -9.14 9.76 0.52
CA LYS A 155 -9.69 10.29 1.80
C LYS A 155 -10.91 11.17 1.50
N ILE A 156 -10.82 12.01 0.52
CA ILE A 156 -11.98 12.88 0.20
C ILE A 156 -13.12 12.07 -0.40
N TYR A 157 -12.83 11.25 -1.38
CA TYR A 157 -13.90 10.44 -2.02
C TYR A 157 -14.50 9.44 -1.03
N LEU A 158 -13.70 8.90 -0.15
CA LEU A 158 -14.26 7.93 0.83
C LEU A 158 -15.34 8.66 1.64
N SER A 159 -15.12 9.92 1.92
CA SER A 159 -16.13 10.69 2.70
C SER A 159 -17.36 10.92 1.82
N LYS A 160 -17.16 11.21 0.56
CA LYS A 160 -18.32 11.46 -0.34
C LYS A 160 -19.21 10.22 -0.38
N LEU A 161 -18.62 9.05 -0.40
CA LEU A 161 -19.43 7.81 -0.44
C LEU A 161 -20.33 7.79 0.80
N ALA A 162 -19.83 8.25 1.91
CA ALA A 162 -20.66 8.28 3.15
C ALA A 162 -21.85 9.22 2.96
N LYS A 163 -21.69 10.25 2.16
CA LYS A 163 -22.81 11.19 1.94
C LYS A 163 -23.81 10.58 0.96
N GLY A 164 -23.41 9.56 0.26
CA GLY A 164 -24.33 8.93 -0.73
C GLY A 164 -24.25 9.72 -2.02
N GLU A 165 -23.29 10.60 -2.13
CA GLU A 165 -23.16 11.41 -3.36
C GLU A 165 -22.57 10.56 -4.50
N ILE A 166 -21.80 9.55 -4.16
CA ILE A 166 -21.21 8.69 -5.22
C ILE A 166 -22.00 7.38 -5.28
N GLY A 167 -22.38 6.96 -6.45
CA GLY A 167 -23.14 5.69 -6.57
C GLY A 167 -23.71 5.57 -7.98
N ILE B 1 15.48 -11.69 -14.65
CA ILE B 1 14.97 -12.46 -15.82
C ILE B 1 13.51 -12.78 -15.62
N ASN B 2 13.21 -13.96 -15.16
CA ASN B 2 11.80 -14.34 -14.94
C ASN B 2 11.31 -13.61 -13.70
N ILE B 3 12.00 -12.57 -13.32
CA ILE B 3 11.57 -11.80 -12.11
C ILE B 3 10.20 -11.19 -12.39
N ASP B 4 9.99 -10.73 -13.58
CA ASP B 4 8.67 -10.13 -13.92
C ASP B 4 7.63 -11.23 -14.04
N LYS B 5 8.00 -12.33 -14.62
CA LYS B 5 7.04 -13.46 -14.79
C LYS B 5 6.82 -14.15 -13.44
N LEU B 6 7.85 -14.28 -12.65
CA LEU B 6 7.72 -14.95 -11.34
C LEU B 6 6.66 -14.23 -10.49
N GLN B 7 6.74 -12.94 -10.45
CA GLN B 7 5.75 -12.17 -9.65
C GLN B 7 4.36 -12.34 -10.26
N ASP B 8 4.26 -12.36 -11.57
CA ASP B 8 2.94 -12.53 -12.22
C ASP B 8 3.13 -12.56 -13.73
N MET B 9 2.12 -12.95 -14.46
CA MET B 9 2.24 -12.99 -15.95
C MET B 9 2.61 -11.59 -16.46
N GLN B 10 2.20 -10.58 -15.74
CA GLN B 10 2.51 -9.19 -16.16
C GLN B 10 3.94 -9.10 -16.69
N ASP B 11 4.22 -8.17 -17.55
CA ASP B 11 5.60 -8.04 -18.11
C ASP B 11 6.44 -7.12 -17.23
N GLU B 12 7.19 -6.23 -17.83
CA GLU B 12 8.06 -5.32 -17.05
C GLU B 12 7.24 -4.55 -16.01
N MET B 13 7.80 -4.31 -14.86
CA MET B 13 7.07 -3.56 -13.80
C MET B 13 6.73 -2.16 -14.30
N LEU B 14 7.61 -1.56 -15.05
CA LEU B 14 7.35 -0.21 -15.58
C LEU B 14 6.07 -0.24 -16.43
N ASP B 15 5.83 -1.34 -17.09
CA ASP B 15 4.59 -1.42 -17.92
C ASP B 15 3.40 -1.22 -16.98
N LEU B 16 3.48 -1.72 -15.78
CA LEU B 16 2.36 -1.53 -14.82
C LEU B 16 2.12 -0.04 -14.64
N ILE B 17 3.16 0.74 -14.71
CA ILE B 17 2.97 2.20 -14.54
C ILE B 17 2.19 2.75 -15.74
N GLU B 18 2.34 2.13 -16.88
CA GLU B 18 1.57 2.62 -18.07
C GLU B 18 0.08 2.50 -17.73
N GLN B 19 -0.28 1.46 -17.01
CA GLN B 19 -1.69 1.31 -16.60
C GLN B 19 -2.05 2.54 -15.77
N GLY B 20 -1.11 3.01 -15.02
CA GLY B 20 -1.37 4.23 -14.19
C GLY B 20 -1.70 5.38 -15.12
N ASP B 21 -1.11 5.40 -16.29
CA ASP B 21 -1.44 6.49 -17.26
C ASP B 21 -2.96 6.48 -17.46
N GLU B 22 -3.53 5.31 -17.52
CA GLU B 22 -5.01 5.21 -17.69
C GLU B 22 -5.68 5.91 -16.50
N LEU B 23 -5.06 5.83 -15.35
CA LEU B 23 -5.66 6.48 -14.15
C LEU B 23 -5.90 7.95 -14.46
N GLN B 24 -4.96 8.60 -15.07
CA GLN B 24 -5.14 10.02 -15.43
C GLN B 24 -6.32 10.16 -16.38
N GLU B 25 -6.44 9.26 -17.31
CA GLU B 25 -7.56 9.33 -18.28
C GLU B 25 -8.89 9.20 -17.54
N VAL B 26 -8.93 8.36 -16.54
CA VAL B 26 -10.21 8.18 -15.79
C VAL B 26 -10.60 9.48 -15.08
N LEU B 27 -9.69 10.07 -14.35
CA LEU B 27 -10.03 11.33 -13.64
C LEU B 27 -10.29 12.43 -14.67
N ALA B 28 -9.62 12.40 -15.78
CA ALA B 28 -9.84 13.44 -16.81
C ALA B 28 -11.29 13.39 -17.29
N MET B 29 -11.82 12.21 -17.50
CA MET B 29 -13.24 12.11 -17.97
C MET B 29 -14.17 12.59 -16.86
N ASN B 30 -13.86 12.25 -15.63
CA ASN B 30 -14.73 12.68 -14.50
C ASN B 30 -14.78 14.21 -14.45
N ASN B 31 -13.67 14.85 -14.67
CA ASN B 31 -13.64 16.34 -14.63
C ASN B 31 -12.18 16.82 -14.68
N ASN B 32 -11.76 17.35 -15.79
CA ASN B 32 -10.36 17.83 -15.88
C ASN B 32 -10.11 18.88 -14.81
N SER B 33 -11.11 19.67 -14.51
CA SER B 33 -10.95 20.71 -13.45
C SER B 33 -11.15 20.05 -12.08
N GLY B 34 -11.37 18.76 -12.06
CA GLY B 34 -11.57 18.05 -10.77
C GLY B 34 -10.36 18.29 -9.85
N GLU B 35 -10.48 19.24 -8.95
CA GLU B 35 -9.35 19.53 -8.03
C GLU B 35 -9.85 19.46 -6.58
N LEU B 36 -8.97 19.17 -5.65
CA LEU B 36 -9.40 19.09 -4.23
C LEU B 36 -10.09 20.39 -3.83
N ASP B 37 -9.65 21.49 -4.35
CA ASP B 37 -10.27 22.80 -4.02
C ASP B 37 -11.74 22.83 -4.44
N ASP B 38 -12.08 22.10 -5.47
CA ASP B 38 -13.50 22.10 -5.95
C ASP B 38 -14.37 21.27 -5.00
N ILE B 39 -13.79 20.38 -4.26
CA ILE B 39 -14.58 19.54 -3.31
C ILE B 39 -14.28 19.97 -1.87
N SER B 40 -15.29 20.02 -1.03
CA SER B 40 -15.08 20.44 0.38
C SER B 40 -14.10 19.49 1.08
N ASP B 41 -12.83 19.67 0.87
CA ASP B 41 -11.82 18.78 1.52
C ASP B 41 -11.91 18.92 3.05
N ALA B 42 -12.16 20.09 3.53
CA ALA B 42 -12.21 20.29 5.02
C ALA B 42 -13.34 19.46 5.64
N GLU B 43 -14.52 19.51 5.11
CA GLU B 43 -15.63 18.71 5.70
C GLU B 43 -15.39 17.23 5.41
N LEU B 44 -15.04 16.93 4.20
CA LEU B 44 -14.82 15.51 3.81
C LEU B 44 -13.68 14.92 4.65
N ASP B 45 -12.66 15.68 4.92
CA ASP B 45 -11.53 15.16 5.73
C ASP B 45 -11.98 14.90 7.17
N ALA B 46 -12.72 15.82 7.74
CA ALA B 46 -13.17 15.64 9.15
C ALA B 46 -14.17 14.48 9.24
N GLU B 47 -15.05 14.36 8.28
CA GLU B 47 -16.03 13.25 8.35
C GLU B 47 -15.31 11.90 8.22
N LEU B 48 -14.25 11.86 7.48
CA LEU B 48 -13.52 10.57 7.30
C LEU B 48 -12.96 10.09 8.64
N ASP B 49 -12.40 10.96 9.42
CA ASP B 49 -11.83 10.52 10.72
C ASP B 49 -12.96 9.99 11.61
N ALA B 50 -14.09 10.64 11.61
CA ALA B 50 -15.23 10.17 12.45
C ALA B 50 -15.80 8.88 11.83
N LEU B 51 -15.96 8.86 10.53
CA LEU B 51 -16.50 7.63 9.87
C LEU B 51 -15.54 6.47 10.03
N ALA B 52 -14.26 6.73 10.03
CA ALA B 52 -13.28 5.61 10.18
C ALA B 52 -13.56 4.89 11.49
N GLN B 53 -13.80 5.62 12.54
CA GLN B 53 -14.08 4.96 13.85
C GLN B 53 -15.34 4.10 13.73
N GLU B 54 -16.31 4.56 12.98
CA GLU B 54 -17.57 3.77 12.82
C GLU B 54 -17.29 2.51 12.01
N ASP B 55 -16.59 2.65 10.92
CA ASP B 55 -16.28 1.47 10.06
C ASP B 55 -15.27 0.56 10.75
N PHE B 56 -14.34 1.13 11.46
CA PHE B 56 -13.31 0.30 12.15
C PHE B 56 -13.89 -0.23 13.46
N THR B 57 -13.17 -1.09 14.13
CA THR B 57 -13.67 -1.64 15.41
C THR B 57 -12.85 -1.07 16.57
N LEU B 58 -13.49 -0.36 17.46
CA LEU B 58 -12.76 0.21 18.60
C LEU B 58 -12.79 -0.79 19.77
N PRO B 59 -11.69 -0.93 20.49
CA PRO B 59 -11.63 -1.88 21.65
C PRO B 59 -12.42 -1.37 22.85
N MET A 1 -3.08 6.73 13.75
CA MET A 1 -1.60 6.80 14.02
C MET A 1 -1.11 5.41 14.43
N ALA A 2 -0.96 5.17 15.71
CA ALA A 2 -0.48 3.85 16.17
C ALA A 2 -1.47 2.76 15.74
N SER A 3 -2.74 3.07 15.75
CA SER A 3 -3.75 2.06 15.34
C SER A 3 -3.49 1.65 13.89
N ASN A 4 -3.04 2.57 13.07
CA ASN A 4 -2.75 2.23 11.66
C ASN A 4 -1.68 1.15 11.60
N ALA A 5 -0.72 1.22 12.50
CA ALA A 5 0.36 0.21 12.50
C ALA A 5 -0.23 -1.18 12.77
N ALA A 6 -1.19 -1.27 13.65
CA ALA A 6 -1.82 -2.58 13.95
C ALA A 6 -2.54 -3.10 12.71
N ARG A 7 -3.33 -2.28 12.09
CA ARG A 7 -4.07 -2.72 10.87
C ARG A 7 -3.07 -3.15 9.81
N VAL A 8 -1.98 -2.43 9.71
CA VAL A 8 -0.96 -2.77 8.69
C VAL A 8 -0.43 -4.18 8.96
N VAL A 9 -0.20 -4.51 10.20
CA VAL A 9 0.30 -5.87 10.53
C VAL A 9 -0.76 -6.90 10.16
N ALA A 10 -1.99 -6.66 10.54
CA ALA A 10 -3.08 -7.63 10.20
C ALA A 10 -3.29 -7.62 8.69
N THR A 11 -3.26 -6.46 8.09
CA THR A 11 -3.45 -6.37 6.63
C THR A 11 -2.34 -7.15 5.93
N ALA A 12 -1.14 -7.07 6.43
CA ALA A 12 -0.03 -7.83 5.81
C ALA A 12 -0.35 -9.32 5.84
N LYS A 13 -0.94 -9.78 6.92
CA LYS A 13 -1.31 -11.21 7.02
C LYS A 13 -2.29 -11.56 5.91
N ASP A 14 -3.12 -10.62 5.53
CA ASP A 14 -4.13 -10.90 4.45
C ASP A 14 -3.40 -11.27 3.17
N PHE A 15 -2.33 -10.60 2.86
CA PHE A 15 -1.58 -10.91 1.62
C PHE A 15 -1.01 -12.33 1.71
N ASP A 16 -0.58 -12.75 2.88
CA ASP A 16 -0.02 -14.12 3.01
C ASP A 16 -1.12 -15.12 2.65
N LYS A 17 -2.33 -14.88 3.11
CA LYS A 17 -3.45 -15.80 2.79
C LYS A 17 -3.63 -15.86 1.28
N VAL A 18 -3.33 -14.78 0.61
CA VAL A 18 -3.50 -14.74 -0.87
C VAL A 18 -2.24 -15.30 -1.55
N GLY A 19 -1.19 -15.50 -0.80
CA GLY A 19 0.05 -16.06 -1.42
C GLY A 19 1.00 -14.92 -1.81
N LEU A 20 0.65 -13.70 -1.50
CA LEU A 20 1.55 -12.56 -1.85
C LEU A 20 2.43 -12.22 -0.66
N GLY A 21 3.15 -13.19 -0.14
CA GLY A 21 4.02 -12.92 1.03
C GLY A 21 5.01 -11.79 0.72
N ILE A 22 5.43 -11.67 -0.51
CA ILE A 22 6.39 -10.59 -0.85
C ILE A 22 5.79 -9.24 -0.48
N ILE A 23 4.53 -9.03 -0.77
CA ILE A 23 3.90 -7.73 -0.41
C ILE A 23 3.78 -7.64 1.11
N GLY A 24 3.29 -8.69 1.73
CA GLY A 24 3.16 -8.69 3.21
C GLY A 24 4.54 -8.52 3.84
N TYR A 25 5.56 -9.04 3.20
CA TYR A 25 6.93 -8.91 3.76
C TYR A 25 7.29 -7.44 3.95
N TYR A 26 7.06 -6.63 2.96
CA TYR A 26 7.38 -5.19 3.10
C TYR A 26 6.44 -4.54 4.13
N LEU A 27 5.21 -4.96 4.17
CA LEU A 27 4.26 -4.36 5.16
C LEU A 27 4.74 -4.64 6.58
N GLN A 28 5.20 -5.83 6.85
CA GLN A 28 5.69 -6.15 8.21
C GLN A 28 6.86 -5.24 8.56
N LEU A 29 7.74 -5.02 7.62
CA LEU A 29 8.91 -4.13 7.88
C LEU A 29 8.42 -2.70 8.11
N TYR A 30 7.45 -2.27 7.34
CA TYR A 30 6.93 -0.88 7.51
C TYR A 30 6.24 -0.73 8.87
N ALA A 31 5.43 -1.69 9.24
CA ALA A 31 4.72 -1.58 10.55
C ALA A 31 5.74 -1.63 11.70
N VAL A 32 6.78 -2.41 11.55
CA VAL A 32 7.80 -2.50 12.63
C VAL A 32 8.45 -1.14 12.86
N GLU A 33 8.87 -0.50 11.81
CA GLU A 33 9.50 0.83 11.96
C GLU A 33 8.48 1.81 12.54
N LEU A 34 7.23 1.61 12.25
CA LEU A 34 6.17 2.53 12.78
C LEU A 34 6.18 2.48 14.31
N ILE A 35 6.20 1.31 14.87
CA ILE A 35 6.20 1.20 16.36
C ILE A 35 7.51 1.76 16.91
N LEU A 36 8.61 1.44 16.28
CA LEU A 36 9.93 1.95 16.75
C LEU A 36 9.96 3.47 16.65
N SER A 37 9.38 4.00 15.61
CA SER A 37 9.36 5.47 15.44
C SER A 37 8.29 6.07 16.34
N GLU A 38 7.62 5.24 17.10
CA GLU A 38 6.56 5.77 18.01
C GLU A 38 7.15 5.99 19.41
N GLU A 39 7.02 7.18 19.93
CA GLU A 39 7.58 7.46 21.28
C GLU A 39 6.84 6.63 22.33
N ASP A 40 5.56 6.45 22.16
CA ASP A 40 4.79 5.66 23.16
C ASP A 40 4.82 4.18 22.79
N ARG A 41 5.23 3.33 23.71
CA ARG A 41 5.27 1.88 23.42
C ARG A 41 4.80 1.10 24.66
N SER A 42 4.05 0.06 24.45
CA SER A 42 3.58 -0.77 25.59
C SER A 42 4.23 -2.14 25.48
N GLN A 43 4.24 -2.89 26.54
CA GLN A 43 4.88 -4.23 26.46
C GLN A 43 4.26 -4.99 25.29
N GLU A 44 2.99 -4.83 25.06
CA GLU A 44 2.33 -5.53 23.93
C GLU A 44 2.85 -4.98 22.59
N MET A 45 2.96 -3.68 22.47
CA MET A 45 3.45 -3.11 21.18
C MET A 45 4.93 -3.44 20.99
N THR A 46 5.70 -3.34 22.04
CA THR A 46 7.15 -3.65 21.92
C THR A 46 7.34 -5.12 21.55
N ALA A 47 6.60 -5.99 22.17
CA ALA A 47 6.72 -7.43 21.86
C ALA A 47 6.19 -7.72 20.46
N LEU A 48 5.18 -7.01 20.05
CA LEU A 48 4.61 -7.24 18.69
C LEU A 48 5.67 -6.94 17.63
N ALA A 49 6.43 -5.89 17.82
CA ALA A 49 7.49 -5.55 16.81
C ALA A 49 8.55 -6.65 16.79
N THR A 50 8.91 -7.15 17.94
CA THR A 50 9.95 -8.23 17.99
C THR A 50 9.48 -9.47 17.23
N GLU A 51 8.27 -9.87 17.45
CA GLU A 51 7.76 -11.08 16.73
C GLU A 51 7.86 -10.88 15.23
N LEU A 52 7.61 -9.69 14.75
CA LEU A 52 7.71 -9.43 13.29
C LEU A 52 9.14 -9.63 12.82
N LEU A 53 10.10 -9.25 13.62
CA LEU A 53 11.52 -9.43 13.19
C LEU A 53 11.79 -10.90 12.90
N ASP A 54 11.24 -11.77 13.71
CA ASP A 54 11.46 -13.23 13.46
C ASP A 54 10.88 -13.60 12.10
N THR A 55 9.73 -13.09 11.77
CA THR A 55 9.11 -13.42 10.46
C THR A 55 9.95 -12.83 9.33
N ILE A 56 10.34 -11.60 9.46
CA ILE A 56 11.16 -10.95 8.41
C ILE A 56 12.47 -11.73 8.23
N GLU A 57 13.14 -12.05 9.29
CA GLU A 57 14.40 -12.81 9.16
C GLU A 57 14.11 -14.19 8.57
N ALA A 58 13.02 -14.78 9.00
CA ALA A 58 12.67 -16.13 8.46
C ALA A 58 12.27 -15.97 6.99
N PHE A 59 11.52 -14.96 6.69
CA PHE A 59 11.09 -14.73 5.28
C PHE A 59 12.30 -14.44 4.40
N LYS A 60 13.14 -13.53 4.84
CA LYS A 60 14.35 -13.19 4.03
C LYS A 60 15.26 -14.42 3.97
N LYS A 61 15.39 -15.12 5.06
CA LYS A 61 16.25 -16.34 5.06
C LYS A 61 15.65 -17.35 4.09
N GLU A 62 14.35 -17.37 3.99
CA GLU A 62 13.68 -18.32 3.05
C GLU A 62 14.19 -18.06 1.64
N ILE A 63 14.54 -16.84 1.34
CA ILE A 63 15.03 -16.51 -0.02
C ILE A 63 16.40 -15.84 0.06
N GLY A 64 17.00 -15.81 1.22
CA GLY A 64 18.34 -15.16 1.35
C GLY A 64 19.27 -15.71 0.27
N GLY A 65 19.16 -16.99 -0.03
CA GLY A 65 20.03 -17.57 -1.10
C GLY A 65 21.27 -18.21 -0.48
N GLU A 66 21.41 -18.18 0.81
CA GLU A 66 22.61 -18.81 1.43
C GLU A 66 22.63 -20.30 1.08
N SER A 67 21.48 -20.90 1.05
CA SER A 67 21.40 -22.34 0.70
C SER A 67 20.16 -22.55 -0.17
N GLU A 68 19.16 -21.73 0.03
CA GLU A 68 17.93 -21.85 -0.79
C GLU A 68 18.29 -21.61 -2.25
N ALA A 69 19.27 -20.78 -2.50
CA ALA A 69 19.68 -20.51 -3.91
C ALA A 69 20.18 -21.80 -4.54
N GLU A 70 20.84 -22.63 -3.78
CA GLU A 70 21.34 -23.91 -4.34
C GLU A 70 20.17 -24.67 -4.96
N ASP A 71 19.02 -24.61 -4.34
CA ASP A 71 17.84 -25.31 -4.89
C ASP A 71 17.54 -24.78 -6.29
N SER A 72 17.66 -23.50 -6.47
CA SER A 72 17.40 -22.89 -7.81
C SER A 72 18.57 -22.00 -8.20
N ASP A 73 18.80 -20.96 -7.44
CA ASP A 73 19.93 -20.04 -7.74
C ASP A 73 19.61 -19.22 -8.98
N LYS A 74 18.74 -19.70 -9.82
CA LYS A 74 18.40 -18.93 -11.05
C LYS A 74 17.21 -18.01 -10.75
N SER A 75 16.02 -18.54 -10.77
CA SER A 75 14.82 -17.70 -10.50
C SER A 75 14.81 -17.23 -9.05
N LEU A 76 15.31 -18.02 -8.14
CA LEU A 76 15.31 -17.59 -6.71
C LEU A 76 16.29 -16.43 -6.52
N HIS A 77 17.40 -16.45 -7.21
CA HIS A 77 18.38 -15.34 -7.06
C HIS A 77 17.75 -14.01 -7.48
N VAL A 78 17.06 -14.00 -8.59
CA VAL A 78 16.42 -12.72 -9.02
C VAL A 78 15.32 -12.36 -8.03
N MET A 79 14.58 -13.33 -7.57
CA MET A 79 13.51 -13.03 -6.59
C MET A 79 14.15 -12.35 -5.39
N ASN A 80 15.34 -12.77 -5.03
CA ASN A 80 16.03 -12.14 -3.90
C ASN A 80 16.23 -10.66 -4.23
N THR A 81 16.41 -10.35 -5.49
CA THR A 81 16.58 -8.92 -5.86
C THR A 81 15.36 -8.15 -5.35
N LEU A 82 14.21 -8.75 -5.44
CA LEU A 82 12.97 -8.08 -4.97
C LEU A 82 13.11 -7.77 -3.47
N ILE A 83 13.67 -8.67 -2.72
CA ILE A 83 13.81 -8.44 -1.25
C ILE A 83 15.09 -7.66 -0.93
N HIS A 84 16.18 -8.04 -1.52
CA HIS A 84 17.48 -7.35 -1.22
C HIS A 84 17.54 -5.98 -1.89
N ASP A 85 17.21 -5.89 -3.15
CA ASP A 85 17.27 -4.55 -3.83
C ASP A 85 16.04 -3.73 -3.46
N GLN A 86 16.18 -2.83 -2.52
CA GLN A 86 15.03 -1.99 -2.11
C GLN A 86 14.58 -1.10 -3.27
N GLU A 87 15.51 -0.63 -4.07
CA GLU A 87 15.13 0.25 -5.20
C GLU A 87 14.24 -0.51 -6.19
N LYS A 88 14.63 -1.70 -6.56
CA LYS A 88 13.79 -2.48 -7.52
C LYS A 88 12.46 -2.82 -6.86
N ALA A 89 12.49 -3.23 -5.62
CA ALA A 89 11.22 -3.56 -4.92
C ALA A 89 10.37 -2.29 -4.81
N LYS A 90 11.00 -1.17 -4.57
CA LYS A 90 10.24 0.10 -4.45
C LYS A 90 9.38 0.30 -5.70
N ILE A 91 9.95 0.10 -6.86
CA ILE A 91 9.15 0.30 -8.10
C ILE A 91 8.03 -0.73 -8.15
N TYR A 92 8.31 -1.96 -7.81
CA TYR A 92 7.25 -2.99 -7.85
C TYR A 92 6.16 -2.66 -6.82
N MET A 93 6.56 -2.25 -5.64
CA MET A 93 5.54 -1.91 -4.61
C MET A 93 4.69 -0.74 -5.12
N LEU A 94 5.32 0.22 -5.74
CA LEU A 94 4.55 1.37 -6.27
C LEU A 94 3.62 0.87 -7.38
N ASN A 95 4.11 0.03 -8.24
CA ASN A 95 3.25 -0.51 -9.32
C ASN A 95 2.12 -1.31 -8.70
N PHE A 96 2.42 -2.09 -7.69
CA PHE A 96 1.34 -2.89 -7.05
C PHE A 96 0.35 -1.94 -6.37
N THR A 97 0.85 -1.02 -5.60
CA THR A 97 -0.06 -0.06 -4.92
C THR A 97 -0.81 0.75 -5.98
N MET A 98 -0.10 1.20 -6.98
CA MET A 98 -0.76 1.99 -8.05
C MET A 98 -1.82 1.12 -8.75
N SER A 99 -1.53 -0.13 -8.95
CA SER A 99 -2.52 -1.01 -9.63
C SER A 99 -3.78 -1.13 -8.78
N LEU A 100 -3.63 -1.38 -7.50
CA LEU A 100 -4.83 -1.48 -6.63
C LEU A 100 -5.48 -0.10 -6.52
N TYR A 101 -4.69 0.92 -6.40
CA TYR A 101 -5.22 2.30 -6.31
C TYR A 101 -5.98 2.63 -7.60
N ASN A 102 -5.42 2.25 -8.72
CA ASN A 102 -6.09 2.55 -10.02
C ASN A 102 -7.44 1.84 -10.08
N GLU A 103 -7.52 0.64 -9.60
CA GLU A 103 -8.82 -0.10 -9.65
C GLU A 103 -9.86 0.62 -8.80
N LYS A 104 -9.48 1.14 -7.66
CA LYS A 104 -10.47 1.85 -6.81
C LYS A 104 -11.01 3.07 -7.55
N LEU A 105 -10.16 3.84 -8.16
CA LEU A 105 -10.64 5.03 -8.91
C LEU A 105 -11.37 4.56 -10.16
N LYS A 106 -10.89 3.49 -10.76
CA LYS A 106 -11.57 2.97 -11.97
C LYS A 106 -13.01 2.65 -11.62
N GLN A 107 -13.20 2.03 -10.49
CA GLN A 107 -14.59 1.72 -10.05
C GLN A 107 -15.32 3.03 -9.79
N LEU A 108 -14.61 4.00 -9.26
CA LEU A 108 -15.25 5.33 -8.98
C LEU A 108 -15.79 5.89 -10.29
N LYS A 109 -15.12 5.60 -11.37
CA LYS A 109 -15.56 6.12 -12.70
C LYS A 109 -16.98 5.64 -13.02
N ASP A 110 -17.30 4.42 -12.68
CA ASP A 110 -18.68 3.91 -12.96
C ASP A 110 -18.93 2.58 -12.23
N GLY A 111 -17.89 1.89 -11.83
CA GLY A 111 -18.10 0.59 -11.11
C GLY A 111 -19.02 0.80 -9.91
N PRO A 112 -19.67 -0.25 -9.48
CA PRO A 112 -20.60 -0.19 -8.31
C PRO A 112 -19.90 0.19 -7.01
N TRP A 113 -20.54 0.97 -6.19
CA TRP A 113 -19.91 1.39 -4.90
C TRP A 113 -20.60 0.63 -3.76
N ASP A 114 -19.86 0.13 -2.81
CA ASP A 114 -20.47 -0.61 -1.69
C ASP A 114 -19.58 -0.57 -0.46
N VAL A 115 -20.07 -1.05 0.65
CA VAL A 115 -19.26 -1.06 1.90
C VAL A 115 -17.95 -1.78 1.64
N MET A 116 -17.98 -2.86 0.89
CA MET A 116 -16.71 -3.58 0.60
C MET A 116 -15.72 -2.60 -0.02
N LEU A 117 -16.18 -1.78 -0.92
CA LEU A 117 -15.27 -0.79 -1.54
C LEU A 117 -14.74 0.16 -0.48
N LYS A 118 -15.55 0.47 0.50
CA LYS A 118 -15.13 1.39 1.59
C LYS A 118 -13.87 0.85 2.27
N ARG A 119 -13.88 -0.41 2.60
CA ARG A 119 -12.70 -1.02 3.27
C ARG A 119 -11.52 -1.07 2.29
N SER A 120 -11.78 -1.38 1.05
CA SER A 120 -10.68 -1.46 0.04
C SER A 120 -9.98 -0.10 -0.07
N LEU A 121 -10.73 0.97 -0.06
CA LEU A 121 -10.10 2.30 -0.17
C LEU A 121 -9.17 2.54 1.03
N TRP A 122 -9.61 2.14 2.19
CA TRP A 122 -8.75 2.31 3.41
C TRP A 122 -7.49 1.46 3.26
N CYS A 123 -7.63 0.30 2.69
CA CYS A 123 -6.45 -0.60 2.52
C CYS A 123 -5.44 0.06 1.58
N CYS A 124 -5.90 0.67 0.52
CA CYS A 124 -4.96 1.32 -0.43
C CYS A 124 -4.21 2.45 0.28
N ILE A 125 -4.89 3.18 1.11
CA ILE A 125 -4.21 4.30 1.84
C ILE A 125 -3.03 3.77 2.64
N ASP A 126 -3.19 2.65 3.29
CA ASP A 126 -2.06 2.08 4.09
C ASP A 126 -0.89 1.74 3.17
N LEU A 127 -1.16 1.19 2.02
CA LEU A 127 -0.06 0.83 1.09
C LEU A 127 0.73 2.07 0.66
N PHE A 128 0.06 3.16 0.42
CA PHE A 128 0.79 4.40 0.01
C PHE A 128 1.69 4.89 1.13
N SER A 129 1.21 4.88 2.34
CA SER A 129 2.06 5.36 3.47
C SER A 129 3.27 4.45 3.64
N CYS A 130 3.12 3.18 3.34
CA CYS A 130 4.27 2.26 3.49
C CYS A 130 5.33 2.58 2.42
N ILE A 131 4.92 2.85 1.22
CA ILE A 131 5.90 3.16 0.15
C ILE A 131 6.75 4.38 0.54
N LEU A 132 6.14 5.39 1.09
CA LEU A 132 6.91 6.60 1.48
C LEU A 132 7.84 6.27 2.65
N HIS A 133 7.33 5.59 3.64
CA HIS A 133 8.17 5.25 4.83
C HIS A 133 9.26 4.24 4.46
N LEU A 134 8.92 3.26 3.68
CA LEU A 134 9.94 2.22 3.31
C LEU A 134 11.12 2.84 2.56
N TRP A 135 10.91 3.88 1.80
CA TRP A 135 12.05 4.48 1.05
C TRP A 135 11.96 6.00 0.98
N LYS A 136 11.93 6.67 2.11
CA LYS A 136 11.87 8.15 2.10
C LYS A 136 13.12 8.71 1.40
N GLU A 137 14.25 8.09 1.64
CA GLU A 137 15.53 8.57 1.04
C GLU A 137 15.52 8.38 -0.49
N ASN A 138 14.80 7.40 -0.98
CA ASN A 138 14.81 7.18 -2.46
C ASN A 138 13.66 7.95 -3.12
N ILE A 139 12.87 8.64 -2.35
CA ILE A 139 11.74 9.42 -2.93
C ILE A 139 11.95 10.91 -2.63
N SER A 140 11.91 11.75 -3.64
CA SER A 140 12.12 13.20 -3.41
C SER A 140 10.91 13.77 -2.69
N GLU A 141 11.05 14.91 -2.06
CA GLU A 141 9.91 15.52 -1.33
C GLU A 141 8.81 15.89 -2.33
N THR A 142 9.20 16.38 -3.48
CA THR A 142 8.18 16.77 -4.50
C THR A 142 7.44 15.51 -4.97
N SER A 143 8.16 14.46 -5.24
CA SER A 143 7.50 13.20 -5.70
C SER A 143 6.58 12.68 -4.60
N THR A 144 7.00 12.79 -3.36
CA THR A 144 6.16 12.30 -2.24
C THR A 144 4.84 13.08 -2.21
N ASN A 145 4.91 14.36 -2.47
CA ASN A 145 3.67 15.19 -2.46
C ASN A 145 2.65 14.63 -3.45
N SER A 146 3.11 14.22 -4.61
CA SER A 146 2.16 13.66 -5.62
C SER A 146 1.47 12.42 -5.05
N LEU A 147 2.21 11.60 -4.36
CA LEU A 147 1.61 10.37 -3.76
C LEU A 147 0.58 10.77 -2.71
N GLN A 148 0.89 11.76 -1.92
CA GLN A 148 -0.07 12.19 -0.86
C GLN A 148 -1.38 12.65 -1.52
N LYS A 149 -1.30 13.28 -2.65
CA LYS A 149 -2.54 13.74 -3.33
C LYS A 149 -3.40 12.52 -3.68
N ARG A 150 -2.78 11.45 -4.12
CA ARG A 150 -3.56 10.23 -4.46
C ARG A 150 -4.26 9.72 -3.21
N ILE A 151 -3.58 9.73 -2.10
CA ILE A 151 -4.21 9.25 -0.83
C ILE A 151 -5.33 10.22 -0.44
N LYS A 152 -5.08 11.49 -0.59
CA LYS A 152 -6.10 12.51 -0.24
C LYS A 152 -7.35 12.31 -1.11
N TYR A 153 -7.16 11.99 -2.35
CA TYR A 153 -8.33 11.80 -3.25
C TYR A 153 -9.23 10.71 -2.66
N CYS A 154 -8.65 9.64 -2.21
CA CYS A 154 -9.48 8.56 -1.60
C CYS A 154 -10.12 9.07 -0.33
N LYS A 155 -9.38 9.83 0.43
CA LYS A 155 -9.93 10.39 1.70
C LYS A 155 -11.16 11.24 1.39
N ILE A 156 -11.08 12.06 0.38
CA ILE A 156 -12.24 12.92 0.02
C ILE A 156 -13.38 12.09 -0.54
N TYR A 157 -13.11 11.24 -1.50
CA TYR A 157 -14.19 10.41 -2.09
C TYR A 157 -14.72 9.41 -1.06
N LEU A 158 -13.87 8.89 -0.23
CA LEU A 158 -14.35 7.92 0.79
C LEU A 158 -15.38 8.63 1.66
N SER A 159 -15.17 9.87 1.94
CA SER A 159 -16.13 10.63 2.77
C SER A 159 -17.45 10.79 2.01
N LYS A 160 -17.38 11.07 0.74
CA LYS A 160 -18.64 11.24 -0.05
C LYS A 160 -19.47 9.96 0.01
N LEU A 161 -18.83 8.83 -0.01
CA LEU A 161 -19.59 7.56 0.07
C LEU A 161 -20.36 7.54 1.39
N ALA A 162 -19.79 8.08 2.42
CA ALA A 162 -20.48 8.11 3.73
C ALA A 162 -21.74 8.96 3.62
N LYS A 163 -21.74 9.96 2.78
CA LYS A 163 -22.95 10.81 2.62
C LYS A 163 -23.96 10.11 1.71
N GLY A 164 -23.53 9.09 1.03
CA GLY A 164 -24.45 8.37 0.11
C GLY A 164 -24.52 9.13 -1.21
N GLU A 165 -23.62 10.06 -1.41
CA GLU A 165 -23.62 10.85 -2.66
C GLU A 165 -23.08 10.01 -3.82
N ILE A 166 -22.22 9.06 -3.54
CA ILE A 166 -21.67 8.21 -4.62
C ILE A 166 -22.34 6.85 -4.58
N GLY A 167 -22.82 6.38 -5.70
CA GLY A 167 -23.50 5.05 -5.73
C GLY A 167 -24.29 4.91 -7.03
N ILE B 1 14.58 -11.61 -14.96
CA ILE B 1 14.01 -12.44 -16.06
C ILE B 1 12.55 -12.73 -15.77
N ASN B 2 12.24 -13.94 -15.39
CA ASN B 2 10.83 -14.27 -15.08
C ASN B 2 10.51 -13.65 -13.72
N ILE B 3 11.28 -12.69 -13.33
CA ILE B 3 11.04 -12.02 -12.02
C ILE B 3 9.71 -11.27 -12.11
N ASP B 4 9.49 -10.61 -13.20
CA ASP B 4 8.21 -9.86 -13.34
C ASP B 4 7.07 -10.86 -13.51
N LYS B 5 7.30 -11.88 -14.30
CA LYS B 5 6.26 -12.91 -14.52
C LYS B 5 6.03 -13.68 -13.21
N LEU B 6 7.10 -14.05 -12.55
CA LEU B 6 6.98 -14.79 -11.27
C LEU B 6 6.28 -13.93 -10.23
N GLN B 7 6.72 -12.71 -10.13
CA GLN B 7 6.11 -11.79 -9.13
C GLN B 7 4.63 -11.57 -9.47
N ASP B 8 4.31 -11.46 -10.73
CA ASP B 8 2.88 -11.24 -11.11
C ASP B 8 2.76 -11.29 -12.64
N MET B 9 2.20 -10.26 -13.23
CA MET B 9 2.04 -10.23 -14.70
C MET B 9 2.78 -9.01 -15.27
N GLN B 10 2.83 -8.89 -16.57
CA GLN B 10 3.53 -7.74 -17.21
C GLN B 10 5.03 -8.05 -17.31
N ASP B 11 5.55 -8.11 -18.50
CA ASP B 11 6.99 -8.42 -18.67
C ASP B 11 7.86 -7.36 -17.97
N GLU B 12 7.47 -6.12 -18.02
CA GLU B 12 8.30 -5.05 -17.37
C GLU B 12 7.49 -4.36 -16.26
N MET B 13 8.12 -4.09 -15.15
CA MET B 13 7.42 -3.40 -14.03
C MET B 13 7.01 -1.98 -14.45
N LEU B 14 7.87 -1.32 -15.17
CA LEU B 14 7.55 0.05 -15.62
C LEU B 14 6.27 0.02 -16.45
N ASP B 15 6.04 -1.03 -17.18
CA ASP B 15 4.79 -1.12 -17.98
C ASP B 15 3.60 -1.03 -17.03
N LEU B 16 3.71 -1.61 -15.85
CA LEU B 16 2.58 -1.51 -14.89
C LEU B 16 2.29 -0.04 -14.65
N ILE B 17 3.29 0.79 -14.68
CA ILE B 17 3.06 2.23 -14.46
C ILE B 17 2.26 2.78 -15.65
N GLU B 18 2.44 2.19 -16.81
CA GLU B 18 1.65 2.66 -17.99
C GLU B 18 0.17 2.54 -17.64
N GLN B 19 -0.17 1.49 -16.94
CA GLN B 19 -1.60 1.32 -16.52
C GLN B 19 -1.96 2.54 -15.68
N GLY B 20 -1.02 3.02 -14.91
CA GLY B 20 -1.28 4.22 -14.07
C GLY B 20 -1.62 5.38 -15.01
N ASP B 21 -1.04 5.42 -16.17
CA ASP B 21 -1.36 6.51 -17.12
C ASP B 21 -2.87 6.50 -17.34
N GLU B 22 -3.45 5.33 -17.43
CA GLU B 22 -4.92 5.23 -17.62
C GLU B 22 -5.62 5.90 -16.44
N LEU B 23 -5.05 5.80 -15.27
CA LEU B 23 -5.70 6.43 -14.08
C LEU B 23 -5.92 7.91 -14.37
N GLN B 24 -4.96 8.56 -14.96
CA GLN B 24 -5.13 9.99 -15.29
C GLN B 24 -6.31 10.14 -16.23
N GLU B 25 -6.43 9.25 -17.17
CA GLU B 25 -7.56 9.31 -18.14
C GLU B 25 -8.88 9.15 -17.39
N VAL B 26 -8.92 8.27 -16.42
CA VAL B 26 -10.19 8.05 -15.66
C VAL B 26 -10.55 9.31 -14.89
N LEU B 27 -9.64 9.87 -14.14
CA LEU B 27 -9.97 11.09 -13.37
C LEU B 27 -10.22 12.24 -14.35
N ALA B 28 -9.54 12.24 -15.46
CA ALA B 28 -9.75 13.34 -16.46
C ALA B 28 -11.20 13.33 -16.93
N MET B 29 -11.75 12.17 -17.16
CA MET B 29 -13.18 12.11 -17.62
C MET B 29 -14.08 12.65 -16.52
N ASN B 30 -13.79 12.32 -15.29
CA ASN B 30 -14.65 12.81 -14.17
C ASN B 30 -14.60 14.33 -14.14
N ASN B 31 -13.46 14.91 -14.39
CA ASN B 31 -13.33 16.38 -14.37
C ASN B 31 -11.85 16.77 -14.49
N ASN B 32 -11.44 17.23 -15.63
CA ASN B 32 -10.01 17.62 -15.79
C ASN B 32 -9.67 18.69 -14.76
N SER B 33 -10.61 19.56 -14.47
CA SER B 33 -10.35 20.61 -13.46
C SER B 33 -10.66 20.04 -12.06
N GLY B 34 -10.97 18.77 -12.00
CA GLY B 34 -11.28 18.16 -10.67
C GLY B 34 -10.11 18.36 -9.72
N GLU B 35 -10.20 19.35 -8.88
CA GLU B 35 -9.10 19.62 -7.90
C GLU B 35 -9.64 19.53 -6.48
N LEU B 36 -8.82 19.20 -5.53
CA LEU B 36 -9.31 19.10 -4.12
C LEU B 36 -9.96 20.42 -3.72
N ASP B 37 -9.45 21.51 -4.21
CA ASP B 37 -10.05 22.84 -3.87
C ASP B 37 -11.51 22.87 -4.30
N ASP B 38 -11.84 22.22 -5.38
CA ASP B 38 -13.24 22.21 -5.86
C ASP B 38 -14.09 21.27 -4.96
N ILE B 39 -13.46 20.33 -4.33
CA ILE B 39 -14.22 19.39 -3.45
C ILE B 39 -14.01 19.80 -2.00
N SER B 40 -15.07 19.87 -1.24
CA SER B 40 -14.95 20.31 0.20
C SER B 40 -14.03 19.35 0.96
N ASP B 41 -12.77 19.36 0.67
CA ASP B 41 -11.82 18.45 1.37
C ASP B 41 -11.78 18.77 2.87
N ALA B 42 -11.88 20.02 3.24
CA ALA B 42 -11.80 20.37 4.70
C ALA B 42 -12.95 19.76 5.50
N GLU B 43 -14.16 19.89 5.05
CA GLU B 43 -15.30 19.31 5.82
C GLU B 43 -15.27 17.79 5.70
N LEU B 44 -15.02 17.30 4.52
CA LEU B 44 -14.99 15.84 4.30
C LEU B 44 -13.87 15.21 5.13
N ASP B 45 -12.75 15.86 5.23
CA ASP B 45 -11.62 15.28 6.00
C ASP B 45 -12.03 15.08 7.48
N ALA B 46 -12.68 16.04 8.05
CA ALA B 46 -13.09 15.90 9.48
C ALA B 46 -14.14 14.80 9.61
N GLU B 47 -15.07 14.76 8.71
CA GLU B 47 -16.14 13.71 8.79
C GLU B 47 -15.53 12.33 8.59
N LEU B 48 -14.56 12.20 7.73
CA LEU B 48 -13.97 10.86 7.49
C LEU B 48 -13.21 10.38 8.73
N ASP B 49 -12.59 11.26 9.45
CA ASP B 49 -11.84 10.83 10.64
C ASP B 49 -12.81 10.19 11.63
N ALA B 50 -13.98 10.74 11.77
CA ALA B 50 -14.97 10.12 12.69
C ALA B 50 -15.47 8.82 12.07
N LEU B 51 -15.74 8.85 10.79
CA LEU B 51 -16.22 7.64 10.09
C LEU B 51 -15.13 6.56 10.11
N ALA B 52 -13.90 6.95 9.99
CA ALA B 52 -12.81 5.94 10.01
C ALA B 52 -12.91 5.15 11.31
N GLN B 53 -13.20 5.82 12.38
CA GLN B 53 -13.33 5.11 13.69
C GLN B 53 -14.45 4.08 13.59
N GLU B 54 -15.46 4.36 12.81
CA GLU B 54 -16.60 3.40 12.68
C GLU B 54 -16.11 2.07 12.11
N ASP B 55 -15.25 2.10 11.14
CA ASP B 55 -14.76 0.82 10.54
C ASP B 55 -13.47 0.37 11.21
N PHE B 56 -12.65 1.29 11.64
CA PHE B 56 -11.38 0.90 12.29
C PHE B 56 -11.65 0.50 13.74
N THR B 57 -10.67 -0.04 14.42
CA THR B 57 -10.88 -0.44 15.83
C THR B 57 -10.11 0.50 16.75
N LEU B 58 -10.79 1.11 17.67
CA LEU B 58 -10.10 2.03 18.60
C LEU B 58 -9.66 1.24 19.84
N PRO B 59 -8.51 1.52 20.38
CA PRO B 59 -7.99 0.81 21.57
C PRO B 59 -9.09 0.55 22.61
N MET A 1 -1.32 6.56 13.85
CA MET A 1 -1.29 6.28 15.31
C MET A 1 -0.95 4.81 15.55
N ALA A 2 -0.97 4.38 16.78
CA ALA A 2 -0.65 2.95 17.08
C ALA A 2 -1.67 2.05 16.38
N SER A 3 -2.90 2.47 16.30
CA SER A 3 -3.93 1.63 15.64
C SER A 3 -3.53 1.40 14.18
N ASN A 4 -2.95 2.39 13.55
CA ASN A 4 -2.54 2.23 12.13
C ASN A 4 -1.53 1.08 12.02
N ALA A 5 -0.67 0.93 12.99
CA ALA A 5 0.33 -0.16 12.95
C ALA A 5 -0.39 -1.52 12.94
N ALA A 6 -1.44 -1.64 13.71
CA ALA A 6 -2.17 -2.93 13.75
C ALA A 6 -2.80 -3.20 12.38
N ARG A 7 -3.34 -2.20 11.76
CA ARG A 7 -3.96 -2.40 10.42
C ARG A 7 -2.89 -2.90 9.45
N VAL A 8 -1.73 -2.33 9.51
CA VAL A 8 -0.64 -2.76 8.61
C VAL A 8 -0.31 -4.23 8.87
N VAL A 9 -0.24 -4.61 10.12
CA VAL A 9 0.07 -6.02 10.44
C VAL A 9 -1.06 -6.93 9.94
N ALA A 10 -2.28 -6.56 10.20
CA ALA A 10 -3.42 -7.40 9.75
C ALA A 10 -3.46 -7.39 8.22
N THR A 11 -3.20 -6.28 7.62
CA THR A 11 -3.22 -6.22 6.13
C THR A 11 -2.16 -7.16 5.57
N ALA A 12 -1.02 -7.24 6.21
CA ALA A 12 0.05 -8.14 5.70
C ALA A 12 -0.45 -9.59 5.69
N LYS A 13 -1.18 -9.98 6.70
CA LYS A 13 -1.71 -11.37 6.73
C LYS A 13 -2.63 -11.59 5.53
N ASP A 14 -3.30 -10.56 5.09
CA ASP A 14 -4.22 -10.70 3.93
C ASP A 14 -3.42 -11.16 2.71
N PHE A 15 -2.28 -10.58 2.49
CA PHE A 15 -1.45 -10.97 1.32
C PHE A 15 -1.01 -12.43 1.47
N ASP A 16 -0.70 -12.85 2.67
CA ASP A 16 -0.26 -14.26 2.86
C ASP A 16 -1.41 -15.19 2.42
N LYS A 17 -2.62 -14.85 2.78
CA LYS A 17 -3.78 -15.68 2.37
C LYS A 17 -3.84 -15.72 0.85
N VAL A 18 -3.41 -14.67 0.20
CA VAL A 18 -3.47 -14.62 -1.28
C VAL A 18 -2.19 -15.26 -1.86
N GLY A 19 -1.21 -15.50 -1.04
CA GLY A 19 0.05 -16.14 -1.54
C GLY A 19 1.08 -15.07 -1.93
N LEU A 20 0.79 -13.82 -1.66
CA LEU A 20 1.76 -12.75 -2.01
C LEU A 20 2.59 -12.41 -0.77
N GLY A 21 3.45 -13.31 -0.36
CA GLY A 21 4.30 -13.05 0.84
C GLY A 21 5.22 -11.85 0.60
N ILE A 22 5.66 -11.65 -0.61
CA ILE A 22 6.58 -10.50 -0.87
C ILE A 22 5.90 -9.20 -0.46
N ILE A 23 4.64 -9.03 -0.79
CA ILE A 23 3.96 -7.77 -0.39
C ILE A 23 3.84 -7.73 1.13
N GLY A 24 3.40 -8.81 1.72
CA GLY A 24 3.28 -8.85 3.20
C GLY A 24 4.65 -8.63 3.84
N TYR A 25 5.69 -9.09 3.19
CA TYR A 25 7.06 -8.93 3.76
C TYR A 25 7.36 -7.44 3.96
N TYR A 26 7.12 -6.63 2.97
CA TYR A 26 7.39 -5.18 3.12
C TYR A 26 6.43 -4.56 4.15
N LEU A 27 5.21 -5.01 4.18
CA LEU A 27 4.24 -4.44 5.16
C LEU A 27 4.72 -4.72 6.59
N GLN A 28 5.21 -5.89 6.85
CA GLN A 28 5.70 -6.21 8.22
C GLN A 28 6.85 -5.27 8.56
N LEU A 29 7.71 -5.02 7.61
CA LEU A 29 8.86 -4.10 7.86
C LEU A 29 8.33 -2.69 8.13
N TYR A 30 7.34 -2.28 7.39
CA TYR A 30 6.77 -0.91 7.60
C TYR A 30 6.12 -0.82 8.97
N ALA A 31 5.40 -1.83 9.38
CA ALA A 31 4.74 -1.79 10.71
C ALA A 31 5.79 -1.72 11.82
N VAL A 32 6.90 -2.40 11.64
CA VAL A 32 7.96 -2.38 12.68
C VAL A 32 8.46 -0.96 12.91
N GLU A 33 8.72 -0.25 11.85
CA GLU A 33 9.24 1.14 12.01
C GLU A 33 8.19 2.02 12.71
N LEU A 34 6.94 1.74 12.50
CA LEU A 34 5.88 2.57 13.15
C LEU A 34 6.01 2.46 14.67
N ILE A 35 6.20 1.28 15.18
CA ILE A 35 6.35 1.12 16.66
C ILE A 35 7.61 1.82 17.12
N LEU A 36 8.70 1.62 16.43
CA LEU A 36 9.97 2.28 16.82
C LEU A 36 9.84 3.79 16.63
N SER A 37 9.14 4.21 15.62
CA SER A 37 8.97 5.66 15.39
C SER A 37 8.11 6.24 16.50
N GLU A 38 7.47 5.38 17.25
CA GLU A 38 6.62 5.87 18.36
C GLU A 38 7.46 6.03 19.62
N GLU A 39 7.50 7.21 20.19
CA GLU A 39 8.31 7.43 21.42
C GLU A 39 7.71 6.62 22.57
N ASP A 40 6.41 6.53 22.64
CA ASP A 40 5.78 5.77 23.75
C ASP A 40 5.67 4.29 23.37
N ARG A 41 6.18 3.42 24.20
CA ARG A 41 6.10 1.97 23.90
C ARG A 41 5.65 1.21 25.15
N SER A 42 4.85 0.20 24.97
CA SER A 42 4.39 -0.61 26.13
C SER A 42 4.98 -2.01 25.99
N GLN A 43 5.04 -2.75 27.06
CA GLN A 43 5.60 -4.13 26.96
C GLN A 43 4.88 -4.87 25.83
N GLU A 44 3.61 -4.60 25.68
CA GLU A 44 2.84 -5.28 24.59
C GLU A 44 3.30 -4.75 23.22
N MET A 45 3.44 -3.46 23.08
CA MET A 45 3.87 -2.90 21.77
C MET A 45 5.33 -3.28 21.50
N THR A 46 6.16 -3.21 22.49
CA THR A 46 7.60 -3.55 22.30
C THR A 46 7.72 -5.03 21.88
N ALA A 47 6.98 -5.89 22.52
CA ALA A 47 7.05 -7.33 22.16
C ALA A 47 6.49 -7.55 20.76
N LEU A 48 5.48 -6.81 20.39
CA LEU A 48 4.88 -6.99 19.04
C LEU A 48 5.93 -6.65 17.98
N ALA A 49 6.68 -5.60 18.18
CA ALA A 49 7.73 -5.22 17.18
C ALA A 49 8.81 -6.31 17.13
N THR A 50 9.19 -6.82 18.27
CA THR A 50 10.24 -7.87 18.30
C THR A 50 9.80 -9.09 17.50
N GLU A 51 8.59 -9.54 17.69
CA GLU A 51 8.11 -10.73 16.95
C GLU A 51 8.19 -10.47 15.44
N LEU A 52 7.91 -9.27 15.02
CA LEU A 52 7.97 -8.97 13.56
C LEU A 52 9.42 -9.10 13.07
N LEU A 53 10.38 -8.71 13.86
CA LEU A 53 11.80 -8.83 13.41
C LEU A 53 12.10 -10.28 13.09
N ASP A 54 11.61 -11.19 13.87
CA ASP A 54 11.87 -12.62 13.59
C ASP A 54 11.29 -13.00 12.24
N THR A 55 10.11 -12.53 11.93
CA THR A 55 9.49 -12.86 10.62
C THR A 55 10.32 -12.26 9.49
N ILE A 56 10.77 -11.05 9.64
CA ILE A 56 11.59 -10.42 8.56
C ILE A 56 12.80 -11.31 8.26
N GLU A 57 13.53 -11.68 9.26
CA GLU A 57 14.72 -12.54 9.03
C GLU A 57 14.28 -13.92 8.54
N ALA A 58 13.20 -14.43 9.07
CA ALA A 58 12.71 -15.76 8.62
C ALA A 58 12.25 -15.67 7.17
N PHE A 59 11.58 -14.63 6.82
CA PHE A 59 11.12 -14.47 5.41
C PHE A 59 12.31 -14.25 4.50
N LYS A 60 13.17 -13.33 4.85
CA LYS A 60 14.36 -13.05 4.01
C LYS A 60 15.25 -14.31 3.94
N LYS A 61 15.38 -15.00 5.03
CA LYS A 61 16.21 -16.23 5.02
C LYS A 61 15.58 -17.24 4.06
N GLU A 62 14.28 -17.24 3.99
CA GLU A 62 13.59 -18.19 3.07
C GLU A 62 14.06 -17.93 1.64
N ILE A 63 14.39 -16.71 1.33
CA ILE A 63 14.84 -16.38 -0.05
C ILE A 63 16.23 -15.73 0.00
N GLY A 64 16.86 -15.74 1.14
CA GLY A 64 18.20 -15.12 1.25
C GLY A 64 19.14 -15.70 0.17
N GLY A 65 19.02 -16.97 -0.09
CA GLY A 65 19.88 -17.61 -1.12
C GLY A 65 21.12 -18.22 -0.47
N GLU A 66 21.24 -18.13 0.83
CA GLU A 66 22.44 -18.71 1.50
C GLU A 66 22.51 -20.21 1.18
N SER A 67 21.38 -20.86 1.15
CA SER A 67 21.35 -22.31 0.83
C SER A 67 20.27 -22.57 -0.21
N GLU A 68 19.23 -21.77 -0.19
CA GLU A 68 18.13 -21.95 -1.17
C GLU A 68 18.69 -21.73 -2.58
N ALA A 69 19.67 -20.88 -2.70
CA ALA A 69 20.27 -20.61 -4.04
C ALA A 69 20.81 -21.91 -4.63
N GLU A 70 21.40 -22.74 -3.81
CA GLU A 70 21.95 -24.03 -4.32
C GLU A 70 20.82 -24.80 -4.98
N ASP A 71 19.67 -24.84 -4.36
CA ASP A 71 18.52 -25.56 -4.95
C ASP A 71 18.11 -24.85 -6.25
N SER A 72 18.16 -23.54 -6.23
CA SER A 72 17.79 -22.76 -7.44
C SER A 72 18.37 -21.36 -7.30
N ASP A 73 19.51 -21.11 -7.90
CA ASP A 73 20.14 -19.77 -7.79
C ASP A 73 19.77 -18.94 -9.01
N LYS A 74 18.89 -19.43 -9.83
CA LYS A 74 18.49 -18.66 -11.04
C LYS A 74 17.21 -17.88 -10.76
N SER A 75 16.09 -18.55 -10.75
CA SER A 75 14.79 -17.84 -10.51
C SER A 75 14.72 -17.28 -9.09
N LEU A 76 15.19 -18.00 -8.11
CA LEU A 76 15.11 -17.49 -6.71
C LEU A 76 16.07 -16.31 -6.54
N HIS A 77 17.21 -16.35 -7.19
CA HIS A 77 18.17 -15.23 -7.06
C HIS A 77 17.53 -13.93 -7.53
N VAL A 78 16.86 -13.96 -8.65
CA VAL A 78 16.20 -12.71 -9.12
C VAL A 78 15.14 -12.30 -8.10
N MET A 79 14.40 -13.25 -7.60
CA MET A 79 13.35 -12.93 -6.60
C MET A 79 14.05 -12.26 -5.40
N ASN A 80 15.22 -12.70 -5.08
CA ASN A 80 15.96 -12.07 -3.95
C ASN A 80 16.17 -10.60 -4.30
N THR A 81 16.34 -10.29 -5.55
CA THR A 81 16.52 -8.86 -5.93
C THR A 81 15.32 -8.08 -5.42
N LEU A 82 14.16 -8.68 -5.48
CA LEU A 82 12.94 -7.97 -4.99
C LEU A 82 13.10 -7.66 -3.50
N ILE A 83 13.64 -8.58 -2.74
CA ILE A 83 13.79 -8.32 -1.27
C ILE A 83 15.09 -7.57 -0.98
N HIS A 84 16.17 -7.97 -1.57
CA HIS A 84 17.47 -7.30 -1.29
C HIS A 84 17.54 -5.92 -1.96
N ASP A 85 17.18 -5.81 -3.21
CA ASP A 85 17.24 -4.47 -3.87
C ASP A 85 16.00 -3.67 -3.50
N GLN A 86 16.14 -2.75 -2.57
CA GLN A 86 14.97 -1.92 -2.15
C GLN A 86 14.50 -1.04 -3.31
N GLU A 87 15.41 -0.55 -4.10
CA GLU A 87 15.02 0.34 -5.23
C GLU A 87 14.15 -0.44 -6.23
N LYS A 88 14.57 -1.62 -6.60
CA LYS A 88 13.76 -2.41 -7.57
C LYS A 88 12.41 -2.78 -6.93
N ALA A 89 12.42 -3.15 -5.69
CA ALA A 89 11.14 -3.51 -5.01
C ALA A 89 10.25 -2.27 -4.96
N LYS A 90 10.83 -1.12 -4.75
CA LYS A 90 10.03 0.13 -4.69
C LYS A 90 9.17 0.25 -5.95
N ILE A 91 9.73 0.01 -7.09
CA ILE A 91 8.95 0.12 -8.35
C ILE A 91 7.83 -0.92 -8.35
N TYR A 92 8.13 -2.15 -8.03
CA TYR A 92 7.08 -3.19 -8.02
C TYR A 92 6.03 -2.85 -6.96
N MET A 93 6.48 -2.44 -5.80
CA MET A 93 5.50 -2.08 -4.73
C MET A 93 4.66 -0.90 -5.20
N LEU A 94 5.30 0.06 -5.81
CA LEU A 94 4.55 1.25 -6.32
C LEU A 94 3.59 0.78 -7.42
N ASN A 95 4.03 -0.09 -8.27
CA ASN A 95 3.14 -0.58 -9.35
C ASN A 95 1.96 -1.32 -8.73
N PHE A 96 2.20 -2.09 -7.72
CA PHE A 96 1.07 -2.83 -7.08
C PHE A 96 0.12 -1.81 -6.44
N THR A 97 0.65 -0.90 -5.67
CA THR A 97 -0.22 0.12 -5.02
C THR A 97 -0.89 0.97 -6.10
N MET A 98 -0.14 1.39 -7.08
CA MET A 98 -0.74 2.21 -8.17
C MET A 98 -1.79 1.38 -8.92
N SER A 99 -1.51 0.12 -9.15
CA SER A 99 -2.48 -0.74 -9.87
C SER A 99 -3.76 -0.86 -9.05
N LEU A 100 -3.63 -1.10 -7.77
CA LEU A 100 -4.83 -1.20 -6.91
C LEU A 100 -5.54 0.14 -6.87
N TYR A 101 -4.79 1.20 -6.68
CA TYR A 101 -5.41 2.55 -6.63
C TYR A 101 -6.07 2.87 -7.97
N ASN A 102 -5.45 2.50 -9.06
CA ASN A 102 -6.06 2.78 -10.39
C ASN A 102 -7.43 2.10 -10.47
N GLU A 103 -7.55 0.92 -9.93
CA GLU A 103 -8.86 0.21 -9.98
C GLU A 103 -9.90 1.00 -9.18
N LYS A 104 -9.52 1.54 -8.05
CA LYS A 104 -10.51 2.29 -7.23
C LYS A 104 -10.99 3.52 -8.01
N LEU A 105 -10.09 4.24 -8.62
CA LEU A 105 -10.52 5.44 -9.39
C LEU A 105 -11.30 4.95 -10.61
N LYS A 106 -10.90 3.86 -11.19
CA LYS A 106 -11.62 3.32 -12.37
C LYS A 106 -13.05 3.02 -11.97
N GLN A 107 -13.22 2.36 -10.85
CA GLN A 107 -14.60 2.06 -10.37
C GLN A 107 -15.31 3.37 -10.05
N LEU A 108 -14.59 4.33 -9.53
CA LEU A 108 -15.20 5.64 -9.21
C LEU A 108 -15.76 6.24 -10.50
N LYS A 109 -15.12 5.96 -11.60
CA LYS A 109 -15.58 6.51 -12.90
C LYS A 109 -17.02 6.07 -13.18
N ASP A 110 -17.36 4.84 -12.87
CA ASP A 110 -18.74 4.36 -13.13
C ASP A 110 -18.99 3.01 -12.44
N GLY A 111 -17.95 2.28 -12.14
CA GLY A 111 -18.13 0.95 -11.50
C GLY A 111 -19.02 1.09 -10.26
N PRO A 112 -19.64 0.02 -9.84
CA PRO A 112 -20.54 0.01 -8.65
C PRO A 112 -19.81 0.35 -7.35
N TRP A 113 -20.44 1.11 -6.49
CA TRP A 113 -19.81 1.47 -5.20
C TRP A 113 -20.49 0.67 -4.08
N ASP A 114 -19.73 0.16 -3.15
CA ASP A 114 -20.34 -0.63 -2.05
C ASP A 114 -19.47 -0.57 -0.80
N VAL A 115 -19.97 -1.09 0.29
CA VAL A 115 -19.18 -1.09 1.56
C VAL A 115 -17.84 -1.77 1.31
N MET A 116 -17.82 -2.82 0.54
CA MET A 116 -16.53 -3.52 0.27
C MET A 116 -15.54 -2.51 -0.32
N LEU A 117 -15.99 -1.68 -1.21
CA LEU A 117 -15.09 -0.67 -1.81
C LEU A 117 -14.61 0.28 -0.70
N LYS A 118 -15.48 0.59 0.23
CA LYS A 118 -15.09 1.50 1.35
C LYS A 118 -13.90 0.92 2.12
N ARG A 119 -13.97 -0.33 2.46
CA ARG A 119 -12.85 -0.96 3.20
C ARG A 119 -11.62 -1.05 2.31
N SER A 120 -11.80 -1.36 1.05
CA SER A 120 -10.66 -1.47 0.12
C SER A 120 -9.93 -0.12 0.02
N LEU A 121 -10.67 0.96 -0.01
CA LEU A 121 -10.01 2.29 -0.10
C LEU A 121 -9.13 2.51 1.12
N TRP A 122 -9.61 2.14 2.27
CA TRP A 122 -8.77 2.31 3.50
C TRP A 122 -7.51 1.46 3.38
N CYS A 123 -7.63 0.30 2.79
CA CYS A 123 -6.44 -0.57 2.62
C CYS A 123 -5.46 0.09 1.66
N CYS A 124 -5.96 0.68 0.61
CA CYS A 124 -5.08 1.36 -0.37
C CYS A 124 -4.32 2.49 0.31
N ILE A 125 -4.97 3.22 1.18
CA ILE A 125 -4.29 4.35 1.87
C ILE A 125 -3.08 3.81 2.65
N ASP A 126 -3.22 2.70 3.31
CA ASP A 126 -2.08 2.14 4.08
C ASP A 126 -0.93 1.79 3.15
N LEU A 127 -1.22 1.24 2.01
CA LEU A 127 -0.14 0.87 1.05
C LEU A 127 0.66 2.11 0.63
N PHE A 128 0.00 3.20 0.39
CA PHE A 128 0.73 4.43 -0.03
C PHE A 128 1.65 4.90 1.11
N SER A 129 1.16 4.93 2.31
CA SER A 129 2.03 5.38 3.44
C SER A 129 3.23 4.45 3.59
N CYS A 130 3.04 3.17 3.36
CA CYS A 130 4.17 2.22 3.50
C CYS A 130 5.23 2.51 2.43
N ILE A 131 4.82 2.76 1.22
CA ILE A 131 5.80 3.04 0.15
C ILE A 131 6.66 4.26 0.52
N LEU A 132 6.04 5.29 1.02
CA LEU A 132 6.83 6.51 1.38
C LEU A 132 7.73 6.21 2.58
N HIS A 133 7.22 5.57 3.59
CA HIS A 133 8.02 5.26 4.80
C HIS A 133 9.14 4.28 4.46
N LEU A 134 8.83 3.23 3.76
CA LEU A 134 9.86 2.21 3.42
C LEU A 134 10.99 2.82 2.59
N TRP A 135 10.73 3.81 1.78
CA TRP A 135 11.84 4.38 0.94
C TRP A 135 11.77 5.91 0.92
N LYS A 136 11.77 6.55 2.06
CA LYS A 136 11.74 8.04 2.07
C LYS A 136 13.00 8.58 1.38
N GLU A 137 14.12 7.93 1.59
CA GLU A 137 15.39 8.41 0.97
C GLU A 137 15.38 8.23 -0.55
N ASN A 138 14.66 7.27 -1.06
CA ASN A 138 14.65 7.08 -2.54
C ASN A 138 13.51 7.86 -3.19
N ILE A 139 12.75 8.58 -2.42
CA ILE A 139 11.63 9.38 -2.99
C ILE A 139 11.87 10.87 -2.72
N SER A 140 11.84 11.68 -3.73
CA SER A 140 12.07 13.14 -3.52
C SER A 140 10.86 13.74 -2.81
N GLU A 141 11.04 14.88 -2.19
CA GLU A 141 9.89 15.51 -1.48
C GLU A 141 8.81 15.87 -2.49
N THR A 142 9.19 16.35 -3.64
CA THR A 142 8.18 16.72 -4.67
C THR A 142 7.43 15.47 -5.12
N SER A 143 8.14 14.41 -5.38
CA SER A 143 7.46 13.14 -5.83
C SER A 143 6.55 12.64 -4.72
N THR A 144 6.98 12.75 -3.49
CA THR A 144 6.14 12.28 -2.35
C THR A 144 4.84 13.07 -2.33
N ASN A 145 4.90 14.35 -2.59
CA ASN A 145 3.66 15.18 -2.57
C ASN A 145 2.64 14.62 -3.56
N SER A 146 3.10 14.17 -4.70
CA SER A 146 2.15 13.61 -5.71
C SER A 146 1.46 12.38 -5.11
N LEU A 147 2.19 11.56 -4.42
CA LEU A 147 1.60 10.34 -3.80
C LEU A 147 0.59 10.75 -2.72
N GLN A 148 0.93 11.74 -1.95
CA GLN A 148 0.00 12.20 -0.88
C GLN A 148 -1.33 12.66 -1.50
N LYS A 149 -1.26 13.29 -2.64
CA LYS A 149 -2.52 13.75 -3.29
C LYS A 149 -3.40 12.54 -3.60
N ARG A 150 -2.81 11.47 -4.05
CA ARG A 150 -3.62 10.25 -4.35
C ARG A 150 -4.31 9.78 -3.08
N ILE A 151 -3.60 9.79 -1.98
CA ILE A 151 -4.21 9.35 -0.70
C ILE A 151 -5.30 10.34 -0.31
N LYS A 152 -5.03 11.61 -0.46
CA LYS A 152 -6.04 12.65 -0.11
C LYS A 152 -7.28 12.46 -0.96
N TYR A 153 -7.11 12.16 -2.22
CA TYR A 153 -8.27 11.96 -3.11
C TYR A 153 -9.16 10.86 -2.53
N CYS A 154 -8.55 9.79 -2.08
CA CYS A 154 -9.35 8.69 -1.48
C CYS A 154 -10.03 9.19 -0.22
N LYS A 155 -9.32 9.94 0.57
CA LYS A 155 -9.90 10.48 1.83
C LYS A 155 -11.13 11.33 1.51
N ILE A 156 -11.04 12.16 0.50
CA ILE A 156 -12.19 13.01 0.14
C ILE A 156 -13.32 12.17 -0.45
N TYR A 157 -13.02 11.34 -1.41
CA TYR A 157 -14.07 10.51 -2.04
C TYR A 157 -14.61 9.49 -1.04
N LEU A 158 -13.77 8.97 -0.19
CA LEU A 158 -14.27 7.97 0.79
C LEU A 158 -15.33 8.65 1.65
N SER A 159 -15.12 9.91 1.96
CA SER A 159 -16.11 10.64 2.77
C SER A 159 -17.42 10.79 2.00
N LYS A 160 -17.34 11.07 0.73
CA LYS A 160 -18.58 11.25 -0.08
C LYS A 160 -19.41 9.96 -0.04
N LEU A 161 -18.75 8.83 -0.08
CA LEU A 161 -19.52 7.55 -0.02
C LEU A 161 -20.30 7.52 1.28
N ALA A 162 -19.74 8.07 2.32
CA ALA A 162 -20.45 8.09 3.64
C ALA A 162 -21.72 8.93 3.52
N LYS A 163 -21.72 9.93 2.68
CA LYS A 163 -22.93 10.77 2.52
C LYS A 163 -23.92 10.08 1.59
N GLY A 164 -23.48 9.06 0.90
CA GLY A 164 -24.39 8.36 -0.04
C GLY A 164 -24.45 9.14 -1.35
N GLU A 165 -23.56 10.08 -1.52
CA GLU A 165 -23.56 10.88 -2.78
C GLU A 165 -23.01 10.05 -3.93
N ILE A 166 -22.14 9.12 -3.64
CA ILE A 166 -21.57 8.27 -4.74
C ILE A 166 -22.26 6.90 -4.72
N GLY A 167 -22.74 6.46 -5.85
CA GLY A 167 -23.42 5.14 -5.89
C GLY A 167 -24.18 4.99 -7.20
N ILE B 1 15.02 -12.00 -14.67
CA ILE B 1 14.51 -12.73 -15.86
C ILE B 1 13.01 -13.00 -15.69
N ASN B 2 12.65 -14.17 -15.24
CA ASN B 2 11.22 -14.46 -15.04
C ASN B 2 10.76 -13.73 -13.79
N ILE B 3 11.49 -12.73 -13.38
CA ILE B 3 11.09 -11.96 -12.17
C ILE B 3 9.77 -11.26 -12.45
N ASP B 4 9.63 -10.75 -13.65
CA ASP B 4 8.35 -10.05 -13.99
C ASP B 4 7.24 -11.09 -14.18
N LYS B 5 7.52 -12.14 -14.89
CA LYS B 5 6.49 -13.20 -15.12
C LYS B 5 6.19 -13.92 -13.80
N LEU B 6 7.20 -14.19 -13.02
CA LEU B 6 7.00 -14.91 -11.73
C LEU B 6 6.04 -14.13 -10.83
N GLN B 7 6.29 -12.86 -10.69
CA GLN B 7 5.41 -12.03 -9.81
C GLN B 7 4.02 -11.89 -10.43
N ASP B 8 3.93 -11.77 -11.73
CA ASP B 8 2.58 -11.63 -12.37
C ASP B 8 2.68 -11.93 -13.86
N MET B 9 1.57 -12.22 -14.48
CA MET B 9 1.59 -12.52 -15.95
C MET B 9 2.12 -11.31 -16.71
N GLN B 10 1.83 -10.12 -16.23
CA GLN B 10 2.30 -8.90 -16.94
C GLN B 10 3.83 -8.90 -17.01
N ASP B 11 4.38 -8.40 -18.08
CA ASP B 11 5.86 -8.37 -18.21
C ASP B 11 6.38 -6.95 -17.97
N GLU B 12 7.65 -6.84 -17.62
CA GLU B 12 8.23 -5.49 -17.37
C GLU B 12 7.41 -4.73 -16.32
N MET B 13 8.01 -4.44 -15.20
CA MET B 13 7.28 -3.70 -14.12
C MET B 13 6.86 -2.33 -14.65
N LEU B 14 7.67 -1.73 -15.47
CA LEU B 14 7.32 -0.40 -16.02
C LEU B 14 5.97 -0.51 -16.75
N ASP B 15 5.71 -1.62 -17.36
CA ASP B 15 4.41 -1.79 -18.08
C ASP B 15 3.26 -1.60 -17.08
N LEU B 16 3.43 -2.09 -15.88
CA LEU B 16 2.36 -1.94 -14.86
C LEU B 16 2.10 -0.44 -14.67
N ILE B 17 3.12 0.36 -14.76
CA ILE B 17 2.91 1.82 -14.58
C ILE B 17 2.08 2.34 -15.76
N GLU B 18 2.22 1.74 -16.91
CA GLU B 18 1.40 2.18 -18.07
C GLU B 18 -0.06 2.10 -17.64
N GLN B 19 -0.40 1.10 -16.88
CA GLN B 19 -1.79 0.96 -16.39
C GLN B 19 -2.08 2.22 -15.57
N GLY B 20 -1.10 2.70 -14.87
CA GLY B 20 -1.29 3.93 -14.07
C GLY B 20 -1.64 5.08 -15.02
N ASP B 21 -1.12 5.05 -16.22
CA ASP B 21 -1.45 6.13 -17.17
C ASP B 21 -2.98 6.17 -17.31
N GLU B 22 -3.60 5.02 -17.33
CA GLU B 22 -5.09 4.99 -17.44
C GLU B 22 -5.69 5.69 -16.22
N LEU B 23 -5.06 5.57 -15.08
CA LEU B 23 -5.59 6.24 -13.86
C LEU B 23 -5.79 7.73 -14.14
N GLN B 24 -4.81 8.34 -14.76
CA GLN B 24 -4.93 9.79 -15.08
C GLN B 24 -6.12 9.99 -16.04
N GLU B 25 -6.29 9.09 -16.97
CA GLU B 25 -7.41 9.23 -17.94
C GLU B 25 -8.74 9.19 -17.21
N VAL B 26 -8.85 8.36 -16.21
CA VAL B 26 -10.14 8.26 -15.46
C VAL B 26 -10.44 9.59 -14.76
N LEU B 27 -9.51 10.10 -14.02
CA LEU B 27 -9.77 11.39 -13.32
C LEU B 27 -9.90 12.50 -14.36
N ALA B 28 -9.18 12.43 -15.43
CA ALA B 28 -9.28 13.49 -16.47
C ALA B 28 -10.70 13.51 -17.05
N MET B 29 -11.26 12.36 -17.31
CA MET B 29 -12.65 12.34 -17.86
C MET B 29 -13.64 12.79 -16.79
N ASN B 30 -13.42 12.40 -15.57
CA ASN B 30 -14.34 12.81 -14.48
C ASN B 30 -14.36 14.33 -14.37
N ASN B 31 -13.22 14.96 -14.50
CA ASN B 31 -13.16 16.44 -14.41
C ASN B 31 -11.69 16.89 -14.45
N ASN B 32 -11.24 17.39 -15.56
CA ASN B 32 -9.82 17.84 -15.64
C ASN B 32 -9.57 18.91 -14.59
N SER B 33 -10.55 19.73 -14.33
CA SER B 33 -10.38 20.79 -13.30
C SER B 33 -10.65 20.18 -11.92
N GLY B 34 -10.91 18.90 -11.88
CA GLY B 34 -11.20 18.24 -10.57
C GLY B 34 -10.03 18.47 -9.62
N GLU B 35 -10.15 19.43 -8.74
CA GLU B 35 -9.05 19.72 -7.78
C GLU B 35 -9.60 19.63 -6.35
N LEU B 36 -8.78 19.29 -5.40
CA LEU B 36 -9.26 19.18 -4.00
C LEU B 36 -9.91 20.50 -3.58
N ASP B 37 -9.40 21.61 -4.06
CA ASP B 37 -9.99 22.92 -3.70
C ASP B 37 -11.46 22.97 -4.13
N ASP B 38 -11.77 22.33 -5.22
CA ASP B 38 -13.19 22.33 -5.71
C ASP B 38 -14.02 21.38 -4.84
N ILE B 39 -13.40 20.43 -4.20
CA ILE B 39 -14.17 19.48 -3.35
C ILE B 39 -13.98 19.88 -1.88
N SER B 40 -15.05 19.96 -1.13
CA SER B 40 -14.95 20.36 0.30
C SER B 40 -14.04 19.40 1.06
N ASP B 41 -12.77 19.44 0.81
CA ASP B 41 -11.83 18.53 1.53
C ASP B 41 -11.82 18.81 3.03
N ALA B 42 -11.93 20.06 3.42
CA ALA B 42 -11.89 20.40 4.87
C ALA B 42 -13.05 19.76 5.65
N GLU B 43 -14.26 19.89 5.18
CA GLU B 43 -15.41 19.29 5.92
C GLU B 43 -15.37 17.77 5.79
N LEU B 44 -15.09 17.30 4.61
CA LEU B 44 -15.05 15.84 4.37
C LEU B 44 -13.93 15.20 5.21
N ASP B 45 -12.82 15.87 5.33
CA ASP B 45 -11.70 15.29 6.12
C ASP B 45 -12.12 15.07 7.58
N ALA B 46 -12.81 16.01 8.16
CA ALA B 46 -13.23 15.85 9.58
C ALA B 46 -14.28 14.74 9.69
N GLU B 47 -15.21 14.70 8.77
CA GLU B 47 -16.26 13.66 8.82
C GLU B 47 -15.64 12.27 8.61
N LEU B 48 -14.65 12.16 7.77
CA LEU B 48 -14.05 10.82 7.54
C LEU B 48 -13.33 10.34 8.79
N ASP B 49 -12.73 11.21 9.54
CA ASP B 49 -12.00 10.75 10.74
C ASP B 49 -12.99 10.10 11.70
N ALA B 50 -14.16 10.67 11.84
CA ALA B 50 -15.16 10.04 12.75
C ALA B 50 -15.64 8.74 12.08
N LEU B 51 -15.89 8.80 10.81
CA LEU B 51 -16.36 7.59 10.08
C LEU B 51 -15.26 6.52 10.09
N ALA B 52 -14.03 6.92 10.00
CA ALA B 52 -12.93 5.92 10.02
C ALA B 52 -13.07 5.06 11.27
N GLN B 53 -13.41 5.66 12.37
CA GLN B 53 -13.59 4.88 13.62
C GLN B 53 -14.77 3.91 13.46
N GLU B 54 -15.72 4.26 12.64
CA GLU B 54 -16.90 3.38 12.46
C GLU B 54 -16.47 2.01 11.91
N ASP B 55 -15.75 2.00 10.82
CA ASP B 55 -15.31 0.70 10.23
C ASP B 55 -14.14 0.12 11.03
N PHE B 56 -13.24 0.96 11.45
CA PHE B 56 -12.08 0.47 12.23
C PHE B 56 -12.56 0.03 13.61
N THR B 57 -11.69 -0.55 14.40
CA THR B 57 -12.10 -1.01 15.75
C THR B 57 -11.49 -0.10 16.80
N LEU B 58 -12.30 0.40 17.70
CA LEU B 58 -11.75 1.27 18.76
C LEU B 58 -11.36 0.40 19.96
N PRO B 59 -10.32 0.75 20.65
CA PRO B 59 -9.84 -0.02 21.82
C PRO B 59 -11.00 -0.54 22.68
N MET A 1 -2.33 6.76 13.96
CA MET A 1 -0.85 6.66 14.06
C MET A 1 -0.46 5.23 14.44
N ALA A 2 -0.25 4.98 15.71
CA ALA A 2 0.15 3.61 16.14
C ALA A 2 -0.98 2.63 15.80
N SER A 3 -2.21 3.05 15.91
CA SER A 3 -3.34 2.14 15.58
C SER A 3 -3.24 1.72 14.11
N ASN A 4 -2.86 2.62 13.26
CA ASN A 4 -2.74 2.27 11.82
C ASN A 4 -1.71 1.15 11.65
N ALA A 5 -0.67 1.19 12.43
CA ALA A 5 0.38 0.13 12.32
C ALA A 5 -0.24 -1.24 12.61
N ALA A 6 -1.12 -1.32 13.57
CA ALA A 6 -1.75 -2.62 13.90
C ALA A 6 -2.59 -3.12 12.73
N ARG A 7 -3.39 -2.26 12.14
CA ARG A 7 -4.22 -2.70 11.00
C ARG A 7 -3.32 -3.19 9.86
N VAL A 8 -2.23 -2.51 9.66
CA VAL A 8 -1.30 -2.91 8.58
C VAL A 8 -0.81 -4.34 8.84
N VAL A 9 -0.54 -4.66 10.08
CA VAL A 9 -0.07 -6.04 10.40
C VAL A 9 -1.16 -7.04 9.99
N ALA A 10 -2.38 -6.77 10.32
CA ALA A 10 -3.48 -7.70 9.93
C ALA A 10 -3.64 -7.67 8.41
N THR A 11 -3.58 -6.50 7.83
CA THR A 11 -3.70 -6.40 6.36
C THR A 11 -2.57 -7.19 5.70
N ALA A 12 -1.39 -7.13 6.26
CA ALA A 12 -0.25 -7.89 5.68
C ALA A 12 -0.61 -9.37 5.67
N LYS A 13 -1.25 -9.84 6.70
CA LYS A 13 -1.64 -11.27 6.76
C LYS A 13 -2.58 -11.58 5.59
N ASP A 14 -3.36 -10.63 5.18
CA ASP A 14 -4.30 -10.85 4.05
C ASP A 14 -3.52 -11.23 2.79
N PHE A 15 -2.41 -10.57 2.57
CA PHE A 15 -1.60 -10.88 1.38
C PHE A 15 -1.06 -12.32 1.46
N ASP A 16 -0.67 -12.76 2.63
CA ASP A 16 -0.16 -14.15 2.75
C ASP A 16 -1.27 -15.12 2.35
N LYS A 17 -2.47 -14.85 2.75
CA LYS A 17 -3.61 -15.74 2.38
C LYS A 17 -3.75 -15.80 0.86
N VAL A 18 -3.41 -14.73 0.19
CA VAL A 18 -3.53 -14.70 -1.30
C VAL A 18 -2.27 -15.28 -1.93
N GLY A 19 -1.25 -15.55 -1.14
CA GLY A 19 -0.01 -16.13 -1.71
C GLY A 19 1.00 -15.03 -2.05
N LEU A 20 0.70 -13.80 -1.71
CA LEU A 20 1.65 -12.69 -2.00
C LEU A 20 2.44 -12.35 -0.73
N GLY A 21 3.24 -13.27 -0.28
CA GLY A 21 4.05 -13.02 0.95
C GLY A 21 5.01 -11.84 0.72
N ILE A 22 5.46 -11.65 -0.48
CA ILE A 22 6.41 -10.52 -0.74
C ILE A 22 5.76 -9.20 -0.31
N ILE A 23 4.52 -9.00 -0.62
CA ILE A 23 3.85 -7.73 -0.20
C ILE A 23 3.75 -7.72 1.33
N GLY A 24 3.31 -8.80 1.91
CA GLY A 24 3.20 -8.85 3.39
C GLY A 24 4.58 -8.66 4.01
N TYR A 25 5.60 -9.14 3.35
CA TYR A 25 6.99 -8.99 3.89
C TYR A 25 7.31 -7.51 4.07
N TYR A 26 7.07 -6.71 3.07
CA TYR A 26 7.36 -5.26 3.20
C TYR A 26 6.42 -4.62 4.23
N LEU A 27 5.19 -5.07 4.28
CA LEU A 27 4.23 -4.48 5.27
C LEU A 27 4.69 -4.79 6.70
N GLN A 28 5.15 -5.97 6.96
CA GLN A 28 5.60 -6.30 8.34
C GLN A 28 6.77 -5.37 8.71
N LEU A 29 7.64 -5.13 7.77
CA LEU A 29 8.79 -4.23 8.04
C LEU A 29 8.24 -2.82 8.32
N TYR A 30 7.23 -2.43 7.61
CA TYR A 30 6.63 -1.09 7.80
C TYR A 30 6.04 -0.98 9.21
N ALA A 31 5.33 -1.99 9.65
CA ALA A 31 4.72 -1.95 11.01
C ALA A 31 5.80 -1.91 12.08
N VAL A 32 6.89 -2.62 11.88
CA VAL A 32 7.97 -2.63 12.90
C VAL A 32 8.54 -1.23 13.08
N GLU A 33 8.85 -0.57 12.01
CA GLU A 33 9.42 0.80 12.12
C GLU A 33 8.39 1.74 12.74
N LEU A 34 7.14 1.50 12.49
CA LEU A 34 6.08 2.38 13.06
C LEU A 34 6.13 2.31 14.60
N ILE A 35 6.22 1.12 15.14
CA ILE A 35 6.27 0.98 16.61
C ILE A 35 7.55 1.61 17.15
N LEU A 36 8.66 1.34 16.53
CA LEU A 36 9.95 1.92 16.99
C LEU A 36 9.90 3.44 16.85
N SER A 37 9.27 3.91 15.82
CA SER A 37 9.17 5.38 15.61
C SER A 37 8.28 5.96 16.71
N GLU A 38 7.57 5.11 17.39
CA GLU A 38 6.68 5.60 18.48
C GLU A 38 7.44 5.63 19.80
N GLU A 39 7.49 6.76 20.45
CA GLU A 39 8.23 6.86 21.74
C GLU A 39 7.52 6.03 22.81
N ASP A 40 6.21 5.98 22.76
CA ASP A 40 5.46 5.20 23.78
C ASP A 40 5.42 3.73 23.39
N ARG A 41 5.85 2.85 24.27
CA ARG A 41 5.83 1.40 23.96
C ARG A 41 5.40 0.62 25.19
N SER A 42 4.61 -0.40 24.99
CA SER A 42 4.15 -1.23 26.14
C SER A 42 4.74 -2.63 25.99
N GLN A 43 4.76 -3.41 27.02
CA GLN A 43 5.34 -4.77 26.91
C GLN A 43 4.67 -5.49 25.75
N GLU A 44 3.40 -5.23 25.54
CA GLU A 44 2.68 -5.90 24.42
C GLU A 44 3.18 -5.34 23.08
N MET A 45 3.30 -4.04 22.97
CA MET A 45 3.77 -3.44 21.68
C MET A 45 5.24 -3.79 21.46
N THR A 46 6.04 -3.74 22.49
CA THR A 46 7.48 -4.07 22.34
C THR A 46 7.63 -5.52 21.89
N ALA A 47 6.88 -6.41 22.48
CA ALA A 47 6.97 -7.85 22.09
C ALA A 47 6.42 -8.04 20.68
N LEU A 48 5.42 -7.29 20.32
CA LEU A 48 4.82 -7.44 18.95
C LEU A 48 5.88 -7.11 17.90
N ALA A 49 6.66 -6.09 18.12
CA ALA A 49 7.70 -5.73 17.11
C ALA A 49 8.75 -6.83 17.04
N THR A 50 9.14 -7.37 18.17
CA THR A 50 10.17 -8.45 18.17
C THR A 50 9.67 -9.66 17.37
N GLU A 51 8.46 -10.07 17.58
CA GLU A 51 7.93 -11.25 16.83
C GLU A 51 8.03 -10.99 15.33
N LEU A 52 7.78 -9.79 14.90
CA LEU A 52 7.86 -9.49 13.44
C LEU A 52 9.31 -9.66 12.95
N LEU A 53 10.27 -9.30 13.76
CA LEU A 53 11.68 -9.45 13.30
C LEU A 53 11.96 -10.92 12.97
N ASP A 54 11.42 -11.82 13.74
CA ASP A 54 11.65 -13.26 13.45
C ASP A 54 11.07 -13.60 12.08
N THR A 55 9.89 -13.11 11.78
CA THR A 55 9.27 -13.40 10.46
C THR A 55 10.10 -12.77 9.34
N ILE A 56 10.48 -11.53 9.50
CA ILE A 56 11.29 -10.85 8.46
C ILE A 56 12.59 -11.61 8.25
N GLU A 57 13.29 -11.94 9.31
CA GLU A 57 14.56 -12.69 9.14
C GLU A 57 14.27 -14.06 8.54
N ALA A 58 13.19 -14.68 8.97
CA ALA A 58 12.85 -16.01 8.42
C ALA A 58 12.42 -15.84 6.96
N PHE A 59 11.67 -14.83 6.67
CA PHE A 59 11.22 -14.61 5.26
C PHE A 59 12.43 -14.28 4.38
N LYS A 60 13.26 -13.37 4.82
CA LYS A 60 14.46 -13.02 4.01
C LYS A 60 15.38 -14.22 3.93
N LYS A 61 15.57 -14.90 5.02
CA LYS A 61 16.45 -16.10 5.01
C LYS A 61 15.83 -17.14 4.08
N GLU A 62 14.53 -17.19 4.04
CA GLU A 62 13.84 -18.16 3.14
C GLU A 62 14.30 -17.92 1.70
N ILE A 63 14.60 -16.69 1.37
CA ILE A 63 15.04 -16.37 -0.01
C ILE A 63 16.42 -15.71 0.01
N GLY A 64 17.06 -15.71 1.16
CA GLY A 64 18.41 -15.08 1.25
C GLY A 64 19.34 -15.70 0.21
N GLY A 65 19.22 -16.98 -0.02
CA GLY A 65 20.09 -17.64 -1.04
C GLY A 65 21.34 -18.24 -0.38
N GLU A 66 21.43 -18.18 0.93
CA GLU A 66 22.62 -18.77 1.61
C GLU A 66 22.69 -20.26 1.29
N SER A 67 21.56 -20.91 1.23
CA SER A 67 21.54 -22.37 0.91
C SER A 67 20.44 -22.62 -0.12
N GLU A 68 19.41 -21.81 -0.10
CA GLU A 68 18.31 -21.98 -1.07
C GLU A 68 18.86 -21.77 -2.48
N ALA A 69 19.87 -20.95 -2.61
CA ALA A 69 20.47 -20.70 -3.94
C ALA A 69 20.98 -22.01 -4.53
N GLU A 70 21.54 -22.86 -3.71
CA GLU A 70 22.05 -24.16 -4.23
C GLU A 70 20.88 -24.90 -4.89
N ASP A 71 19.74 -24.88 -4.26
CA ASP A 71 18.55 -25.54 -4.85
C ASP A 71 18.19 -24.83 -6.16
N SER A 72 18.30 -23.53 -6.16
CA SER A 72 17.99 -22.73 -7.36
C SER A 72 18.63 -21.36 -7.21
N ASP A 73 19.79 -21.16 -7.79
CA ASP A 73 20.47 -19.85 -7.65
C ASP A 73 20.15 -18.97 -8.87
N LYS A 74 19.31 -19.43 -9.73
CA LYS A 74 18.96 -18.63 -10.93
C LYS A 74 17.70 -17.80 -10.67
N SER A 75 16.56 -18.43 -10.69
CA SER A 75 15.29 -17.70 -10.48
C SER A 75 15.18 -17.16 -9.06
N LEU A 76 15.63 -17.88 -8.07
CA LEU A 76 15.53 -17.38 -6.67
C LEU A 76 16.47 -16.18 -6.49
N HIS A 77 17.61 -16.20 -7.12
CA HIS A 77 18.56 -15.06 -6.96
C HIS A 77 17.88 -13.77 -7.43
N VAL A 78 17.22 -13.81 -8.55
CA VAL A 78 16.54 -12.58 -9.04
C VAL A 78 15.44 -12.21 -8.05
N MET A 79 14.70 -13.18 -7.58
CA MET A 79 13.62 -12.89 -6.62
C MET A 79 14.22 -12.21 -5.39
N ASN A 80 15.41 -12.61 -5.02
CA ASN A 80 16.07 -11.97 -3.86
C ASN A 80 16.24 -10.49 -4.20
N THR A 81 16.46 -10.17 -5.45
CA THR A 81 16.60 -8.74 -5.82
C THR A 81 15.36 -7.99 -5.36
N LEU A 82 14.22 -8.63 -5.47
CA LEU A 82 12.96 -7.98 -5.02
C LEU A 82 13.06 -7.63 -3.53
N ILE A 83 13.61 -8.52 -2.74
CA ILE A 83 13.72 -8.24 -1.27
C ILE A 83 14.99 -7.44 -0.95
N HIS A 84 16.09 -7.84 -1.52
CA HIS A 84 17.38 -7.14 -1.22
C HIS A 84 17.42 -5.76 -1.91
N ASP A 85 17.09 -5.68 -3.16
CA ASP A 85 17.13 -4.36 -3.86
C ASP A 85 15.86 -3.57 -3.54
N GLN A 86 15.95 -2.65 -2.63
CA GLN A 86 14.75 -1.83 -2.26
C GLN A 86 14.28 -0.99 -3.46
N GLU A 87 15.20 -0.50 -4.24
CA GLU A 87 14.81 0.35 -5.41
C GLU A 87 13.94 -0.45 -6.38
N LYS A 88 14.35 -1.63 -6.73
CA LYS A 88 13.52 -2.44 -7.68
C LYS A 88 12.21 -2.83 -6.99
N ALA A 89 12.29 -3.23 -5.75
CA ALA A 89 11.05 -3.62 -5.03
C ALA A 89 10.14 -2.39 -4.91
N LYS A 90 10.72 -1.24 -4.72
CA LYS A 90 9.90 0.00 -4.59
C LYS A 90 8.97 0.12 -5.80
N ILE A 91 9.49 -0.09 -6.98
CA ILE A 91 8.64 0.02 -8.19
C ILE A 91 7.54 -1.05 -8.13
N TYR A 92 7.88 -2.24 -7.75
CA TYR A 92 6.85 -3.31 -7.67
C TYR A 92 5.80 -2.93 -6.62
N MET A 93 6.23 -2.46 -5.48
CA MET A 93 5.26 -2.06 -4.44
C MET A 93 4.44 -0.88 -4.96
N LEU A 94 5.08 0.07 -5.56
CA LEU A 94 4.35 1.24 -6.11
C LEU A 94 3.45 0.76 -7.25
N ASN A 95 3.97 -0.08 -8.09
CA ASN A 95 3.15 -0.61 -9.21
C ASN A 95 1.96 -1.36 -8.65
N PHE A 96 2.17 -2.15 -7.63
CA PHE A 96 1.05 -2.91 -7.03
C PHE A 96 0.07 -1.91 -6.39
N THR A 97 0.58 -1.00 -5.60
CA THR A 97 -0.31 0.00 -4.95
C THR A 97 -1.00 0.83 -6.04
N MET A 98 -0.26 1.24 -7.03
CA MET A 98 -0.87 2.04 -8.12
C MET A 98 -1.96 1.21 -8.82
N SER A 99 -1.71 -0.06 -8.99
CA SER A 99 -2.74 -0.91 -9.68
C SER A 99 -4.00 -0.96 -8.82
N LEU A 100 -3.84 -1.14 -7.53
CA LEU A 100 -5.03 -1.17 -6.64
C LEU A 100 -5.66 0.22 -6.61
N TYR A 101 -4.85 1.22 -6.53
CA TYR A 101 -5.38 2.62 -6.50
C TYR A 101 -6.12 2.90 -7.81
N ASN A 102 -5.56 2.49 -8.92
CA ASN A 102 -6.24 2.72 -10.23
C ASN A 102 -7.57 1.96 -10.27
N GLU A 103 -7.58 0.76 -9.75
CA GLU A 103 -8.85 -0.04 -9.76
C GLU A 103 -9.91 0.68 -8.94
N LYS A 104 -9.54 1.22 -7.81
CA LYS A 104 -10.53 1.94 -6.97
C LYS A 104 -11.08 3.15 -7.71
N LEU A 105 -10.24 3.92 -8.32
CA LEU A 105 -10.73 5.11 -9.08
C LEU A 105 -11.53 4.62 -10.28
N LYS A 106 -11.13 3.54 -10.88
CA LYS A 106 -11.88 3.02 -12.05
C LYS A 106 -13.30 2.72 -11.61
N GLN A 107 -13.45 2.08 -10.48
CA GLN A 107 -14.82 1.79 -9.98
C GLN A 107 -15.53 3.11 -9.69
N LEU A 108 -14.79 4.08 -9.21
CA LEU A 108 -15.40 5.41 -8.91
C LEU A 108 -15.98 5.99 -10.21
N LYS A 109 -15.35 5.70 -11.31
CA LYS A 109 -15.82 6.24 -12.61
C LYS A 109 -17.24 5.79 -12.89
N ASP A 110 -17.58 4.57 -12.56
CA ASP A 110 -18.97 4.08 -12.82
C ASP A 110 -19.22 2.76 -12.08
N GLY A 111 -18.20 2.03 -11.74
CA GLY A 111 -18.40 0.73 -11.04
C GLY A 111 -19.30 0.95 -9.81
N PRO A 112 -19.97 -0.08 -9.37
CA PRO A 112 -20.88 0.00 -8.19
C PRO A 112 -20.15 0.37 -6.90
N TRP A 113 -20.77 1.16 -6.08
CA TRP A 113 -20.12 1.56 -4.80
C TRP A 113 -20.79 0.82 -3.65
N ASP A 114 -20.03 0.29 -2.73
CA ASP A 114 -20.63 -0.45 -1.60
C ASP A 114 -19.73 -0.39 -0.37
N VAL A 115 -20.21 -0.89 0.73
CA VAL A 115 -19.39 -0.88 1.98
C VAL A 115 -18.06 -1.57 1.72
N MET A 116 -18.07 -2.63 0.96
CA MET A 116 -16.79 -3.34 0.68
C MET A 116 -15.82 -2.35 0.03
N LEU A 117 -16.30 -1.55 -0.88
CA LEU A 117 -15.41 -0.55 -1.53
C LEU A 117 -14.91 0.42 -0.48
N LYS A 118 -15.74 0.76 0.46
CA LYS A 118 -15.32 1.71 1.54
C LYS A 118 -14.09 1.18 2.25
N ARG A 119 -14.12 -0.07 2.61
CA ARG A 119 -12.95 -0.68 3.31
C ARG A 119 -11.76 -0.74 2.37
N SER A 120 -11.99 -1.07 1.13
CA SER A 120 -10.88 -1.16 0.15
C SER A 120 -10.13 0.17 0.06
N LEU A 121 -10.83 1.27 0.07
CA LEU A 121 -10.14 2.58 -0.01
C LEU A 121 -9.25 2.77 1.21
N TRP A 122 -9.72 2.40 2.37
CA TRP A 122 -8.90 2.53 3.59
C TRP A 122 -7.66 1.64 3.46
N CYS A 123 -7.84 0.48 2.89
CA CYS A 123 -6.69 -0.45 2.72
C CYS A 123 -5.67 0.17 1.75
N CYS A 124 -6.13 0.78 0.70
CA CYS A 124 -5.20 1.39 -0.28
C CYS A 124 -4.41 2.50 0.39
N ILE A 125 -5.04 3.28 1.23
CA ILE A 125 -4.31 4.39 1.91
C ILE A 125 -3.15 3.82 2.73
N ASP A 126 -3.37 2.74 3.41
CA ASP A 126 -2.26 2.14 4.23
C ASP A 126 -1.09 1.76 3.32
N LEU A 127 -1.37 1.22 2.16
CA LEU A 127 -0.28 0.82 1.23
C LEU A 127 0.51 2.06 0.80
N PHE A 128 -0.15 3.14 0.53
CA PHE A 128 0.59 4.37 0.10
C PHE A 128 1.49 4.87 1.22
N SER A 129 0.99 4.90 2.42
CA SER A 129 1.83 5.39 3.56
C SER A 129 3.06 4.49 3.73
N CYS A 130 2.91 3.21 3.52
CA CYS A 130 4.06 2.28 3.69
C CYS A 130 5.12 2.58 2.62
N ILE A 131 4.69 2.84 1.41
CA ILE A 131 5.68 3.13 0.33
C ILE A 131 6.53 4.34 0.69
N LEU A 132 5.94 5.38 1.22
CA LEU A 132 6.74 6.59 1.58
C LEU A 132 7.68 6.27 2.74
N HIS A 133 7.18 5.61 3.74
CA HIS A 133 8.03 5.28 4.93
C HIS A 133 9.12 4.27 4.55
N LEU A 134 8.79 3.27 3.79
CA LEU A 134 9.80 2.23 3.41
C LEU A 134 10.95 2.82 2.60
N TRP A 135 10.72 3.83 1.80
CA TRP A 135 11.84 4.38 0.99
C TRP A 135 11.76 5.91 0.87
N LYS A 136 11.81 6.60 1.96
CA LYS A 136 11.78 8.10 1.88
C LYS A 136 13.01 8.59 1.13
N GLU A 137 14.14 7.95 1.35
CA GLU A 137 15.40 8.38 0.68
C GLU A 137 15.34 8.10 -0.83
N ASN A 138 14.59 7.14 -1.27
CA ASN A 138 14.54 6.84 -2.72
C ASN A 138 13.40 7.62 -3.39
N ILE A 139 12.68 8.40 -2.64
CA ILE A 139 11.57 9.20 -3.23
C ILE A 139 11.87 10.69 -3.05
N SER A 140 11.77 11.46 -4.10
CA SER A 140 12.06 12.91 -3.98
C SER A 140 10.95 13.58 -3.17
N GLU A 141 11.21 14.74 -2.63
CA GLU A 141 10.17 15.43 -1.84
C GLU A 141 9.00 15.80 -2.76
N THR A 142 9.28 16.20 -3.97
CA THR A 142 8.19 16.57 -4.90
C THR A 142 7.37 15.32 -5.24
N SER A 143 8.03 14.23 -5.50
CA SER A 143 7.29 12.98 -5.83
C SER A 143 6.42 12.56 -4.65
N THR A 144 6.92 12.72 -3.46
CA THR A 144 6.12 12.33 -2.26
C THR A 144 4.83 13.15 -2.22
N ASN A 145 4.92 14.42 -2.53
CA ASN A 145 3.70 15.27 -2.51
C ASN A 145 2.66 14.73 -3.49
N SER A 146 3.09 14.28 -4.64
CA SER A 146 2.12 13.74 -5.63
C SER A 146 1.41 12.52 -5.05
N LEU A 147 2.14 11.68 -4.36
CA LEU A 147 1.52 10.47 -3.75
C LEU A 147 0.49 10.90 -2.71
N GLN A 148 0.79 11.89 -1.93
CA GLN A 148 -0.16 12.36 -0.90
C GLN A 148 -1.46 12.82 -1.56
N LYS A 149 -1.36 13.43 -2.71
CA LYS A 149 -2.59 13.90 -3.41
C LYS A 149 -3.45 12.69 -3.75
N ARG A 150 -2.86 11.62 -4.20
CA ARG A 150 -3.64 10.41 -4.53
C ARG A 150 -4.32 9.89 -3.27
N ILE A 151 -3.62 9.89 -2.17
CA ILE A 151 -4.22 9.41 -0.90
C ILE A 151 -5.34 10.37 -0.51
N LYS A 152 -5.10 11.64 -0.66
CA LYS A 152 -6.12 12.66 -0.31
C LYS A 152 -7.38 12.45 -1.16
N TYR A 153 -7.21 12.10 -2.40
CA TYR A 153 -8.40 11.88 -3.27
C TYR A 153 -9.29 10.82 -2.65
N CYS A 154 -8.72 9.75 -2.17
CA CYS A 154 -9.54 8.69 -1.54
C CYS A 154 -10.18 9.24 -0.27
N LYS A 155 -9.43 9.99 0.48
CA LYS A 155 -9.98 10.58 1.73
C LYS A 155 -11.19 11.45 1.41
N ILE A 156 -11.10 12.24 0.40
CA ILE A 156 -12.25 13.12 0.02
C ILE A 156 -13.40 12.29 -0.53
N TYR A 157 -13.14 11.43 -1.46
CA TYR A 157 -14.22 10.60 -2.06
C TYR A 157 -14.77 9.63 -1.01
N LEU A 158 -13.93 9.11 -0.16
CA LEU A 158 -14.43 8.16 0.87
C LEU A 158 -15.47 8.88 1.73
N SER A 159 -15.24 10.13 2.00
CA SER A 159 -16.21 10.90 2.82
C SER A 159 -17.51 11.07 2.05
N LYS A 160 -17.43 11.28 0.76
CA LYS A 160 -18.66 11.47 -0.05
C LYS A 160 -19.53 10.21 0.06
N LEU A 161 -18.93 9.06 0.06
CA LEU A 161 -19.73 7.82 0.17
C LEU A 161 -20.49 7.86 1.51
N ALA A 162 -19.89 8.43 2.51
CA ALA A 162 -20.57 8.53 3.82
C ALA A 162 -21.82 9.40 3.69
N LYS A 163 -21.80 10.36 2.80
CA LYS A 163 -22.99 11.22 2.63
C LYS A 163 -24.01 10.51 1.73
N GLY A 164 -23.60 9.46 1.09
CA GLY A 164 -24.53 8.74 0.18
C GLY A 164 -24.59 9.46 -1.16
N GLU A 165 -23.68 10.37 -1.38
CA GLU A 165 -23.67 11.12 -2.66
C GLU A 165 -23.14 10.24 -3.79
N ILE A 166 -22.30 9.30 -3.49
CA ILE A 166 -21.77 8.41 -4.55
C ILE A 166 -22.48 7.06 -4.47
N GLY A 167 -22.98 6.57 -5.58
CA GLY A 167 -23.70 5.27 -5.58
C GLY A 167 -24.51 5.12 -6.87
N ILE B 1 15.69 -11.66 -14.63
CA ILE B 1 15.35 -12.58 -15.76
C ILE B 1 13.86 -12.90 -15.72
N ASN B 2 13.51 -14.07 -15.27
CA ASN B 2 12.08 -14.42 -15.20
C ASN B 2 11.47 -13.71 -14.00
N ILE B 3 12.14 -12.69 -13.54
CA ILE B 3 11.62 -11.92 -12.38
C ILE B 3 10.33 -11.23 -12.79
N ASP B 4 10.31 -10.70 -13.98
CA ASP B 4 9.07 -10.01 -14.44
C ASP B 4 7.96 -11.04 -14.64
N LYS B 5 8.31 -12.17 -15.19
CA LYS B 5 7.28 -13.23 -15.41
C LYS B 5 6.87 -13.81 -14.05
N LEU B 6 7.82 -14.11 -13.22
CA LEU B 6 7.50 -14.67 -11.88
C LEU B 6 6.73 -13.63 -11.09
N GLN B 7 7.18 -12.41 -11.14
CA GLN B 7 6.48 -11.32 -10.41
C GLN B 7 5.08 -11.09 -10.98
N ASP B 8 4.95 -11.11 -12.28
CA ASP B 8 3.61 -10.91 -12.90
C ASP B 8 3.67 -11.25 -14.39
N MET B 9 2.53 -11.39 -15.01
CA MET B 9 2.50 -11.73 -16.47
C MET B 9 3.18 -10.61 -17.28
N GLN B 10 3.10 -9.39 -16.82
CA GLN B 10 3.74 -8.28 -17.59
C GLN B 10 5.24 -8.51 -17.70
N ASP B 11 5.75 -8.49 -18.90
CA ASP B 11 7.22 -8.71 -19.12
C ASP B 11 8.03 -7.55 -18.54
N GLU B 12 7.54 -6.34 -18.65
CA GLU B 12 8.31 -5.17 -18.13
C GLU B 12 7.59 -4.54 -16.93
N MET B 13 8.31 -4.21 -15.90
CA MET B 13 7.68 -3.59 -14.70
C MET B 13 7.08 -2.23 -15.09
N LEU B 14 7.75 -1.52 -15.94
CA LEU B 14 7.23 -0.20 -16.38
C LEU B 14 5.87 -0.38 -17.02
N ASP B 15 5.65 -1.48 -17.67
CA ASP B 15 4.33 -1.71 -18.32
C ASP B 15 3.24 -1.66 -17.25
N LEU B 16 3.53 -2.14 -16.07
CA LEU B 16 2.51 -2.09 -14.98
C LEU B 16 2.19 -0.62 -14.70
N ILE B 17 3.19 0.22 -14.77
CA ILE B 17 2.94 1.67 -14.51
C ILE B 17 2.10 2.23 -15.66
N GLU B 18 2.23 1.69 -16.85
CA GLU B 18 1.41 2.21 -17.97
C GLU B 18 -0.06 2.06 -17.58
N GLN B 19 -0.38 0.99 -16.89
CA GLN B 19 -1.78 0.81 -16.43
C GLN B 19 -2.11 2.00 -15.55
N GLY B 20 -1.15 2.46 -14.79
CA GLY B 20 -1.39 3.64 -13.93
C GLY B 20 -1.77 4.82 -14.81
N ASP B 21 -1.21 4.88 -16.00
CA ASP B 21 -1.57 6.00 -16.91
C ASP B 21 -3.08 5.97 -17.11
N GLU B 22 -3.64 4.79 -17.19
CA GLU B 22 -5.11 4.67 -17.37
C GLU B 22 -5.80 5.36 -16.19
N LEU B 23 -5.21 5.29 -15.03
CA LEU B 23 -5.82 5.96 -13.84
C LEU B 23 -6.04 7.43 -14.19
N GLN B 24 -5.06 8.05 -14.77
CA GLN B 24 -5.21 9.48 -15.15
C GLN B 24 -6.39 9.63 -16.11
N GLU B 25 -6.52 8.71 -17.02
CA GLU B 25 -7.65 8.79 -18.00
C GLU B 25 -8.98 8.75 -17.26
N VAL B 26 -9.09 7.95 -16.24
CA VAL B 26 -10.37 7.85 -15.50
C VAL B 26 -10.68 9.18 -14.81
N LEU B 27 -9.75 9.71 -14.08
CA LEU B 27 -10.00 11.00 -13.39
C LEU B 27 -10.17 12.11 -14.44
N ALA B 28 -9.47 12.00 -15.53
CA ALA B 28 -9.59 13.05 -16.58
C ALA B 28 -11.04 13.10 -17.08
N MET B 29 -11.66 11.97 -17.30
CA MET B 29 -13.07 11.99 -17.77
C MET B 29 -13.96 12.57 -16.68
N ASN B 30 -13.70 12.23 -15.45
CA ASN B 30 -14.54 12.76 -14.34
C ASN B 30 -14.44 14.28 -14.32
N ASN B 31 -13.28 14.82 -14.56
CA ASN B 31 -13.11 16.30 -14.57
C ASN B 31 -11.63 16.63 -14.65
N ASN B 32 -11.15 17.04 -15.80
CA ASN B 32 -9.71 17.39 -15.90
C ASN B 32 -9.38 18.49 -14.91
N SER B 33 -10.31 19.39 -14.69
CA SER B 33 -10.08 20.48 -13.71
C SER B 33 -10.43 19.98 -12.31
N GLY B 34 -10.77 18.72 -12.20
CA GLY B 34 -11.14 18.16 -10.87
C GLY B 34 -9.99 18.39 -9.88
N GLU B 35 -10.07 19.41 -9.08
CA GLU B 35 -9.00 19.70 -8.10
C GLU B 35 -9.57 19.62 -6.68
N LEU B 36 -8.76 19.29 -5.71
CA LEU B 36 -9.28 19.20 -4.32
C LEU B 36 -9.94 20.53 -3.94
N ASP B 37 -9.43 21.62 -4.46
CA ASP B 37 -10.02 22.94 -4.13
C ASP B 37 -11.49 22.95 -4.57
N ASP B 38 -11.81 22.26 -5.62
CA ASP B 38 -13.22 22.23 -6.10
C ASP B 38 -14.06 21.34 -5.18
N ILE B 39 -13.43 20.40 -4.51
CA ILE B 39 -14.18 19.48 -3.61
C ILE B 39 -13.94 19.93 -2.17
N SER B 40 -14.99 20.06 -1.39
CA SER B 40 -14.84 20.52 0.03
C SER B 40 -13.92 19.57 0.79
N ASP B 41 -12.65 19.61 0.52
CA ASP B 41 -11.69 18.72 1.24
C ASP B 41 -11.65 19.05 2.74
N ALA B 42 -11.74 20.30 3.08
CA ALA B 42 -11.66 20.69 4.53
C ALA B 42 -12.81 20.11 5.34
N GLU B 43 -14.03 20.25 4.90
CA GLU B 43 -15.18 19.70 5.69
C GLU B 43 -15.17 18.17 5.59
N LEU B 44 -14.94 17.67 4.42
CA LEU B 44 -14.93 16.20 4.23
C LEU B 44 -13.83 15.56 5.07
N ASP B 45 -12.70 16.19 5.15
CA ASP B 45 -11.58 15.59 5.94
C ASP B 45 -11.99 15.44 7.40
N ALA B 46 -12.64 16.43 7.95
CA ALA B 46 -13.06 16.33 9.38
C ALA B 46 -14.15 15.25 9.53
N GLU B 47 -15.06 15.19 8.61
CA GLU B 47 -16.15 14.18 8.69
C GLU B 47 -15.56 12.77 8.54
N LEU B 48 -14.59 12.60 7.68
CA LEU B 48 -14.03 11.25 7.49
C LEU B 48 -13.30 10.79 8.76
N ASP B 49 -12.65 11.68 9.45
CA ASP B 49 -11.91 11.26 10.66
C ASP B 49 -12.92 10.70 11.67
N ALA B 50 -14.08 11.29 11.77
CA ALA B 50 -15.09 10.75 12.71
C ALA B 50 -15.64 9.44 12.13
N LEU B 51 -15.88 9.43 10.85
CA LEU B 51 -16.41 8.20 10.20
C LEU B 51 -15.37 7.08 10.26
N ALA B 52 -14.11 7.40 10.10
CA ALA B 52 -13.06 6.35 10.13
C ALA B 52 -13.14 5.61 11.48
N GLN B 53 -13.35 6.32 12.55
CA GLN B 53 -13.44 5.66 13.87
C GLN B 53 -14.61 4.68 13.87
N GLU B 54 -15.68 5.04 13.21
CA GLU B 54 -16.87 4.14 13.16
C GLU B 54 -16.53 2.86 12.39
N ASP B 55 -15.89 2.99 11.27
CA ASP B 55 -15.54 1.80 10.44
C ASP B 55 -14.36 1.06 11.07
N PHE B 56 -13.43 1.78 11.63
CA PHE B 56 -12.24 1.12 12.24
C PHE B 56 -12.62 0.56 13.61
N THR B 57 -11.73 -0.19 14.22
CA THR B 57 -12.03 -0.77 15.55
C THR B 57 -11.18 -0.06 16.60
N LEU B 58 -11.81 0.59 17.54
CA LEU B 58 -11.03 1.30 18.59
C LEU B 58 -10.82 0.35 19.77
N PRO B 59 -9.66 0.36 20.38
CA PRO B 59 -9.36 -0.52 21.54
C PRO B 59 -10.09 -0.08 22.81
N MET A 1 -1.41 6.90 13.47
CA MET A 1 -1.36 6.59 14.93
C MET A 1 -0.78 5.19 15.13
N ALA A 2 -0.48 4.83 16.35
CA ALA A 2 0.09 3.49 16.61
C ALA A 2 -0.92 2.41 16.17
N SER A 3 -2.18 2.67 16.35
CA SER A 3 -3.21 1.67 15.94
C SER A 3 -3.09 1.40 14.44
N ASN A 4 -2.76 2.40 13.67
CA ASN A 4 -2.62 2.20 12.20
C ASN A 4 -1.55 1.15 11.93
N ALA A 5 -0.49 1.17 12.70
CA ALA A 5 0.60 0.16 12.48
C ALA A 5 0.05 -1.24 12.72
N ALA A 6 -0.78 -1.41 13.71
CA ALA A 6 -1.35 -2.76 14.00
C ALA A 6 -2.21 -3.21 12.81
N ARG A 7 -3.01 -2.34 12.26
CA ARG A 7 -3.87 -2.73 11.11
C ARG A 7 -2.99 -3.20 9.97
N VAL A 8 -1.92 -2.50 9.73
CA VAL A 8 -1.00 -2.88 8.62
C VAL A 8 -0.46 -4.29 8.88
N VAL A 9 -0.13 -4.59 10.11
CA VAL A 9 0.41 -5.94 10.42
C VAL A 9 -0.65 -6.99 10.08
N ALA A 10 -1.87 -6.78 10.51
CA ALA A 10 -2.95 -7.76 10.20
C ALA A 10 -3.22 -7.72 8.70
N THR A 11 -3.26 -6.54 8.14
CA THR A 11 -3.51 -6.43 6.68
C THR A 11 -2.39 -7.14 5.93
N ALA A 12 -1.18 -7.02 6.41
CA ALA A 12 -0.04 -7.68 5.73
C ALA A 12 -0.29 -9.20 5.72
N LYS A 13 -0.81 -9.73 6.79
CA LYS A 13 -1.08 -11.19 6.84
C LYS A 13 -2.09 -11.55 5.76
N ASP A 14 -2.99 -10.67 5.45
CA ASP A 14 -4.02 -10.96 4.41
C ASP A 14 -3.33 -11.23 3.07
N PHE A 15 -2.33 -10.46 2.74
CA PHE A 15 -1.61 -10.67 1.45
C PHE A 15 -0.92 -12.03 1.45
N ASP A 16 -0.36 -12.44 2.55
CA ASP A 16 0.31 -13.77 2.58
C ASP A 16 -0.71 -14.86 2.28
N LYS A 17 -1.90 -14.71 2.80
CA LYS A 17 -2.96 -15.73 2.56
C LYS A 17 -3.28 -15.81 1.06
N VAL A 18 -3.18 -14.71 0.36
CA VAL A 18 -3.50 -14.73 -1.09
C VAL A 18 -2.25 -15.11 -1.91
N GLY A 19 -1.15 -15.35 -1.25
CA GLY A 19 0.09 -15.73 -1.97
C GLY A 19 0.96 -14.50 -2.26
N LEU A 20 0.56 -13.36 -1.77
CA LEU A 20 1.38 -12.13 -2.01
C LEU A 20 2.25 -11.86 -0.77
N GLY A 21 2.87 -12.88 -0.25
CA GLY A 21 3.73 -12.70 0.95
C GLY A 21 4.76 -11.61 0.70
N ILE A 22 5.24 -11.48 -0.50
CA ILE A 22 6.25 -10.41 -0.78
C ILE A 22 5.66 -9.05 -0.40
N ILE A 23 4.43 -8.81 -0.74
CA ILE A 23 3.81 -7.51 -0.39
C ILE A 23 3.70 -7.42 1.14
N GLY A 24 3.19 -8.45 1.76
CA GLY A 24 3.07 -8.46 3.24
C GLY A 24 4.47 -8.34 3.86
N TYR A 25 5.46 -8.88 3.22
CA TYR A 25 6.84 -8.80 3.77
C TYR A 25 7.25 -7.34 3.94
N TYR A 26 7.04 -6.54 2.94
CA TYR A 26 7.40 -5.11 3.06
C TYR A 26 6.49 -4.43 4.09
N LEU A 27 5.25 -4.84 4.17
CA LEU A 27 4.33 -4.21 5.17
C LEU A 27 4.81 -4.52 6.58
N GLN A 28 5.26 -5.72 6.84
CA GLN A 28 5.75 -6.05 8.21
C GLN A 28 6.92 -5.13 8.54
N LEU A 29 7.77 -4.88 7.59
CA LEU A 29 8.93 -3.98 7.84
C LEU A 29 8.41 -2.58 8.16
N TYR A 30 7.37 -2.17 7.47
CA TYR A 30 6.78 -0.82 7.72
C TYR A 30 6.20 -0.75 9.14
N ALA A 31 5.51 -1.77 9.56
CA ALA A 31 4.91 -1.76 10.93
C ALA A 31 6.02 -1.72 11.99
N VAL A 32 7.10 -2.42 11.76
CA VAL A 32 8.20 -2.42 12.77
C VAL A 32 8.74 -1.01 12.98
N GLU A 33 9.00 -0.31 11.92
CA GLU A 33 9.55 1.07 12.06
C GLU A 33 8.52 1.96 12.75
N LEU A 34 7.26 1.72 12.53
CA LEU A 34 6.21 2.56 13.17
C LEU A 34 6.32 2.47 14.69
N ILE A 35 6.45 1.28 15.21
CA ILE A 35 6.56 1.13 16.69
C ILE A 35 7.84 1.79 17.17
N LEU A 36 8.93 1.55 16.50
CA LEU A 36 10.22 2.18 16.91
C LEU A 36 10.13 3.69 16.74
N SER A 37 9.46 4.13 15.71
CA SER A 37 9.33 5.59 15.48
C SER A 37 8.45 6.17 16.58
N GLU A 38 7.78 5.33 17.30
CA GLU A 38 6.90 5.82 18.39
C GLU A 38 7.70 5.94 19.68
N GLU A 39 7.74 7.10 20.26
CA GLU A 39 8.51 7.28 21.53
C GLU A 39 7.86 6.48 22.65
N ASP A 40 6.56 6.41 22.66
CA ASP A 40 5.86 5.65 23.74
C ASP A 40 5.78 4.16 23.36
N ARG A 41 6.25 3.31 24.23
CA ARG A 41 6.20 1.84 23.93
C ARG A 41 5.79 1.08 25.18
N SER A 42 5.02 0.05 25.02
CA SER A 42 4.59 -0.77 26.18
C SER A 42 5.21 -2.15 26.04
N GLN A 43 5.32 -2.89 27.11
CA GLN A 43 5.92 -4.24 27.00
C GLN A 43 5.19 -5.01 25.89
N GLU A 44 3.91 -4.78 25.76
CA GLU A 44 3.14 -5.49 24.71
C GLU A 44 3.54 -4.96 23.33
N MET A 45 3.69 -3.66 23.18
CA MET A 45 4.08 -3.12 21.85
C MET A 45 5.53 -3.49 21.54
N THR A 46 6.39 -3.43 22.51
CA THR A 46 7.82 -3.79 22.26
C THR A 46 7.91 -5.24 21.81
N ALA A 47 7.17 -6.11 22.43
CA ALA A 47 7.21 -7.56 22.05
C ALA A 47 6.61 -7.73 20.66
N LEU A 48 5.62 -6.95 20.32
CA LEU A 48 5.00 -7.09 18.97
C LEU A 48 6.04 -6.79 17.88
N ALA A 49 6.85 -5.81 18.09
CA ALA A 49 7.88 -5.47 17.06
C ALA A 49 8.89 -6.62 16.97
N THR A 50 9.28 -7.18 18.09
CA THR A 50 10.26 -8.29 18.07
C THR A 50 9.71 -9.48 17.28
N GLU A 51 8.48 -9.83 17.51
CA GLU A 51 7.89 -10.99 16.77
C GLU A 51 7.97 -10.74 15.26
N LEU A 52 7.77 -9.52 14.85
CA LEU A 52 7.83 -9.22 13.39
C LEU A 52 9.25 -9.47 12.87
N LEU A 53 10.25 -9.13 13.65
CA LEU A 53 11.65 -9.35 13.19
C LEU A 53 11.86 -10.83 12.89
N ASP A 54 11.30 -11.69 13.70
CA ASP A 54 11.46 -13.15 13.46
C ASP A 54 10.83 -13.51 12.12
N THR A 55 9.66 -12.99 11.84
CA THR A 55 9.00 -13.30 10.54
C THR A 55 9.81 -12.71 9.39
N ILE A 56 10.21 -11.47 9.52
CA ILE A 56 10.99 -10.83 8.44
C ILE A 56 12.30 -11.59 8.22
N GLU A 57 13.01 -11.87 9.27
CA GLU A 57 14.29 -12.63 9.12
C GLU A 57 13.97 -14.02 8.58
N ALA A 58 12.90 -14.61 9.03
CA ALA A 58 12.54 -15.96 8.53
C ALA A 58 12.11 -15.85 7.08
N PHE A 59 11.34 -14.83 6.76
CA PHE A 59 10.90 -14.66 5.35
C PHE A 59 12.10 -14.37 4.46
N LYS A 60 12.94 -13.46 4.86
CA LYS A 60 14.13 -13.14 4.05
C LYS A 60 15.06 -14.35 4.00
N LYS A 61 15.21 -15.03 5.11
CA LYS A 61 16.07 -16.24 5.13
C LYS A 61 15.47 -17.28 4.19
N GLU A 62 14.17 -17.31 4.12
CA GLU A 62 13.48 -18.29 3.22
C GLU A 62 13.96 -18.08 1.79
N ILE A 63 14.32 -16.87 1.45
CA ILE A 63 14.78 -16.57 0.07
C ILE A 63 16.18 -15.92 0.11
N GLY A 64 16.77 -15.82 1.27
CA GLY A 64 18.13 -15.20 1.36
C GLY A 64 19.04 -15.80 0.30
N GLY A 65 18.91 -17.08 0.04
CA GLY A 65 19.77 -17.73 -0.99
C GLY A 65 21.02 -18.33 -0.35
N GLU A 66 21.13 -18.30 0.94
CA GLU A 66 22.33 -18.90 1.59
C GLU A 66 22.36 -20.40 1.27
N SER A 67 21.23 -21.01 1.21
CA SER A 67 21.16 -22.46 0.89
C SER A 67 19.94 -22.70 0.00
N GLU A 68 18.94 -21.88 0.15
CA GLU A 68 17.72 -22.03 -0.70
C GLU A 68 18.12 -21.80 -2.15
N ALA A 69 19.11 -20.96 -2.37
CA ALA A 69 19.54 -20.69 -3.77
C ALA A 69 20.08 -21.98 -4.38
N GLU A 70 20.84 -22.74 -3.63
CA GLU A 70 21.38 -24.00 -4.19
C GLU A 70 20.25 -24.76 -4.88
N ASP A 71 19.09 -24.74 -4.31
CA ASP A 71 17.94 -25.45 -4.96
C ASP A 71 17.68 -24.83 -6.34
N SER A 72 17.79 -23.53 -6.43
CA SER A 72 17.56 -22.86 -7.74
C SER A 72 18.68 -21.85 -8.01
N ASP A 73 18.82 -20.87 -7.16
CA ASP A 73 19.87 -19.83 -7.34
C ASP A 73 19.64 -19.08 -8.65
N LYS A 74 18.79 -19.57 -9.49
CA LYS A 74 18.54 -18.86 -10.77
C LYS A 74 17.31 -17.96 -10.60
N SER A 75 16.14 -18.53 -10.68
CA SER A 75 14.90 -17.72 -10.52
C SER A 75 14.78 -17.22 -9.08
N LEU A 76 15.19 -18.00 -8.12
CA LEU A 76 15.08 -17.55 -6.70
C LEU A 76 16.04 -16.40 -6.45
N HIS A 77 17.20 -16.43 -7.05
CA HIS A 77 18.18 -15.33 -6.83
C HIS A 77 17.56 -14.02 -7.31
N VAL A 78 16.95 -14.02 -8.46
CA VAL A 78 16.32 -12.77 -8.95
C VAL A 78 15.19 -12.38 -8.00
N MET A 79 14.40 -13.33 -7.60
CA MET A 79 13.28 -13.02 -6.65
C MET A 79 13.89 -12.42 -5.40
N ASN A 80 15.02 -12.93 -4.99
CA ASN A 80 15.68 -12.39 -3.78
C ASN A 80 16.02 -10.93 -4.06
N THR A 81 16.30 -10.60 -5.30
CA THR A 81 16.62 -9.18 -5.65
C THR A 81 15.44 -8.32 -5.23
N LEU A 82 14.24 -8.83 -5.39
CA LEU A 82 13.04 -8.06 -4.99
C LEU A 82 13.13 -7.73 -3.50
N ILE A 83 13.57 -8.68 -2.72
CA ILE A 83 13.69 -8.42 -1.25
C ILE A 83 14.97 -7.64 -0.94
N HIS A 84 16.07 -8.02 -1.53
CA HIS A 84 17.36 -7.33 -1.26
C HIS A 84 17.37 -5.91 -1.84
N ASP A 85 17.05 -5.78 -3.09
CA ASP A 85 17.08 -4.41 -3.72
C ASP A 85 15.83 -3.63 -3.32
N GLN A 86 15.96 -2.75 -2.37
CA GLN A 86 14.80 -1.94 -1.93
C GLN A 86 14.35 -1.03 -3.08
N GLU A 87 15.27 -0.52 -3.85
CA GLU A 87 14.89 0.37 -4.98
C GLU A 87 14.09 -0.41 -6.02
N LYS A 88 14.55 -1.56 -6.40
CA LYS A 88 13.81 -2.36 -7.41
C LYS A 88 12.46 -2.77 -6.82
N ALA A 89 12.45 -3.16 -5.58
CA ALA A 89 11.17 -3.56 -4.94
C ALA A 89 10.24 -2.35 -4.90
N LYS A 90 10.79 -1.18 -4.65
CA LYS A 90 9.96 0.05 -4.59
C LYS A 90 9.11 0.16 -5.86
N ILE A 91 9.71 -0.04 -7.00
CA ILE A 91 8.92 0.06 -8.26
C ILE A 91 7.79 -0.97 -8.25
N TYR A 92 8.09 -2.18 -7.88
CA TYR A 92 7.02 -3.21 -7.84
C TYR A 92 5.99 -2.83 -6.79
N MET A 93 6.43 -2.40 -5.64
CA MET A 93 5.46 -1.99 -4.58
C MET A 93 4.65 -0.81 -5.10
N LEU A 94 5.30 0.13 -5.73
CA LEU A 94 4.56 1.29 -6.28
C LEU A 94 3.61 0.80 -7.37
N ASN A 95 4.10 -0.06 -8.22
CA ASN A 95 3.24 -0.60 -9.30
C ASN A 95 2.08 -1.38 -8.67
N PHE A 96 2.37 -2.14 -7.66
CA PHE A 96 1.30 -2.93 -7.00
C PHE A 96 0.32 -1.96 -6.35
N THR A 97 0.81 -1.02 -5.59
CA THR A 97 -0.09 -0.04 -4.92
C THR A 97 -0.81 0.77 -5.98
N MET A 98 -0.10 1.21 -7.00
CA MET A 98 -0.74 2.00 -8.07
C MET A 98 -1.79 1.15 -8.79
N SER A 99 -1.54 -0.12 -8.96
CA SER A 99 -2.53 -0.99 -9.65
C SER A 99 -3.81 -1.03 -8.82
N LEU A 100 -3.70 -1.21 -7.54
CA LEU A 100 -4.91 -1.24 -6.68
C LEU A 100 -5.54 0.14 -6.68
N TYR A 101 -4.74 1.16 -6.60
CA TYR A 101 -5.26 2.55 -6.59
C TYR A 101 -6.02 2.81 -7.90
N ASN A 102 -5.48 2.36 -9.00
CA ASN A 102 -6.17 2.57 -10.31
C ASN A 102 -7.52 1.85 -10.31
N GLU A 103 -7.58 0.68 -9.76
CA GLU A 103 -8.88 -0.06 -9.73
C GLU A 103 -9.89 0.70 -8.88
N LYS A 104 -9.46 1.24 -7.78
CA LYS A 104 -10.41 1.99 -6.91
C LYS A 104 -10.94 3.21 -7.66
N LEU A 105 -10.08 3.94 -8.31
CA LEU A 105 -10.54 5.13 -9.08
C LEU A 105 -11.36 4.65 -10.27
N LYS A 106 -10.98 3.54 -10.84
CA LYS A 106 -11.74 3.02 -12.02
C LYS A 106 -13.19 2.76 -11.60
N GLN A 107 -13.38 2.18 -10.45
CA GLN A 107 -14.78 1.94 -9.98
C GLN A 107 -15.47 3.29 -9.79
N LEU A 108 -14.74 4.27 -9.34
CA LEU A 108 -15.33 5.63 -9.14
C LEU A 108 -15.84 6.14 -10.48
N LYS A 109 -15.19 5.77 -11.55
CA LYS A 109 -15.61 6.25 -12.89
C LYS A 109 -17.05 5.84 -13.17
N ASP A 110 -17.43 4.64 -12.81
CA ASP A 110 -18.83 4.18 -13.06
C ASP A 110 -19.09 2.85 -12.37
N GLY A 111 -18.06 2.09 -12.08
CA GLY A 111 -18.27 0.77 -11.41
C GLY A 111 -19.16 0.96 -10.18
N PRO A 112 -19.81 -0.10 -9.75
CA PRO A 112 -20.71 -0.07 -8.56
C PRO A 112 -19.98 0.34 -7.28
N TRP A 113 -20.63 1.10 -6.44
CA TRP A 113 -19.99 1.53 -5.17
C TRP A 113 -20.61 0.74 -4.01
N ASP A 114 -19.81 0.25 -3.11
CA ASP A 114 -20.37 -0.54 -1.97
C ASP A 114 -19.46 -0.43 -0.74
N VAL A 115 -19.89 -1.00 0.35
CA VAL A 115 -19.07 -0.95 1.59
C VAL A 115 -17.67 -1.52 1.29
N MET A 116 -17.60 -2.58 0.53
CA MET A 116 -16.26 -3.15 0.22
C MET A 116 -15.42 -2.07 -0.44
N LEU A 117 -16.01 -1.29 -1.29
CA LEU A 117 -15.23 -0.20 -1.93
C LEU A 117 -14.74 0.73 -0.82
N LYS A 118 -15.58 0.98 0.15
CA LYS A 118 -15.17 1.86 1.29
C LYS A 118 -14.01 1.22 2.03
N ARG A 119 -14.13 -0.04 2.36
CA ARG A 119 -13.04 -0.74 3.09
C ARG A 119 -11.83 -0.91 2.17
N SER A 120 -12.05 -1.22 0.93
CA SER A 120 -10.92 -1.41 -0.03
C SER A 120 -10.13 -0.10 -0.13
N LEU A 121 -10.80 1.01 -0.15
CA LEU A 121 -10.07 2.30 -0.24
C LEU A 121 -9.18 2.48 0.98
N TRP A 122 -9.67 2.13 2.13
CA TRP A 122 -8.84 2.26 3.37
C TRP A 122 -7.60 1.38 3.24
N CYS A 123 -7.74 0.24 2.63
CA CYS A 123 -6.56 -0.66 2.47
C CYS A 123 -5.53 -0.02 1.56
N CYS A 124 -5.97 0.59 0.49
CA CYS A 124 -5.01 1.24 -0.45
C CYS A 124 -4.27 2.37 0.27
N ILE A 125 -4.95 3.10 1.10
CA ILE A 125 -4.28 4.22 1.82
C ILE A 125 -3.11 3.68 2.65
N ASP A 126 -3.28 2.57 3.29
CA ASP A 126 -2.17 2.00 4.12
C ASP A 126 -0.99 1.67 3.22
N LEU A 127 -1.24 1.13 2.05
CA LEU A 127 -0.13 0.77 1.14
C LEU A 127 0.63 2.04 0.71
N PHE A 128 -0.06 3.12 0.47
CA PHE A 128 0.63 4.37 0.05
C PHE A 128 1.55 4.88 1.15
N SER A 129 1.09 4.86 2.37
CA SER A 129 1.95 5.37 3.49
C SER A 129 3.17 4.47 3.66
N CYS A 130 3.04 3.21 3.38
CA CYS A 130 4.20 2.30 3.53
C CYS A 130 5.26 2.61 2.46
N ILE A 131 4.83 2.87 1.26
CA ILE A 131 5.81 3.17 0.18
C ILE A 131 6.64 4.39 0.55
N LEU A 132 6.03 5.43 1.06
CA LEU A 132 6.80 6.64 1.42
C LEU A 132 7.69 6.35 2.63
N HIS A 133 7.15 5.72 3.63
CA HIS A 133 7.95 5.42 4.86
C HIS A 133 9.06 4.41 4.55
N LEU A 134 8.75 3.36 3.85
CA LEU A 134 9.79 2.33 3.54
C LEU A 134 10.93 2.92 2.71
N TRP A 135 10.68 3.89 1.88
CA TRP A 135 11.79 4.45 1.05
C TRP A 135 11.73 5.98 0.99
N LYS A 136 11.74 6.64 2.11
CA LYS A 136 11.70 8.14 2.08
C LYS A 136 12.95 8.66 1.37
N GLU A 137 14.07 8.03 1.60
CA GLU A 137 15.35 8.48 0.96
C GLU A 137 15.33 8.27 -0.55
N ASN A 138 14.61 7.30 -1.03
CA ASN A 138 14.61 7.04 -2.50
C ASN A 138 13.47 7.82 -3.18
N ILE A 139 12.70 8.56 -2.42
CA ILE A 139 11.58 9.34 -3.04
C ILE A 139 11.82 10.82 -2.80
N SER A 140 11.81 11.61 -3.84
CA SER A 140 12.02 13.07 -3.67
C SER A 140 10.81 13.70 -2.98
N GLU A 141 10.98 14.86 -2.39
CA GLU A 141 9.83 15.51 -1.70
C GLU A 141 8.75 15.85 -2.73
N THR A 142 9.14 16.27 -3.90
CA THR A 142 8.13 16.62 -4.94
C THR A 142 7.37 15.36 -5.33
N SER A 143 8.07 14.28 -5.56
CA SER A 143 7.38 13.02 -5.95
C SER A 143 6.47 12.55 -4.81
N THR A 144 6.91 12.71 -3.60
CA THR A 144 6.08 12.29 -2.44
C THR A 144 4.77 13.09 -2.43
N ASN A 145 4.85 14.36 -2.74
CA ASN A 145 3.62 15.20 -2.75
C ASN A 145 2.58 14.60 -3.71
N SER A 146 3.02 14.14 -4.85
CA SER A 146 2.06 13.54 -5.82
C SER A 146 1.39 12.32 -5.19
N LEU A 147 2.15 11.52 -4.48
CA LEU A 147 1.56 10.32 -3.83
C LEU A 147 0.57 10.75 -2.76
N GLN A 148 0.91 11.75 -2.00
CA GLN A 148 -0.02 12.22 -0.93
C GLN A 148 -1.34 12.67 -1.55
N LYS A 149 -1.28 13.28 -2.70
CA LYS A 149 -2.53 13.74 -3.36
C LYS A 149 -3.40 12.52 -3.67
N ARG A 150 -2.80 11.45 -4.12
CA ARG A 150 -3.59 10.23 -4.43
C ARG A 150 -4.29 9.74 -3.17
N ILE A 151 -3.59 9.76 -2.05
CA ILE A 151 -4.22 9.32 -0.78
C ILE A 151 -5.33 10.31 -0.40
N LYS A 152 -5.06 11.57 -0.54
CA LYS A 152 -6.07 12.61 -0.20
C LYS A 152 -7.31 12.42 -1.07
N TYR A 153 -7.13 12.12 -2.32
CA TYR A 153 -8.30 11.93 -3.22
C TYR A 153 -9.20 10.84 -2.63
N CYS A 154 -8.62 9.76 -2.18
CA CYS A 154 -9.43 8.67 -1.58
C CYS A 154 -10.08 9.18 -0.30
N LYS A 155 -9.34 9.91 0.49
CA LYS A 155 -9.91 10.44 1.76
C LYS A 155 -11.13 11.32 1.44
N ILE A 156 -11.03 12.15 0.45
CA ILE A 156 -12.19 13.02 0.10
C ILE A 156 -13.32 12.20 -0.49
N TYR A 157 -13.01 11.38 -1.47
CA TYR A 157 -14.07 10.56 -2.10
C TYR A 157 -14.61 9.52 -1.11
N LEU A 158 -13.77 9.00 -0.27
CA LEU A 158 -14.25 7.99 0.69
C LEU A 158 -15.33 8.62 1.57
N SER A 159 -15.16 9.86 1.94
CA SER A 159 -16.19 10.53 2.77
C SER A 159 -17.48 10.68 1.96
N LYS A 160 -17.36 11.05 0.71
CA LYS A 160 -18.56 11.24 -0.15
C LYS A 160 -19.31 9.91 -0.26
N LEU A 161 -18.59 8.82 -0.36
CA LEU A 161 -19.26 7.49 -0.49
C LEU A 161 -20.07 7.19 0.78
N ALA A 162 -19.50 7.48 1.92
CA ALA A 162 -20.22 7.21 3.20
C ALA A 162 -21.38 8.20 3.36
N LYS A 163 -21.27 9.34 2.73
CA LYS A 163 -22.36 10.35 2.86
C LYS A 163 -23.47 10.05 1.86
N GLY A 164 -23.30 9.04 1.05
CA GLY A 164 -24.35 8.68 0.06
C GLY A 164 -24.32 9.66 -1.12
N GLU A 165 -23.28 10.45 -1.22
CA GLU A 165 -23.20 11.42 -2.34
C GLU A 165 -22.84 10.68 -3.63
N ILE A 166 -22.13 9.59 -3.54
CA ILE A 166 -21.75 8.83 -4.78
C ILE A 166 -22.58 7.54 -4.85
N GLY A 167 -23.13 7.24 -5.99
CA GLY A 167 -23.93 6.00 -6.13
C GLY A 167 -25.00 6.20 -7.20
N ILE B 1 15.51 -11.53 -14.67
CA ILE B 1 15.08 -12.32 -15.86
C ILE B 1 13.57 -12.55 -15.79
N ASN B 2 13.16 -13.73 -15.46
CA ASN B 2 11.71 -14.00 -15.36
C ASN B 2 11.21 -13.36 -14.08
N ILE B 3 11.96 -12.41 -13.57
CA ILE B 3 11.54 -11.72 -12.33
C ILE B 3 10.27 -10.94 -12.60
N ASP B 4 10.21 -10.29 -13.73
CA ASP B 4 8.98 -9.52 -14.07
C ASP B 4 7.85 -10.50 -14.39
N LYS B 5 8.17 -11.53 -15.13
CA LYS B 5 7.14 -12.54 -15.49
C LYS B 5 6.70 -13.28 -14.23
N LEU B 6 7.65 -13.67 -13.42
CA LEU B 6 7.32 -14.40 -12.16
C LEU B 6 6.53 -13.49 -11.24
N GLN B 7 6.97 -12.28 -11.09
CA GLN B 7 6.26 -11.32 -10.19
C GLN B 7 4.87 -11.02 -10.76
N ASP B 8 4.77 -10.83 -12.05
CA ASP B 8 3.44 -10.52 -12.66
C ASP B 8 3.30 -11.27 -13.99
N MET B 9 2.10 -11.49 -14.43
CA MET B 9 1.89 -12.19 -15.73
C MET B 9 2.53 -11.37 -16.85
N GLN B 10 2.50 -10.08 -16.74
CA GLN B 10 3.11 -9.22 -17.81
C GLN B 10 4.57 -8.94 -17.46
N ASP B 11 5.42 -8.85 -18.45
CA ASP B 11 6.86 -8.59 -18.19
C ASP B 11 7.11 -7.08 -18.05
N GLU B 12 8.31 -6.69 -17.72
CA GLU B 12 8.63 -5.24 -17.59
C GLU B 12 7.69 -4.58 -16.57
N MET B 13 8.17 -4.35 -15.37
CA MET B 13 7.32 -3.69 -14.33
C MET B 13 6.92 -2.29 -14.79
N LEU B 14 7.79 -1.61 -15.49
CA LEU B 14 7.46 -0.24 -15.95
C LEU B 14 6.17 -0.28 -16.76
N ASP B 15 5.96 -1.33 -17.52
CA ASP B 15 4.69 -1.43 -18.30
C ASP B 15 3.51 -1.39 -17.34
N LEU B 16 3.67 -1.99 -16.19
CA LEU B 16 2.58 -1.99 -15.17
C LEU B 16 2.22 -0.53 -14.90
N ILE B 17 3.19 0.34 -14.92
CA ILE B 17 2.89 1.77 -14.68
C ILE B 17 2.08 2.30 -15.86
N GLU B 18 2.27 1.75 -17.02
CA GLU B 18 1.46 2.23 -18.18
C GLU B 18 -0.01 2.09 -17.81
N GLN B 19 -0.35 1.03 -17.12
CA GLN B 19 -1.75 0.85 -16.68
C GLN B 19 -2.10 2.06 -15.81
N GLY B 20 -1.15 2.52 -15.05
CA GLY B 20 -1.40 3.70 -14.19
C GLY B 20 -1.74 4.88 -15.11
N ASP B 21 -1.17 4.91 -16.28
CA ASP B 21 -1.50 6.04 -17.22
C ASP B 21 -3.01 6.06 -17.41
N GLU B 22 -3.62 4.90 -17.49
CA GLU B 22 -5.09 4.85 -17.66
C GLU B 22 -5.74 5.53 -16.46
N LEU B 23 -5.12 5.41 -15.31
CA LEU B 23 -5.70 6.05 -14.09
C LEU B 23 -5.90 7.53 -14.37
N GLN B 24 -4.92 8.16 -14.95
CA GLN B 24 -5.05 9.62 -15.27
C GLN B 24 -6.24 9.82 -16.20
N GLU B 25 -6.39 8.94 -17.15
CA GLU B 25 -7.52 9.06 -18.11
C GLU B 25 -8.84 8.96 -17.36
N VAL B 26 -8.92 8.13 -16.36
CA VAL B 26 -10.19 7.99 -15.60
C VAL B 26 -10.51 9.30 -14.88
N LEU B 27 -9.58 9.83 -14.15
CA LEU B 27 -9.86 11.11 -13.43
C LEU B 27 -10.05 12.22 -14.45
N ALA B 28 -9.37 12.16 -15.55
CA ALA B 28 -9.51 13.23 -16.58
C ALA B 28 -10.97 13.28 -17.05
N MET B 29 -11.58 12.14 -17.27
CA MET B 29 -12.99 12.14 -17.73
C MET B 29 -13.88 12.71 -16.63
N ASN B 30 -13.59 12.39 -15.39
CA ASN B 30 -14.42 12.92 -14.27
C ASN B 30 -14.37 14.45 -14.27
N ASN B 31 -13.23 15.01 -14.54
CA ASN B 31 -13.11 16.49 -14.56
C ASN B 31 -11.63 16.87 -14.53
N ASN B 32 -11.10 17.33 -15.63
CA ASN B 32 -9.67 17.73 -15.66
C ASN B 32 -9.42 18.80 -14.61
N SER B 33 -10.36 19.66 -14.41
CA SER B 33 -10.20 20.74 -13.39
C SER B 33 -10.53 20.17 -12.01
N GLY B 34 -10.84 18.89 -11.96
CA GLY B 34 -11.18 18.27 -10.64
C GLY B 34 -10.03 18.48 -9.67
N GLU B 35 -10.13 19.46 -8.81
CA GLU B 35 -9.05 19.73 -7.82
C GLU B 35 -9.62 19.61 -6.40
N LEU B 36 -8.80 19.27 -5.45
CA LEU B 36 -9.30 19.13 -4.05
C LEU B 36 -9.97 20.43 -3.62
N ASP B 37 -9.48 21.55 -4.08
CA ASP B 37 -10.08 22.85 -3.70
C ASP B 37 -11.55 22.88 -4.13
N ASP B 38 -11.86 22.25 -5.23
CA ASP B 38 -13.28 22.25 -5.71
C ASP B 38 -14.11 21.30 -4.85
N ILE B 39 -13.48 20.35 -4.21
CA ILE B 39 -14.23 19.39 -3.37
C ILE B 39 -14.07 19.78 -1.90
N SER B 40 -15.14 19.78 -1.14
CA SER B 40 -15.05 20.18 0.29
C SER B 40 -14.11 19.23 1.05
N ASP B 41 -12.84 19.32 0.77
CA ASP B 41 -11.86 18.43 1.46
C ASP B 41 -11.81 18.73 2.95
N ALA B 42 -11.90 19.99 3.33
CA ALA B 42 -11.81 20.32 4.78
C ALA B 42 -12.99 19.72 5.56
N GLU B 43 -14.18 19.88 5.10
CA GLU B 43 -15.35 19.30 5.83
C GLU B 43 -15.35 17.79 5.69
N LEU B 44 -15.10 17.30 4.51
CA LEU B 44 -15.08 15.84 4.29
C LEU B 44 -13.97 15.19 5.12
N ASP B 45 -12.85 15.83 5.24
CA ASP B 45 -11.74 15.23 6.04
C ASP B 45 -12.17 15.01 7.49
N ALA B 46 -12.84 15.97 8.07
CA ALA B 46 -13.26 15.80 9.49
C ALA B 46 -14.33 14.70 9.58
N GLU B 47 -15.24 14.68 8.67
CA GLU B 47 -16.32 13.65 8.71
C GLU B 47 -15.71 12.25 8.50
N LEU B 48 -14.71 12.14 7.66
CA LEU B 48 -14.11 10.79 7.42
C LEU B 48 -13.42 10.28 8.68
N ASP B 49 -12.81 11.14 9.44
CA ASP B 49 -12.12 10.66 10.65
C ASP B 49 -13.14 10.02 11.57
N ALA B 50 -14.32 10.57 11.65
CA ALA B 50 -15.37 9.94 12.49
C ALA B 50 -15.79 8.63 11.84
N LEU B 51 -15.97 8.64 10.54
CA LEU B 51 -16.38 7.39 9.83
C LEU B 51 -15.26 6.36 9.90
N ALA B 52 -14.03 6.79 9.87
CA ALA B 52 -12.91 5.81 9.94
C ALA B 52 -13.09 4.96 11.19
N GLN B 53 -13.47 5.58 12.27
CA GLN B 53 -13.69 4.82 13.53
C GLN B 53 -14.82 3.80 13.32
N GLU B 54 -15.79 4.15 12.52
CA GLU B 54 -16.94 3.23 12.26
C GLU B 54 -16.45 1.93 11.61
N ASP B 55 -15.53 2.01 10.69
CA ASP B 55 -15.05 0.78 10.01
C ASP B 55 -13.80 0.23 10.70
N PHE B 56 -13.14 1.03 11.48
CA PHE B 56 -11.91 0.55 12.17
C PHE B 56 -12.30 -0.02 13.53
N THR B 57 -11.37 -0.65 14.21
CA THR B 57 -11.70 -1.23 15.54
C THR B 57 -11.00 -0.43 16.62
N LEU B 58 -11.76 0.17 17.49
CA LEU B 58 -11.14 0.96 18.58
C LEU B 58 -10.92 0.06 19.80
N PRO B 59 -9.84 0.23 20.51
CA PRO B 59 -9.54 -0.59 21.72
C PRO B 59 -10.45 -0.25 22.90
N MET A 1 -0.15 7.60 15.87
CA MET A 1 0.49 7.01 14.65
C MET A 1 0.82 5.55 14.92
N ALA A 2 1.12 5.21 16.14
CA ALA A 2 1.46 3.79 16.45
C ALA A 2 0.26 2.90 16.15
N SER A 3 -0.93 3.39 16.37
CA SER A 3 -2.13 2.56 16.09
C SER A 3 -2.16 2.20 14.60
N ASN A 4 -1.73 3.09 13.76
CA ASN A 4 -1.74 2.80 12.30
C ASN A 4 -0.85 1.58 12.03
N ALA A 5 0.24 1.46 12.74
CA ALA A 5 1.13 0.29 12.53
C ALA A 5 0.39 -1.00 12.85
N ALA A 6 -0.42 -0.99 13.88
CA ALA A 6 -1.18 -2.23 14.24
C ALA A 6 -2.13 -2.58 13.09
N ARG A 7 -2.76 -1.61 12.51
CA ARG A 7 -3.71 -1.90 11.39
C ARG A 7 -2.95 -2.59 10.27
N VAL A 8 -1.80 -2.08 9.95
CA VAL A 8 -0.99 -2.69 8.86
C VAL A 8 -0.65 -4.13 9.23
N VAL A 9 -0.34 -4.37 10.47
CA VAL A 9 0.00 -5.76 10.88
C VAL A 9 -1.18 -6.69 10.55
N ALA A 10 -2.37 -6.28 10.86
CA ALA A 10 -3.55 -7.15 10.54
C ALA A 10 -3.73 -7.18 9.02
N THR A 11 -3.60 -6.06 8.38
CA THR A 11 -3.76 -6.02 6.90
C THR A 11 -2.67 -6.88 6.26
N ALA A 12 -1.47 -6.84 6.81
CA ALA A 12 -0.38 -7.66 6.24
C ALA A 12 -0.78 -9.14 6.29
N LYS A 13 -1.43 -9.53 7.35
CA LYS A 13 -1.87 -10.96 7.47
C LYS A 13 -2.84 -11.27 6.32
N ASP A 14 -3.59 -10.30 5.90
CA ASP A 14 -4.56 -10.54 4.79
C ASP A 14 -3.81 -10.98 3.54
N PHE A 15 -2.70 -10.36 3.26
CA PHE A 15 -1.91 -10.74 2.05
C PHE A 15 -1.41 -12.18 2.20
N ASP A 16 -1.03 -12.58 3.38
CA ASP A 16 -0.55 -13.97 3.56
C ASP A 16 -1.67 -14.93 3.19
N LYS A 17 -2.87 -14.64 3.60
CA LYS A 17 -4.03 -15.51 3.26
C LYS A 17 -4.17 -15.56 1.74
N VAL A 18 -3.80 -14.51 1.07
CA VAL A 18 -3.93 -14.48 -0.41
C VAL A 18 -2.68 -15.10 -1.06
N GLY A 19 -1.65 -15.32 -0.29
CA GLY A 19 -0.41 -15.95 -0.86
C GLY A 19 0.57 -14.87 -1.31
N LEU A 20 0.28 -13.62 -1.06
CA LEU A 20 1.22 -12.54 -1.48
C LEU A 20 2.14 -12.20 -0.31
N GLY A 21 2.93 -13.15 0.13
CA GLY A 21 3.86 -12.89 1.26
C GLY A 21 4.81 -11.75 0.90
N ILE A 22 5.17 -11.62 -0.34
CA ILE A 22 6.10 -10.53 -0.74
C ILE A 22 5.52 -9.18 -0.33
N ILE A 23 4.25 -8.97 -0.56
CA ILE A 23 3.63 -7.68 -0.16
C ILE A 23 3.56 -7.62 1.35
N GLY A 24 3.07 -8.66 1.97
CA GLY A 24 2.99 -8.68 3.46
C GLY A 24 4.39 -8.54 4.04
N TYR A 25 5.37 -9.06 3.36
CA TYR A 25 6.77 -8.95 3.88
C TYR A 25 7.15 -7.49 4.05
N TYR A 26 6.91 -6.68 3.07
CA TYR A 26 7.25 -5.23 3.20
C TYR A 26 6.34 -4.58 4.24
N LEU A 27 5.11 -4.99 4.33
CA LEU A 27 4.19 -4.38 5.34
C LEU A 27 4.72 -4.65 6.75
N GLN A 28 5.22 -5.83 7.00
CA GLN A 28 5.75 -6.13 8.35
C GLN A 28 6.92 -5.19 8.63
N LEU A 29 7.73 -4.95 7.63
CA LEU A 29 8.89 -4.03 7.82
C LEU A 29 8.36 -2.63 8.14
N TYR A 30 7.29 -2.24 7.50
CA TYR A 30 6.70 -0.89 7.76
C TYR A 30 6.27 -0.78 9.22
N ALA A 31 5.57 -1.77 9.72
CA ALA A 31 5.11 -1.71 11.13
C ALA A 31 6.30 -1.76 12.09
N VAL A 32 7.33 -2.50 11.76
CA VAL A 32 8.51 -2.61 12.66
C VAL A 32 9.15 -1.24 12.87
N GLU A 33 9.39 -0.51 11.82
CA GLU A 33 10.03 0.82 11.97
C GLU A 33 9.12 1.76 12.77
N LEU A 34 7.84 1.61 12.64
CA LEU A 34 6.90 2.51 13.38
C LEU A 34 7.10 2.31 14.89
N ILE A 35 7.20 1.09 15.32
CA ILE A 35 7.38 0.82 16.78
C ILE A 35 8.72 1.42 17.23
N LEU A 36 9.76 1.18 16.51
CA LEU A 36 11.09 1.73 16.88
C LEU A 36 11.06 3.25 16.77
N SER A 37 10.39 3.76 15.78
CA SER A 37 10.31 5.24 15.60
C SER A 37 9.30 5.81 16.58
N GLU A 38 8.71 4.98 17.40
CA GLU A 38 7.72 5.49 18.38
C GLU A 38 8.43 5.84 19.69
N GLU A 39 8.25 7.05 20.16
CA GLU A 39 8.92 7.45 21.44
C GLU A 39 8.34 6.65 22.60
N ASP A 40 7.06 6.38 22.57
CA ASP A 40 6.44 5.60 23.68
C ASP A 40 6.31 4.13 23.28
N ARG A 41 6.83 3.25 24.09
CA ARG A 41 6.74 1.79 23.78
C ARG A 41 6.29 1.03 25.02
N SER A 42 5.48 0.04 24.83
CA SER A 42 4.99 -0.78 25.98
C SER A 42 5.55 -2.19 25.82
N GLN A 43 5.61 -2.95 26.88
CA GLN A 43 6.15 -4.33 26.75
C GLN A 43 5.41 -5.04 25.63
N GLU A 44 4.14 -4.78 25.48
CA GLU A 44 3.37 -5.43 24.39
C GLU A 44 3.82 -4.89 23.03
N MET A 45 4.04 -3.60 22.92
CA MET A 45 4.47 -3.03 21.61
C MET A 45 5.90 -3.46 21.31
N THR A 46 6.76 -3.43 22.29
CA THR A 46 8.17 -3.82 22.06
C THR A 46 8.23 -5.30 21.66
N ALA A 47 7.49 -6.12 22.32
CA ALA A 47 7.49 -7.58 21.97
C ALA A 47 6.89 -7.79 20.59
N LEU A 48 5.91 -7.00 20.23
CA LEU A 48 5.28 -7.16 18.89
C LEU A 48 6.30 -6.90 17.80
N ALA A 49 7.14 -5.90 17.99
CA ALA A 49 8.18 -5.60 16.95
C ALA A 49 9.16 -6.76 16.87
N THR A 50 9.56 -7.30 17.98
CA THR A 50 10.53 -8.44 17.97
C THR A 50 9.96 -9.62 17.19
N GLU A 51 8.72 -9.96 17.44
CA GLU A 51 8.11 -11.12 16.72
C GLU A 51 8.18 -10.89 15.21
N LEU A 52 7.98 -9.67 14.78
CA LEU A 52 8.03 -9.40 13.31
C LEU A 52 9.44 -9.65 12.78
N LEU A 53 10.44 -9.32 13.55
CA LEU A 53 11.84 -9.55 13.06
C LEU A 53 12.02 -11.03 12.76
N ASP A 54 11.46 -11.89 13.58
CA ASP A 54 11.60 -13.35 13.34
C ASP A 54 10.96 -13.70 12.00
N THR A 55 9.80 -13.17 11.73
CA THR A 55 9.12 -13.48 10.44
C THR A 55 9.90 -12.86 9.28
N ILE A 56 10.26 -11.61 9.40
CA ILE A 56 11.03 -10.94 8.32
C ILE A 56 12.33 -11.68 8.10
N GLU A 57 13.05 -11.98 9.15
CA GLU A 57 14.33 -12.71 8.97
C GLU A 57 14.04 -14.10 8.41
N ALA A 58 12.99 -14.73 8.87
CA ALA A 58 12.65 -16.08 8.34
C ALA A 58 12.21 -15.94 6.88
N PHE A 59 11.43 -14.94 6.58
CA PHE A 59 10.98 -14.75 5.17
C PHE A 59 12.18 -14.45 4.28
N LYS A 60 13.01 -13.53 4.70
CA LYS A 60 14.20 -13.18 3.88
C LYS A 60 15.13 -14.39 3.83
N LYS A 61 15.29 -15.09 4.91
CA LYS A 61 16.17 -16.29 4.92
C LYS A 61 15.58 -17.31 3.95
N GLU A 62 14.29 -17.36 3.84
CA GLU A 62 13.64 -18.33 2.92
C GLU A 62 14.14 -18.05 1.49
N ILE A 63 14.44 -16.83 1.20
CA ILE A 63 14.92 -16.48 -0.17
C ILE A 63 16.28 -15.77 -0.08
N GLY A 64 16.88 -15.77 1.08
CA GLY A 64 18.21 -15.09 1.22
C GLY A 64 19.16 -15.62 0.15
N GLY A 65 19.09 -16.89 -0.15
CA GLY A 65 19.98 -17.46 -1.19
C GLY A 65 21.24 -18.05 -0.55
N GLU A 66 21.35 -18.01 0.75
CA GLU A 66 22.55 -18.58 1.40
C GLU A 66 22.66 -20.06 1.03
N SER A 67 21.55 -20.72 0.96
CA SER A 67 21.55 -22.17 0.60
C SER A 67 20.41 -22.42 -0.38
N GLU A 68 19.36 -21.66 -0.27
CA GLU A 68 18.21 -21.83 -1.19
C GLU A 68 18.68 -21.52 -2.61
N ALA A 69 19.62 -20.63 -2.75
CA ALA A 69 20.12 -20.29 -4.11
C ALA A 69 20.74 -21.52 -4.75
N GLU A 70 21.51 -22.27 -4.01
CA GLU A 70 22.14 -23.49 -4.58
C GLU A 70 21.07 -24.30 -5.31
N ASP A 71 19.89 -24.36 -4.76
CA ASP A 71 18.80 -25.13 -5.43
C ASP A 71 18.50 -24.50 -6.80
N SER A 72 18.52 -23.20 -6.87
CA SER A 72 18.24 -22.51 -8.17
C SER A 72 19.34 -21.47 -8.45
N ASP A 73 19.48 -20.51 -7.58
CA ASP A 73 20.51 -19.44 -7.78
C ASP A 73 20.19 -18.65 -9.06
N LYS A 74 19.32 -19.15 -9.87
CA LYS A 74 18.98 -18.41 -11.12
C LYS A 74 17.72 -17.58 -10.88
N SER A 75 16.57 -18.20 -10.94
CA SER A 75 15.31 -17.45 -10.72
C SER A 75 15.22 -16.98 -9.26
N LEU A 76 15.68 -17.76 -8.33
CA LEU A 76 15.62 -17.33 -6.90
C LEU A 76 16.50 -16.10 -6.70
N HIS A 77 17.61 -16.05 -7.38
CA HIS A 77 18.51 -14.87 -7.23
C HIS A 77 17.77 -13.60 -7.63
N VAL A 78 17.06 -13.63 -8.73
CA VAL A 78 16.31 -12.41 -9.13
C VAL A 78 15.22 -12.13 -8.09
N MET A 79 14.56 -13.15 -7.65
CA MET A 79 13.50 -12.93 -6.63
C MET A 79 14.15 -12.27 -5.41
N ASN A 80 15.35 -12.67 -5.12
CA ASN A 80 16.07 -12.06 -3.98
C ASN A 80 16.20 -10.55 -4.27
N THR A 81 16.33 -10.20 -5.53
CA THR A 81 16.45 -8.76 -5.87
C THR A 81 15.22 -8.05 -5.31
N LEU A 82 14.09 -8.69 -5.38
CA LEU A 82 12.85 -8.06 -4.85
C LEU A 82 13.01 -7.77 -3.36
N ILE A 83 13.62 -8.68 -2.64
CA ILE A 83 13.78 -8.46 -1.17
C ILE A 83 15.05 -7.66 -0.85
N HIS A 84 16.14 -7.99 -1.49
CA HIS A 84 17.42 -7.28 -1.19
C HIS A 84 17.45 -5.89 -1.86
N ASP A 85 17.10 -5.80 -3.11
CA ASP A 85 17.14 -4.47 -3.78
C ASP A 85 15.88 -3.68 -3.41
N GLN A 86 15.99 -2.80 -2.47
CA GLN A 86 14.82 -1.99 -2.05
C GLN A 86 14.36 -1.10 -3.20
N GLU A 87 15.29 -0.59 -3.98
CA GLU A 87 14.89 0.30 -5.11
C GLU A 87 14.04 -0.47 -6.13
N LYS A 88 14.47 -1.65 -6.50
CA LYS A 88 13.66 -2.43 -7.48
C LYS A 88 12.31 -2.79 -6.86
N ALA A 89 12.32 -3.18 -5.62
CA ALA A 89 11.04 -3.55 -4.95
C ALA A 89 10.16 -2.29 -4.88
N LYS A 90 10.76 -1.16 -4.64
CA LYS A 90 9.96 0.10 -4.55
C LYS A 90 9.16 0.29 -5.83
N ILE A 91 9.78 0.12 -6.97
CA ILE A 91 9.03 0.31 -8.25
C ILE A 91 7.92 -0.73 -8.35
N TYR A 92 8.22 -1.97 -8.07
CA TYR A 92 7.18 -3.02 -8.16
C TYR A 92 6.12 -2.75 -7.09
N MET A 93 6.53 -2.38 -5.90
CA MET A 93 5.55 -2.10 -4.81
C MET A 93 4.68 -0.92 -5.25
N LEU A 94 5.28 0.07 -5.85
CA LEU A 94 4.49 1.24 -6.31
C LEU A 94 3.47 0.78 -7.35
N ASN A 95 3.88 -0.08 -8.25
CA ASN A 95 2.93 -0.58 -9.27
C ASN A 95 1.80 -1.33 -8.59
N PHE A 96 2.13 -2.13 -7.60
CA PHE A 96 1.07 -2.91 -6.90
C PHE A 96 0.11 -1.93 -6.21
N THR A 97 0.64 -0.99 -5.48
CA THR A 97 -0.23 -0.02 -4.79
C THR A 97 -0.96 0.82 -5.85
N MET A 98 -0.25 1.27 -6.84
CA MET A 98 -0.89 2.06 -7.92
C MET A 98 -1.93 1.21 -8.65
N SER A 99 -1.63 -0.05 -8.86
CA SER A 99 -2.59 -0.93 -9.57
C SER A 99 -3.90 -1.01 -8.78
N LEU A 100 -3.81 -1.23 -7.50
CA LEU A 100 -5.05 -1.30 -6.67
C LEU A 100 -5.70 0.07 -6.66
N TYR A 101 -4.91 1.09 -6.47
CA TYR A 101 -5.45 2.47 -6.44
C TYR A 101 -6.11 2.81 -7.78
N ASN A 102 -5.50 2.42 -8.86
CA ASN A 102 -6.09 2.73 -10.20
C ASN A 102 -7.45 2.04 -10.35
N GLU A 103 -7.59 0.85 -9.84
CA GLU A 103 -8.90 0.14 -9.97
C GLU A 103 -9.99 0.89 -9.21
N LYS A 104 -9.68 1.42 -8.06
CA LYS A 104 -10.72 2.15 -7.27
C LYS A 104 -11.21 3.36 -8.07
N LEU A 105 -10.32 4.12 -8.64
CA LEU A 105 -10.77 5.31 -9.42
C LEU A 105 -11.50 4.82 -10.67
N LYS A 106 -11.05 3.73 -11.23
CA LYS A 106 -11.71 3.19 -12.45
C LYS A 106 -13.16 2.90 -12.10
N GLN A 107 -13.38 2.29 -10.96
CA GLN A 107 -14.77 2.01 -10.53
C GLN A 107 -15.48 3.34 -10.28
N LEU A 108 -14.77 4.30 -9.76
CA LEU A 108 -15.38 5.64 -9.50
C LEU A 108 -15.87 6.24 -10.82
N LYS A 109 -15.18 5.95 -11.89
CA LYS A 109 -15.56 6.49 -13.21
C LYS A 109 -16.99 6.05 -13.57
N ASP A 110 -17.29 4.79 -13.38
CA ASP A 110 -18.67 4.30 -13.72
C ASP A 110 -18.99 2.98 -13.01
N GLY A 111 -18.05 2.43 -12.27
CA GLY A 111 -18.33 1.15 -11.57
C GLY A 111 -19.29 1.38 -10.40
N PRO A 112 -19.97 0.34 -9.97
CA PRO A 112 -20.94 0.42 -8.84
C PRO A 112 -20.25 0.78 -7.52
N TRP A 113 -20.88 1.58 -6.71
CA TRP A 113 -20.28 1.97 -5.41
C TRP A 113 -21.02 1.25 -4.28
N ASP A 114 -20.30 0.69 -3.35
CA ASP A 114 -20.98 -0.03 -2.23
C ASP A 114 -20.09 -0.05 -0.99
N VAL A 115 -20.62 -0.52 0.10
CA VAL A 115 -19.83 -0.58 1.36
C VAL A 115 -18.55 -1.39 1.11
N MET A 116 -18.63 -2.43 0.34
CA MET A 116 -17.40 -3.23 0.07
C MET A 116 -16.31 -2.32 -0.48
N LEU A 117 -16.65 -1.44 -1.37
CA LEU A 117 -15.63 -0.51 -1.92
C LEU A 117 -15.09 0.37 -0.79
N LYS A 118 -15.95 0.72 0.14
CA LYS A 118 -15.52 1.58 1.27
C LYS A 118 -14.37 0.93 2.03
N ARG A 119 -14.50 -0.33 2.34
CA ARG A 119 -13.42 -1.03 3.09
C ARG A 119 -12.17 -1.18 2.21
N SER A 120 -12.35 -1.46 0.95
CA SER A 120 -11.17 -1.63 0.05
C SER A 120 -10.41 -0.31 -0.08
N LEU A 121 -11.11 0.80 -0.07
CA LEU A 121 -10.42 2.11 -0.19
C LEU A 121 -9.51 2.31 1.02
N TRP A 122 -9.97 1.95 2.19
CA TRP A 122 -9.13 2.11 3.41
C TRP A 122 -7.87 1.26 3.28
N CYS A 123 -7.99 0.10 2.69
CA CYS A 123 -6.81 -0.79 2.53
C CYS A 123 -5.79 -0.12 1.60
N CYS A 124 -6.24 0.48 0.54
CA CYS A 124 -5.30 1.15 -0.40
C CYS A 124 -4.56 2.27 0.32
N ILE A 125 -5.25 3.00 1.16
CA ILE A 125 -4.58 4.13 1.89
C ILE A 125 -3.40 3.60 2.71
N ASP A 126 -3.56 2.48 3.36
CA ASP A 126 -2.44 1.93 4.18
C ASP A 126 -1.24 1.61 3.29
N LEU A 127 -1.48 1.05 2.14
CA LEU A 127 -0.35 0.69 1.23
C LEU A 127 0.42 1.95 0.81
N PHE A 128 -0.25 3.03 0.57
CA PHE A 128 0.47 4.27 0.16
C PHE A 128 1.40 4.75 1.27
N SER A 129 0.94 4.75 2.49
CA SER A 129 1.81 5.22 3.60
C SER A 129 3.05 4.32 3.71
N CYS A 130 2.89 3.05 3.48
CA CYS A 130 4.05 2.13 3.58
C CYS A 130 5.08 2.46 2.51
N ILE A 131 4.64 2.70 1.31
CA ILE A 131 5.60 3.02 0.21
C ILE A 131 6.42 4.26 0.56
N LEU A 132 5.80 5.27 1.10
CA LEU A 132 6.57 6.50 1.45
C LEU A 132 7.52 6.22 2.62
N HIS A 133 7.04 5.55 3.63
CA HIS A 133 7.89 5.24 4.81
C HIS A 133 8.97 4.21 4.44
N LEU A 134 8.63 3.25 3.64
CA LEU A 134 9.62 2.20 3.25
C LEU A 134 10.81 2.80 2.50
N TRP A 135 10.61 3.85 1.74
CA TRP A 135 11.77 4.43 1.00
C TRP A 135 11.68 5.96 0.93
N LYS A 136 11.65 6.62 2.05
CA LYS A 136 11.59 8.11 2.03
C LYS A 136 12.84 8.66 1.35
N GLU A 137 13.97 8.03 1.59
CA GLU A 137 15.25 8.51 0.97
C GLU A 137 15.23 8.31 -0.54
N ASN A 138 14.52 7.34 -1.05
CA ASN A 138 14.52 7.12 -2.53
C ASN A 138 13.37 7.88 -3.18
N ILE A 139 12.59 8.60 -2.40
CA ILE A 139 11.45 9.37 -2.99
C ILE A 139 11.67 10.86 -2.72
N SER A 140 11.63 11.67 -3.74
CA SER A 140 11.83 13.13 -3.55
C SER A 140 10.62 13.72 -2.83
N GLU A 141 10.78 14.86 -2.23
CA GLU A 141 9.63 15.48 -1.50
C GLU A 141 8.52 15.82 -2.50
N THR A 142 8.89 16.28 -3.68
CA THR A 142 7.87 16.63 -4.69
C THR A 142 7.12 15.36 -5.12
N SER A 143 7.85 14.30 -5.37
CA SER A 143 7.19 13.04 -5.79
C SER A 143 6.29 12.52 -4.67
N THR A 144 6.73 12.67 -3.45
CA THR A 144 5.91 12.20 -2.30
C THR A 144 4.58 12.97 -2.29
N ASN A 145 4.62 14.24 -2.56
CA ASN A 145 3.37 15.04 -2.55
C ASN A 145 2.36 14.45 -3.54
N SER A 146 2.83 14.00 -4.68
CA SER A 146 1.90 13.42 -5.68
C SER A 146 1.21 12.19 -5.08
N LEU A 147 1.95 11.39 -4.37
CA LEU A 147 1.35 10.18 -3.74
C LEU A 147 0.35 10.59 -2.67
N GLN A 148 0.68 11.59 -1.91
CA GLN A 148 -0.25 12.05 -0.83
C GLN A 148 -1.56 12.52 -1.46
N LYS A 149 -1.49 13.14 -2.61
CA LYS A 149 -2.75 13.59 -3.27
C LYS A 149 -3.62 12.39 -3.60
N ARG A 150 -3.02 11.31 -4.05
CA ARG A 150 -3.82 10.10 -4.37
C ARG A 150 -4.51 9.61 -3.08
N ILE A 151 -3.82 9.63 -1.99
CA ILE A 151 -4.43 9.18 -0.71
C ILE A 151 -5.55 10.17 -0.34
N LYS A 152 -5.28 11.42 -0.49
CA LYS A 152 -6.31 12.46 -0.16
C LYS A 152 -7.53 12.28 -1.06
N TYR A 153 -7.31 11.96 -2.30
CA TYR A 153 -8.46 11.77 -3.23
C TYR A 153 -9.37 10.67 -2.67
N CYS A 154 -8.79 9.59 -2.20
CA CYS A 154 -9.61 8.50 -1.63
C CYS A 154 -10.29 9.01 -0.35
N LYS A 155 -9.57 9.74 0.45
CA LYS A 155 -10.15 10.28 1.70
C LYS A 155 -11.37 11.14 1.38
N ILE A 156 -11.26 11.98 0.39
CA ILE A 156 -12.41 12.85 0.01
C ILE A 156 -13.54 12.02 -0.60
N TYR A 157 -13.23 11.21 -1.55
CA TYR A 157 -14.29 10.38 -2.19
C TYR A 157 -14.83 9.36 -1.19
N LEU A 158 -14.00 8.84 -0.34
CA LEU A 158 -14.48 7.85 0.65
C LEU A 158 -15.55 8.50 1.51
N SER A 159 -15.36 9.74 1.88
CA SER A 159 -16.37 10.44 2.70
C SER A 159 -17.66 10.63 1.89
N LYS A 160 -17.52 11.06 0.67
CA LYS A 160 -18.72 11.28 -0.18
C LYS A 160 -19.47 9.96 -0.36
N LEU A 161 -18.75 8.88 -0.49
CA LEU A 161 -19.42 7.56 -0.67
C LEU A 161 -20.22 7.23 0.60
N ALA A 162 -19.70 7.59 1.75
CA ALA A 162 -20.40 7.30 3.02
C ALA A 162 -21.67 8.15 3.15
N LYS A 163 -21.67 9.33 2.60
CA LYS A 163 -22.89 10.18 2.73
C LYS A 163 -23.89 9.85 1.63
N GLY A 164 -23.55 8.94 0.76
CA GLY A 164 -24.49 8.58 -0.34
C GLY A 164 -24.44 9.62 -1.45
N GLU A 165 -23.44 10.45 -1.46
CA GLU A 165 -23.34 11.49 -2.52
C GLU A 165 -22.93 10.83 -3.83
N ILE A 166 -22.21 9.74 -3.77
CA ILE A 166 -21.79 9.07 -5.02
C ILE A 166 -22.60 7.78 -5.18
N GLY A 167 -23.12 7.54 -6.36
CA GLY A 167 -23.91 6.30 -6.58
C GLY A 167 -24.97 6.55 -7.65
N ILE B 1 14.60 -11.25 -14.80
CA ILE B 1 14.04 -12.09 -15.89
C ILE B 1 12.63 -12.55 -15.49
N ASN B 2 12.49 -13.77 -15.08
CA ASN B 2 11.15 -14.25 -14.67
C ASN B 2 10.84 -13.62 -13.32
N ILE B 3 11.51 -12.55 -13.00
CA ILE B 3 11.25 -11.86 -11.71
C ILE B 3 9.81 -11.37 -11.72
N ASP B 4 9.40 -10.79 -12.82
CA ASP B 4 7.99 -10.30 -12.91
C ASP B 4 7.07 -11.51 -13.14
N LYS B 5 7.51 -12.43 -13.95
CA LYS B 5 6.70 -13.64 -14.23
C LYS B 5 6.53 -14.44 -12.94
N LEU B 6 7.56 -14.49 -12.13
CA LEU B 6 7.46 -15.26 -10.86
C LEU B 6 6.32 -14.71 -10.02
N GLN B 7 6.25 -13.42 -9.88
CA GLN B 7 5.15 -12.83 -9.08
C GLN B 7 3.82 -13.05 -9.80
N ASP B 8 3.80 -12.84 -11.08
CA ASP B 8 2.55 -13.04 -11.87
C ASP B 8 2.86 -12.84 -13.35
N MET B 9 1.98 -13.25 -14.23
CA MET B 9 2.25 -13.07 -15.68
C MET B 9 2.17 -11.58 -16.00
N GLN B 10 3.24 -10.86 -15.83
CA GLN B 10 3.23 -9.40 -16.13
C GLN B 10 4.46 -9.02 -16.94
N ASP B 11 4.42 -7.90 -17.61
CA ASP B 11 5.59 -7.47 -18.43
C ASP B 11 6.53 -6.63 -17.56
N GLU B 12 7.35 -5.82 -18.17
CA GLU B 12 8.30 -4.98 -17.37
C GLU B 12 7.53 -4.20 -16.31
N MET B 13 8.11 -4.02 -15.15
CA MET B 13 7.42 -3.27 -14.07
C MET B 13 7.08 -1.85 -14.55
N LEU B 14 7.99 -1.23 -15.25
CA LEU B 14 7.74 0.14 -15.75
C LEU B 14 6.54 0.13 -16.69
N ASP B 15 6.41 -0.90 -17.48
CA ASP B 15 5.25 -0.98 -18.42
C ASP B 15 3.96 -0.96 -17.60
N LEU B 16 3.94 -1.63 -16.48
CA LEU B 16 2.73 -1.63 -15.64
C LEU B 16 2.38 -0.18 -15.28
N ILE B 17 3.38 0.65 -15.16
CA ILE B 17 3.09 2.06 -14.83
C ILE B 17 2.38 2.70 -16.02
N GLU B 18 2.66 2.23 -17.21
CA GLU B 18 1.97 2.79 -18.40
C GLU B 18 0.47 2.63 -18.16
N GLN B 19 0.08 1.53 -17.59
CA GLN B 19 -1.36 1.34 -17.28
C GLN B 19 -1.76 2.47 -16.35
N GLY B 20 -0.86 2.88 -15.49
CA GLY B 20 -1.16 4.00 -14.59
C GLY B 20 -1.43 5.25 -15.44
N ASP B 21 -0.80 5.34 -16.58
CA ASP B 21 -1.07 6.52 -17.45
C ASP B 21 -2.58 6.56 -17.70
N GLU B 22 -3.18 5.41 -17.87
CA GLU B 22 -4.66 5.37 -18.08
C GLU B 22 -5.34 5.96 -16.85
N LEU B 23 -4.79 5.76 -15.69
CA LEU B 23 -5.42 6.31 -14.46
C LEU B 23 -5.62 7.81 -14.64
N GLN B 24 -4.63 8.49 -15.16
CA GLN B 24 -4.78 9.94 -15.40
C GLN B 24 -5.93 10.18 -16.36
N GLU B 25 -6.05 9.36 -17.37
CA GLU B 25 -7.15 9.52 -18.36
C GLU B 25 -8.50 9.37 -17.66
N VAL B 26 -8.59 8.44 -16.75
CA VAL B 26 -9.89 8.22 -16.05
C VAL B 26 -10.25 9.46 -15.22
N LEU B 27 -9.33 9.94 -14.42
CA LEU B 27 -9.65 11.13 -13.60
C LEU B 27 -9.87 12.34 -14.52
N ALA B 28 -9.15 12.38 -15.62
CA ALA B 28 -9.32 13.52 -16.56
C ALA B 28 -10.75 13.57 -17.07
N MET B 29 -11.30 12.44 -17.42
CA MET B 29 -12.70 12.44 -17.92
C MET B 29 -13.66 12.88 -16.80
N ASN B 30 -13.39 12.48 -15.59
CA ASN B 30 -14.27 12.88 -14.46
C ASN B 30 -14.28 14.40 -14.34
N ASN B 31 -13.15 15.02 -14.55
CA ASN B 31 -13.08 16.51 -14.45
C ASN B 31 -11.62 16.95 -14.51
N ASN B 32 -11.18 17.48 -15.63
CA ASN B 32 -9.78 17.92 -15.74
C ASN B 32 -9.52 18.97 -14.66
N SER B 33 -10.49 19.78 -14.36
CA SER B 33 -10.32 20.82 -13.31
C SER B 33 -10.63 20.19 -11.95
N GLY B 34 -10.92 18.92 -11.94
CA GLY B 34 -11.24 18.24 -10.65
C GLY B 34 -10.08 18.43 -9.67
N GLU B 35 -10.20 19.39 -8.79
CA GLU B 35 -9.13 19.64 -7.79
C GLU B 35 -9.71 19.52 -6.38
N LEU B 36 -8.90 19.17 -5.42
CA LEU B 36 -9.42 19.03 -4.02
C LEU B 36 -10.10 20.34 -3.61
N ASP B 37 -9.59 21.45 -4.07
CA ASP B 37 -10.20 22.76 -3.71
C ASP B 37 -11.64 22.79 -4.19
N ASP B 38 -11.93 22.16 -5.29
CA ASP B 38 -13.32 22.15 -5.83
C ASP B 38 -14.18 21.20 -4.99
N ILE B 39 -13.57 20.23 -4.35
CA ILE B 39 -14.35 19.27 -3.52
C ILE B 39 -14.21 19.66 -2.05
N SER B 40 -15.30 19.68 -1.34
CA SER B 40 -15.25 20.06 0.11
C SER B 40 -14.30 19.13 0.88
N ASP B 41 -13.03 19.25 0.66
CA ASP B 41 -12.06 18.37 1.36
C ASP B 41 -12.05 18.68 2.86
N ALA B 42 -12.15 19.92 3.23
CA ALA B 42 -12.11 20.27 4.69
C ALA B 42 -13.28 19.64 5.45
N GLU B 43 -14.48 19.79 4.97
CA GLU B 43 -15.64 19.19 5.69
C GLU B 43 -15.61 17.68 5.55
N LEU B 44 -15.35 17.20 4.37
CA LEU B 44 -15.31 15.74 4.13
C LEU B 44 -14.21 15.09 4.97
N ASP B 45 -13.09 15.74 5.10
CA ASP B 45 -11.99 15.14 5.91
C ASP B 45 -12.44 14.93 7.36
N ALA B 46 -13.11 15.89 7.93
CA ALA B 46 -13.54 15.73 9.34
C ALA B 46 -14.62 14.64 9.43
N GLU B 47 -15.50 14.60 8.47
CA GLU B 47 -16.58 13.57 8.49
C GLU B 47 -15.97 12.17 8.34
N LEU B 48 -14.96 12.02 7.55
CA LEU B 48 -14.36 10.67 7.37
C LEU B 48 -13.72 10.18 8.66
N ASP B 49 -13.10 11.06 9.39
CA ASP B 49 -12.44 10.63 10.65
C ASP B 49 -13.52 10.06 11.58
N ALA B 50 -14.69 10.63 11.59
CA ALA B 50 -15.77 10.10 12.44
C ALA B 50 -16.26 8.77 11.84
N LEU B 51 -16.39 8.71 10.54
CA LEU B 51 -16.85 7.46 9.87
C LEU B 51 -15.80 6.36 10.02
N ALA B 52 -14.55 6.71 9.93
CA ALA B 52 -13.49 5.67 10.05
C ALA B 52 -13.65 4.93 11.37
N GLN B 53 -13.90 5.65 12.43
CA GLN B 53 -14.08 4.99 13.75
C GLN B 53 -15.29 4.06 13.69
N GLU B 54 -16.31 4.46 12.97
CA GLU B 54 -17.54 3.61 12.88
C GLU B 54 -17.26 2.35 12.06
N ASP B 55 -16.63 2.51 10.92
CA ASP B 55 -16.34 1.33 10.06
C ASP B 55 -15.30 0.44 10.73
N PHE B 56 -14.34 1.04 11.39
CA PHE B 56 -13.29 0.24 12.06
C PHE B 56 -13.80 -0.22 13.41
N THR B 57 -13.07 -1.08 14.08
CA THR B 57 -13.52 -1.58 15.41
C THR B 57 -12.63 -1.00 16.49
N LEU B 58 -13.20 -0.22 17.38
CA LEU B 58 -12.38 0.36 18.46
C LEU B 58 -12.41 -0.57 19.67
N PRO B 59 -11.31 -0.74 20.37
CA PRO B 59 -11.24 -1.63 21.56
C PRO B 59 -11.96 -1.02 22.77
N MET A 1 -0.14 7.16 14.39
CA MET A 1 -0.50 6.58 15.72
C MET A 1 0.00 5.15 15.82
N ALA A 2 0.38 4.72 16.98
CA ALA A 2 0.89 3.33 17.14
C ALA A 2 -0.22 2.33 16.76
N SER A 3 -1.45 2.65 17.05
CA SER A 3 -2.56 1.73 16.71
C SER A 3 -2.59 1.52 15.19
N ASN A 4 -2.28 2.53 14.43
CA ASN A 4 -2.29 2.38 12.94
C ASN A 4 -1.29 1.29 12.54
N ALA A 5 -0.17 1.23 13.21
CA ALA A 5 0.84 0.19 12.85
C ALA A 5 0.24 -1.20 13.07
N ALA A 6 -0.51 -1.37 14.13
CA ALA A 6 -1.12 -2.71 14.41
C ALA A 6 -2.09 -3.07 13.28
N ARG A 7 -2.86 -2.12 12.82
CA ARG A 7 -3.82 -2.43 11.71
C ARG A 7 -3.05 -2.92 10.50
N VAL A 8 -1.97 -2.27 10.19
CA VAL A 8 -1.15 -2.68 9.02
C VAL A 8 -0.64 -4.11 9.24
N VAL A 9 -0.25 -4.41 10.44
CA VAL A 9 0.27 -5.78 10.72
C VAL A 9 -0.81 -6.81 10.38
N ALA A 10 -2.03 -6.55 10.78
CA ALA A 10 -3.13 -7.50 10.46
C ALA A 10 -3.32 -7.55 8.95
N THR A 11 -3.20 -6.42 8.31
CA THR A 11 -3.36 -6.39 6.83
C THR A 11 -2.26 -7.25 6.18
N ALA A 12 -1.08 -7.20 6.73
CA ALA A 12 0.04 -8.02 6.15
C ALA A 12 -0.36 -9.49 6.16
N LYS A 13 -0.98 -9.94 7.23
CA LYS A 13 -1.40 -11.36 7.30
C LYS A 13 -2.40 -11.64 6.17
N ASP A 14 -3.17 -10.66 5.79
CA ASP A 14 -4.17 -10.87 4.71
C ASP A 14 -3.46 -11.27 3.43
N PHE A 15 -2.34 -10.65 3.14
CA PHE A 15 -1.59 -11.01 1.91
C PHE A 15 -1.10 -12.46 2.00
N ASP A 16 -0.71 -12.89 3.17
CA ASP A 16 -0.23 -14.29 3.31
C ASP A 16 -1.38 -15.24 2.93
N LYS A 17 -2.57 -14.94 3.37
CA LYS A 17 -3.73 -15.79 3.04
C LYS A 17 -3.91 -15.81 1.51
N VAL A 18 -3.54 -14.74 0.86
CA VAL A 18 -3.69 -14.68 -0.62
C VAL A 18 -2.46 -15.29 -1.30
N GLY A 19 -1.42 -15.53 -0.54
CA GLY A 19 -0.20 -16.15 -1.14
C GLY A 19 0.81 -15.06 -1.55
N LEU A 20 0.53 -13.83 -1.25
CA LEU A 20 1.47 -12.74 -1.62
C LEU A 20 2.37 -12.43 -0.41
N GLY A 21 3.24 -13.33 -0.08
CA GLY A 21 4.15 -13.10 1.09
C GLY A 21 5.08 -11.92 0.83
N ILE A 22 5.51 -11.74 -0.40
CA ILE A 22 6.43 -10.60 -0.69
C ILE A 22 5.76 -9.28 -0.29
N ILE A 23 4.51 -9.10 -0.60
CA ILE A 23 3.83 -7.84 -0.21
C ILE A 23 3.75 -7.78 1.32
N GLY A 24 3.30 -8.84 1.93
CA GLY A 24 3.20 -8.85 3.42
C GLY A 24 4.59 -8.68 4.02
N TYR A 25 5.60 -9.17 3.35
CA TYR A 25 6.99 -9.04 3.88
C TYR A 25 7.34 -7.56 4.08
N TYR A 26 7.11 -6.75 3.10
CA TYR A 26 7.42 -5.31 3.24
C TYR A 26 6.48 -4.66 4.27
N LEU A 27 5.24 -5.08 4.32
CA LEU A 27 4.29 -4.48 5.30
C LEU A 27 4.74 -4.78 6.73
N GLN A 28 5.19 -5.98 6.99
CA GLN A 28 5.65 -6.31 8.37
C GLN A 28 6.83 -5.41 8.74
N LEU A 29 7.71 -5.17 7.80
CA LEU A 29 8.88 -4.30 8.07
C LEU A 29 8.38 -2.87 8.36
N TYR A 30 7.37 -2.45 7.65
CA TYR A 30 6.82 -1.07 7.85
C TYR A 30 6.25 -0.93 9.27
N ALA A 31 5.55 -1.91 9.74
CA ALA A 31 4.97 -1.82 11.12
C ALA A 31 6.08 -1.76 12.17
N VAL A 32 7.13 -2.50 11.97
CA VAL A 32 8.25 -2.49 12.98
C VAL A 32 8.83 -1.08 13.11
N GLU A 33 9.11 -0.45 12.01
CA GLU A 33 9.71 0.91 12.07
C GLU A 33 8.73 1.88 12.74
N LEU A 34 7.46 1.67 12.59
CA LEU A 34 6.47 2.59 13.21
C LEU A 34 6.65 2.58 14.73
N ILE A 35 6.74 1.43 15.33
CA ILE A 35 6.94 1.36 16.80
C ILE A 35 8.31 1.96 17.16
N LEU A 36 9.32 1.63 16.41
CA LEU A 36 10.67 2.18 16.70
C LEU A 36 10.67 3.69 16.50
N SER A 37 9.98 4.15 15.49
CA SER A 37 9.94 5.62 15.24
C SER A 37 8.94 6.26 16.21
N GLU A 38 8.35 5.49 17.08
CA GLU A 38 7.37 6.06 18.04
C GLU A 38 8.08 6.38 19.35
N GLU A 39 7.95 7.58 19.83
CA GLU A 39 8.62 7.95 21.12
C GLU A 39 7.99 7.16 22.26
N ASP A 40 6.71 6.94 22.21
CA ASP A 40 6.04 6.18 23.30
C ASP A 40 5.88 4.70 22.90
N ARG A 41 6.36 3.81 23.71
CA ARG A 41 6.22 2.36 23.39
C ARG A 41 5.69 1.62 24.62
N SER A 42 4.88 0.62 24.39
CA SER A 42 4.32 -0.16 25.52
C SER A 42 4.87 -1.59 25.43
N GLN A 43 4.87 -2.31 26.50
CA GLN A 43 5.40 -3.70 26.43
C GLN A 43 4.71 -4.43 25.29
N GLU A 44 3.46 -4.12 25.06
CA GLU A 44 2.72 -4.80 23.95
C GLU A 44 3.31 -4.37 22.60
N MET A 45 3.56 -3.10 22.41
CA MET A 45 4.14 -2.66 21.10
C MET A 45 5.61 -3.05 21.02
N THR A 46 6.34 -2.87 22.10
CA THR A 46 7.78 -3.23 22.07
C THR A 46 7.93 -4.73 21.81
N ALA A 47 7.14 -5.53 22.46
CA ALA A 47 7.22 -7.01 22.25
C ALA A 47 6.66 -7.36 20.87
N LEU A 48 5.65 -6.65 20.45
CA LEU A 48 5.05 -6.94 19.12
C LEU A 48 6.08 -6.68 18.02
N ALA A 49 6.84 -5.63 18.16
CA ALA A 49 7.87 -5.32 17.12
C ALA A 49 8.92 -6.43 17.11
N THR A 50 9.29 -6.92 18.25
CA THR A 50 10.32 -8.00 18.31
C THR A 50 9.83 -9.23 17.54
N GLU A 51 8.61 -9.62 17.76
CA GLU A 51 8.07 -10.82 17.06
C GLU A 51 8.14 -10.60 15.54
N LEU A 52 7.87 -9.40 15.10
CA LEU A 52 7.91 -9.12 13.64
C LEU A 52 9.34 -9.30 13.12
N LEU A 53 10.33 -8.94 13.89
CA LEU A 53 11.73 -9.10 13.42
C LEU A 53 11.98 -10.58 13.11
N ASP A 54 11.46 -11.45 13.92
CA ASP A 54 11.67 -12.90 13.66
C ASP A 54 11.04 -13.27 12.32
N THR A 55 9.86 -12.77 12.05
CA THR A 55 9.20 -13.09 10.76
C THR A 55 10.02 -12.53 9.60
N ILE A 56 10.48 -11.32 9.71
CA ILE A 56 11.29 -10.72 8.61
C ILE A 56 12.49 -11.62 8.32
N GLU A 57 13.22 -11.97 9.33
CA GLU A 57 14.41 -12.85 9.11
C GLU A 57 13.95 -14.23 8.64
N ALA A 58 12.87 -14.73 9.18
CA ALA A 58 12.38 -16.06 8.75
C ALA A 58 11.92 -15.98 7.29
N PHE A 59 11.24 -14.93 6.94
CA PHE A 59 10.78 -14.79 5.52
C PHE A 59 11.99 -14.65 4.59
N LYS A 60 12.89 -13.78 4.94
CA LYS A 60 14.08 -13.56 4.09
C LYS A 60 14.87 -14.87 3.99
N LYS A 61 14.89 -15.65 5.03
CA LYS A 61 15.63 -16.94 4.98
C LYS A 61 14.97 -17.85 3.93
N GLU A 62 13.68 -17.77 3.78
CA GLU A 62 12.99 -18.61 2.77
C GLU A 62 13.53 -18.27 1.38
N ILE A 63 13.93 -17.05 1.18
CA ILE A 63 14.47 -16.65 -0.16
C ILE A 63 15.91 -16.15 0.00
N GLY A 64 16.48 -16.30 1.16
CA GLY A 64 17.88 -15.83 1.37
C GLY A 64 18.78 -16.38 0.27
N GLY A 65 18.55 -17.61 -0.12
CA GLY A 65 19.39 -18.21 -1.20
C GLY A 65 20.57 -18.96 -0.59
N GLU A 66 20.64 -19.05 0.71
CA GLU A 66 21.77 -19.79 1.34
C GLU A 66 21.73 -21.25 0.90
N SER A 67 20.55 -21.78 0.76
CA SER A 67 20.41 -23.20 0.31
C SER A 67 19.28 -23.28 -0.72
N GLU A 68 18.32 -22.41 -0.60
CA GLU A 68 17.20 -22.42 -1.57
C GLU A 68 17.75 -22.09 -2.96
N ALA A 69 18.77 -21.28 -3.01
CA ALA A 69 19.35 -20.92 -4.33
C ALA A 69 19.91 -22.17 -5.00
N GLU A 70 20.53 -23.04 -4.25
CA GLU A 70 21.09 -24.27 -4.84
C GLU A 70 20.01 -24.94 -5.69
N ASP A 71 18.80 -24.93 -5.22
CA ASP A 71 17.70 -25.54 -6.01
C ASP A 71 17.57 -24.83 -7.34
N SER A 72 17.75 -23.54 -7.35
CA SER A 72 17.63 -22.76 -8.61
C SER A 72 18.79 -21.76 -8.74
N ASP A 73 18.91 -20.86 -7.79
CA ASP A 73 19.99 -19.84 -7.85
C ASP A 73 19.86 -19.03 -9.13
N LYS A 74 18.95 -19.41 -10.00
CA LYS A 74 18.77 -18.65 -11.25
C LYS A 74 17.55 -17.74 -11.10
N SER A 75 16.37 -18.28 -11.27
CA SER A 75 15.14 -17.44 -11.12
C SER A 75 14.97 -17.03 -9.66
N LEU A 76 15.33 -17.88 -8.74
CA LEU A 76 15.18 -17.52 -7.30
C LEU A 76 16.16 -16.39 -6.95
N HIS A 77 17.32 -16.40 -7.55
CA HIS A 77 18.31 -15.33 -7.24
C HIS A 77 17.72 -13.97 -7.61
N VAL A 78 17.10 -13.86 -8.76
CA VAL A 78 16.51 -12.55 -9.14
C VAL A 78 15.40 -12.22 -8.14
N MET A 79 14.61 -13.19 -7.77
CA MET A 79 13.52 -12.92 -6.80
C MET A 79 14.15 -12.37 -5.53
N ASN A 80 15.31 -12.86 -5.18
CA ASN A 80 15.98 -12.34 -3.96
C ASN A 80 16.24 -10.84 -4.16
N THR A 81 16.48 -10.44 -5.39
CA THR A 81 16.71 -8.99 -5.64
C THR A 81 15.50 -8.23 -5.13
N LEU A 82 14.34 -8.78 -5.30
CA LEU A 82 13.10 -8.10 -4.82
C LEU A 82 13.19 -7.91 -3.30
N ILE A 83 13.69 -8.88 -2.59
CA ILE A 83 13.79 -8.74 -1.11
C ILE A 83 15.08 -7.99 -0.71
N HIS A 84 16.18 -8.35 -1.30
CA HIS A 84 17.47 -7.68 -0.94
C HIS A 84 17.54 -6.27 -1.52
N ASP A 85 17.21 -6.10 -2.77
CA ASP A 85 17.28 -4.72 -3.37
C ASP A 85 16.01 -3.94 -3.05
N GLN A 86 16.08 -3.08 -2.07
CA GLN A 86 14.88 -2.27 -1.70
C GLN A 86 14.49 -1.34 -2.85
N GLU A 87 15.45 -0.82 -3.58
CA GLU A 87 15.12 0.10 -4.70
C GLU A 87 14.29 -0.61 -5.76
N LYS A 88 14.69 -1.78 -6.18
CA LYS A 88 13.90 -2.50 -7.21
C LYS A 88 12.54 -2.88 -6.63
N ALA A 89 12.51 -3.28 -5.40
CA ALA A 89 11.22 -3.65 -4.76
C ALA A 89 10.32 -2.42 -4.73
N LYS A 90 10.88 -1.27 -4.48
CA LYS A 90 10.06 -0.03 -4.44
C LYS A 90 9.23 0.08 -5.71
N ILE A 91 9.84 -0.13 -6.85
CA ILE A 91 9.08 -0.03 -8.12
C ILE A 91 7.96 -1.06 -8.14
N TYR A 92 8.25 -2.28 -7.78
CA TYR A 92 7.19 -3.32 -7.79
C TYR A 92 6.12 -2.97 -6.76
N MET A 93 6.53 -2.53 -5.60
CA MET A 93 5.53 -2.17 -4.55
C MET A 93 4.68 -1.02 -5.06
N LEU A 94 5.29 -0.06 -5.71
CA LEU A 94 4.52 1.09 -6.24
C LEU A 94 3.54 0.59 -7.29
N ASN A 95 3.99 -0.29 -8.15
CA ASN A 95 3.09 -0.83 -9.20
C ASN A 95 1.95 -1.59 -8.53
N PHE A 96 2.23 -2.34 -7.51
CA PHE A 96 1.16 -3.10 -6.81
C PHE A 96 0.21 -2.11 -6.15
N THR A 97 0.74 -1.18 -5.41
CA THR A 97 -0.14 -0.17 -4.74
C THR A 97 -0.87 0.64 -5.81
N MET A 98 -0.18 1.05 -6.83
CA MET A 98 -0.85 1.82 -7.90
C MET A 98 -1.91 0.96 -8.58
N SER A 99 -1.63 -0.31 -8.76
CA SER A 99 -2.62 -1.20 -9.42
C SER A 99 -3.89 -1.24 -8.56
N LEU A 100 -3.73 -1.43 -7.28
CA LEU A 100 -4.93 -1.46 -6.40
C LEU A 100 -5.57 -0.07 -6.39
N TYR A 101 -4.77 0.94 -6.27
CA TYR A 101 -5.30 2.33 -6.26
C TYR A 101 -6.00 2.62 -7.58
N ASN A 102 -5.42 2.22 -8.67
CA ASN A 102 -6.05 2.47 -9.99
C ASN A 102 -7.40 1.76 -10.07
N GLU A 103 -7.49 0.58 -9.52
CA GLU A 103 -8.78 -0.17 -9.59
C GLU A 103 -9.87 0.60 -8.84
N LYS A 104 -9.56 1.19 -7.72
CA LYS A 104 -10.60 1.94 -6.96
C LYS A 104 -11.08 3.14 -7.76
N LEU A 105 -10.19 3.89 -8.34
CA LEU A 105 -10.62 5.06 -9.14
C LEU A 105 -11.34 4.56 -10.39
N LYS A 106 -10.90 3.47 -10.93
CA LYS A 106 -11.57 2.93 -12.14
C LYS A 106 -13.02 2.62 -11.77
N GLN A 107 -13.22 2.01 -10.64
CA GLN A 107 -14.62 1.73 -10.20
C GLN A 107 -15.32 3.05 -9.95
N LEU A 108 -14.61 4.02 -9.43
CA LEU A 108 -15.20 5.36 -9.15
C LEU A 108 -15.74 5.92 -10.46
N LYS A 109 -15.08 5.62 -11.55
CA LYS A 109 -15.51 6.13 -12.88
C LYS A 109 -16.94 5.66 -13.19
N ASP A 110 -17.27 4.45 -12.83
CA ASP A 110 -18.66 3.95 -13.12
C ASP A 110 -18.92 2.63 -12.39
N GLY A 111 -17.89 1.91 -12.00
CA GLY A 111 -18.13 0.62 -11.29
C GLY A 111 -19.05 0.83 -10.09
N PRO A 112 -19.68 -0.22 -9.65
CA PRO A 112 -20.63 -0.17 -8.49
C PRO A 112 -19.93 0.20 -7.18
N TRP A 113 -20.57 1.00 -6.37
CA TRP A 113 -19.97 1.41 -5.07
C TRP A 113 -20.70 0.67 -3.95
N ASP A 114 -19.98 0.18 -2.97
CA ASP A 114 -20.65 -0.55 -1.86
C ASP A 114 -19.80 -0.48 -0.59
N VAL A 115 -20.35 -0.94 0.50
CA VAL A 115 -19.59 -0.93 1.78
C VAL A 115 -18.27 -1.66 1.60
N MET A 116 -18.27 -2.73 0.86
CA MET A 116 -17.00 -3.48 0.66
C MET A 116 -15.96 -2.52 0.08
N LEU A 117 -16.37 -1.71 -0.87
CA LEU A 117 -15.41 -0.75 -1.47
C LEU A 117 -14.92 0.21 -0.38
N LYS A 118 -15.80 0.58 0.53
CA LYS A 118 -15.41 1.52 1.61
C LYS A 118 -14.23 0.95 2.40
N ARG A 119 -14.32 -0.28 2.79
CA ARG A 119 -13.21 -0.90 3.56
C ARG A 119 -11.97 -1.05 2.66
N SER A 120 -12.18 -1.40 1.42
CA SER A 120 -11.02 -1.56 0.49
C SER A 120 -10.27 -0.23 0.33
N LEU A 121 -10.98 0.86 0.27
CA LEU A 121 -10.29 2.17 0.13
C LEU A 121 -9.39 2.40 1.33
N TRP A 122 -9.85 2.03 2.50
CA TRP A 122 -9.01 2.19 3.72
C TRP A 122 -7.74 1.37 3.58
N CYS A 123 -7.86 0.19 3.00
CA CYS A 123 -6.67 -0.68 2.83
C CYS A 123 -5.68 -0.02 1.89
N CYS A 124 -6.16 0.58 0.83
CA CYS A 124 -5.25 1.24 -0.14
C CYS A 124 -4.51 2.38 0.55
N ILE A 125 -5.17 3.11 1.40
CA ILE A 125 -4.50 4.24 2.10
C ILE A 125 -3.30 3.72 2.90
N ASP A 126 -3.47 2.61 3.57
CA ASP A 126 -2.34 2.05 4.38
C ASP A 126 -1.16 1.70 3.48
N LEU A 127 -1.42 1.13 2.33
CA LEU A 127 -0.32 0.73 1.42
C LEU A 127 0.48 1.97 0.99
N PHE A 128 -0.16 3.06 0.71
CA PHE A 128 0.58 4.28 0.27
C PHE A 128 1.50 4.77 1.40
N SER A 129 1.01 4.78 2.61
CA SER A 129 1.86 5.26 3.73
C SER A 129 3.09 4.36 3.88
N CYS A 130 2.93 3.09 3.65
CA CYS A 130 4.10 2.17 3.79
C CYS A 130 5.12 2.46 2.69
N ILE A 131 4.65 2.69 1.49
CA ILE A 131 5.61 2.97 0.37
C ILE A 131 6.45 4.20 0.68
N LEU A 132 5.86 5.23 1.21
CA LEU A 132 6.65 6.45 1.52
C LEU A 132 7.61 6.19 2.68
N HIS A 133 7.14 5.56 3.72
CA HIS A 133 8.01 5.27 4.90
C HIS A 133 9.12 4.28 4.54
N LEU A 134 8.80 3.24 3.82
CA LEU A 134 9.82 2.21 3.47
C LEU A 134 10.97 2.81 2.64
N TRP A 135 10.71 3.80 1.84
CA TRP A 135 11.81 4.37 1.01
C TRP A 135 11.72 5.90 0.93
N LYS A 136 11.71 6.58 2.05
CA LYS A 136 11.65 8.07 2.01
C LYS A 136 12.89 8.61 1.30
N GLU A 137 14.02 8.00 1.53
CA GLU A 137 15.29 8.47 0.91
C GLU A 137 15.27 8.27 -0.61
N ASN A 138 14.55 7.29 -1.09
CA ASN A 138 14.54 7.04 -2.56
C ASN A 138 13.38 7.81 -3.22
N ILE A 139 12.63 8.54 -2.46
CA ILE A 139 11.49 9.31 -3.05
C ILE A 139 11.73 10.81 -2.81
N SER A 140 11.71 11.59 -3.87
CA SER A 140 11.93 13.05 -3.71
C SER A 140 10.73 13.68 -3.01
N GLU A 141 10.90 14.84 -2.44
CA GLU A 141 9.76 15.50 -1.74
C GLU A 141 8.67 15.83 -2.76
N THR A 142 9.06 16.25 -3.93
CA THR A 142 8.04 16.58 -4.97
C THR A 142 7.30 15.31 -5.38
N SER A 143 8.02 14.24 -5.60
CA SER A 143 7.36 12.98 -6.00
C SER A 143 6.44 12.51 -4.87
N THR A 144 6.88 12.68 -3.66
CA THR A 144 6.04 12.24 -2.50
C THR A 144 4.72 13.02 -2.51
N ASN A 145 4.78 14.29 -2.83
CA ASN A 145 3.54 15.10 -2.86
C ASN A 145 2.52 14.48 -3.82
N SER A 146 2.99 13.97 -4.94
CA SER A 146 2.06 13.35 -5.91
C SER A 146 1.37 12.15 -5.25
N LEU A 147 2.11 11.38 -4.51
CA LEU A 147 1.52 10.19 -3.83
C LEU A 147 0.54 10.66 -2.76
N GLN A 148 0.88 11.69 -2.04
CA GLN A 148 -0.04 12.19 -0.98
C GLN A 148 -1.36 12.62 -1.62
N LYS A 149 -1.31 13.21 -2.78
CA LYS A 149 -2.57 13.64 -3.44
C LYS A 149 -3.43 12.41 -3.71
N ARG A 150 -2.83 11.34 -4.14
CA ARG A 150 -3.62 10.11 -4.42
C ARG A 150 -4.26 9.64 -3.12
N ILE A 151 -3.54 9.69 -2.03
CA ILE A 151 -4.12 9.27 -0.73
C ILE A 151 -5.24 10.24 -0.36
N LYS A 152 -5.00 11.51 -0.55
CA LYS A 152 -6.03 12.52 -0.22
C LYS A 152 -7.27 12.28 -1.08
N TYR A 153 -7.08 11.94 -2.32
CA TYR A 153 -8.25 11.69 -3.21
C TYR A 153 -9.12 10.61 -2.59
N CYS A 154 -8.52 9.56 -2.09
CA CYS A 154 -9.32 8.48 -1.46
C CYS A 154 -9.96 9.02 -0.18
N LYS A 155 -9.22 9.78 0.58
CA LYS A 155 -9.79 10.36 1.82
C LYS A 155 -11.01 11.22 1.49
N ILE A 156 -10.91 12.01 0.47
CA ILE A 156 -12.07 12.88 0.10
C ILE A 156 -13.22 12.03 -0.44
N TYR A 157 -12.95 11.15 -1.37
CA TYR A 157 -14.03 10.31 -1.95
C TYR A 157 -14.61 9.36 -0.88
N LEU A 158 -13.80 8.85 -0.01
CA LEU A 158 -14.35 7.92 1.03
C LEU A 158 -15.41 8.66 1.83
N SER A 159 -15.23 9.92 2.07
CA SER A 159 -16.24 10.69 2.84
C SER A 159 -17.50 10.86 1.99
N LYS A 160 -17.33 11.10 0.72
CA LYS A 160 -18.52 11.30 -0.17
C LYS A 160 -19.38 10.04 -0.14
N LEU A 161 -18.76 8.88 -0.13
CA LEU A 161 -19.55 7.62 -0.09
C LEU A 161 -20.41 7.63 1.17
N ALA A 162 -19.88 8.15 2.24
CA ALA A 162 -20.67 8.19 3.51
C ALA A 162 -21.89 9.08 3.32
N LYS A 163 -21.82 10.06 2.45
CA LYS A 163 -22.98 10.95 2.22
C LYS A 163 -23.97 10.26 1.29
N GLY A 164 -23.55 9.24 0.62
CA GLY A 164 -24.46 8.53 -0.32
C GLY A 164 -24.46 9.29 -1.66
N GLU A 165 -23.54 10.22 -1.81
CA GLU A 165 -23.49 11.02 -3.07
C GLU A 165 -22.89 10.15 -4.19
N ILE A 166 -22.06 9.20 -3.86
CA ILE A 166 -21.47 8.34 -4.91
C ILE A 166 -22.19 7.00 -4.92
N GLY A 167 -22.59 6.54 -6.08
CA GLY A 167 -23.31 5.24 -6.15
C GLY A 167 -23.92 5.06 -7.54
N ILE B 1 15.73 -11.25 -14.67
CA ILE B 1 15.29 -11.91 -15.93
C ILE B 1 13.79 -12.18 -15.85
N ASN B 2 13.41 -13.38 -15.50
CA ASN B 2 11.96 -13.69 -15.40
C ASN B 2 11.44 -13.05 -14.12
N ILE B 3 12.14 -12.09 -13.61
CA ILE B 3 11.68 -11.42 -12.37
C ILE B 3 10.38 -10.70 -12.68
N ASP B 4 10.31 -10.06 -13.81
CA ASP B 4 9.06 -9.35 -14.18
C ASP B 4 8.01 -10.38 -14.59
N LYS B 5 8.43 -11.37 -15.34
CA LYS B 5 7.50 -12.42 -15.81
C LYS B 5 7.01 -13.25 -14.62
N LEU B 6 7.87 -13.52 -13.69
CA LEU B 6 7.49 -14.34 -12.50
C LEU B 6 6.42 -13.62 -11.68
N GLN B 7 6.64 -12.37 -11.40
CA GLN B 7 5.65 -11.60 -10.60
C GLN B 7 4.41 -11.29 -11.42
N ASP B 8 4.58 -10.96 -12.69
CA ASP B 8 3.40 -10.64 -13.53
C ASP B 8 3.67 -11.02 -14.99
N MET B 9 2.65 -11.36 -15.72
CA MET B 9 2.86 -11.73 -17.15
C MET B 9 3.50 -10.56 -17.91
N GLN B 10 3.22 -9.35 -17.49
CA GLN B 10 3.80 -8.18 -18.19
C GLN B 10 5.33 -8.30 -18.24
N ASP B 11 5.92 -7.89 -19.32
CA ASP B 11 7.40 -8.01 -19.48
C ASP B 11 8.15 -7.16 -18.43
N GLU B 12 7.69 -5.97 -18.15
CA GLU B 12 8.43 -5.11 -17.17
C GLU B 12 7.48 -4.50 -16.13
N MET B 13 7.98 -4.28 -14.94
CA MET B 13 7.15 -3.66 -13.86
C MET B 13 6.76 -2.25 -14.29
N LEU B 14 7.65 -1.57 -14.94
CA LEU B 14 7.37 -0.19 -15.40
C LEU B 14 6.11 -0.22 -16.27
N ASP B 15 5.92 -1.29 -16.98
CA ASP B 15 4.70 -1.39 -17.84
C ASP B 15 3.47 -1.24 -16.92
N LEU B 16 3.55 -1.76 -15.73
CA LEU B 16 2.40 -1.62 -14.79
C LEU B 16 2.14 -0.13 -14.58
N ILE B 17 3.18 0.66 -14.59
CA ILE B 17 2.98 2.13 -14.41
C ILE B 17 2.26 2.69 -15.63
N GLU B 18 2.46 2.11 -16.78
CA GLU B 18 1.74 2.61 -17.99
C GLU B 18 0.24 2.51 -17.70
N GLN B 19 -0.14 1.47 -17.02
CA GLN B 19 -1.58 1.31 -16.66
C GLN B 19 -1.96 2.54 -15.84
N GLY B 20 -1.04 3.01 -15.03
CA GLY B 20 -1.32 4.21 -14.21
C GLY B 20 -1.60 5.38 -15.15
N ASP B 21 -0.97 5.40 -16.30
CA ASP B 21 -1.25 6.51 -17.25
C ASP B 21 -2.75 6.52 -17.52
N GLU B 22 -3.34 5.36 -17.63
CA GLU B 22 -4.82 5.28 -17.86
C GLU B 22 -5.53 5.95 -16.69
N LEU B 23 -4.99 5.84 -15.51
CA LEU B 23 -5.64 6.46 -14.33
C LEU B 23 -5.85 7.95 -14.61
N GLN B 24 -4.88 8.58 -15.19
CA GLN B 24 -5.04 10.02 -15.51
C GLN B 24 -6.23 10.17 -16.45
N GLU B 25 -6.34 9.29 -17.40
CA GLU B 25 -7.47 9.34 -18.36
C GLU B 25 -8.78 9.13 -17.60
N VAL B 26 -8.79 8.24 -16.66
CA VAL B 26 -10.04 7.97 -15.90
C VAL B 26 -10.43 9.20 -15.08
N LEU B 27 -9.52 9.76 -14.34
CA LEU B 27 -9.86 10.96 -13.54
C LEU B 27 -10.17 12.12 -14.48
N ALA B 28 -9.52 12.16 -15.60
CA ALA B 28 -9.77 13.26 -16.57
C ALA B 28 -11.23 13.22 -17.03
N MET B 29 -11.75 12.04 -17.31
CA MET B 29 -13.17 11.95 -17.76
C MET B 29 -14.08 12.45 -16.64
N ASN B 30 -13.77 12.13 -15.42
CA ASN B 30 -14.63 12.60 -14.30
C ASN B 30 -14.66 14.13 -14.27
N ASN B 31 -13.55 14.74 -14.56
CA ASN B 31 -13.49 16.23 -14.56
C ASN B 31 -12.03 16.68 -14.63
N ASN B 32 -11.59 17.17 -15.75
CA ASN B 32 -10.19 17.63 -15.87
C ASN B 32 -9.92 18.69 -14.81
N SER B 33 -10.89 19.52 -14.53
CA SER B 33 -10.70 20.56 -13.49
C SER B 33 -10.95 19.95 -12.12
N GLY B 34 -11.20 18.67 -12.08
CA GLY B 34 -11.47 18.01 -10.77
C GLY B 34 -10.27 18.23 -9.83
N GLU B 35 -10.38 19.20 -8.95
CA GLU B 35 -9.27 19.48 -8.00
C GLU B 35 -9.82 19.42 -6.58
N LEU B 36 -8.98 19.11 -5.63
CA LEU B 36 -9.45 19.03 -4.21
C LEU B 36 -10.15 20.34 -3.84
N ASP B 37 -9.65 21.44 -4.32
CA ASP B 37 -10.28 22.75 -4.01
C ASP B 37 -11.72 22.76 -4.49
N ASP B 38 -12.00 22.08 -5.57
CA ASP B 38 -13.39 22.06 -6.11
C ASP B 38 -14.27 21.14 -5.26
N ILE B 39 -13.69 20.17 -4.62
CA ILE B 39 -14.48 19.25 -3.77
C ILE B 39 -14.37 19.69 -2.31
N SER B 40 -15.46 19.71 -1.60
CA SER B 40 -15.42 20.14 -0.17
C SER B 40 -14.44 19.28 0.63
N ASP B 41 -13.17 19.50 0.44
CA ASP B 41 -12.14 18.70 1.17
C ASP B 41 -12.24 18.94 2.69
N ALA B 42 -12.55 20.14 3.10
CA ALA B 42 -12.61 20.44 4.56
C ALA B 42 -13.72 19.63 5.25
N GLU B 43 -14.91 19.62 4.72
CA GLU B 43 -16.00 18.83 5.38
C GLU B 43 -15.75 17.34 5.20
N LEU B 44 -15.39 16.95 4.02
CA LEU B 44 -15.14 15.52 3.73
C LEU B 44 -13.99 15.00 4.60
N ASP B 45 -12.99 15.80 4.81
CA ASP B 45 -11.84 15.34 5.64
C ASP B 45 -12.28 15.13 7.09
N ALA B 46 -13.06 16.03 7.62
CA ALA B 46 -13.50 15.88 9.04
C ALA B 46 -14.45 14.68 9.18
N GLU B 47 -15.33 14.50 8.25
CA GLU B 47 -16.27 13.35 8.35
C GLU B 47 -15.50 12.04 8.22
N LEU B 48 -14.42 12.04 7.49
CA LEU B 48 -13.64 10.79 7.33
C LEU B 48 -13.03 10.34 8.66
N ASP B 49 -12.50 11.25 9.42
CA ASP B 49 -11.90 10.85 10.71
C ASP B 49 -12.99 10.27 11.62
N ALA B 50 -14.13 10.89 11.65
CA ALA B 50 -15.24 10.35 12.49
C ALA B 50 -15.81 9.10 11.81
N LEU B 51 -15.96 9.14 10.52
CA LEU B 51 -16.50 7.97 9.79
C LEU B 51 -15.56 6.77 9.96
N ALA B 52 -14.28 7.01 9.97
CA ALA B 52 -13.32 5.89 10.14
C ALA B 52 -13.63 5.18 11.45
N GLN B 53 -13.94 5.93 12.48
CA GLN B 53 -14.27 5.29 13.79
C GLN B 53 -15.50 4.40 13.62
N GLU B 54 -16.39 4.75 12.74
CA GLU B 54 -17.61 3.92 12.52
C GLU B 54 -17.23 2.51 12.05
N ASP B 55 -16.31 2.40 11.14
CA ASP B 55 -15.93 1.05 10.63
C ASP B 55 -14.74 0.50 11.42
N PHE B 56 -13.91 1.34 11.95
CA PHE B 56 -12.73 0.85 12.72
C PHE B 56 -13.20 0.35 14.08
N THR B 57 -12.32 -0.27 14.83
CA THR B 57 -12.72 -0.79 16.17
C THR B 57 -12.06 0.06 17.25
N LEU B 58 -12.85 0.70 18.07
CA LEU B 58 -12.28 1.54 19.14
C LEU B 58 -12.13 0.68 20.42
N PRO B 59 -11.05 0.84 21.14
CA PRO B 59 -10.81 0.06 22.39
C PRO B 59 -11.72 0.53 23.54
N MET A 1 -2.88 6.73 14.66
CA MET A 1 -1.50 6.56 14.15
C MET A 1 -0.99 5.16 14.50
N ALA A 2 -0.79 4.90 15.76
CA ALA A 2 -0.30 3.55 16.18
C ALA A 2 -1.33 2.49 15.76
N SER A 3 -2.59 2.80 15.85
CA SER A 3 -3.63 1.81 15.45
C SER A 3 -3.45 1.45 13.98
N ASN A 4 -3.08 2.39 13.16
CA ASN A 4 -2.89 2.10 11.71
C ASN A 4 -1.80 1.05 11.55
N ALA A 5 -0.77 1.11 12.36
CA ALA A 5 0.33 0.11 12.26
C ALA A 5 -0.21 -1.28 12.55
N ALA A 6 -1.09 -1.39 13.51
CA ALA A 6 -1.66 -2.73 13.86
C ALA A 6 -2.49 -3.26 12.68
N ARG A 7 -3.29 -2.43 12.09
CA ARG A 7 -4.13 -2.90 10.93
C ARG A 7 -3.21 -3.39 9.83
N VAL A 8 -2.14 -2.69 9.60
CA VAL A 8 -1.21 -3.10 8.52
C VAL A 8 -0.66 -4.49 8.83
N VAL A 9 -0.36 -4.76 10.08
CA VAL A 9 0.16 -6.10 10.45
C VAL A 9 -0.89 -7.16 10.11
N ALA A 10 -2.11 -6.93 10.51
CA ALA A 10 -3.18 -7.92 10.21
C ALA A 10 -3.43 -7.91 8.71
N THR A 11 -3.44 -6.75 8.10
CA THR A 11 -3.66 -6.68 6.64
C THR A 11 -2.53 -7.43 5.93
N ALA A 12 -1.33 -7.30 6.43
CA ALA A 12 -0.18 -8.01 5.80
C ALA A 12 -0.48 -9.50 5.79
N LYS A 13 -1.05 -10.00 6.86
CA LYS A 13 -1.39 -11.45 6.92
C LYS A 13 -2.38 -11.78 5.80
N ASP A 14 -3.20 -10.84 5.43
CA ASP A 14 -4.19 -11.09 4.34
C ASP A 14 -3.46 -11.44 3.06
N PHE A 15 -2.38 -10.77 2.77
CA PHE A 15 -1.62 -11.07 1.53
C PHE A 15 -1.07 -12.49 1.60
N ASP A 16 -0.63 -12.92 2.76
CA ASP A 16 -0.09 -14.31 2.87
C ASP A 16 -1.19 -15.30 2.51
N LYS A 17 -2.39 -15.03 2.94
CA LYS A 17 -3.53 -15.94 2.62
C LYS A 17 -3.70 -16.03 1.10
N VAL A 18 -3.41 -14.96 0.41
CA VAL A 18 -3.56 -14.96 -1.07
C VAL A 18 -2.28 -15.48 -1.72
N GLY A 19 -1.25 -15.69 -0.95
CA GLY A 19 0.02 -16.22 -1.53
C GLY A 19 0.96 -15.07 -1.89
N LEU A 20 0.60 -13.85 -1.57
CA LEU A 20 1.49 -12.70 -1.90
C LEU A 20 2.37 -12.38 -0.68
N GLY A 21 3.12 -13.34 -0.23
CA GLY A 21 4.00 -13.11 0.96
C GLY A 21 4.97 -11.96 0.67
N ILE A 22 5.39 -11.81 -0.55
CA ILE A 22 6.34 -10.70 -0.87
C ILE A 22 5.71 -9.36 -0.49
N ILE A 23 4.45 -9.16 -0.79
CA ILE A 23 3.80 -7.88 -0.41
C ILE A 23 3.68 -7.80 1.11
N GLY A 24 3.22 -8.86 1.72
CA GLY A 24 3.10 -8.86 3.20
C GLY A 24 4.47 -8.69 3.83
N TYR A 25 5.49 -9.19 3.18
CA TYR A 25 6.87 -9.07 3.74
C TYR A 25 7.22 -7.58 3.92
N TYR A 26 6.99 -6.79 2.92
CA TYR A 26 7.31 -5.34 3.05
C TYR A 26 6.37 -4.68 4.08
N LEU A 27 5.14 -5.11 4.14
CA LEU A 27 4.20 -4.51 5.13
C LEU A 27 4.68 -4.79 6.56
N GLN A 28 5.16 -5.98 6.81
CA GLN A 28 5.65 -6.30 8.18
C GLN A 28 6.80 -5.36 8.53
N LEU A 29 7.65 -5.10 7.58
CA LEU A 29 8.80 -4.18 7.84
C LEU A 29 8.25 -2.78 8.12
N TYR A 30 7.23 -2.38 7.41
CA TYR A 30 6.63 -1.04 7.62
C TYR A 30 6.01 -0.95 9.02
N ALA A 31 5.31 -1.97 9.44
CA ALA A 31 4.67 -1.92 10.79
C ALA A 31 5.75 -1.89 11.88
N VAL A 32 6.84 -2.58 11.69
CA VAL A 32 7.91 -2.59 12.72
C VAL A 32 8.45 -1.18 12.94
N GLU A 33 8.77 -0.50 11.88
CA GLU A 33 9.33 0.88 12.03
C GLU A 33 8.28 1.80 12.66
N LEU A 34 7.02 1.55 12.39
CA LEU A 34 5.95 2.41 12.97
C LEU A 34 5.99 2.34 14.50
N ILE A 35 6.07 1.14 15.04
CA ILE A 35 6.11 1.00 16.52
C ILE A 35 7.38 1.66 17.06
N LEU A 36 8.50 1.40 16.44
CA LEU A 36 9.77 2.02 16.92
C LEU A 36 9.69 3.53 16.76
N SER A 37 9.09 3.98 15.71
CA SER A 37 8.97 5.44 15.49
C SER A 37 8.03 6.02 16.54
N GLU A 38 7.32 5.16 17.22
CA GLU A 38 6.37 5.64 18.26
C GLU A 38 7.12 5.81 19.59
N GLU A 39 7.07 6.99 20.16
CA GLU A 39 7.77 7.21 21.45
C GLU A 39 7.12 6.39 22.56
N ASP A 40 5.82 6.24 22.51
CA ASP A 40 5.11 5.46 23.56
C ASP A 40 5.03 4.00 23.15
N ARG A 41 5.49 3.11 23.99
CA ARG A 41 5.43 1.66 23.67
C ARG A 41 5.01 0.88 24.91
N SER A 42 4.21 -0.14 24.72
CA SER A 42 3.76 -0.97 25.85
C SER A 42 4.43 -2.33 25.73
N GLN A 43 4.53 -3.06 26.81
CA GLN A 43 5.19 -4.39 26.72
C GLN A 43 4.52 -5.19 25.60
N GLU A 44 3.24 -5.00 25.43
CA GLU A 44 2.52 -5.73 24.36
C GLU A 44 2.94 -5.18 22.99
N MET A 45 3.08 -3.89 22.85
CA MET A 45 3.48 -3.32 21.54
C MET A 45 4.95 -3.65 21.27
N THR A 46 5.78 -3.56 22.27
CA THR A 46 7.23 -3.85 22.07
C THR A 46 7.39 -5.32 21.66
N ALA A 47 6.66 -6.20 22.28
CA ALA A 47 6.78 -7.65 21.93
C ALA A 47 6.24 -7.89 20.52
N LEU A 48 5.25 -7.15 20.13
CA LEU A 48 4.67 -7.35 18.76
C LEU A 48 5.74 -7.04 17.70
N ALA A 49 6.53 -6.03 17.92
CA ALA A 49 7.58 -5.69 16.91
C ALA A 49 8.62 -6.81 16.87
N THR A 50 8.96 -7.35 18.00
CA THR A 50 9.98 -8.44 18.04
C THR A 50 9.49 -9.65 17.22
N GLU A 51 8.26 -10.03 17.40
CA GLU A 51 7.72 -11.21 16.65
C GLU A 51 7.85 -10.95 15.14
N LEU A 52 7.62 -9.74 14.71
CA LEU A 52 7.73 -9.45 13.26
C LEU A 52 9.16 -9.64 12.78
N LEU A 53 10.12 -9.27 13.58
CA LEU A 53 11.54 -9.44 13.16
C LEU A 53 11.80 -10.93 12.86
N ASP A 54 11.26 -11.80 13.67
CA ASP A 54 11.48 -13.24 13.43
C ASP A 54 10.86 -13.64 12.08
N THR A 55 9.69 -13.14 11.79
CA THR A 55 9.05 -13.48 10.48
C THR A 55 9.85 -12.87 9.34
N ILE A 56 10.21 -11.62 9.46
CA ILE A 56 10.99 -10.97 8.37
C ILE A 56 12.30 -11.72 8.18
N GLU A 57 13.01 -11.99 9.23
CA GLU A 57 14.29 -12.73 9.10
C GLU A 57 14.01 -14.11 8.53
N ALA A 58 12.94 -14.73 8.97
CA ALA A 58 12.61 -16.09 8.46
C ALA A 58 12.19 -15.97 6.99
N PHE A 59 11.44 -14.97 6.67
CA PHE A 59 11.00 -14.79 5.26
C PHE A 59 12.22 -14.48 4.38
N LYS A 60 13.05 -13.57 4.80
CA LYS A 60 14.25 -13.23 3.99
C LYS A 60 15.17 -14.46 3.94
N LYS A 61 15.29 -15.16 5.04
CA LYS A 61 16.16 -16.37 5.04
C LYS A 61 15.58 -17.38 4.06
N GLU A 62 14.28 -17.41 3.94
CA GLU A 62 13.64 -18.37 2.99
C GLU A 62 14.15 -18.11 1.58
N ILE A 63 14.47 -16.87 1.29
CA ILE A 63 14.98 -16.52 -0.07
C ILE A 63 16.34 -15.84 0.04
N GLY A 64 16.93 -15.85 1.21
CA GLY A 64 18.26 -15.19 1.38
C GLY A 64 19.24 -15.77 0.36
N GLY A 65 19.16 -17.05 0.10
CA GLY A 65 20.09 -17.66 -0.89
C GLY A 65 21.31 -18.24 -0.18
N GLU A 66 21.36 -18.18 1.13
CA GLU A 66 22.52 -18.72 1.86
C GLU A 66 22.64 -20.22 1.57
N SER A 67 21.52 -20.88 1.46
CA SER A 67 21.53 -22.34 1.16
C SER A 67 20.49 -22.63 0.09
N GLU A 68 19.44 -21.84 0.05
CA GLU A 68 18.39 -22.05 -0.98
C GLU A 68 19.00 -21.83 -2.36
N ALA A 69 19.98 -20.97 -2.45
CA ALA A 69 20.62 -20.69 -3.76
C ALA A 69 21.21 -21.99 -4.32
N GLU A 70 21.78 -22.80 -3.49
CA GLU A 70 22.36 -24.08 -3.99
C GLU A 70 21.24 -24.87 -4.67
N ASP A 71 20.08 -24.92 -4.07
CA ASP A 71 18.95 -25.64 -4.69
C ASP A 71 18.56 -24.94 -5.99
N SER A 72 18.61 -23.63 -5.98
CA SER A 72 18.27 -22.84 -7.18
C SER A 72 18.90 -21.46 -7.06
N ASP A 73 20.03 -21.26 -7.67
CA ASP A 73 20.71 -19.94 -7.57
C ASP A 73 20.37 -19.09 -8.80
N LYS A 74 19.49 -19.56 -9.62
CA LYS A 74 19.15 -18.79 -10.84
C LYS A 74 17.86 -17.98 -10.61
N SER A 75 16.73 -18.62 -10.62
CA SER A 75 15.44 -17.89 -10.42
C SER A 75 15.33 -17.34 -9.01
N LEU A 76 15.76 -18.06 -8.02
CA LEU A 76 15.64 -17.55 -6.62
C LEU A 76 16.58 -16.35 -6.42
N HIS A 77 17.73 -16.36 -7.05
CA HIS A 77 18.67 -15.23 -6.89
C HIS A 77 18.00 -13.94 -7.36
N VAL A 78 17.35 -13.97 -8.48
CA VAL A 78 16.67 -12.74 -8.97
C VAL A 78 15.56 -12.37 -7.99
N MET A 79 14.83 -13.34 -7.52
CA MET A 79 13.73 -13.05 -6.56
C MET A 79 14.33 -12.37 -5.34
N ASN A 80 15.52 -12.77 -4.96
CA ASN A 80 16.17 -12.11 -3.80
C ASN A 80 16.35 -10.64 -4.14
N THR A 81 16.57 -10.32 -5.39
CA THR A 81 16.72 -8.88 -5.75
C THR A 81 15.47 -8.14 -5.29
N LEU A 82 14.33 -8.77 -5.42
CA LEU A 82 13.07 -8.12 -4.97
C LEU A 82 13.15 -7.80 -3.48
N ILE A 83 13.70 -8.69 -2.70
CA ILE A 83 13.79 -8.43 -1.23
C ILE A 83 15.06 -7.63 -0.88
N HIS A 84 16.17 -8.01 -1.43
CA HIS A 84 17.44 -7.30 -1.12
C HIS A 84 17.50 -5.92 -1.79
N ASP A 85 17.20 -5.85 -3.06
CA ASP A 85 17.26 -4.52 -3.74
C ASP A 85 15.98 -3.72 -3.45
N GLN A 86 16.06 -2.79 -2.55
CA GLN A 86 14.86 -1.98 -2.19
C GLN A 86 14.41 -1.14 -3.40
N GLU A 87 15.35 -0.64 -4.16
CA GLU A 87 14.98 0.21 -5.33
C GLU A 87 14.14 -0.59 -6.32
N LYS A 88 14.58 -1.78 -6.67
CA LYS A 88 13.79 -2.60 -7.64
C LYS A 88 12.46 -2.97 -7.01
N ALA A 89 12.46 -3.36 -5.77
CA ALA A 89 11.19 -3.72 -5.09
C ALA A 89 10.30 -2.49 -5.01
N LYS A 90 10.89 -1.36 -4.77
CA LYS A 90 10.10 -0.10 -4.67
C LYS A 90 9.26 0.10 -5.93
N ILE A 91 9.83 -0.10 -7.09
CA ILE A 91 9.06 0.09 -8.34
C ILE A 91 7.94 -0.94 -8.40
N TYR A 92 8.23 -2.17 -8.04
CA TYR A 92 7.18 -3.23 -8.08
C TYR A 92 6.08 -2.90 -7.07
N MET A 93 6.44 -2.45 -5.89
CA MET A 93 5.42 -2.12 -4.87
C MET A 93 4.53 -0.98 -5.37
N LEU A 94 5.12 0.00 -6.01
CA LEU A 94 4.31 1.14 -6.51
C LEU A 94 3.28 0.62 -7.51
N ASN A 95 3.66 -0.30 -8.34
CA ASN A 95 2.69 -0.84 -9.33
C ASN A 95 1.53 -1.51 -8.60
N PHE A 96 1.82 -2.31 -7.63
CA PHE A 96 0.71 -2.98 -6.88
C PHE A 96 -0.15 -1.93 -6.20
N THR A 97 0.46 -1.01 -5.52
CA THR A 97 -0.32 0.05 -4.83
C THR A 97 -1.09 0.87 -5.88
N MET A 98 -0.42 1.26 -6.94
CA MET A 98 -1.11 2.05 -7.98
C MET A 98 -2.17 1.18 -8.66
N SER A 99 -1.88 -0.08 -8.87
CA SER A 99 -2.88 -0.97 -9.53
C SER A 99 -4.13 -1.02 -8.67
N LEU A 100 -3.98 -1.21 -7.39
CA LEU A 100 -5.17 -1.26 -6.51
C LEU A 100 -5.82 0.12 -6.49
N TYR A 101 -5.02 1.14 -6.36
CA TYR A 101 -5.57 2.53 -6.34
C TYR A 101 -6.27 2.81 -7.68
N ASN A 102 -5.68 2.41 -8.76
CA ASN A 102 -6.32 2.65 -10.09
C ASN A 102 -7.67 1.95 -10.14
N GLU A 103 -7.77 0.77 -9.58
CA GLU A 103 -9.06 0.04 -9.61
C GLU A 103 -10.13 0.84 -8.87
N LYS A 104 -9.79 1.40 -7.75
CA LYS A 104 -10.79 2.19 -6.98
C LYS A 104 -11.24 3.39 -7.80
N LEU A 105 -10.32 4.09 -8.40
CA LEU A 105 -10.71 5.27 -9.22
C LEU A 105 -11.51 4.78 -10.43
N LYS A 106 -11.14 3.66 -10.98
CA LYS A 106 -11.88 3.13 -12.15
C LYS A 106 -13.33 2.88 -11.74
N GLN A 107 -13.53 2.26 -10.61
CA GLN A 107 -14.91 2.00 -10.14
C GLN A 107 -15.59 3.34 -9.90
N LEU A 108 -14.86 4.30 -9.42
CA LEU A 108 -15.43 5.66 -9.17
C LEU A 108 -15.98 6.20 -10.49
N LYS A 109 -15.35 5.87 -11.57
CA LYS A 109 -15.79 6.37 -12.90
C LYS A 109 -17.24 5.94 -13.17
N ASP A 110 -17.59 4.73 -12.82
CA ASP A 110 -19.00 4.27 -13.05
C ASP A 110 -19.27 2.95 -12.32
N GLY A 111 -18.27 2.33 -11.75
CA GLY A 111 -18.50 1.05 -11.03
C GLY A 111 -19.41 1.28 -9.82
N PRO A 112 -20.07 0.25 -9.36
CA PRO A 112 -21.00 0.34 -8.19
C PRO A 112 -20.26 0.73 -6.90
N TRP A 113 -20.86 1.57 -6.11
CA TRP A 113 -20.22 1.98 -4.83
C TRP A 113 -20.94 1.30 -3.66
N ASP A 114 -20.21 0.76 -2.73
CA ASP A 114 -20.87 0.07 -1.58
C ASP A 114 -19.95 0.07 -0.36
N VAL A 115 -20.46 -0.37 0.74
CA VAL A 115 -19.64 -0.41 1.99
C VAL A 115 -18.37 -1.21 1.74
N MET A 116 -18.46 -2.27 0.99
CA MET A 116 -17.23 -3.08 0.72
C MET A 116 -16.16 -2.17 0.13
N LEU A 117 -16.54 -1.32 -0.79
CA LEU A 117 -15.54 -0.40 -1.39
C LEU A 117 -14.97 0.51 -0.30
N LYS A 118 -15.79 0.90 0.63
CA LYS A 118 -15.33 1.80 1.72
C LYS A 118 -14.16 1.15 2.47
N ARG A 119 -14.30 -0.08 2.83
CA ARG A 119 -13.20 -0.78 3.57
C ARG A 119 -11.98 -0.94 2.67
N SER A 120 -12.20 -1.25 1.41
CA SER A 120 -11.05 -1.43 0.48
C SER A 120 -10.31 -0.11 0.28
N LEU A 121 -11.02 0.99 0.28
CA LEU A 121 -10.34 2.30 0.11
C LEU A 121 -9.39 2.54 1.29
N TRP A 122 -9.82 2.22 2.48
CA TRP A 122 -8.93 2.41 3.66
C TRP A 122 -7.70 1.52 3.50
N CYS A 123 -7.87 0.35 2.94
CA CYS A 123 -6.71 -0.57 2.75
C CYS A 123 -5.70 0.07 1.78
N CYS A 124 -6.17 0.68 0.74
CA CYS A 124 -5.25 1.32 -0.23
C CYS A 124 -4.45 2.42 0.46
N ILE A 125 -5.10 3.18 1.31
CA ILE A 125 -4.37 4.28 2.02
C ILE A 125 -3.19 3.71 2.80
N ASP A 126 -3.37 2.60 3.46
CA ASP A 126 -2.24 2.00 4.24
C ASP A 126 -1.09 1.65 3.29
N LEU A 127 -1.39 1.13 2.14
CA LEU A 127 -0.32 0.76 1.17
C LEU A 127 0.46 1.99 0.73
N PHE A 128 -0.20 3.10 0.53
CA PHE A 128 0.52 4.33 0.09
C PHE A 128 1.48 4.80 1.17
N SER A 129 1.05 4.79 2.41
CA SER A 129 1.95 5.26 3.50
C SER A 129 3.16 4.32 3.63
N CYS A 130 2.99 3.07 3.33
CA CYS A 130 4.13 2.13 3.44
C CYS A 130 5.16 2.43 2.35
N ILE A 131 4.71 2.72 1.16
CA ILE A 131 5.67 3.01 0.06
C ILE A 131 6.53 4.23 0.43
N LEU A 132 5.93 5.27 0.93
CA LEU A 132 6.73 6.48 1.30
C LEU A 132 7.60 6.18 2.53
N HIS A 133 7.03 5.54 3.51
CA HIS A 133 7.80 5.23 4.75
C HIS A 133 8.91 4.22 4.49
N LEU A 134 8.62 3.18 3.76
CA LEU A 134 9.66 2.14 3.48
C LEU A 134 10.86 2.72 2.72
N TRP A 135 10.63 3.69 1.86
CA TRP A 135 11.77 4.25 1.08
C TRP A 135 11.69 5.79 1.04
N LYS A 136 11.67 6.43 2.17
CA LYS A 136 11.61 7.92 2.17
C LYS A 136 12.86 8.49 1.49
N GLU A 137 14.00 7.88 1.73
CA GLU A 137 15.27 8.38 1.13
C GLU A 137 15.31 8.14 -0.38
N ASN A 138 14.63 7.14 -0.88
CA ASN A 138 14.70 6.88 -2.35
C ASN A 138 13.57 7.61 -3.09
N ILE A 139 12.77 8.37 -2.40
CA ILE A 139 11.67 9.11 -3.08
C ILE A 139 11.91 10.62 -2.93
N SER A 140 11.86 11.36 -4.01
CA SER A 140 12.09 12.83 -3.92
C SER A 140 10.91 13.49 -3.22
N GLU A 141 11.11 14.67 -2.71
CA GLU A 141 10.00 15.38 -2.01
C GLU A 141 8.88 15.70 -3.00
N THR A 142 9.25 16.10 -4.20
CA THR A 142 8.21 16.43 -5.22
C THR A 142 7.40 15.18 -5.54
N SER A 143 8.06 14.08 -5.76
CA SER A 143 7.33 12.82 -6.08
C SER A 143 6.45 12.43 -4.90
N THR A 144 6.93 12.64 -3.70
CA THR A 144 6.13 12.29 -2.50
C THR A 144 4.83 13.08 -2.50
N ASN A 145 4.88 14.33 -2.86
CA ASN A 145 3.64 15.15 -2.87
C ASN A 145 2.61 14.53 -3.82
N SER A 146 3.05 14.02 -4.94
CA SER A 146 2.09 13.41 -5.89
C SER A 146 1.40 12.21 -5.23
N LEU A 147 2.15 11.40 -4.54
CA LEU A 147 1.55 10.21 -3.87
C LEU A 147 0.58 10.66 -2.77
N GLN A 148 0.96 11.67 -2.03
CA GLN A 148 0.07 12.15 -0.94
C GLN A 148 -1.26 12.64 -1.53
N LYS A 149 -1.22 13.25 -2.68
CA LYS A 149 -2.47 13.75 -3.31
C LYS A 149 -3.38 12.56 -3.60
N ARG A 150 -2.83 11.48 -4.08
CA ARG A 150 -3.67 10.28 -4.38
C ARG A 150 -4.33 9.80 -3.09
N ILE A 151 -3.61 9.79 -2.00
CA ILE A 151 -4.21 9.34 -0.71
C ILE A 151 -5.31 10.33 -0.33
N LYS A 152 -5.05 11.59 -0.52
CA LYS A 152 -6.06 12.63 -0.18
C LYS A 152 -7.32 12.42 -1.02
N TYR A 153 -7.15 12.07 -2.26
CA TYR A 153 -8.34 11.85 -3.13
C TYR A 153 -9.22 10.78 -2.51
N CYS A 154 -8.65 9.72 -2.04
CA CYS A 154 -9.46 8.65 -1.39
C CYS A 154 -10.12 9.20 -0.14
N LYS A 155 -9.39 9.98 0.62
CA LYS A 155 -9.96 10.55 1.87
C LYS A 155 -11.19 11.40 1.52
N ILE A 156 -11.10 12.19 0.49
CA ILE A 156 -12.27 13.03 0.11
C ILE A 156 -13.40 12.18 -0.45
N TYR A 157 -13.11 11.32 -1.38
CA TYR A 157 -14.18 10.47 -1.97
C TYR A 157 -14.71 9.49 -0.92
N LEU A 158 -13.85 8.99 -0.07
CA LEU A 158 -14.33 8.04 0.96
C LEU A 158 -15.38 8.72 1.82
N SER A 159 -15.19 9.98 2.10
CA SER A 159 -16.19 10.72 2.93
C SER A 159 -17.49 10.84 2.14
N LYS A 160 -17.39 11.22 0.89
CA LYS A 160 -18.60 11.38 0.05
C LYS A 160 -19.33 10.04 -0.06
N LEU A 161 -18.60 8.96 -0.18
CA LEU A 161 -19.25 7.63 -0.30
C LEU A 161 -20.03 7.32 0.99
N ALA A 162 -19.46 7.63 2.12
CA ALA A 162 -20.17 7.36 3.40
C ALA A 162 -21.33 8.34 3.57
N LYS A 163 -21.25 9.47 2.94
CA LYS A 163 -22.35 10.48 3.07
C LYS A 163 -23.47 10.16 2.08
N GLY A 164 -23.28 9.15 1.27
CA GLY A 164 -24.35 8.78 0.29
C GLY A 164 -24.33 9.76 -0.88
N GLU A 165 -23.31 10.56 -1.00
CA GLU A 165 -23.25 11.53 -2.11
C GLU A 165 -22.90 10.81 -3.41
N ILE A 166 -22.17 9.72 -3.34
CA ILE A 166 -21.80 8.99 -4.58
C ILE A 166 -22.63 7.70 -4.67
N GLY A 167 -23.20 7.42 -5.81
CA GLY A 167 -24.02 6.19 -5.95
C GLY A 167 -25.23 6.48 -6.83
N ILE B 1 15.47 -11.13 -15.13
CA ILE B 1 15.21 -12.26 -16.07
C ILE B 1 13.78 -12.76 -15.88
N ASN B 2 13.57 -13.97 -15.46
CA ASN B 2 12.19 -14.45 -15.26
C ASN B 2 11.64 -13.82 -13.99
N ILE B 3 12.25 -12.75 -13.55
CA ILE B 3 11.79 -12.06 -12.34
C ILE B 3 10.45 -11.39 -12.65
N ASP B 4 10.36 -10.76 -13.78
CA ASP B 4 9.08 -10.11 -14.16
C ASP B 4 8.04 -11.19 -14.42
N LYS B 5 8.45 -12.22 -15.09
CA LYS B 5 7.51 -13.34 -15.41
C LYS B 5 7.11 -14.03 -14.11
N LEU B 6 8.07 -14.31 -13.26
CA LEU B 6 7.75 -14.96 -11.96
C LEU B 6 6.90 -14.04 -11.12
N GLN B 7 7.27 -12.80 -11.04
CA GLN B 7 6.51 -11.82 -10.23
C GLN B 7 5.10 -11.65 -10.79
N ASP B 8 4.96 -11.61 -12.09
CA ASP B 8 3.60 -11.45 -12.69
C ASP B 8 3.67 -11.61 -14.21
N MET B 9 2.55 -11.78 -14.85
CA MET B 9 2.55 -11.94 -16.33
C MET B 9 3.12 -10.67 -16.97
N GLN B 10 2.90 -9.53 -16.37
CA GLN B 10 3.43 -8.27 -16.94
C GLN B 10 4.95 -8.35 -17.03
N ASP B 11 5.54 -7.59 -17.92
CA ASP B 11 7.02 -7.63 -18.07
C ASP B 11 7.69 -6.58 -17.17
N GLU B 12 8.28 -5.58 -17.76
CA GLU B 12 8.97 -4.53 -16.96
C GLU B 12 8.00 -3.85 -15.99
N MET B 13 8.45 -3.53 -14.82
CA MET B 13 7.57 -2.84 -13.82
C MET B 13 7.11 -1.50 -14.39
N LEU B 14 7.98 -0.85 -15.11
CA LEU B 14 7.62 0.47 -15.68
C LEU B 14 6.37 0.31 -16.55
N ASP B 15 6.21 -0.81 -17.18
CA ASP B 15 4.98 -1.02 -18.02
C ASP B 15 3.75 -0.89 -17.13
N LEU B 16 3.84 -1.37 -15.91
CA LEU B 16 2.68 -1.26 -14.98
C LEU B 16 2.35 0.22 -14.79
N ILE B 17 3.34 1.06 -14.84
CA ILE B 17 3.07 2.52 -14.66
C ILE B 17 2.26 3.00 -15.87
N GLU B 18 2.47 2.43 -17.02
CA GLU B 18 1.68 2.87 -18.20
C GLU B 18 0.20 2.67 -17.87
N GLN B 19 -0.11 1.61 -17.18
CA GLN B 19 -1.52 1.37 -16.78
C GLN B 19 -1.95 2.56 -15.92
N GLY B 20 -1.04 3.07 -15.14
CA GLY B 20 -1.36 4.24 -14.30
C GLY B 20 -1.75 5.40 -15.22
N ASP B 21 -1.15 5.46 -16.39
CA ASP B 21 -1.52 6.55 -17.33
C ASP B 21 -3.02 6.48 -17.55
N GLU B 22 -3.55 5.30 -17.63
CA GLU B 22 -5.03 5.15 -17.80
C GLU B 22 -5.72 5.81 -16.61
N LEU B 23 -5.12 5.73 -15.46
CA LEU B 23 -5.74 6.34 -14.25
C LEU B 23 -6.02 7.82 -14.54
N GLN B 24 -5.10 8.49 -15.16
CA GLN B 24 -5.31 9.92 -15.49
C GLN B 24 -6.53 10.04 -16.44
N GLU B 25 -6.65 9.14 -17.36
CA GLU B 25 -7.78 9.19 -18.32
C GLU B 25 -9.10 9.07 -17.56
N VAL B 26 -9.15 8.24 -16.55
CA VAL B 26 -10.41 8.08 -15.78
C VAL B 26 -10.75 9.37 -15.05
N LEU B 27 -9.82 9.94 -14.35
CA LEU B 27 -10.11 11.20 -13.62
C LEU B 27 -10.37 12.32 -14.63
N ALA B 28 -9.70 12.27 -15.76
CA ALA B 28 -9.90 13.33 -16.78
C ALA B 28 -11.36 13.31 -17.25
N MET B 29 -11.92 12.16 -17.48
CA MET B 29 -13.34 12.11 -17.94
C MET B 29 -14.25 12.61 -16.82
N ASN B 30 -13.94 12.26 -15.60
CA ASN B 30 -14.80 12.72 -14.47
C ASN B 30 -14.81 14.25 -14.41
N ASN B 31 -13.70 14.87 -14.69
CA ASN B 31 -13.63 16.35 -14.65
C ASN B 31 -12.17 16.80 -14.78
N ASN B 32 -11.80 17.33 -15.90
CA ASN B 32 -10.39 17.79 -16.06
C ASN B 32 -10.08 18.82 -14.98
N SER B 33 -11.04 19.62 -14.63
CA SER B 33 -10.81 20.63 -13.56
C SER B 33 -11.05 19.98 -12.20
N GLY B 34 -11.33 18.70 -12.20
CA GLY B 34 -11.58 18.00 -10.90
C GLY B 34 -10.37 18.18 -9.98
N GLU B 35 -10.44 19.12 -9.08
CA GLU B 35 -9.30 19.35 -8.14
C GLU B 35 -9.83 19.30 -6.70
N LEU B 36 -9.00 18.98 -5.76
CA LEU B 36 -9.46 18.91 -4.34
C LEU B 36 -10.08 20.25 -3.96
N ASP B 37 -9.58 21.34 -4.49
CA ASP B 37 -10.14 22.67 -4.16
C ASP B 37 -11.62 22.72 -4.56
N ASP B 38 -11.98 22.03 -5.60
CA ASP B 38 -13.41 22.05 -6.05
C ASP B 38 -14.25 21.17 -5.12
N ILE B 39 -13.65 20.24 -4.44
CA ILE B 39 -14.42 19.34 -3.53
C ILE B 39 -14.21 19.81 -2.09
N SER B 40 -15.26 19.90 -1.33
CA SER B 40 -15.13 20.36 0.10
C SER B 40 -14.20 19.42 0.87
N ASP B 41 -12.94 19.45 0.58
CA ASP B 41 -11.98 18.56 1.30
C ASP B 41 -11.92 18.91 2.80
N ALA B 42 -11.99 20.17 3.13
CA ALA B 42 -11.89 20.57 4.56
C ALA B 42 -13.06 20.00 5.38
N GLU B 43 -14.26 20.15 4.91
CA GLU B 43 -15.43 19.61 5.68
C GLU B 43 -15.44 18.09 5.61
N LEU B 44 -15.18 17.56 4.45
CA LEU B 44 -15.18 16.08 4.28
C LEU B 44 -14.07 15.46 5.13
N ASP B 45 -12.94 16.10 5.20
CA ASP B 45 -11.82 15.53 6.00
C ASP B 45 -12.23 15.38 7.47
N ALA B 46 -12.89 16.36 8.02
CA ALA B 46 -13.28 16.27 9.45
C ALA B 46 -14.30 15.14 9.64
N GLU B 47 -15.23 15.00 8.74
CA GLU B 47 -16.25 13.94 8.89
C GLU B 47 -15.60 12.56 8.73
N LEU B 48 -14.65 12.43 7.85
CA LEU B 48 -14.02 11.09 7.65
C LEU B 48 -13.21 10.70 8.89
N ASP B 49 -12.56 11.64 9.51
CA ASP B 49 -11.75 11.29 10.70
C ASP B 49 -12.67 10.74 11.79
N ALA B 50 -13.82 11.30 11.95
CA ALA B 50 -14.75 10.77 12.98
C ALA B 50 -15.32 9.44 12.47
N LEU B 51 -15.67 9.39 11.21
CA LEU B 51 -16.22 8.14 10.64
C LEU B 51 -15.14 7.05 10.64
N ALA B 52 -13.92 7.40 10.37
CA ALA B 52 -12.84 6.38 10.37
C ALA B 52 -12.83 5.65 11.70
N GLN B 53 -12.99 6.37 12.78
CA GLN B 53 -13.00 5.70 14.11
C GLN B 53 -14.16 4.71 14.15
N GLU B 54 -15.26 5.03 13.55
CA GLU B 54 -16.43 4.10 13.55
C GLU B 54 -16.10 2.85 12.73
N ASP B 55 -15.54 3.03 11.57
CA ASP B 55 -15.20 1.86 10.71
C ASP B 55 -14.02 1.11 11.32
N PHE B 56 -13.09 1.82 11.91
CA PHE B 56 -11.91 1.16 12.52
C PHE B 56 -12.26 0.74 13.95
N THR B 57 -11.40 -0.02 14.57
CA THR B 57 -11.66 -0.46 15.98
C THR B 57 -10.69 0.25 16.91
N LEU B 58 -11.20 0.98 17.86
CA LEU B 58 -10.30 1.68 18.81
C LEU B 58 -10.05 0.76 20.02
N PRO B 59 -8.83 0.69 20.51
CA PRO B 59 -8.50 -0.18 21.68
C PRO B 59 -9.03 0.40 22.99
N MET A 1 -2.80 6.75 14.47
CA MET A 1 -1.37 6.60 14.08
C MET A 1 -0.90 5.19 14.41
N ALA A 2 -0.68 4.90 15.66
CA ALA A 2 -0.21 3.54 16.05
C ALA A 2 -1.26 2.51 15.65
N SER A 3 -2.52 2.85 15.74
CA SER A 3 -3.59 1.89 15.37
C SER A 3 -3.43 1.51 13.89
N ASN A 4 -3.04 2.44 13.07
CA ASN A 4 -2.86 2.13 11.62
C ASN A 4 -1.80 1.05 11.46
N ALA A 5 -0.79 1.09 12.28
CA ALA A 5 0.29 0.05 12.18
C ALA A 5 -0.30 -1.34 12.45
N ALA A 6 -1.20 -1.43 13.39
CA ALA A 6 -1.80 -2.75 13.71
C ALA A 6 -2.59 -3.27 12.50
N ARG A 7 -3.38 -2.43 11.90
CA ARG A 7 -4.17 -2.87 10.72
C ARG A 7 -3.22 -3.37 9.63
N VAL A 8 -2.15 -2.67 9.43
CA VAL A 8 -1.18 -3.08 8.39
C VAL A 8 -0.65 -4.48 8.71
N VAL A 9 -0.40 -4.75 9.96
CA VAL A 9 0.11 -6.10 10.34
C VAL A 9 -0.96 -7.15 9.99
N ALA A 10 -2.19 -6.90 10.36
CA ALA A 10 -3.26 -7.88 10.05
C ALA A 10 -3.47 -7.89 8.53
N THR A 11 -3.49 -6.74 7.92
CA THR A 11 -3.67 -6.68 6.45
C THR A 11 -2.51 -7.43 5.79
N ALA A 12 -1.34 -7.29 6.33
CA ALA A 12 -0.17 -8.00 5.74
C ALA A 12 -0.43 -9.50 5.76
N LYS A 13 -1.05 -9.98 6.81
CA LYS A 13 -1.36 -11.43 6.90
C LYS A 13 -2.28 -11.81 5.74
N ASP A 14 -3.13 -10.91 5.33
CA ASP A 14 -4.06 -11.21 4.20
C ASP A 14 -3.24 -11.52 2.96
N PHE A 15 -2.17 -10.82 2.76
CA PHE A 15 -1.33 -11.09 1.56
C PHE A 15 -0.78 -12.51 1.66
N ASP A 16 -0.34 -12.92 2.82
CA ASP A 16 0.17 -14.30 2.96
C ASP A 16 -0.98 -15.25 2.64
N LYS A 17 -2.15 -14.94 3.10
CA LYS A 17 -3.34 -15.77 2.81
C LYS A 17 -3.57 -15.77 1.30
N VAL A 18 -3.18 -14.71 0.65
CA VAL A 18 -3.37 -14.60 -0.82
C VAL A 18 -2.17 -15.26 -1.54
N GLY A 19 -1.14 -15.56 -0.81
CA GLY A 19 0.06 -16.20 -1.45
C GLY A 19 1.09 -15.14 -1.85
N LEU A 20 0.85 -13.91 -1.51
CA LEU A 20 1.84 -12.84 -1.87
C LEU A 20 2.66 -12.49 -0.63
N GLY A 21 3.55 -13.36 -0.24
CA GLY A 21 4.39 -13.10 0.96
C GLY A 21 5.30 -11.88 0.73
N ILE A 22 5.74 -11.67 -0.48
CA ILE A 22 6.64 -10.50 -0.74
C ILE A 22 5.95 -9.21 -0.32
N ILE A 23 4.70 -9.05 -0.63
CA ILE A 23 3.99 -7.80 -0.21
C ILE A 23 3.89 -7.78 1.31
N GLY A 24 3.47 -8.87 1.90
CA GLY A 24 3.36 -8.92 3.38
C GLY A 24 4.75 -8.72 4.00
N TYR A 25 5.76 -9.18 3.34
CA TYR A 25 7.15 -9.04 3.88
C TYR A 25 7.46 -7.55 4.09
N TYR A 26 7.21 -6.74 3.11
CA TYR A 26 7.48 -5.28 3.26
C TYR A 26 6.53 -4.68 4.31
N LEU A 27 5.31 -5.13 4.34
CA LEU A 27 4.34 -4.57 5.34
C LEU A 27 4.81 -4.88 6.76
N GLN A 28 5.30 -6.07 7.00
CA GLN A 28 5.78 -6.40 8.37
C GLN A 28 6.91 -5.44 8.74
N LEU A 29 7.77 -5.16 7.79
CA LEU A 29 8.89 -4.22 8.06
C LEU A 29 8.31 -2.83 8.35
N TYR A 30 7.29 -2.46 7.62
CA TYR A 30 6.64 -1.14 7.84
C TYR A 30 6.01 -1.07 9.23
N ALA A 31 5.29 -2.08 9.61
CA ALA A 31 4.64 -2.06 10.95
C ALA A 31 5.71 -2.03 12.06
N VAL A 32 6.79 -2.74 11.87
CA VAL A 32 7.86 -2.75 12.91
C VAL A 32 8.42 -1.34 13.10
N GLU A 33 8.75 -0.69 12.03
CA GLU A 33 9.32 0.68 12.16
C GLU A 33 8.28 1.62 12.76
N LEU A 34 7.02 1.40 12.48
CA LEU A 34 5.96 2.28 13.03
C LEU A 34 5.98 2.21 14.56
N ILE A 35 6.06 1.03 15.10
CA ILE A 35 6.08 0.89 16.59
C ILE A 35 7.35 1.54 17.13
N LEU A 36 8.48 1.25 16.53
CA LEU A 36 9.75 1.85 17.00
C LEU A 36 9.71 3.37 16.81
N SER A 37 9.14 3.81 15.73
CA SER A 37 9.05 5.27 15.47
C SER A 37 8.08 5.88 16.48
N GLU A 38 7.37 5.06 17.20
CA GLU A 38 6.42 5.60 18.20
C GLU A 38 7.09 5.69 19.56
N GLU A 39 7.07 6.85 20.17
CA GLU A 39 7.72 7.01 21.50
C GLU A 39 6.97 6.19 22.54
N ASP A 40 5.68 6.09 22.43
CA ASP A 40 4.90 5.31 23.43
C ASP A 40 4.88 3.83 23.03
N ARG A 41 5.28 2.97 23.93
CA ARG A 41 5.27 1.51 23.61
C ARG A 41 4.85 0.73 24.86
N SER A 42 4.12 -0.33 24.66
CA SER A 42 3.68 -1.17 25.81
C SER A 42 4.36 -2.53 25.69
N GLN A 43 4.45 -3.26 26.76
CA GLN A 43 5.12 -4.59 26.66
C GLN A 43 4.45 -5.38 25.54
N GLU A 44 3.17 -5.20 25.36
CA GLU A 44 2.46 -5.92 24.28
C GLU A 44 2.90 -5.38 22.91
N MET A 45 2.99 -4.08 22.76
CA MET A 45 3.41 -3.51 21.45
C MET A 45 4.88 -3.84 21.20
N THR A 46 5.70 -3.75 22.20
CA THR A 46 7.15 -4.04 22.02
C THR A 46 7.32 -5.50 21.61
N ALA A 47 6.61 -6.40 22.24
CA ALA A 47 6.73 -7.84 21.90
C ALA A 47 6.20 -8.09 20.49
N LEU A 48 5.18 -7.38 20.09
CA LEU A 48 4.62 -7.59 18.73
C LEU A 48 5.67 -7.25 17.68
N ALA A 49 6.43 -6.22 17.89
CA ALA A 49 7.47 -5.85 16.88
C ALA A 49 8.56 -6.92 16.85
N THR A 50 8.91 -7.45 18.00
CA THR A 50 9.96 -8.50 18.04
C THR A 50 9.53 -9.73 17.24
N GLU A 51 8.31 -10.17 17.43
CA GLU A 51 7.83 -11.37 16.68
C GLU A 51 7.95 -11.13 15.18
N LEU A 52 7.69 -9.94 14.73
CA LEU A 52 7.79 -9.66 13.27
C LEU A 52 9.25 -9.81 12.81
N LEU A 53 10.18 -9.43 13.63
CA LEU A 53 11.61 -9.56 13.22
C LEU A 53 11.91 -11.02 12.90
N ASP A 54 11.36 -11.93 13.67
CA ASP A 54 11.61 -13.36 13.40
C ASP A 54 11.06 -13.73 12.02
N THR A 55 9.89 -13.26 11.70
CA THR A 55 9.30 -13.57 10.37
C THR A 55 10.11 -12.89 9.26
N ILE A 56 10.38 -11.62 9.43
CA ILE A 56 11.16 -10.89 8.39
C ILE A 56 12.54 -11.54 8.22
N GLU A 57 13.23 -11.80 9.29
CA GLU A 57 14.57 -12.43 9.16
C GLU A 57 14.40 -13.85 8.60
N ALA A 58 13.41 -14.55 9.06
CA ALA A 58 13.18 -15.94 8.54
C ALA A 58 12.73 -15.86 7.09
N PHE A 59 11.90 -14.91 6.78
CA PHE A 59 11.41 -14.77 5.37
C PHE A 59 12.59 -14.47 4.44
N LYS A 60 13.44 -13.55 4.81
CA LYS A 60 14.59 -13.21 3.93
C LYS A 60 15.49 -14.44 3.78
N LYS A 61 15.74 -15.16 4.84
CA LYS A 61 16.59 -16.37 4.72
C LYS A 61 15.90 -17.37 3.80
N GLU A 62 14.60 -17.39 3.82
CA GLU A 62 13.85 -18.33 2.93
C GLU A 62 14.23 -18.06 1.48
N ILE A 63 14.54 -16.82 1.17
CA ILE A 63 14.91 -16.47 -0.22
C ILE A 63 16.29 -15.81 -0.24
N GLY A 64 16.97 -15.80 0.87
CA GLY A 64 18.32 -15.18 0.92
C GLY A 64 19.21 -15.79 -0.17
N GLY A 65 19.09 -17.07 -0.39
CA GLY A 65 19.93 -17.72 -1.45
C GLY A 65 21.18 -18.33 -0.83
N GLU A 66 21.34 -18.23 0.47
CA GLU A 66 22.55 -18.81 1.11
C GLU A 66 22.62 -20.30 0.77
N SER A 67 21.49 -20.94 0.75
CA SER A 67 21.47 -22.40 0.42
C SER A 67 20.32 -22.65 -0.57
N GLU A 68 19.30 -21.85 -0.50
CA GLU A 68 18.15 -22.02 -1.44
C GLU A 68 18.66 -21.77 -2.87
N ALA A 69 19.63 -20.91 -3.00
CA ALA A 69 20.17 -20.61 -4.35
C ALA A 69 20.74 -21.90 -4.96
N GLU A 70 21.33 -22.74 -4.15
CA GLU A 70 21.90 -24.00 -4.69
C GLU A 70 20.77 -24.79 -5.36
N ASP A 71 19.63 -24.83 -4.74
CA ASP A 71 18.48 -25.55 -5.35
C ASP A 71 18.07 -24.83 -6.63
N SER A 72 18.10 -23.52 -6.59
CA SER A 72 17.73 -22.71 -7.78
C SER A 72 18.35 -21.32 -7.63
N ASP A 73 19.50 -21.11 -8.21
CA ASP A 73 20.15 -19.77 -8.09
C ASP A 73 19.77 -18.90 -9.28
N LYS A 74 18.88 -19.37 -10.11
CA LYS A 74 18.48 -18.56 -11.29
C LYS A 74 17.20 -17.76 -10.97
N SER A 75 16.09 -18.42 -10.94
CA SER A 75 14.81 -17.69 -10.66
C SER A 75 14.76 -17.17 -9.23
N LEU A 76 15.23 -17.92 -8.27
CA LEU A 76 15.19 -17.42 -6.86
C LEU A 76 16.15 -16.25 -6.69
N HIS A 77 17.26 -16.28 -7.38
CA HIS A 77 18.25 -15.18 -7.24
C HIS A 77 17.59 -13.86 -7.66
N VAL A 78 16.88 -13.85 -8.76
CA VAL A 78 16.22 -12.60 -9.19
C VAL A 78 15.18 -12.21 -8.13
N MET A 79 14.45 -13.18 -7.64
CA MET A 79 13.42 -12.87 -6.61
C MET A 79 14.13 -12.24 -5.41
N ASN A 80 15.30 -12.69 -5.12
CA ASN A 80 16.05 -12.08 -3.98
C ASN A 80 16.26 -10.60 -4.28
N THR A 81 16.42 -10.26 -5.53
CA THR A 81 16.60 -8.82 -5.88
C THR A 81 15.40 -8.05 -5.34
N LEU A 82 14.24 -8.65 -5.41
CA LEU A 82 13.03 -7.97 -4.89
C LEU A 82 13.19 -7.67 -3.39
N ILE A 83 13.75 -8.60 -2.66
CA ILE A 83 13.93 -8.38 -1.19
C ILE A 83 15.22 -7.61 -0.91
N HIS A 84 16.30 -7.99 -1.53
CA HIS A 84 17.60 -7.32 -1.27
C HIS A 84 17.64 -5.92 -1.91
N ASP A 85 17.23 -5.80 -3.14
CA ASP A 85 17.25 -4.46 -3.79
C ASP A 85 15.99 -3.68 -3.41
N GLN A 86 16.10 -2.80 -2.45
CA GLN A 86 14.92 -2.00 -2.02
C GLN A 86 14.46 -1.09 -3.16
N GLU A 87 15.37 -0.56 -3.93
CA GLU A 87 14.97 0.34 -5.04
C GLU A 87 14.08 -0.41 -6.04
N LYS A 88 14.48 -1.57 -6.45
CA LYS A 88 13.65 -2.34 -7.42
C LYS A 88 12.33 -2.73 -6.74
N ALA A 89 12.40 -3.14 -5.51
CA ALA A 89 11.15 -3.53 -4.79
C ALA A 89 10.25 -2.31 -4.66
N LYS A 90 10.83 -1.16 -4.44
CA LYS A 90 10.02 0.08 -4.31
C LYS A 90 9.12 0.23 -5.52
N ILE A 91 9.64 0.02 -6.70
CA ILE A 91 8.80 0.17 -7.93
C ILE A 91 7.70 -0.89 -7.92
N TYR A 92 8.01 -2.09 -7.51
CA TYR A 92 6.97 -3.16 -7.51
C TYR A 92 5.89 -2.80 -6.48
N MET A 93 6.28 -2.36 -5.31
CA MET A 93 5.27 -2.01 -4.29
C MET A 93 4.42 -0.86 -4.83
N LEU A 94 5.03 0.08 -5.47
CA LEU A 94 4.26 1.22 -6.04
C LEU A 94 3.34 0.68 -7.15
N ASN A 95 3.84 -0.20 -7.96
CA ASN A 95 3.01 -0.76 -9.04
C ASN A 95 1.84 -1.52 -8.45
N PHE A 96 2.08 -2.29 -7.42
CA PHE A 96 0.98 -3.05 -6.79
C PHE A 96 0.01 -2.06 -6.14
N THR A 97 0.53 -1.14 -5.38
CA THR A 97 -0.36 -0.15 -4.72
C THR A 97 -1.08 0.65 -5.80
N MET A 98 -0.37 1.08 -6.80
CA MET A 98 -1.02 1.85 -7.89
C MET A 98 -2.05 0.97 -8.60
N SER A 99 -1.75 -0.29 -8.78
CA SER A 99 -2.71 -1.19 -9.46
C SER A 99 -4.00 -1.29 -8.63
N LEU A 100 -3.87 -1.50 -7.35
CA LEU A 100 -5.09 -1.58 -6.49
C LEU A 100 -5.75 -0.20 -6.46
N TYR A 101 -4.96 0.82 -6.27
CA TYR A 101 -5.53 2.20 -6.23
C TYR A 101 -6.15 2.53 -7.58
N ASN A 102 -5.51 2.13 -8.65
CA ASN A 102 -6.06 2.44 -10.01
C ASN A 102 -7.42 1.77 -10.19
N GLU A 103 -7.57 0.56 -9.75
CA GLU A 103 -8.89 -0.13 -9.92
C GLU A 103 -9.96 0.60 -9.11
N LYS A 104 -9.64 1.05 -7.93
CA LYS A 104 -10.66 1.75 -7.11
C LYS A 104 -11.13 3.03 -7.82
N LEU A 105 -10.22 3.80 -8.35
CA LEU A 105 -10.65 5.03 -9.06
C LEU A 105 -11.39 4.63 -10.33
N LYS A 106 -10.98 3.58 -10.96
CA LYS A 106 -11.66 3.13 -12.19
C LYS A 106 -13.12 2.84 -11.85
N GLN A 107 -13.34 2.21 -10.73
CA GLN A 107 -14.73 1.93 -10.31
C GLN A 107 -15.46 3.26 -10.11
N LEU A 108 -14.76 4.24 -9.61
CA LEU A 108 -15.39 5.58 -9.40
C LEU A 108 -15.93 6.07 -10.74
N LYS A 109 -15.24 5.74 -11.80
CA LYS A 109 -15.66 6.19 -13.15
C LYS A 109 -17.07 5.68 -13.47
N ASP A 110 -17.34 4.43 -13.18
CA ASP A 110 -18.70 3.89 -13.48
C ASP A 110 -18.97 2.59 -12.69
N GLY A 111 -18.02 2.12 -11.93
CA GLY A 111 -18.23 0.85 -11.17
C GLY A 111 -19.18 1.11 -9.99
N PRO A 112 -19.80 0.07 -9.50
CA PRO A 112 -20.75 0.15 -8.35
C PRO A 112 -20.05 0.59 -7.06
N TRP A 113 -20.69 1.43 -6.29
CA TRP A 113 -20.06 1.88 -5.01
C TRP A 113 -20.76 1.20 -3.83
N ASP A 114 -20.02 0.72 -2.87
CA ASP A 114 -20.64 0.03 -1.71
C ASP A 114 -19.70 0.06 -0.51
N VAL A 115 -20.18 -0.36 0.62
CA VAL A 115 -19.33 -0.39 1.84
C VAL A 115 -18.07 -1.20 1.57
N MET A 116 -18.19 -2.27 0.84
CA MET A 116 -16.98 -3.09 0.56
C MET A 116 -15.91 -2.19 -0.06
N LEU A 117 -16.29 -1.34 -0.96
CA LEU A 117 -15.29 -0.42 -1.58
C LEU A 117 -14.69 0.48 -0.50
N LYS A 118 -15.49 0.88 0.45
CA LYS A 118 -14.99 1.76 1.55
C LYS A 118 -13.85 1.07 2.29
N ARG A 119 -14.03 -0.16 2.65
CA ARG A 119 -12.97 -0.88 3.41
C ARG A 119 -11.73 -1.07 2.54
N SER A 120 -11.91 -1.35 1.28
CA SER A 120 -10.73 -1.55 0.39
C SER A 120 -9.97 -0.22 0.23
N LEU A 121 -10.68 0.87 0.19
CA LEU A 121 -9.98 2.18 0.04
C LEU A 121 -9.10 2.44 1.26
N TRP A 122 -9.59 2.12 2.43
CA TRP A 122 -8.76 2.33 3.65
C TRP A 122 -7.52 1.47 3.55
N CYS A 123 -7.65 0.29 3.00
CA CYS A 123 -6.48 -0.62 2.85
C CYS A 123 -5.48 0.00 1.86
N CYS A 124 -5.98 0.57 0.80
CA CYS A 124 -5.07 1.19 -0.21
C CYS A 124 -4.29 2.34 0.44
N ILE A 125 -4.93 3.09 1.29
CA ILE A 125 -4.23 4.23 1.95
C ILE A 125 -3.02 3.70 2.74
N ASP A 126 -3.19 2.61 3.42
CA ASP A 126 -2.06 2.05 4.21
C ASP A 126 -0.89 1.72 3.28
N LEU A 127 -1.17 1.18 2.12
CA LEU A 127 -0.09 0.83 1.17
C LEU A 127 0.68 2.07 0.74
N PHE A 128 0.01 3.17 0.52
CA PHE A 128 0.72 4.40 0.09
C PHE A 128 1.63 4.90 1.21
N SER A 129 1.16 4.89 2.43
CA SER A 129 2.01 5.38 3.55
C SER A 129 3.21 4.46 3.73
N CYS A 130 3.06 3.20 3.43
CA CYS A 130 4.21 2.26 3.59
C CYS A 130 5.28 2.57 2.55
N ILE A 131 4.89 2.85 1.35
CA ILE A 131 5.89 3.16 0.29
C ILE A 131 6.72 4.38 0.69
N LEU A 132 6.11 5.39 1.21
CA LEU A 132 6.87 6.60 1.60
C LEU A 132 7.78 6.28 2.80
N HIS A 133 7.26 5.61 3.78
CA HIS A 133 8.06 5.27 4.99
C HIS A 133 9.19 4.28 4.65
N LEU A 134 8.87 3.24 3.92
CA LEU A 134 9.90 2.22 3.59
C LEU A 134 11.06 2.81 2.79
N TRP A 135 10.82 3.80 1.98
CA TRP A 135 11.96 4.37 1.17
C TRP A 135 11.90 5.90 1.16
N LYS A 136 11.92 6.53 2.31
CA LYS A 136 11.89 8.02 2.33
C LYS A 136 13.15 8.56 1.65
N GLU A 137 14.27 7.92 1.86
CA GLU A 137 15.55 8.38 1.26
C GLU A 137 15.55 8.22 -0.26
N ASN A 138 14.83 7.26 -0.79
CA ASN A 138 14.85 7.07 -2.27
C ASN A 138 13.71 7.86 -2.92
N ILE A 139 12.94 8.58 -2.15
CA ILE A 139 11.83 9.38 -2.73
C ILE A 139 12.06 10.85 -2.43
N SER A 140 12.06 11.69 -3.44
CA SER A 140 12.28 13.14 -3.21
C SER A 140 11.05 13.74 -2.52
N GLU A 141 11.19 14.87 -1.89
CA GLU A 141 10.03 15.50 -1.21
C GLU A 141 8.97 15.85 -2.25
N THR A 142 9.39 16.32 -3.39
CA THR A 142 8.39 16.68 -4.45
C THR A 142 7.69 15.42 -4.93
N SER A 143 8.42 14.36 -5.16
CA SER A 143 7.79 13.09 -5.62
C SER A 143 6.83 12.59 -4.55
N THR A 144 7.20 12.73 -3.31
CA THR A 144 6.31 12.26 -2.21
C THR A 144 4.99 13.03 -2.26
N ASN A 145 5.06 14.30 -2.56
CA ASN A 145 3.81 15.12 -2.62
C ASN A 145 2.85 14.51 -3.65
N SER A 146 3.36 14.05 -4.75
CA SER A 146 2.46 13.44 -5.78
C SER A 146 1.76 12.23 -5.18
N LEU A 147 2.47 11.43 -4.43
CA LEU A 147 1.85 10.23 -3.81
C LEU A 147 0.81 10.66 -2.78
N GLN A 148 1.13 11.67 -2.02
CA GLN A 148 0.18 12.16 -0.98
C GLN A 148 -1.11 12.63 -1.66
N LYS A 149 -1.00 13.21 -2.83
CA LYS A 149 -2.22 13.70 -3.53
C LYS A 149 -3.13 12.51 -3.83
N ARG A 150 -2.56 11.41 -4.24
CA ARG A 150 -3.41 10.21 -4.54
C ARG A 150 -4.12 9.77 -3.26
N ILE A 151 -3.43 9.79 -2.15
CA ILE A 151 -4.07 9.40 -0.87
C ILE A 151 -5.16 10.42 -0.53
N LYS A 152 -4.89 11.67 -0.77
CA LYS A 152 -5.89 12.73 -0.47
C LYS A 152 -7.15 12.48 -1.29
N TYR A 153 -6.99 12.13 -2.54
CA TYR A 153 -8.19 11.88 -3.39
C TYR A 153 -9.04 10.79 -2.74
N CYS A 154 -8.40 9.76 -2.25
CA CYS A 154 -9.17 8.68 -1.59
C CYS A 154 -9.83 9.23 -0.32
N LYS A 155 -9.10 10.01 0.43
CA LYS A 155 -9.68 10.58 1.67
C LYS A 155 -10.92 11.41 1.33
N ILE A 156 -10.85 12.21 0.30
CA ILE A 156 -12.03 13.04 -0.07
C ILE A 156 -13.15 12.16 -0.63
N TYR A 157 -12.85 11.31 -1.57
CA TYR A 157 -13.92 10.45 -2.14
C TYR A 157 -14.42 9.46 -1.11
N LEU A 158 -13.56 8.97 -0.26
CA LEU A 158 -14.02 7.99 0.76
C LEU A 158 -15.08 8.69 1.63
N SER A 159 -14.91 9.95 1.89
CA SER A 159 -15.90 10.68 2.71
C SER A 159 -17.21 10.84 1.94
N LYS A 160 -17.12 11.17 0.68
CA LYS A 160 -18.35 11.35 -0.13
C LYS A 160 -19.12 10.03 -0.22
N LEU A 161 -18.41 8.94 -0.32
CA LEU A 161 -19.09 7.62 -0.40
C LEU A 161 -19.86 7.36 0.90
N ALA A 162 -19.31 7.79 2.00
CA ALA A 162 -19.99 7.58 3.32
C ALA A 162 -21.26 8.43 3.42
N LYS A 163 -21.28 9.57 2.80
CA LYS A 163 -22.49 10.43 2.89
C LYS A 163 -23.51 10.03 1.81
N GLY A 164 -23.17 9.08 1.00
CA GLY A 164 -24.12 8.63 -0.06
C GLY A 164 -24.11 9.63 -1.22
N GLU A 165 -23.12 10.47 -1.29
CA GLU A 165 -23.06 11.46 -2.40
C GLU A 165 -22.66 10.74 -3.69
N ILE A 166 -21.92 9.67 -3.58
CA ILE A 166 -21.50 8.93 -4.80
C ILE A 166 -22.28 7.60 -4.88
N GLY A 167 -22.81 7.29 -6.02
CA GLY A 167 -23.58 6.01 -6.14
C GLY A 167 -24.46 6.06 -7.39
N ILE B 1 14.92 -11.61 -14.71
CA ILE B 1 14.39 -12.34 -15.89
C ILE B 1 12.90 -12.58 -15.72
N ASN B 2 12.51 -13.75 -15.31
CA ASN B 2 11.08 -14.02 -15.11
C ASN B 2 10.65 -13.34 -13.81
N ILE B 3 11.42 -12.38 -13.38
CA ILE B 3 11.08 -11.66 -12.12
C ILE B 3 9.77 -10.89 -12.35
N ASP B 4 9.64 -10.29 -13.49
CA ASP B 4 8.39 -9.53 -13.79
C ASP B 4 7.25 -10.54 -13.98
N LYS B 5 7.52 -11.59 -14.69
CA LYS B 5 6.47 -12.62 -14.95
C LYS B 5 6.14 -13.36 -13.65
N LEU B 6 7.14 -13.69 -12.88
CA LEU B 6 6.90 -14.42 -11.61
C LEU B 6 6.10 -13.55 -10.64
N GLN B 7 6.51 -12.33 -10.49
CA GLN B 7 5.77 -11.42 -9.55
C GLN B 7 4.46 -10.99 -10.19
N ASP B 8 4.45 -10.71 -11.46
CA ASP B 8 3.19 -10.29 -12.13
C ASP B 8 3.20 -10.75 -13.59
N MET B 9 2.38 -11.70 -13.93
CA MET B 9 2.33 -12.20 -15.33
C MET B 9 1.99 -11.04 -16.28
N GLN B 10 1.19 -10.12 -15.82
CA GLN B 10 0.79 -8.95 -16.69
C GLN B 10 1.94 -8.56 -17.62
N ASP B 11 2.92 -7.86 -17.12
CA ASP B 11 4.05 -7.45 -18.00
C ASP B 11 5.17 -6.81 -17.16
N GLU B 12 6.05 -6.08 -17.79
CA GLU B 12 7.17 -5.43 -17.05
C GLU B 12 6.63 -4.58 -15.90
N MET B 13 7.39 -4.44 -14.85
CA MET B 13 6.93 -3.62 -13.69
C MET B 13 6.61 -2.20 -14.14
N LEU B 14 7.47 -1.62 -14.94
CA LEU B 14 7.22 -0.25 -15.42
C LEU B 14 5.94 -0.25 -16.25
N ASP B 15 5.68 -1.32 -16.95
CA ASP B 15 4.44 -1.40 -17.75
C ASP B 15 3.24 -1.24 -16.81
N LEU B 16 3.34 -1.78 -15.63
CA LEU B 16 2.22 -1.65 -14.66
C LEU B 16 1.96 -0.15 -14.45
N ILE B 17 2.98 0.65 -14.48
CA ILE B 17 2.79 2.10 -14.30
C ILE B 17 2.03 2.65 -15.51
N GLU B 18 2.22 2.06 -16.67
CA GLU B 18 1.47 2.53 -17.86
C GLU B 18 -0.02 2.46 -17.52
N GLN B 19 -0.41 1.45 -16.80
CA GLN B 19 -1.83 1.32 -16.39
C GLN B 19 -2.17 2.56 -15.59
N GLY B 20 -1.22 3.05 -14.81
CA GLY B 20 -1.46 4.26 -14.01
C GLY B 20 -1.78 5.42 -14.96
N ASP B 21 -1.17 5.43 -16.13
CA ASP B 21 -1.47 6.50 -17.10
C ASP B 21 -2.97 6.51 -17.34
N GLU B 22 -3.57 5.35 -17.42
CA GLU B 22 -5.04 5.28 -17.60
C GLU B 22 -5.71 6.00 -16.44
N LEU B 23 -5.12 5.94 -15.28
CA LEU B 23 -5.71 6.61 -14.09
C LEU B 23 -5.94 8.09 -14.45
N GLN B 24 -4.97 8.71 -15.04
CA GLN B 24 -5.14 10.13 -15.44
C GLN B 24 -6.31 10.23 -16.42
N GLU B 25 -6.40 9.30 -17.33
CA GLU B 25 -7.51 9.34 -18.33
C GLU B 25 -8.85 9.21 -17.60
N VAL B 26 -8.92 8.36 -16.61
CA VAL B 26 -10.22 8.18 -15.88
C VAL B 26 -10.60 9.47 -15.16
N LEU B 27 -9.70 10.04 -14.42
CA LEU B 27 -10.04 11.30 -13.69
C LEU B 27 -10.27 12.42 -14.72
N ALA B 28 -9.56 12.38 -15.81
CA ALA B 28 -9.74 13.45 -16.84
C ALA B 28 -11.18 13.41 -17.36
N MET B 29 -11.73 12.25 -17.57
CA MET B 29 -13.13 12.17 -18.07
C MET B 29 -14.09 12.74 -17.02
N ASN B 30 -13.81 12.52 -15.77
CA ASN B 30 -14.70 13.04 -14.69
C ASN B 30 -14.75 14.58 -14.78
N ASN B 31 -13.64 15.20 -15.06
CA ASN B 31 -13.61 16.68 -15.15
C ASN B 31 -12.16 17.17 -15.07
N ASN B 32 -11.61 17.63 -16.15
CA ASN B 32 -10.21 18.11 -16.13
C ASN B 32 -10.09 19.24 -15.10
N SER B 33 -11.10 20.05 -14.96
CA SER B 33 -11.04 21.15 -13.97
C SER B 33 -11.42 20.58 -12.60
N GLY B 34 -11.69 19.32 -12.54
CA GLY B 34 -12.06 18.69 -11.23
C GLY B 34 -10.82 18.53 -10.36
N GLU B 35 -10.63 19.40 -9.41
CA GLU B 35 -9.43 19.29 -8.52
C GLU B 35 -9.89 19.24 -7.06
N LEU B 36 -8.97 19.00 -6.17
CA LEU B 36 -9.35 18.94 -4.73
C LEU B 36 -9.96 20.26 -4.31
N ASP B 37 -9.47 21.35 -4.83
CA ASP B 37 -10.01 22.69 -4.46
C ASP B 37 -11.50 22.76 -4.84
N ASP B 38 -11.88 22.09 -5.90
CA ASP B 38 -13.30 22.12 -6.33
C ASP B 38 -14.13 21.22 -5.41
N ILE B 39 -13.51 20.29 -4.74
CA ILE B 39 -14.26 19.38 -3.83
C ILE B 39 -14.05 19.84 -2.39
N SER B 40 -15.11 19.90 -1.63
CA SER B 40 -15.01 20.36 -0.20
C SER B 40 -14.04 19.47 0.58
N ASP B 41 -12.78 19.55 0.29
CA ASP B 41 -11.78 18.71 1.01
C ASP B 41 -11.75 19.06 2.51
N ALA B 42 -11.87 20.31 2.84
CA ALA B 42 -11.80 20.70 4.27
C ALA B 42 -12.94 20.09 5.08
N GLU B 43 -14.16 20.20 4.62
CA GLU B 43 -15.29 19.61 5.39
C GLU B 43 -15.24 18.09 5.29
N LEU B 44 -14.99 17.60 4.11
CA LEU B 44 -14.93 16.12 3.91
C LEU B 44 -13.81 15.51 4.75
N ASP B 45 -12.70 16.18 4.86
CA ASP B 45 -11.57 15.61 5.66
C ASP B 45 -11.99 15.45 7.12
N ALA B 46 -12.67 16.41 7.67
CA ALA B 46 -13.09 16.29 9.10
C ALA B 46 -14.13 15.17 9.23
N GLU B 47 -15.01 15.06 8.29
CA GLU B 47 -16.05 14.00 8.36
C GLU B 47 -15.42 12.61 8.27
N LEU B 48 -14.41 12.45 7.45
CA LEU B 48 -13.78 11.10 7.33
C LEU B 48 -13.08 10.72 8.63
N ASP B 49 -12.51 11.67 9.31
CA ASP B 49 -11.80 11.34 10.57
C ASP B 49 -12.81 10.75 11.54
N ALA B 50 -14.01 11.25 11.56
CA ALA B 50 -15.04 10.68 12.47
C ALA B 50 -15.45 9.30 11.94
N LEU B 51 -15.60 9.18 10.65
CA LEU B 51 -16.00 7.87 10.05
C LEU B 51 -14.89 6.84 10.27
N ALA B 52 -13.66 7.25 10.19
CA ALA B 52 -12.54 6.28 10.38
C ALA B 52 -12.60 5.69 11.78
N GLN B 53 -12.93 6.47 12.77
CA GLN B 53 -12.99 5.95 14.16
C GLN B 53 -14.04 4.84 14.27
N GLU B 54 -15.17 5.03 13.66
CA GLU B 54 -16.23 3.98 13.73
C GLU B 54 -16.02 2.93 12.64
N ASP B 55 -15.52 3.34 11.51
CA ASP B 55 -15.29 2.36 10.41
C ASP B 55 -14.24 1.36 10.86
N PHE B 56 -13.30 1.79 11.64
CA PHE B 56 -12.23 0.89 12.14
C PHE B 56 -12.73 0.16 13.39
N THR B 57 -11.97 -0.78 13.88
CA THR B 57 -12.39 -1.52 15.10
C THR B 57 -11.49 -1.12 16.27
N LEU B 58 -12.06 -0.65 17.33
CA LEU B 58 -11.25 -0.25 18.50
C LEU B 58 -11.11 -1.46 19.45
N PRO B 59 -9.94 -1.71 19.98
CA PRO B 59 -9.71 -2.85 20.91
C PRO B 59 -10.35 -2.61 22.28
N MET A 1 -2.12 7.31 15.52
CA MET A 1 -1.62 6.69 14.27
C MET A 1 -1.06 5.31 14.57
N ALA A 2 -0.81 5.01 15.81
CA ALA A 2 -0.26 3.67 16.17
C ALA A 2 -1.26 2.59 15.76
N SER A 3 -2.53 2.86 15.88
CA SER A 3 -3.55 1.84 15.49
C SER A 3 -3.39 1.51 14.00
N ASN A 4 -3.00 2.47 13.21
CA ASN A 4 -2.83 2.21 11.75
C ASN A 4 -1.77 1.13 11.56
N ALA A 5 -0.73 1.18 12.35
CA ALA A 5 0.35 0.15 12.22
C ALA A 5 -0.22 -1.24 12.50
N ALA A 6 -1.09 -1.35 13.47
CA ALA A 6 -1.67 -2.68 13.79
C ALA A 6 -2.51 -3.19 12.62
N ARG A 7 -3.32 -2.34 12.04
CA ARG A 7 -4.16 -2.79 10.89
C ARG A 7 -3.26 -3.27 9.77
N VAL A 8 -2.18 -2.58 9.54
CA VAL A 8 -1.26 -2.99 8.45
C VAL A 8 -0.73 -4.40 8.73
N VAL A 9 -0.44 -4.68 9.97
CA VAL A 9 0.06 -6.05 10.32
C VAL A 9 -1.02 -7.08 9.97
N ALA A 10 -2.24 -6.82 10.35
CA ALA A 10 -3.34 -7.77 10.03
C ALA A 10 -3.57 -7.75 8.52
N THR A 11 -3.57 -6.59 7.93
CA THR A 11 -3.76 -6.51 6.46
C THR A 11 -2.64 -7.27 5.77
N ALA A 12 -1.43 -7.16 6.29
CA ALA A 12 -0.30 -7.89 5.68
C ALA A 12 -0.60 -9.39 5.68
N LYS A 13 -1.20 -9.87 6.74
CA LYS A 13 -1.56 -11.31 6.81
C LYS A 13 -2.50 -11.65 5.66
N ASP A 14 -3.31 -10.70 5.26
CA ASP A 14 -4.28 -10.95 4.15
C ASP A 14 -3.49 -11.31 2.89
N PHE A 15 -2.40 -10.63 2.66
CA PHE A 15 -1.60 -10.93 1.44
C PHE A 15 -1.06 -12.36 1.51
N ASP A 16 -0.65 -12.80 2.67
CA ASP A 16 -0.13 -14.19 2.78
C ASP A 16 -1.23 -15.17 2.41
N LYS A 17 -2.44 -14.89 2.82
CA LYS A 17 -3.58 -15.79 2.49
C LYS A 17 -3.73 -15.86 0.97
N VAL A 18 -3.44 -14.79 0.28
CA VAL A 18 -3.58 -14.78 -1.20
C VAL A 18 -2.28 -15.29 -1.85
N GLY A 19 -1.26 -15.51 -1.06
CA GLY A 19 0.02 -16.02 -1.64
C GLY A 19 0.97 -14.86 -1.95
N LEU A 20 0.59 -13.66 -1.59
CA LEU A 20 1.49 -12.49 -1.88
C LEU A 20 2.36 -12.22 -0.64
N GLY A 21 3.12 -13.19 -0.21
CA GLY A 21 3.99 -12.99 0.98
C GLY A 21 4.95 -11.84 0.73
N ILE A 22 5.36 -11.64 -0.49
CA ILE A 22 6.31 -10.52 -0.78
C ILE A 22 5.70 -9.19 -0.33
N ILE A 23 4.45 -8.98 -0.60
CA ILE A 23 3.81 -7.70 -0.18
C ILE A 23 3.73 -7.68 1.36
N GLY A 24 3.28 -8.76 1.94
CA GLY A 24 3.19 -8.82 3.42
C GLY A 24 4.58 -8.64 4.03
N TYR A 25 5.60 -9.10 3.35
CA TYR A 25 6.98 -8.95 3.88
C TYR A 25 7.30 -7.48 4.09
N TYR A 26 7.07 -6.66 3.11
CA TYR A 26 7.35 -5.21 3.27
C TYR A 26 6.39 -4.59 4.29
N LEU A 27 5.16 -5.03 4.31
CA LEU A 27 4.19 -4.45 5.29
C LEU A 27 4.66 -4.74 6.73
N GLN A 28 5.12 -5.92 6.99
CA GLN A 28 5.59 -6.23 8.37
C GLN A 28 6.75 -5.29 8.70
N LEU A 29 7.59 -5.04 7.75
CA LEU A 29 8.74 -4.11 7.98
C LEU A 29 8.18 -2.71 8.26
N TYR A 30 7.14 -2.34 7.55
CA TYR A 30 6.53 -1.00 7.75
C TYR A 30 5.95 -0.89 9.17
N ALA A 31 5.28 -1.90 9.64
CA ALA A 31 4.70 -1.84 11.01
C ALA A 31 5.81 -1.77 12.05
N VAL A 32 6.89 -2.46 11.83
CA VAL A 32 8.01 -2.45 12.81
C VAL A 32 8.53 -1.02 13.01
N GLU A 33 8.80 -0.35 11.93
CA GLU A 33 9.33 1.04 12.05
C GLU A 33 8.28 1.96 12.67
N LEU A 34 7.03 1.69 12.40
CA LEU A 34 5.95 2.55 12.98
C LEU A 34 6.00 2.50 14.50
N ILE A 35 6.13 1.33 15.07
CA ILE A 35 6.19 1.21 16.55
C ILE A 35 7.46 1.87 17.06
N LEU A 36 8.56 1.66 16.40
CA LEU A 36 9.84 2.27 16.83
C LEU A 36 9.73 3.79 16.74
N SER A 37 9.06 4.28 15.76
CA SER A 37 8.91 5.76 15.61
C SER A 37 8.05 6.28 16.75
N GLU A 38 7.42 5.39 17.48
CA GLU A 38 6.55 5.85 18.60
C GLU A 38 7.37 5.89 19.89
N GLU A 39 7.42 7.02 20.53
CA GLU A 39 8.21 7.13 21.79
C GLU A 39 7.55 6.28 22.89
N ASP A 40 6.24 6.24 22.91
CA ASP A 40 5.54 5.44 23.95
C ASP A 40 5.33 4.01 23.46
N ARG A 41 5.77 3.04 24.22
CA ARG A 41 5.58 1.63 23.81
C ARG A 41 5.19 0.79 25.03
N SER A 42 4.07 0.13 24.96
CA SER A 42 3.64 -0.71 26.11
C SER A 42 4.39 -2.05 26.03
N GLN A 43 4.41 -2.80 27.10
CA GLN A 43 5.13 -4.10 27.05
C GLN A 43 4.58 -4.92 25.88
N GLU A 44 3.30 -4.83 25.64
CA GLU A 44 2.71 -5.59 24.50
C GLU A 44 3.20 -5.02 23.17
N MET A 45 3.23 -3.72 23.04
CA MET A 45 3.71 -3.11 21.76
C MET A 45 5.20 -3.40 21.58
N THR A 46 5.95 -3.34 22.64
CA THR A 46 7.42 -3.62 22.53
C THR A 46 7.62 -5.06 22.09
N ALA A 47 6.90 -5.97 22.68
CA ALA A 47 7.04 -7.41 22.31
C ALA A 47 6.51 -7.62 20.89
N LEU A 48 5.49 -6.91 20.52
CA LEU A 48 4.93 -7.08 19.15
C LEU A 48 5.99 -6.71 18.11
N ALA A 49 6.73 -5.66 18.34
CA ALA A 49 7.78 -5.26 17.36
C ALA A 49 8.86 -6.34 17.29
N THR A 50 9.23 -6.87 18.41
CA THR A 50 10.29 -7.94 18.43
C THR A 50 9.84 -9.15 17.61
N GLU A 51 8.62 -9.59 17.81
CA GLU A 51 8.14 -10.78 17.04
C GLU A 51 8.21 -10.49 15.54
N LEU A 52 7.91 -9.30 15.13
CA LEU A 52 7.97 -8.97 13.68
C LEU A 52 9.40 -9.10 13.16
N LEU A 53 10.37 -8.72 13.95
CA LEU A 53 11.78 -8.83 13.49
C LEU A 53 12.09 -10.28 13.15
N ASP A 54 11.59 -11.20 13.93
CA ASP A 54 11.84 -12.63 13.65
C ASP A 54 11.24 -13.01 12.30
N THR A 55 10.05 -12.54 12.02
CA THR A 55 9.40 -12.86 10.72
C THR A 55 10.20 -12.24 9.57
N ILE A 56 10.60 -11.00 9.71
CA ILE A 56 11.37 -10.35 8.61
C ILE A 56 12.62 -11.19 8.31
N GLU A 57 13.38 -11.51 9.32
CA GLU A 57 14.60 -12.33 9.10
C GLU A 57 14.21 -13.74 8.64
N ALA A 58 13.14 -14.26 9.19
CA ALA A 58 12.72 -15.64 8.79
C ALA A 58 12.25 -15.61 7.34
N PHE A 59 11.52 -14.60 6.96
CA PHE A 59 11.04 -14.51 5.56
C PHE A 59 12.22 -14.31 4.62
N LYS A 60 13.08 -13.38 4.95
CA LYS A 60 14.27 -13.12 4.09
C LYS A 60 15.15 -14.37 4.05
N LYS A 61 15.23 -15.09 5.13
CA LYS A 61 16.07 -16.33 5.15
C LYS A 61 15.50 -17.33 4.13
N GLU A 62 14.21 -17.36 3.98
CA GLU A 62 13.60 -18.31 3.01
C GLU A 62 14.12 -18.00 1.61
N ILE A 63 14.40 -16.76 1.34
CA ILE A 63 14.91 -16.38 -0.01
C ILE A 63 16.27 -15.68 0.12
N GLY A 64 16.88 -15.74 1.28
CA GLY A 64 18.20 -15.09 1.46
C GLY A 64 19.15 -15.56 0.37
N GLY A 65 19.07 -16.80 -0.01
CA GLY A 65 19.96 -17.32 -1.09
C GLY A 65 21.22 -17.93 -0.48
N GLU A 66 21.32 -17.96 0.82
CA GLU A 66 22.53 -18.57 1.45
C GLU A 66 22.66 -20.02 0.99
N SER A 67 21.55 -20.69 0.88
CA SER A 67 21.59 -22.11 0.42
C SER A 67 20.47 -22.32 -0.60
N GLU A 68 19.42 -21.56 -0.49
CA GLU A 68 18.29 -21.69 -1.45
C GLU A 68 18.79 -21.33 -2.85
N ALA A 69 19.73 -20.42 -2.93
CA ALA A 69 20.26 -20.02 -4.26
C ALA A 69 20.90 -21.24 -4.94
N GLU A 70 21.53 -22.09 -4.18
CA GLU A 70 22.16 -23.29 -4.77
C GLU A 70 21.09 -24.11 -5.49
N ASP A 71 19.91 -24.18 -4.92
CA ASP A 71 18.82 -24.96 -5.57
C ASP A 71 18.52 -24.38 -6.96
N SER A 72 18.53 -23.08 -7.08
CA SER A 72 18.27 -22.44 -8.38
C SER A 72 19.37 -21.43 -8.68
N ASP A 73 19.51 -20.44 -7.83
CA ASP A 73 20.57 -19.41 -8.04
C ASP A 73 20.27 -18.59 -9.29
N LYS A 74 19.43 -19.09 -10.16
CA LYS A 74 19.11 -18.32 -11.38
C LYS A 74 17.86 -17.47 -11.13
N SER A 75 16.70 -18.07 -11.23
CA SER A 75 15.44 -17.31 -11.01
C SER A 75 15.34 -16.90 -9.53
N LEU A 76 15.79 -17.72 -8.63
CA LEU A 76 15.70 -17.36 -7.19
C LEU A 76 16.60 -16.16 -6.91
N HIS A 77 17.72 -16.07 -7.55
CA HIS A 77 18.62 -14.92 -7.32
C HIS A 77 17.90 -13.63 -7.68
N VAL A 78 17.22 -13.60 -8.80
CA VAL A 78 16.49 -12.37 -9.18
C VAL A 78 15.39 -12.11 -8.15
N MET A 79 14.72 -13.15 -7.73
CA MET A 79 13.65 -12.95 -6.72
C MET A 79 14.27 -12.30 -5.50
N ASN A 80 15.48 -12.68 -5.18
CA ASN A 80 16.17 -12.07 -4.03
C ASN A 80 16.28 -10.56 -4.29
N THR A 81 16.42 -10.18 -5.54
CA THR A 81 16.50 -8.74 -5.86
C THR A 81 15.25 -8.06 -5.31
N LEU A 82 14.14 -8.73 -5.40
CA LEU A 82 12.87 -8.15 -4.88
C LEU A 82 13.02 -7.87 -3.37
N ILE A 83 13.64 -8.77 -2.65
CA ILE A 83 13.80 -8.57 -1.17
C ILE A 83 15.04 -7.73 -0.86
N HIS A 84 16.15 -8.04 -1.47
CA HIS A 84 17.40 -7.28 -1.16
C HIS A 84 17.40 -5.90 -1.81
N ASP A 85 17.06 -5.81 -3.07
CA ASP A 85 17.06 -4.46 -3.72
C ASP A 85 15.76 -3.74 -3.40
N GLN A 86 15.82 -2.80 -2.49
CA GLN A 86 14.60 -2.04 -2.13
C GLN A 86 14.10 -1.24 -3.34
N GLU A 87 15.00 -0.74 -4.14
CA GLU A 87 14.58 0.07 -5.33
C GLU A 87 13.72 -0.80 -6.26
N LYS A 88 14.16 -1.99 -6.55
CA LYS A 88 13.36 -2.87 -7.45
C LYS A 88 12.03 -3.20 -6.78
N ALA A 89 12.06 -3.50 -5.51
CA ALA A 89 10.80 -3.82 -4.80
C ALA A 89 9.91 -2.58 -4.77
N LYS A 90 10.51 -1.43 -4.62
CA LYS A 90 9.72 -0.17 -4.59
C LYS A 90 8.85 -0.08 -5.85
N ILE A 91 9.42 -0.36 -6.98
CA ILE A 91 8.62 -0.28 -8.24
C ILE A 91 7.50 -1.32 -8.20
N TYR A 92 7.82 -2.53 -7.77
CA TYR A 92 6.77 -3.58 -7.69
C TYR A 92 5.71 -3.17 -6.66
N MET A 93 6.14 -2.69 -5.52
CA MET A 93 5.15 -2.26 -4.50
C MET A 93 4.35 -1.08 -5.03
N LEU A 94 5.01 -0.14 -5.65
CA LEU A 94 4.29 1.03 -6.21
C LEU A 94 3.33 0.54 -7.29
N ASN A 95 3.77 -0.38 -8.09
CA ASN A 95 2.88 -0.91 -9.15
C ASN A 95 1.67 -1.59 -8.53
N PHE A 96 1.86 -2.32 -7.47
CA PHE A 96 0.71 -2.99 -6.82
C PHE A 96 -0.22 -1.94 -6.25
N THR A 97 0.32 -1.00 -5.53
CA THR A 97 -0.54 0.08 -4.95
C THR A 97 -1.16 0.88 -6.09
N MET A 98 -0.39 1.25 -7.07
CA MET A 98 -0.94 2.03 -8.21
C MET A 98 -1.97 1.19 -8.94
N SER A 99 -1.71 -0.08 -9.11
CA SER A 99 -2.69 -0.95 -9.82
C SER A 99 -3.99 -1.01 -9.02
N LEU A 100 -3.89 -1.23 -7.74
CA LEU A 100 -5.12 -1.28 -6.91
C LEU A 100 -5.73 0.12 -6.86
N TYR A 101 -4.91 1.11 -6.70
CA TYR A 101 -5.43 2.51 -6.65
C TYR A 101 -6.12 2.83 -7.96
N ASN A 102 -5.56 2.42 -9.06
CA ASN A 102 -6.19 2.69 -10.38
C ASN A 102 -7.56 2.02 -10.44
N GLU A 103 -7.66 0.83 -9.94
CA GLU A 103 -8.98 0.12 -9.99
C GLU A 103 -9.99 0.88 -9.12
N LYS A 104 -9.58 1.36 -7.99
CA LYS A 104 -10.54 2.10 -7.11
C LYS A 104 -11.02 3.36 -7.85
N LEU A 105 -10.11 4.09 -8.45
CA LEU A 105 -10.52 5.31 -9.19
C LEU A 105 -11.30 4.89 -10.42
N LYS A 106 -10.92 3.80 -11.03
CA LYS A 106 -11.64 3.31 -12.23
C LYS A 106 -13.09 3.04 -11.85
N GLN A 107 -13.29 2.37 -10.75
CA GLN A 107 -14.68 2.10 -10.30
C GLN A 107 -15.36 3.42 -9.99
N LEU A 108 -14.63 4.35 -9.43
CA LEU A 108 -15.22 5.68 -9.10
C LEU A 108 -15.75 6.30 -10.39
N LYS A 109 -15.11 6.02 -11.49
CA LYS A 109 -15.54 6.58 -12.80
C LYS A 109 -16.98 6.17 -13.11
N ASP A 110 -17.33 4.94 -12.81
CA ASP A 110 -18.73 4.48 -13.09
C ASP A 110 -19.02 3.14 -12.40
N GLY A 111 -18.00 2.39 -12.09
CA GLY A 111 -18.22 1.07 -11.43
C GLY A 111 -19.14 1.25 -10.20
N PRO A 112 -19.80 0.20 -9.80
CA PRO A 112 -20.73 0.24 -8.63
C PRO A 112 -20.01 0.57 -7.32
N TRP A 113 -20.64 1.34 -6.48
CA TRP A 113 -20.02 1.70 -5.18
C TRP A 113 -20.72 0.92 -4.06
N ASP A 114 -19.98 0.38 -3.13
CA ASP A 114 -20.62 -0.38 -2.03
C ASP A 114 -19.74 -0.36 -0.78
N VAL A 115 -20.26 -0.87 0.30
CA VAL A 115 -19.46 -0.90 1.56
C VAL A 115 -18.13 -1.60 1.32
N MET A 116 -18.14 -2.66 0.54
CA MET A 116 -16.86 -3.37 0.27
C MET A 116 -15.87 -2.38 -0.35
N LEU A 117 -16.34 -1.56 -1.25
CA LEU A 117 -15.44 -0.57 -1.87
C LEU A 117 -14.93 0.39 -0.78
N LYS A 118 -15.77 0.71 0.15
CA LYS A 118 -15.35 1.64 1.24
C LYS A 118 -14.11 1.10 1.95
N ARG A 119 -14.14 -0.15 2.30
CA ARG A 119 -12.97 -0.75 2.99
C ARG A 119 -11.77 -0.79 2.03
N SER A 120 -12.01 -1.03 0.77
CA SER A 120 -10.89 -1.09 -0.21
C SER A 120 -10.15 0.25 -0.26
N LEU A 121 -10.87 1.34 -0.22
CA LEU A 121 -10.19 2.66 -0.25
C LEU A 121 -9.30 2.80 0.98
N TRP A 122 -9.77 2.33 2.10
CA TRP A 122 -8.96 2.40 3.35
C TRP A 122 -7.70 1.55 3.17
N CYS A 123 -7.83 0.42 2.53
CA CYS A 123 -6.65 -0.47 2.33
C CYS A 123 -5.62 0.24 1.44
N CYS A 124 -6.07 0.88 0.42
CA CYS A 124 -5.12 1.59 -0.49
C CYS A 124 -4.37 2.67 0.28
N ILE A 125 -5.05 3.36 1.15
CA ILE A 125 -4.36 4.44 1.93
C ILE A 125 -3.21 3.84 2.74
N ASP A 126 -3.42 2.71 3.36
CA ASP A 126 -2.32 2.09 4.16
C ASP A 126 -1.16 1.70 3.26
N LEU A 127 -1.44 1.16 2.11
CA LEU A 127 -0.35 0.74 1.18
C LEU A 127 0.44 1.98 0.73
N PHE A 128 -0.23 3.06 0.46
CA PHE A 128 0.51 4.28 0.00
C PHE A 128 1.43 4.79 1.12
N SER A 129 0.96 4.82 2.33
CA SER A 129 1.82 5.31 3.44
C SER A 129 3.04 4.40 3.59
N CYS A 130 2.88 3.13 3.39
CA CYS A 130 4.03 2.20 3.53
C CYS A 130 5.06 2.49 2.44
N ILE A 131 4.63 2.73 1.24
CA ILE A 131 5.59 3.01 0.15
C ILE A 131 6.44 4.24 0.49
N LEU A 132 5.83 5.27 0.99
CA LEU A 132 6.62 6.49 1.33
C LEU A 132 7.52 6.22 2.54
N HIS A 133 6.99 5.59 3.55
CA HIS A 133 7.81 5.30 4.77
C HIS A 133 8.92 4.29 4.47
N LEU A 134 8.59 3.24 3.77
CA LEU A 134 9.61 2.19 3.47
C LEU A 134 10.76 2.76 2.62
N TRP A 135 10.51 3.74 1.79
CA TRP A 135 11.62 4.27 0.93
C TRP A 135 11.58 5.80 0.86
N LYS A 136 11.61 6.46 1.98
CA LYS A 136 11.61 7.96 1.96
C LYS A 136 12.89 8.45 1.26
N GLU A 137 13.99 7.78 1.48
CA GLU A 137 15.28 8.20 0.86
C GLU A 137 15.26 7.99 -0.66
N ASN A 138 14.52 7.03 -1.15
CA ASN A 138 14.52 6.80 -2.63
C ASN A 138 13.39 7.58 -3.28
N ILE A 139 12.63 8.33 -2.53
CA ILE A 139 11.53 9.12 -3.12
C ILE A 139 11.79 10.61 -2.87
N SER A 140 11.78 11.41 -3.92
CA SER A 140 12.04 12.86 -3.74
C SER A 140 10.83 13.51 -3.04
N GLU A 141 11.02 14.65 -2.46
CA GLU A 141 9.89 15.32 -1.76
C GLU A 141 8.82 15.71 -2.79
N THR A 142 9.23 16.15 -3.95
CA THR A 142 8.23 16.53 -4.99
C THR A 142 7.43 15.30 -5.42
N SER A 143 8.11 14.20 -5.65
CA SER A 143 7.39 12.97 -6.07
C SER A 143 6.51 12.49 -4.92
N THR A 144 6.96 12.68 -3.71
CA THR A 144 6.14 12.24 -2.54
C THR A 144 4.83 13.03 -2.51
N ASN A 145 4.89 14.30 -2.79
CA ASN A 145 3.66 15.13 -2.78
C ASN A 145 2.64 14.54 -3.76
N SER A 146 3.09 14.09 -4.89
CA SER A 146 2.14 13.51 -5.89
C SER A 146 1.45 12.29 -5.27
N LEU A 147 2.19 11.47 -4.58
CA LEU A 147 1.58 10.27 -3.94
C LEU A 147 0.62 10.70 -2.85
N GLN A 148 0.99 11.68 -2.07
CA GLN A 148 0.10 12.15 -0.97
C GLN A 148 -1.22 12.64 -1.57
N LYS A 149 -1.16 13.28 -2.70
CA LYS A 149 -2.41 13.78 -3.34
C LYS A 149 -3.32 12.60 -3.66
N ARG A 150 -2.75 11.52 -4.13
CA ARG A 150 -3.57 10.33 -4.45
C ARG A 150 -4.24 9.83 -3.17
N ILE A 151 -3.52 9.81 -2.09
CA ILE A 151 -4.12 9.36 -0.80
C ILE A 151 -5.23 10.34 -0.40
N LYS A 152 -4.95 11.61 -0.56
CA LYS A 152 -5.96 12.65 -0.20
C LYS A 152 -7.21 12.47 -1.06
N TYR A 153 -7.03 12.13 -2.31
CA TYR A 153 -8.20 11.95 -3.21
C TYR A 153 -9.11 10.87 -2.61
N CYS A 154 -8.53 9.80 -2.14
CA CYS A 154 -9.36 8.72 -1.52
C CYS A 154 -10.00 9.26 -0.25
N LYS A 155 -9.26 10.02 0.51
CA LYS A 155 -9.81 10.60 1.77
C LYS A 155 -11.03 11.46 1.44
N ILE A 156 -10.95 12.25 0.41
CA ILE A 156 -12.10 13.12 0.04
C ILE A 156 -13.25 12.27 -0.51
N TYR A 157 -12.97 11.40 -1.43
CA TYR A 157 -14.05 10.57 -2.02
C TYR A 157 -14.61 9.60 -0.97
N LEU A 158 -13.79 9.10 -0.11
CA LEU A 158 -14.32 8.16 0.92
C LEU A 158 -15.38 8.91 1.73
N SER A 159 -15.16 10.17 1.94
CA SER A 159 -16.14 10.98 2.71
C SER A 159 -17.46 11.07 1.93
N LYS A 160 -17.39 11.33 0.67
CA LYS A 160 -18.63 11.46 -0.15
C LYS A 160 -19.43 10.14 -0.11
N LEU A 161 -18.75 9.03 -0.14
CA LEU A 161 -19.48 7.73 -0.09
C LEU A 161 -20.28 7.66 1.20
N ALA A 162 -19.75 8.20 2.26
CA ALA A 162 -20.48 8.17 3.56
C ALA A 162 -21.73 9.04 3.48
N LYS A 163 -21.72 10.06 2.66
CA LYS A 163 -22.92 10.92 2.55
C LYS A 163 -23.95 10.24 1.65
N GLY A 164 -23.54 9.25 0.92
CA GLY A 164 -24.49 8.55 0.02
C GLY A 164 -24.57 9.33 -1.30
N GLU A 165 -23.68 10.27 -1.48
CA GLU A 165 -23.70 11.08 -2.74
C GLU A 165 -23.17 10.24 -3.91
N ILE A 166 -22.30 9.30 -3.63
CA ILE A 166 -21.76 8.46 -4.74
C ILE A 166 -22.46 7.10 -4.73
N GLY A 167 -22.94 6.66 -5.86
CA GLY A 167 -23.64 5.36 -5.90
C GLY A 167 -24.38 5.21 -7.23
N ILE B 1 15.45 -11.55 -14.70
CA ILE B 1 14.93 -12.26 -15.91
C ILE B 1 13.49 -12.67 -15.67
N ASN B 2 13.28 -13.83 -15.11
CA ASN B 2 11.91 -14.29 -14.85
C ASN B 2 11.40 -13.56 -13.61
N ILE B 3 12.02 -12.46 -13.27
CA ILE B 3 11.58 -11.71 -12.07
C ILE B 3 10.17 -11.18 -12.34
N ASP B 4 9.93 -10.69 -13.52
CA ASP B 4 8.58 -10.17 -13.84
C ASP B 4 7.62 -11.36 -13.96
N LYS B 5 8.06 -12.40 -14.59
CA LYS B 5 7.21 -13.61 -14.77
C LYS B 5 6.95 -14.26 -13.41
N LEU B 6 7.99 -14.42 -12.63
CA LEU B 6 7.83 -15.04 -11.28
C LEU B 6 6.96 -14.14 -10.41
N GLN B 7 7.22 -12.87 -10.46
CA GLN B 7 6.43 -11.91 -9.65
C GLN B 7 4.96 -11.97 -10.08
N ASP B 8 4.70 -12.05 -11.35
CA ASP B 8 3.30 -12.13 -11.83
C ASP B 8 3.29 -12.38 -13.34
N MET B 9 2.18 -12.80 -13.87
CA MET B 9 2.10 -13.06 -15.34
C MET B 9 2.43 -11.75 -16.08
N GLN B 10 2.15 -10.64 -15.47
CA GLN B 10 2.44 -9.33 -16.12
C GLN B 10 3.80 -9.39 -16.81
N ASP B 11 3.90 -8.84 -17.99
CA ASP B 11 5.19 -8.88 -18.74
C ASP B 11 6.27 -8.09 -18.00
N GLU B 12 5.98 -6.90 -17.55
CA GLU B 12 7.03 -6.10 -16.84
C GLU B 12 6.40 -5.23 -15.76
N MET B 13 7.13 -4.96 -14.70
CA MET B 13 6.61 -4.11 -13.60
C MET B 13 6.34 -2.70 -14.14
N LEU B 14 7.22 -2.20 -14.94
CA LEU B 14 7.03 -0.84 -15.51
C LEU B 14 5.71 -0.82 -16.29
N ASP B 15 5.35 -1.92 -16.88
CA ASP B 15 4.07 -1.98 -17.62
C ASP B 15 2.93 -1.66 -16.66
N LEU B 16 3.05 -2.05 -15.42
CA LEU B 16 1.95 -1.74 -14.44
C LEU B 16 1.81 -0.22 -14.35
N ILE B 17 2.90 0.49 -14.48
CA ILE B 17 2.80 1.97 -14.38
C ILE B 17 2.03 2.49 -15.60
N GLU B 18 2.15 1.84 -16.72
CA GLU B 18 1.39 2.31 -17.92
C GLU B 18 -0.10 2.30 -17.56
N GLN B 19 -0.52 1.30 -16.83
CA GLN B 19 -1.94 1.24 -16.41
C GLN B 19 -2.23 2.49 -15.59
N GLY B 20 -1.26 2.93 -14.83
CA GLY B 20 -1.46 4.15 -14.02
C GLY B 20 -1.73 5.33 -14.96
N ASP B 21 -1.13 5.31 -16.12
CA ASP B 21 -1.39 6.42 -17.09
C ASP B 21 -2.89 6.50 -17.31
N GLU B 22 -3.54 5.37 -17.40
CA GLU B 22 -5.02 5.36 -17.59
C GLU B 22 -5.66 6.04 -16.39
N LEU B 23 -5.08 5.88 -15.23
CA LEU B 23 -5.66 6.52 -14.01
C LEU B 23 -5.82 8.01 -14.26
N GLN B 24 -4.84 8.62 -14.86
CA GLN B 24 -4.95 10.07 -15.16
C GLN B 24 -6.11 10.29 -16.13
N GLU B 25 -6.26 9.42 -17.09
CA GLU B 25 -7.36 9.57 -18.07
C GLU B 25 -8.70 9.46 -17.35
N VAL B 26 -8.79 8.57 -16.39
CA VAL B 26 -10.08 8.41 -15.67
C VAL B 26 -10.42 9.69 -14.89
N LEU B 27 -9.50 10.20 -14.14
CA LEU B 27 -9.79 11.44 -13.36
C LEU B 27 -9.98 12.59 -14.35
N ALA B 28 -9.27 12.58 -15.45
CA ALA B 28 -9.41 13.67 -16.44
C ALA B 28 -10.85 13.72 -16.94
N MET B 29 -11.45 12.60 -17.19
CA MET B 29 -12.86 12.61 -17.68
C MET B 29 -13.77 13.20 -16.60
N ASN B 30 -13.51 12.88 -15.37
CA ASN B 30 -14.35 13.44 -14.26
C ASN B 30 -14.26 14.96 -14.27
N ASN B 31 -13.09 15.49 -14.53
CA ASN B 31 -12.92 16.97 -14.56
C ASN B 31 -11.43 17.30 -14.55
N ASN B 32 -10.91 17.74 -15.66
CA ASN B 32 -9.45 18.09 -15.70
C ASN B 32 -9.17 19.15 -14.64
N SER B 33 -10.11 20.03 -14.42
CA SER B 33 -9.91 21.09 -13.39
C SER B 33 -10.28 20.52 -12.03
N GLY B 34 -10.67 19.27 -11.99
CA GLY B 34 -11.05 18.65 -10.69
C GLY B 34 -9.89 18.76 -9.71
N GLU B 35 -9.94 19.73 -8.84
CA GLU B 35 -8.85 19.92 -7.84
C GLU B 35 -9.43 19.81 -6.43
N LEU B 36 -8.64 19.44 -5.46
CA LEU B 36 -9.15 19.31 -4.07
C LEU B 36 -9.81 20.63 -3.67
N ASP B 37 -9.30 21.73 -4.15
CA ASP B 37 -9.90 23.05 -3.79
C ASP B 37 -11.36 23.08 -4.22
N ASP B 38 -11.68 22.42 -5.30
CA ASP B 38 -13.09 22.42 -5.78
C ASP B 38 -13.93 21.49 -4.90
N ILE B 39 -13.31 20.54 -4.26
CA ILE B 39 -14.08 19.61 -3.39
C ILE B 39 -13.89 20.04 -1.93
N SER B 40 -14.96 20.12 -1.17
CA SER B 40 -14.85 20.56 0.25
C SER B 40 -13.92 19.63 1.03
N ASP B 41 -12.65 19.69 0.76
CA ASP B 41 -11.69 18.80 1.47
C ASP B 41 -11.71 19.08 2.98
N ALA B 42 -11.86 20.32 3.38
CA ALA B 42 -11.84 20.63 4.85
C ALA B 42 -13.00 19.95 5.60
N GLU B 43 -14.20 20.09 5.12
CA GLU B 43 -15.35 19.44 5.84
C GLU B 43 -15.29 17.93 5.66
N LEU B 44 -15.02 17.51 4.46
CA LEU B 44 -14.96 16.05 4.19
C LEU B 44 -13.83 15.41 5.01
N ASP B 45 -12.72 16.08 5.15
CA ASP B 45 -11.59 15.50 5.92
C ASP B 45 -12.02 15.23 7.37
N ALA B 46 -12.75 16.13 7.97
CA ALA B 46 -13.17 15.93 9.38
C ALA B 46 -14.11 14.72 9.49
N GLU B 47 -15.02 14.58 8.56
CA GLU B 47 -15.96 13.44 8.63
C GLU B 47 -15.20 12.11 8.46
N LEU B 48 -14.20 12.11 7.64
CA LEU B 48 -13.42 10.85 7.41
C LEU B 48 -12.76 10.39 8.70
N ASP B 49 -12.19 11.29 9.45
CA ASP B 49 -11.52 10.88 10.71
C ASP B 49 -12.56 10.30 11.68
N ALA B 50 -13.72 10.88 11.75
CA ALA B 50 -14.76 10.33 12.66
C ALA B 50 -15.25 8.99 12.12
N LEU B 51 -15.48 8.93 10.83
CA LEU B 51 -15.96 7.65 10.22
C LEU B 51 -14.86 6.60 10.35
N ALA B 52 -13.63 7.01 10.31
CA ALA B 52 -12.52 6.02 10.42
C ALA B 52 -12.67 5.25 11.72
N GLN B 53 -12.96 5.92 12.79
CA GLN B 53 -13.14 5.21 14.09
C GLN B 53 -14.28 4.20 13.96
N GLU B 54 -15.32 4.58 13.28
CA GLU B 54 -16.48 3.65 13.10
C GLU B 54 -16.09 2.55 12.11
N ASP B 55 -15.43 2.91 11.05
CA ASP B 55 -15.03 1.91 10.03
C ASP B 55 -13.94 1.00 10.59
N PHE B 56 -13.07 1.53 11.40
CA PHE B 56 -11.97 0.72 11.96
C PHE B 56 -12.42 0.07 13.27
N THR B 57 -11.62 -0.78 13.83
CA THR B 57 -12.00 -1.44 15.10
C THR B 57 -11.12 -0.90 16.23
N LEU B 58 -11.73 -0.30 17.21
CA LEU B 58 -10.94 0.26 18.34
C LEU B 58 -10.82 -0.82 19.43
N PRO B 59 -9.67 -0.97 20.03
CA PRO B 59 -9.45 -1.98 21.11
C PRO B 59 -10.14 -1.57 22.42
#